data_9HAX
#
_entry.id   9HAX
#
_cell.length_a   104.528
_cell.length_b   239.408
_cell.length_c   108.2
_cell.angle_alpha   90
_cell.angle_beta   108.588
_cell.angle_gamma   90
#
_symmetry.space_group_name_H-M   'P 1 21 1'
#
loop_
_entity.id
_entity.type
_entity.pdbx_description
1 polymer 'Luciferase family protein'
2 non-polymer 'SULFATE ION'
3 non-polymer 'CHLORIDE ION'
4 water water
#
_entity_poly.entity_id   1
_entity_poly.type   'polypeptide(L)'
_entity_poly.pdbx_seq_one_letter_code
;MGSSHHHHHHSSGLVPRGSHMASMTGGQQMGRGSSRLGYSASFEQFHPSDLLRWCQLAEQEGFDSVLAADHFHPWTPEQG
QSGFVWAWLGALGATTRLRFGTGVTPPIGFRYHPAIVAQAAATLEAMFPGRFWLGIGAGEALNEHIVGRYWPEPAERIRM
LIEAIEVIQKLFTGKVIRHEGVYFKVESAKLYTMPDVPPPIIVGTAGPYMAKKTGQLCDGLLTPGANDEKLRLLLSRFEE
GARAAGKDPRRMPRMIQVHVSWAETDEQAIENALREWPNGGMAFPKGDIRNPEDFQAMARLVRPEHFQGRVLMTSDLDRH
GEFLQHLIDLGFTEIYVHNVGRNQEEFIRAYGRAVIPHLRWPADAPVAQAMSPSASRAGQ
;
_entity_poly.pdbx_strand_id   A,B,C,D,E,F,G,H,I,J,K,L
#
loop_
_chem_comp.id
_chem_comp.type
_chem_comp.name
_chem_comp.formula
CL non-polymer 'CHLORIDE ION' 'Cl -1'
SO4 non-polymer 'SULFATE ION' 'O4 S -2'
#
# COMPACT_ATOMS: atom_id res chain seq x y z
N MET A 30 30.18 49.22 51.17
CA MET A 30 31.07 48.52 50.20
C MET A 30 30.31 47.42 49.45
N GLY A 31 29.08 47.71 48.98
CA GLY A 31 28.24 46.72 48.30
C GLY A 31 26.75 46.85 48.62
N ARG A 32 25.86 46.67 47.62
CA ARG A 32 24.41 46.63 47.78
C ARG A 32 24.02 45.40 48.61
N GLY A 33 24.65 44.24 48.34
CA GLY A 33 24.40 43.03 49.11
C GLY A 33 25.51 42.74 50.11
N SER A 34 25.22 41.82 51.05
CA SER A 34 26.15 41.36 52.07
C SER A 34 27.43 40.83 51.45
N SER A 35 28.52 41.02 52.21
CA SER A 35 29.85 40.52 51.87
C SER A 35 29.85 38.99 51.85
N ARG A 36 30.44 38.43 50.79
CA ARG A 36 30.53 36.99 50.63
C ARG A 36 31.53 36.63 49.54
N LEU A 37 31.99 35.37 49.57
CA LEU A 37 32.83 34.80 48.51
C LEU A 37 32.88 33.28 48.71
N GLY A 38 33.24 32.56 47.63
CA GLY A 38 33.36 31.11 47.68
C GLY A 38 34.81 30.66 47.83
N TYR A 39 35.01 29.58 48.60
CA TYR A 39 36.29 28.95 48.76
C TYR A 39 36.28 27.59 48.04
N SER A 40 37.28 27.38 47.18
CA SER A 40 37.52 26.09 46.54
C SER A 40 38.38 25.21 47.45
N ALA A 41 37.84 24.07 47.84
CA ALA A 41 38.55 23.01 48.53
C ALA A 41 39.18 22.06 47.51
N SER A 42 40.51 22.14 47.40
CA SER A 42 41.26 21.39 46.41
C SER A 42 41.67 20.03 46.99
N PHE A 43 40.86 19.00 46.73
CA PHE A 43 41.11 17.65 47.23
C PHE A 43 42.33 17.05 46.56
N GLU A 44 42.68 17.58 45.39
CA GLU A 44 43.86 17.15 44.64
C GLU A 44 45.11 17.38 45.47
N GLN A 45 45.12 18.43 46.31
CA GLN A 45 46.33 18.93 46.96
C GLN A 45 46.37 18.71 48.48
N PHE A 46 45.23 18.71 49.17
CA PHE A 46 45.22 18.84 50.61
C PHE A 46 44.50 17.69 51.30
N HIS A 47 45.08 17.23 52.41
CA HIS A 47 44.47 16.25 53.28
C HIS A 47 43.08 16.75 53.69
N PRO A 48 42.04 15.90 53.64
CA PRO A 48 40.70 16.36 53.99
C PRO A 48 40.51 16.89 55.42
N SER A 49 41.33 16.43 56.36
CA SER A 49 41.31 16.99 57.71
C SER A 49 41.71 18.46 57.69
N ASP A 50 42.73 18.80 56.88
CA ASP A 50 43.15 20.18 56.72
C ASP A 50 42.05 21.02 56.08
N LEU A 51 41.39 20.46 55.05
CA LEU A 51 40.38 21.19 54.30
C LEU A 51 39.20 21.54 55.21
N LEU A 52 38.85 20.61 56.09
CA LEU A 52 37.77 20.83 57.04
C LEU A 52 38.09 22.01 57.95
N ARG A 53 39.33 22.04 58.48
CA ARG A 53 39.75 23.09 59.39
C ARG A 53 39.77 24.43 58.66
N TRP A 54 40.26 24.43 57.41
CA TRP A 54 40.37 25.64 56.62
C TRP A 54 39.01 26.20 56.23
N CYS A 55 38.05 25.32 55.95
CA CYS A 55 36.70 25.76 55.64
C CYS A 55 36.06 26.40 56.88
N GLN A 56 36.31 25.82 58.07
CA GLN A 56 35.80 26.37 59.31
C GLN A 56 36.35 27.78 59.54
N LEU A 57 37.65 27.96 59.22
CA LEU A 57 38.30 29.26 59.29
C LEU A 57 37.71 30.20 58.23
N ALA A 58 37.54 29.71 56.99
CA ALA A 58 37.01 30.53 55.91
C ALA A 58 35.62 31.08 56.27
N GLU A 59 34.80 30.26 56.93
CA GLU A 59 33.51 30.72 57.42
C GLU A 59 33.71 31.93 58.32
N GLN A 60 34.64 31.82 59.28
CA GLN A 60 34.92 32.88 60.22
C GLN A 60 35.36 34.15 59.50
N GLU A 61 35.96 34.02 58.31
CA GLU A 61 36.60 35.13 57.63
C GLU A 61 35.74 35.75 56.53
N GLY A 62 34.51 35.27 56.36
CA GLY A 62 33.53 35.96 55.51
C GLY A 62 33.17 35.18 54.24
N PHE A 63 33.82 34.03 53.99
CA PHE A 63 33.40 33.15 52.92
C PHE A 63 32.07 32.52 53.31
N ASP A 64 31.19 32.28 52.32
CA ASP A 64 29.82 31.83 52.57
C ASP A 64 29.55 30.44 52.00
N SER A 65 30.44 29.94 51.11
CA SER A 65 30.17 28.70 50.42
C SER A 65 31.48 28.00 50.03
N VAL A 66 31.38 26.66 49.88
CA VAL A 66 32.53 25.83 49.54
C VAL A 66 32.20 25.03 48.27
N LEU A 67 33.14 25.06 47.33
CA LEU A 67 33.15 24.18 46.17
C LEU A 67 34.20 23.12 46.42
N ALA A 68 33.81 21.85 46.26
CA ALA A 68 34.62 20.72 46.61
C ALA A 68 34.78 19.80 45.40
N ALA A 69 36.03 19.60 44.99
CA ALA A 69 36.35 18.75 43.86
C ALA A 69 35.96 17.29 44.14
N ASP A 70 35.52 16.59 43.09
CA ASP A 70 35.19 15.17 43.18
C ASP A 70 36.21 14.37 42.38
N HIS A 71 37.35 14.08 42.98
CA HIS A 71 38.43 13.40 42.29
C HIS A 71 38.63 12.02 42.89
N PHE A 72 39.27 11.14 42.11
CA PHE A 72 39.83 9.90 42.61
C PHE A 72 41.35 10.03 42.64
N HIS A 73 41.90 10.70 41.62
CA HIS A 73 43.33 10.95 41.49
C HIS A 73 43.62 12.45 41.45
N PRO A 74 44.76 12.90 41.99
CA PRO A 74 45.24 14.25 41.75
C PRO A 74 45.78 14.36 40.34
N TRP A 75 46.02 15.60 39.87
CA TRP A 75 46.61 15.81 38.56
C TRP A 75 48.04 15.31 38.57
N THR A 76 48.80 15.62 39.64
CA THR A 76 50.19 15.23 39.72
C THR A 76 50.46 14.57 41.07
N PRO A 77 51.47 13.68 41.19
CA PRO A 77 51.88 13.16 42.49
C PRO A 77 52.27 14.24 43.49
N GLU A 78 52.86 15.35 42.99
CA GLU A 78 53.25 16.49 43.80
C GLU A 78 52.05 17.12 44.51
N GLN A 79 50.85 16.99 43.94
CA GLN A 79 49.67 17.50 44.60
C GLN A 79 49.28 16.53 45.72
N GLY A 80 49.15 15.24 45.37
CA GLY A 80 49.39 14.15 46.29
C GLY A 80 48.21 13.74 47.15
N GLN A 81 46.98 14.16 46.80
CA GLN A 81 45.77 13.80 47.56
C GLN A 81 44.58 13.52 46.63
N SER A 82 43.52 12.92 47.19
CA SER A 82 42.21 12.79 46.56
C SER A 82 41.25 12.08 47.51
N GLY A 83 40.72 12.81 48.47
CA GLY A 83 39.71 12.28 49.36
C GLY A 83 38.37 12.09 48.63
N PHE A 84 37.58 11.17 49.20
CA PHE A 84 36.24 10.89 48.75
C PHE A 84 35.35 12.01 49.27
N VAL A 85 34.85 12.81 48.33
CA VAL A 85 34.27 14.09 48.68
C VAL A 85 32.98 13.90 49.48
N TRP A 86 32.24 12.82 49.17
CA TRP A 86 30.89 12.66 49.69
C TRP A 86 30.91 12.45 51.21
N ALA A 87 31.91 11.72 51.70
CA ALA A 87 32.07 11.57 53.13
C ALA A 87 32.46 12.90 53.76
N TRP A 88 33.39 13.60 53.13
CA TRP A 88 33.88 14.85 53.67
C TRP A 88 32.76 15.88 53.80
N LEU A 89 31.81 15.88 52.85
CA LEU A 89 30.78 16.91 52.83
C LEU A 89 29.87 16.77 54.05
N GLY A 90 29.71 15.54 54.53
CA GLY A 90 28.93 15.32 55.74
C GLY A 90 29.58 16.00 56.96
N ALA A 91 30.91 15.93 57.02
CA ALA A 91 31.65 16.59 58.10
C ALA A 91 31.53 18.11 58.01
N LEU A 92 31.64 18.64 56.77
CA LEU A 92 31.52 20.06 56.57
C LEU A 92 30.12 20.53 57.00
N GLY A 93 29.10 19.79 56.57
CA GLY A 93 27.72 20.14 56.86
C GLY A 93 27.46 20.20 58.36
N ALA A 94 28.02 19.26 59.10
CA ALA A 94 27.72 19.11 60.52
C ALA A 94 28.56 20.04 61.39
N THR A 95 29.57 20.72 60.84
CA THR A 95 30.42 21.56 61.67
C THR A 95 30.44 23.02 61.20
N THR A 96 29.77 23.40 60.12
CA THR A 96 29.73 24.80 59.70
C THR A 96 28.29 25.15 59.35
N ARG A 97 28.04 26.41 58.97
CA ARG A 97 26.77 26.79 58.39
C ARG A 97 26.93 27.20 56.93
N LEU A 98 28.08 26.85 56.31
CA LEU A 98 28.37 27.19 54.93
C LEU A 98 27.44 26.47 53.98
N ARG A 99 27.22 27.07 52.81
CA ARG A 99 26.69 26.34 51.67
C ARG A 99 27.85 25.55 51.07
N PHE A 100 27.56 24.49 50.33
CA PHE A 100 28.60 23.68 49.74
C PHE A 100 28.07 22.88 48.56
N GLY A 101 28.99 22.53 47.64
CA GLY A 101 28.62 21.75 46.48
C GLY A 101 29.80 20.98 45.88
N THR A 102 29.48 19.95 45.12
CA THR A 102 30.45 19.23 44.32
C THR A 102 30.80 20.08 43.11
N GLY A 103 32.08 20.14 42.77
CA GLY A 103 32.46 20.85 41.55
C GLY A 103 33.56 20.11 40.83
N VAL A 104 33.23 19.11 40.00
CA VAL A 104 31.88 18.59 39.82
C VAL A 104 31.91 17.07 39.84
N THR A 105 30.75 16.47 40.11
CA THR A 105 30.60 15.02 40.06
C THR A 105 30.20 14.64 38.64
N PRO A 106 30.89 13.66 38.00
CA PRO A 106 30.36 13.02 36.78
C PRO A 106 29.43 11.82 37.00
N PRO A 107 28.10 11.99 36.82
CA PRO A 107 27.14 10.94 37.22
C PRO A 107 26.77 10.04 36.05
N ILE A 108 27.78 9.56 35.32
CA ILE A 108 27.58 8.96 34.03
C ILE A 108 28.02 7.49 34.00
N GLY A 109 28.23 6.91 35.18
CA GLY A 109 28.26 5.47 35.34
C GLY A 109 29.66 4.87 35.23
N PHE A 110 30.70 5.68 35.43
CA PHE A 110 32.05 5.16 35.57
C PHE A 110 32.25 4.94 37.07
N ARG A 111 32.79 5.93 37.77
CA ARG A 111 32.87 5.90 39.21
C ARG A 111 31.47 5.87 39.85
N TYR A 112 30.51 6.57 39.24
CA TYR A 112 29.26 6.85 39.92
C TYR A 112 28.06 6.64 39.00
N HIS A 113 27.10 5.83 39.47
CA HIS A 113 25.84 5.67 38.80
C HIS A 113 24.95 6.85 39.18
N PRO A 114 24.17 7.41 38.22
CA PRO A 114 23.36 8.58 38.52
C PRO A 114 22.34 8.39 39.65
N ALA A 115 21.82 7.19 39.81
CA ALA A 115 20.84 6.94 40.86
C ALA A 115 21.47 7.18 42.22
N ILE A 116 22.75 6.82 42.37
CA ILE A 116 23.44 6.95 43.65
C ILE A 116 23.75 8.42 43.91
N VAL A 117 24.21 9.14 42.89
CA VAL A 117 24.44 10.56 43.02
C VAL A 117 23.16 11.25 43.51
N ALA A 118 22.02 10.85 42.97
CA ALA A 118 20.76 11.45 43.38
C ALA A 118 20.49 11.20 44.86
N GLN A 119 20.73 9.97 45.31
CA GLN A 119 20.52 9.61 46.70
C GLN A 119 21.45 10.43 47.60
N ALA A 120 22.71 10.57 47.18
CA ALA A 120 23.69 11.30 47.96
C ALA A 120 23.26 12.75 48.10
N ALA A 121 22.84 13.34 46.97
CA ALA A 121 22.42 14.73 46.94
C ALA A 121 21.21 14.94 47.84
N ALA A 122 20.25 14.02 47.74
CA ALA A 122 19.02 14.13 48.50
C ALA A 122 19.29 14.00 49.98
N THR A 123 20.23 13.13 50.34
CA THR A 123 20.53 12.90 51.75
C THR A 123 21.21 14.15 52.33
N LEU A 124 22.21 14.69 51.62
CA LEU A 124 22.90 15.87 52.10
C LEU A 124 21.95 17.04 52.32
N GLU A 125 21.05 17.28 51.36
CA GLU A 125 20.13 18.41 51.46
C GLU A 125 19.09 18.15 52.54
N ALA A 126 18.74 16.88 52.76
CA ALA A 126 17.80 16.55 53.81
C ALA A 126 18.39 16.89 55.17
N MET A 127 19.69 16.63 55.36
CA MET A 127 20.39 16.83 56.63
C MET A 127 20.78 18.29 56.83
N PHE A 128 21.03 19.01 55.72
CA PHE A 128 21.54 20.38 55.77
C PHE A 128 20.70 21.23 54.83
N PRO A 129 19.39 21.37 55.11
CA PRO A 129 18.48 22.01 54.16
C PRO A 129 18.89 23.44 53.79
N GLY A 130 18.79 23.77 52.50
CA GLY A 130 19.11 25.09 52.01
C GLY A 130 20.61 25.31 51.83
N ARG A 131 21.42 24.25 51.96
CA ARG A 131 22.86 24.45 51.98
C ARG A 131 23.57 23.74 50.82
N PHE A 132 22.97 22.65 50.28
CA PHE A 132 23.68 21.82 49.31
C PHE A 132 23.27 22.17 47.89
N TRP A 133 24.26 22.13 46.99
CA TRP A 133 23.96 22.19 45.58
C TRP A 133 24.78 21.12 44.86
N LEU A 134 24.12 20.44 43.92
CA LEU A 134 24.72 19.30 43.24
C LEU A 134 25.34 19.80 41.95
N GLY A 135 26.67 19.83 41.89
CA GLY A 135 27.37 20.18 40.68
C GLY A 135 27.82 18.94 39.92
N ILE A 136 27.45 18.86 38.64
CA ILE A 136 27.73 17.71 37.79
C ILE A 136 28.37 18.18 36.49
N GLY A 137 29.02 17.25 35.79
CA GLY A 137 29.75 17.54 34.56
C GLY A 137 30.15 16.23 33.87
N ALA A 138 30.83 16.34 32.74
CA ALA A 138 31.04 15.23 31.83
C ALA A 138 32.24 14.35 32.20
N GLY A 139 33.02 14.76 33.21
CA GLY A 139 34.07 13.96 33.80
C GLY A 139 35.37 14.03 33.01
N GLU A 140 36.46 13.57 33.64
CA GLU A 140 37.76 13.46 33.00
C GLU A 140 38.32 12.05 33.23
N ALA A 141 39.15 11.59 32.28
CA ALA A 141 39.67 10.25 32.30
C ALA A 141 40.55 10.00 33.53
N LEU A 142 41.24 11.06 33.98
CA LEU A 142 42.07 10.97 35.17
C LEU A 142 41.37 10.17 36.26
N ASN A 143 40.06 10.43 36.42
CA ASN A 143 39.28 9.86 37.50
C ASN A 143 38.49 8.64 37.03
N GLU A 144 37.91 8.67 35.82
CA GLU A 144 36.94 7.68 35.42
C GLU A 144 37.59 6.43 34.82
N HIS A 145 38.84 6.54 34.38
CA HIS A 145 39.48 5.46 33.63
C HIS A 145 39.73 4.23 34.52
N ILE A 146 39.61 4.38 35.84
CA ILE A 146 40.03 3.30 36.74
C ILE A 146 39.12 2.08 36.57
N VAL A 147 37.89 2.27 36.08
CA VAL A 147 36.95 1.16 36.01
C VAL A 147 37.07 0.42 34.67
N GLY A 148 37.93 0.93 33.78
CA GLY A 148 38.35 0.18 32.60
C GLY A 148 37.23 -0.01 31.56
N ARG A 149 36.45 1.05 31.31
CA ARG A 149 35.43 1.06 30.29
C ARG A 149 35.77 2.07 29.18
N TYR A 150 35.13 1.90 28.02
CA TYR A 150 35.28 2.78 26.87
C TYR A 150 35.06 4.23 27.29
N TRP A 151 36.00 5.09 26.91
CA TRP A 151 35.92 6.49 27.25
C TRP A 151 35.47 7.26 26.01
N PRO A 152 34.21 7.74 25.95
CA PRO A 152 33.68 8.43 24.78
C PRO A 152 34.25 9.83 24.62
N GLU A 153 34.08 10.38 23.42
CA GLU A 153 34.51 11.73 23.13
C GLU A 153 33.62 12.73 23.87
N PRO A 154 34.07 13.97 24.08
CA PRO A 154 33.26 14.97 24.80
C PRO A 154 31.79 15.04 24.39
N ALA A 155 31.51 15.19 23.10
CA ALA A 155 30.13 15.33 22.64
C ALA A 155 29.26 14.15 23.09
N GLU A 156 29.79 12.92 23.01
CA GLU A 156 29.05 11.76 23.44
C GLU A 156 28.86 11.78 24.96
N ARG A 157 29.85 12.25 25.71
CA ARG A 157 29.73 12.31 27.16
C ARG A 157 28.68 13.33 27.56
N ILE A 158 28.49 14.37 26.75
CA ILE A 158 27.40 15.32 26.93
C ILE A 158 26.06 14.58 26.81
N ARG A 159 25.92 13.71 25.80
CA ARG A 159 24.68 12.96 25.62
C ARG A 159 24.43 12.10 26.86
N MET A 160 25.50 11.49 27.40
CA MET A 160 25.40 10.69 28.61
C MET A 160 24.97 11.56 29.79
N LEU A 161 25.51 12.79 29.89
CA LEU A 161 25.20 13.71 30.98
C LEU A 161 23.73 14.12 30.94
N ILE A 162 23.22 14.39 29.73
CA ILE A 162 21.83 14.80 29.59
C ILE A 162 20.90 13.68 30.05
N GLU A 163 21.27 12.42 29.78
CA GLU A 163 20.46 11.30 30.21
C GLU A 163 20.53 11.16 31.73
N ALA A 164 21.73 11.37 32.30
CA ALA A 164 21.90 11.29 33.74
C ALA A 164 21.04 12.34 34.41
N ILE A 165 20.97 13.54 33.82
CA ILE A 165 20.19 14.62 34.38
C ILE A 165 18.73 14.21 34.43
N GLU A 166 18.26 13.50 33.40
CA GLU A 166 16.89 13.06 33.37
C GLU A 166 16.63 12.08 34.51
N VAL A 167 17.60 11.21 34.80
CA VAL A 167 17.44 10.22 35.85
C VAL A 167 17.38 10.88 37.23
N ILE A 168 18.29 11.83 37.47
CA ILE A 168 18.37 12.49 38.76
C ILE A 168 17.07 13.25 39.00
N GLN A 169 16.55 13.87 37.94
CA GLN A 169 15.34 14.67 38.09
C GLN A 169 14.13 13.81 38.35
N LYS A 170 14.07 12.62 37.74
CA LYS A 170 12.95 11.74 38.00
C LYS A 170 13.00 11.31 39.46
N LEU A 171 14.19 10.92 39.93
CA LEU A 171 14.34 10.49 41.31
C LEU A 171 13.99 11.62 42.28
N PHE A 172 14.30 12.87 41.90
CA PHE A 172 14.06 14.01 42.76
C PHE A 172 12.57 14.28 42.95
N THR A 173 11.71 13.75 42.06
CA THR A 173 10.27 13.89 42.20
C THR A 173 9.77 13.16 43.45
N GLY A 174 10.53 12.17 43.95
CA GLY A 174 10.14 11.48 45.17
C GLY A 174 9.14 10.36 44.94
N LYS A 175 8.81 10.08 43.67
CA LYS A 175 7.93 8.99 43.32
C LYS A 175 8.77 7.78 42.93
N VAL A 176 8.11 6.65 42.75
CA VAL A 176 8.72 5.44 42.22
C VAL A 176 8.89 5.63 40.72
N ILE A 177 10.11 5.51 40.20
CA ILE A 177 10.36 5.81 38.81
C ILE A 177 11.15 4.68 38.16
N ARG A 178 11.06 4.62 36.82
CA ARG A 178 11.82 3.70 36.00
C ARG A 178 12.50 4.54 34.92
N HIS A 179 13.55 4.04 34.30
CA HIS A 179 14.18 4.73 33.19
C HIS A 179 14.83 3.70 32.30
N GLU A 180 14.71 3.90 30.99
CA GLU A 180 15.38 3.07 30.03
C GLU A 180 15.77 3.96 28.84
N GLY A 181 17.03 4.34 28.76
CA GLY A 181 17.53 5.11 27.62
C GLY A 181 18.75 4.42 27.00
N VAL A 182 19.51 5.15 26.18
CA VAL A 182 20.69 4.57 25.55
C VAL A 182 21.74 4.14 26.56
N TYR A 183 21.98 4.91 27.62
CA TYR A 183 23.15 4.71 28.47
C TYR A 183 22.79 4.10 29.82
N PHE A 184 21.60 4.36 30.36
CA PHE A 184 21.27 3.95 31.72
C PHE A 184 19.93 3.22 31.76
N LYS A 185 19.86 2.30 32.74
CA LYS A 185 18.67 1.53 33.03
C LYS A 185 18.42 1.65 34.52
N VAL A 186 17.22 2.10 34.88
CA VAL A 186 16.86 2.20 36.29
C VAL A 186 15.56 1.45 36.49
N GLU A 187 15.62 0.40 37.30
CA GLU A 187 14.46 -0.35 37.74
C GLU A 187 13.72 0.43 38.83
N SER A 188 12.50 0.00 39.16
CA SER A 188 11.66 0.66 40.15
C SER A 188 12.48 1.17 41.32
N ALA A 189 12.63 2.49 41.39
CA ALA A 189 13.45 3.15 42.40
C ALA A 189 12.78 4.42 42.93
N LYS A 190 13.03 4.71 44.21
CA LYS A 190 12.48 5.87 44.89
C LYS A 190 13.42 6.34 46.00
N LEU A 191 13.54 7.66 46.13
CA LEU A 191 14.27 8.26 47.24
C LEU A 191 13.31 8.49 48.40
N TYR A 192 13.45 7.67 49.45
CA TYR A 192 12.59 7.76 50.62
C TYR A 192 13.03 8.90 51.54
N THR A 193 14.33 9.18 51.56
CA THR A 193 14.87 10.28 52.36
C THR A 193 15.13 11.47 51.43
N MET A 194 14.24 12.48 51.50
CA MET A 194 14.32 13.68 50.68
C MET A 194 14.16 14.93 51.54
N PRO A 195 14.66 16.10 51.08
CA PRO A 195 14.23 17.37 51.64
C PRO A 195 12.87 17.78 51.07
N ASP A 196 12.25 18.78 51.71
CA ASP A 196 10.97 19.29 51.22
C ASP A 196 11.15 19.84 49.82
N VAL A 197 12.31 20.44 49.56
CA VAL A 197 12.62 20.95 48.23
C VAL A 197 13.97 20.42 47.80
N PRO A 198 14.09 19.86 46.57
CA PRO A 198 15.31 19.20 46.13
C PRO A 198 16.44 20.20 45.96
N PRO A 199 17.71 19.75 46.02
CA PRO A 199 18.82 20.67 45.82
C PRO A 199 18.87 21.03 44.34
N PRO A 200 19.42 22.21 44.02
CA PRO A 200 19.62 22.61 42.64
C PRO A 200 20.68 21.76 41.98
N ILE A 201 20.48 21.50 40.69
CA ILE A 201 21.47 20.86 39.86
C ILE A 201 22.21 21.93 39.08
N ILE A 202 23.51 21.98 39.30
CA ILE A 202 24.40 22.92 38.63
C ILE A 202 25.26 22.16 37.64
N VAL A 203 25.33 22.60 36.39
CA VAL A 203 26.19 21.95 35.43
C VAL A 203 27.49 22.74 35.29
N GLY A 204 28.61 22.02 35.45
CA GLY A 204 29.93 22.58 35.20
C GLY A 204 30.36 22.31 33.75
N THR A 205 30.48 23.36 32.93
CA THR A 205 30.83 23.21 31.53
C THR A 205 31.45 24.51 31.00
N ALA A 206 32.29 24.36 29.96
CA ALA A 206 32.80 25.52 29.25
C ALA A 206 32.33 25.49 27.79
N GLY A 207 31.33 24.66 27.47
CA GLY A 207 30.84 24.50 26.11
C GLY A 207 29.55 25.25 25.84
N PRO A 208 29.47 26.10 24.79
CA PRO A 208 28.23 26.83 24.49
C PRO A 208 26.98 25.97 24.36
N TYR A 209 27.11 24.78 23.76
CA TYR A 209 25.99 23.89 23.58
C TYR A 209 25.47 23.44 24.96
N MET A 210 26.37 22.97 25.83
CA MET A 210 25.94 22.42 27.10
C MET A 210 25.45 23.53 28.02
N ALA A 211 25.96 24.75 27.86
CA ALA A 211 25.46 25.90 28.60
C ALA A 211 23.98 26.12 28.30
N LYS A 212 23.58 26.07 27.02
CA LYS A 212 22.20 26.23 26.64
C LYS A 212 21.35 25.11 27.24
N LYS A 213 21.87 23.89 27.22
CA LYS A 213 21.14 22.75 27.72
C LYS A 213 21.02 22.86 29.24
N THR A 214 22.00 23.49 29.89
CA THR A 214 21.98 23.64 31.32
C THR A 214 20.81 24.55 31.70
N GLY A 215 20.64 25.65 30.96
CA GLY A 215 19.56 26.57 31.24
C GLY A 215 18.21 25.90 30.99
N GLN A 216 18.18 25.05 29.98
CA GLN A 216 16.95 24.39 29.58
C GLN A 216 16.55 23.30 30.59
N LEU A 217 17.51 22.56 31.17
CA LEU A 217 17.25 21.33 31.87
C LEU A 217 17.50 21.42 33.37
N CYS A 218 18.35 22.34 33.82
CA CYS A 218 18.86 22.35 35.19
C CYS A 218 18.61 23.69 35.86
N ASP A 219 19.32 23.96 36.94
CA ASP A 219 19.02 25.10 37.81
C ASP A 219 20.08 26.19 37.74
N GLY A 220 21.32 25.86 37.37
CA GLY A 220 22.38 26.84 37.36
C GLY A 220 23.62 26.37 36.62
N LEU A 221 24.49 27.35 36.34
CA LEU A 221 25.70 27.13 35.55
C LEU A 221 26.95 27.39 36.39
N LEU A 222 27.96 26.52 36.23
CA LEU A 222 29.27 26.70 36.80
C LEU A 222 30.30 26.57 35.68
N THR A 223 31.19 27.55 35.57
CA THR A 223 32.12 27.61 34.46
C THR A 223 33.50 27.96 35.02
N PRO A 224 34.60 27.55 34.36
CA PRO A 224 35.93 28.02 34.74
C PRO A 224 36.22 29.41 34.17
N GLY A 225 37.29 30.04 34.66
CA GLY A 225 37.76 31.31 34.13
C GLY A 225 38.15 31.16 32.66
N ALA A 226 37.96 32.24 31.92
CA ALA A 226 38.26 32.30 30.49
C ALA A 226 38.15 33.76 30.09
N ASN A 227 38.49 34.11 28.85
CA ASN A 227 38.41 35.52 28.47
C ASN A 227 36.94 35.98 28.52
N ASP A 228 36.75 37.30 28.49
CA ASP A 228 35.45 37.91 28.66
C ASP A 228 34.50 37.45 27.56
N GLU A 229 34.99 37.40 26.31
CA GLU A 229 34.16 37.09 25.16
C GLU A 229 33.50 35.71 25.34
N LYS A 230 34.27 34.75 25.83
CA LYS A 230 33.85 33.38 25.94
C LYS A 230 32.93 33.19 27.15
N LEU A 231 33.18 33.94 28.23
CA LEU A 231 32.32 33.91 29.40
C LEU A 231 30.97 34.53 29.07
N ARG A 232 31.00 35.60 28.31
CA ARG A 232 29.79 36.34 28.01
C ARG A 232 28.90 35.48 27.10
N LEU A 233 29.54 34.65 26.25
CA LEU A 233 28.81 33.76 25.35
C LEU A 233 28.15 32.63 26.14
N LEU A 234 28.86 32.06 27.12
CA LEU A 234 28.32 31.00 27.96
C LEU A 234 27.14 31.50 28.77
N LEU A 235 27.27 32.67 29.40
CA LEU A 235 26.19 33.23 30.21
C LEU A 235 24.96 33.45 29.33
N SER A 236 25.24 33.98 28.15
CA SER A 236 24.21 34.35 27.19
C SER A 236 23.43 33.12 26.74
N ARG A 237 24.15 32.04 26.40
CA ARG A 237 23.55 30.79 25.98
C ARG A 237 22.73 30.12 27.10
N PHE A 238 23.25 30.16 28.32
CA PHE A 238 22.55 29.63 29.47
C PHE A 238 21.24 30.37 29.65
N GLU A 239 21.28 31.70 29.52
CA GLU A 239 20.11 32.51 29.76
C GLU A 239 19.06 32.19 28.70
N GLU A 240 19.46 32.12 27.42
CA GLU A 240 18.47 31.95 26.38
C GLU A 240 17.96 30.52 26.36
N GLY A 241 18.73 29.57 26.84
CA GLY A 241 18.25 28.20 27.03
C GLY A 241 17.12 28.14 28.04
N ALA A 242 17.27 28.89 29.14
CA ALA A 242 16.30 28.90 30.21
C ALA A 242 15.00 29.54 29.76
N ARG A 243 15.12 30.71 29.09
CA ARG A 243 13.96 31.39 28.58
C ARG A 243 13.23 30.51 27.56
N ALA A 244 13.95 29.87 26.66
CA ALA A 244 13.36 29.04 25.62
C ALA A 244 12.50 27.95 26.26
N ALA A 245 12.87 27.51 27.47
CA ALA A 245 12.13 26.45 28.15
C ALA A 245 11.16 27.01 29.19
N GLY A 246 10.92 28.33 29.19
CA GLY A 246 9.88 28.93 30.00
C GLY A 246 10.30 29.24 31.44
N LYS A 247 11.61 29.14 31.75
CA LYS A 247 12.09 29.43 33.10
C LYS A 247 12.58 30.88 33.21
N ASP A 248 12.81 31.35 34.44
CA ASP A 248 13.26 32.71 34.72
C ASP A 248 14.74 32.75 35.08
N PRO A 249 15.64 33.10 34.15
CA PRO A 249 17.08 33.06 34.40
C PRO A 249 17.62 34.10 35.38
N ARG A 250 16.76 35.07 35.72
CA ARG A 250 17.12 36.11 36.66
C ARG A 250 17.17 35.53 38.07
N ARG A 251 16.49 34.39 38.28
CA ARG A 251 16.51 33.71 39.57
C ARG A 251 17.41 32.46 39.53
N MET A 252 18.26 32.30 38.51
CA MET A 252 19.08 31.10 38.39
C MET A 252 20.56 31.46 38.53
N PRO A 253 21.30 30.78 39.45
CA PRO A 253 22.70 31.11 39.71
C PRO A 253 23.65 30.92 38.54
N ARG A 254 24.60 31.86 38.46
CA ARG A 254 25.65 31.89 37.46
C ARG A 254 27.01 31.94 38.16
N MET A 255 27.71 30.80 38.20
CA MET A 255 28.81 30.61 39.12
C MET A 255 30.09 30.41 38.32
N ILE A 256 31.23 30.91 38.86
CA ILE A 256 32.51 30.76 38.20
C ILE A 256 33.54 30.27 39.22
N GLN A 257 34.44 29.40 38.77
CA GLN A 257 35.54 28.93 39.57
C GLN A 257 36.82 29.44 38.96
N VAL A 258 37.65 30.14 39.77
CA VAL A 258 38.90 30.71 39.29
C VAL A 258 40.07 30.19 40.12
N HIS A 259 41.22 30.14 39.47
CA HIS A 259 42.45 29.73 40.10
C HIS A 259 43.36 30.95 40.18
N VAL A 260 43.81 31.26 41.40
CA VAL A 260 44.69 32.38 41.63
C VAL A 260 45.88 31.87 42.45
N SER A 261 46.95 32.65 42.42
CA SER A 261 48.08 32.43 43.31
C SER A 261 48.36 33.72 44.06
N TRP A 262 48.05 33.70 45.36
CA TRP A 262 48.49 34.75 46.27
C TRP A 262 49.60 34.22 47.13
N ALA A 263 50.58 35.09 47.40
CA ALA A 263 51.63 34.84 48.36
C ALA A 263 52.21 36.19 48.81
N GLU A 264 53.25 36.13 49.65
CA GLU A 264 53.85 37.29 50.25
C GLU A 264 54.53 38.16 49.19
N THR A 265 55.13 37.56 48.17
CA THR A 265 55.71 38.28 47.05
C THR A 265 55.24 37.67 45.72
N ASP A 266 55.41 38.45 44.65
CA ASP A 266 55.11 38.00 43.31
C ASP A 266 55.94 36.77 42.99
N GLU A 267 57.18 36.73 43.46
CA GLU A 267 58.05 35.59 43.17
C GLU A 267 57.47 34.30 43.74
N GLN A 268 57.07 34.27 45.02
CA GLN A 268 56.56 33.04 45.59
CA GLN A 268 56.56 33.04 45.59
C GLN A 268 55.22 32.68 44.95
N ALA A 269 54.46 33.69 44.52
CA ALA A 269 53.17 33.46 43.88
C ALA A 269 53.33 32.72 42.56
N ILE A 270 54.33 33.13 41.78
CA ILE A 270 54.64 32.50 40.50
C ILE A 270 55.13 31.06 40.72
N GLU A 271 56.09 30.86 41.63
CA GLU A 271 56.64 29.53 41.86
C GLU A 271 55.59 28.59 42.42
N ASN A 272 54.71 29.11 43.29
CA ASN A 272 53.63 28.30 43.84
C ASN A 272 52.76 27.72 42.72
N ALA A 273 52.42 28.55 41.73
CA ALA A 273 51.58 28.13 40.64
C ALA A 273 52.30 27.10 39.81
N LEU A 274 53.61 27.33 39.59
CA LEU A 274 54.40 26.50 38.68
C LEU A 274 54.58 25.11 39.28
N ARG A 275 54.77 25.03 40.61
CA ARG A 275 55.06 23.75 41.24
C ARG A 275 53.79 23.01 41.61
N GLU A 276 52.74 23.72 42.02
CA GLU A 276 51.58 23.08 42.64
C GLU A 276 50.43 22.87 41.66
N TRP A 277 50.36 23.67 40.58
CA TRP A 277 49.23 23.69 39.66
C TRP A 277 49.71 23.87 38.23
N PRO A 278 50.65 23.04 37.73
CA PRO A 278 51.13 23.16 36.37
C PRO A 278 50.04 22.92 35.34
N ASN A 279 49.01 22.15 35.71
CA ASN A 279 47.86 21.92 34.85
C ASN A 279 47.17 23.25 34.49
N GLY A 280 47.33 24.26 35.33
CA GLY A 280 46.83 25.58 35.01
C GLY A 280 47.54 26.25 33.82
N GLY A 281 48.72 25.74 33.42
CA GLY A 281 49.45 26.30 32.29
C GLY A 281 49.34 25.44 31.04
N MET A 282 48.43 24.45 31.14
CA MET A 282 48.20 23.52 30.05
C MET A 282 46.93 23.97 29.33
N ALA A 283 47.12 24.88 28.36
CA ALA A 283 46.02 25.50 27.62
C ALA A 283 45.54 24.57 26.52
N PHE A 284 44.93 23.45 26.91
CA PHE A 284 44.59 22.42 25.96
C PHE A 284 43.68 21.41 26.64
N PRO A 285 42.88 20.61 25.89
CA PRO A 285 41.89 19.75 26.51
C PRO A 285 42.58 18.62 27.28
N LYS A 286 42.15 18.36 28.52
CA LYS A 286 42.89 17.45 29.39
C LYS A 286 42.08 16.21 29.78
N GLY A 287 40.91 16.03 29.16
CA GLY A 287 39.96 15.04 29.66
C GLY A 287 40.22 13.61 29.18
N ASP A 288 41.27 13.39 28.38
CA ASP A 288 41.62 12.07 27.85
C ASP A 288 42.84 11.46 28.54
N ILE A 289 43.57 12.27 29.32
CA ILE A 289 44.82 11.87 29.94
C ILE A 289 44.54 11.07 31.22
N ARG A 290 45.11 9.86 31.31
CA ARG A 290 44.68 8.90 32.31
C ARG A 290 45.39 9.02 33.66
N ASN A 291 46.70 9.31 33.65
CA ASN A 291 47.49 9.10 34.85
C ASN A 291 48.10 10.38 35.40
N PRO A 292 48.22 10.47 36.73
CA PRO A 292 48.98 11.57 37.33
C PRO A 292 50.40 11.65 36.78
N GLU A 293 51.00 10.50 36.50
CA GLU A 293 52.37 10.39 36.04
C GLU A 293 52.49 11.04 34.66
N ASP A 294 51.42 10.98 33.87
CA ASP A 294 51.35 11.61 32.56
C ASP A 294 51.38 13.14 32.70
N PHE A 295 50.50 13.68 33.57
CA PHE A 295 50.46 15.12 33.77
C PHE A 295 51.80 15.62 34.29
N GLN A 296 52.38 14.87 35.22
CA GLN A 296 53.64 15.23 35.83
C GLN A 296 54.74 15.35 34.80
N ALA A 297 54.78 14.42 33.83
CA ALA A 297 55.77 14.48 32.76
C ALA A 297 55.51 15.67 31.84
N MET A 298 54.22 15.97 31.56
CA MET A 298 53.87 17.11 30.73
C MET A 298 54.21 18.42 31.41
N ALA A 299 54.19 18.42 32.75
CA ALA A 299 54.40 19.62 33.56
C ALA A 299 55.82 20.14 33.37
N ARG A 300 56.78 19.26 33.03
CA ARG A 300 58.15 19.66 32.80
C ARG A 300 58.24 20.71 31.69
N LEU A 301 57.24 20.82 30.83
CA LEU A 301 57.22 21.79 29.74
C LEU A 301 56.69 23.16 30.18
N VAL A 302 55.92 23.21 31.27
CA VAL A 302 55.16 24.39 31.64
C VAL A 302 56.09 25.46 32.18
N ARG A 303 55.85 26.73 31.79
CA ARG A 303 56.67 27.86 32.19
C ARG A 303 55.77 28.98 32.71
N PRO A 304 56.30 30.00 33.44
CA PRO A 304 55.46 31.09 33.95
C PRO A 304 54.60 31.83 32.92
N GLU A 305 55.12 31.99 31.69
CA GLU A 305 54.44 32.67 30.61
C GLU A 305 53.10 32.00 30.26
N HIS A 306 53.01 30.67 30.38
CA HIS A 306 51.83 29.91 29.94
C HIS A 306 50.61 30.11 30.84
N PHE A 307 50.77 30.91 31.89
CA PHE A 307 49.70 31.15 32.86
C PHE A 307 49.01 32.49 32.64
N GLN A 308 49.58 33.40 31.82
CA GLN A 308 48.98 34.72 31.66
C GLN A 308 47.57 34.59 31.09
N GLY A 309 46.64 35.42 31.58
CA GLY A 309 45.23 35.31 31.23
C GLY A 309 44.52 34.20 32.01
N ARG A 310 45.26 33.17 32.43
CA ARG A 310 44.69 31.90 32.85
C ARG A 310 44.76 31.71 34.37
N VAL A 311 45.82 32.20 35.04
CA VAL A 311 45.91 32.16 36.50
C VAL A 311 46.58 33.45 36.96
N LEU A 312 45.88 34.19 37.83
CA LEU A 312 46.38 35.45 38.35
C LEU A 312 47.43 35.14 39.42
N MET A 313 48.64 35.68 39.22
CA MET A 313 49.78 35.38 40.09
C MET A 313 50.34 36.71 40.61
N THR A 314 49.95 37.11 41.84
CA THR A 314 50.40 38.39 42.38
C THR A 314 50.14 38.43 43.88
N SER A 315 50.97 39.22 44.58
CA SER A 315 50.83 39.46 46.01
C SER A 315 49.96 40.69 46.28
N ASP A 316 49.63 41.45 45.22
CA ASP A 316 48.85 42.67 45.33
C ASP A 316 47.37 42.30 45.50
N LEU A 317 46.83 42.45 46.70
CA LEU A 317 45.48 42.02 47.03
C LEU A 317 44.45 42.98 46.43
N ASP A 318 44.83 44.23 46.14
CA ASP A 318 44.00 45.13 45.38
C ASP A 318 43.68 44.52 44.01
N ARG A 319 44.71 43.95 43.39
CA ARG A 319 44.62 43.44 42.03
C ARG A 319 43.78 42.16 42.04
N HIS A 320 43.88 41.35 43.10
CA HIS A 320 42.96 40.26 43.35
C HIS A 320 41.51 40.75 43.40
N GLY A 321 41.26 41.83 44.13
CA GLY A 321 39.90 42.36 44.26
C GLY A 321 39.34 42.84 42.93
N GLU A 322 40.17 43.50 42.12
CA GLU A 322 39.76 44.05 40.84
C GLU A 322 39.41 42.92 39.88
N PHE A 323 40.22 41.86 39.92
CA PHE A 323 39.98 40.68 39.10
C PHE A 323 38.61 40.07 39.41
N LEU A 324 38.31 39.93 40.70
CA LEU A 324 37.08 39.32 41.15
C LEU A 324 35.87 40.22 40.85
N GLN A 325 36.01 41.53 41.07
CA GLN A 325 34.93 42.48 40.84
C GLN A 325 34.52 42.46 39.37
N HIS A 326 35.51 42.34 38.48
CA HIS A 326 35.28 42.28 37.05
C HIS A 326 34.33 41.12 36.70
N LEU A 327 34.53 39.98 37.35
CA LEU A 327 33.72 38.81 37.10
C LEU A 327 32.30 39.06 37.61
N ILE A 328 32.14 39.78 38.71
CA ILE A 328 30.81 40.08 39.21
C ILE A 328 30.07 40.91 38.16
N ASP A 329 30.83 41.84 37.57
CA ASP A 329 30.31 42.80 36.60
C ASP A 329 29.94 42.09 35.29
N LEU A 330 30.64 41.01 34.94
CA LEU A 330 30.26 40.20 33.78
C LEU A 330 28.89 39.53 33.98
N GLY A 331 28.48 39.31 35.23
CA GLY A 331 27.15 38.82 35.55
C GLY A 331 27.17 37.54 36.38
N PHE A 332 28.34 37.17 36.92
CA PHE A 332 28.41 36.04 37.80
C PHE A 332 27.86 36.46 39.16
N THR A 333 27.06 35.56 39.76
CA THR A 333 26.42 35.79 41.04
C THR A 333 27.16 35.06 42.15
N GLU A 334 28.10 34.18 41.81
CA GLU A 334 28.91 33.49 42.80
C GLU A 334 30.30 33.28 42.22
N ILE A 335 31.33 33.45 43.06
CA ILE A 335 32.68 33.14 42.63
C ILE A 335 33.30 32.21 43.66
N TYR A 336 33.95 31.15 43.19
CA TYR A 336 34.67 30.24 44.04
C TYR A 336 36.15 30.37 43.71
N VAL A 337 36.96 30.64 44.74
CA VAL A 337 38.36 30.95 44.54
C VAL A 337 39.23 29.80 45.07
N HIS A 338 40.11 29.33 44.17
CA HIS A 338 41.11 28.35 44.49
C HIS A 338 42.46 29.05 44.49
N ASN A 339 43.06 29.17 45.68
CA ASN A 339 44.45 29.56 45.77
C ASN A 339 45.29 28.31 45.54
N VAL A 340 46.26 28.39 44.64
CA VAL A 340 46.98 27.19 44.22
C VAL A 340 48.13 26.86 45.19
N GLY A 341 48.60 27.85 45.94
CA GLY A 341 49.67 27.63 46.88
C GLY A 341 49.21 26.84 48.08
N ARG A 342 50.20 26.29 48.83
CA ARG A 342 49.95 25.53 50.04
C ARG A 342 49.70 26.46 51.22
N ASN A 343 49.83 27.78 51.00
CA ASN A 343 49.63 28.79 52.03
C ASN A 343 48.14 29.11 52.17
N GLN A 344 47.35 28.11 52.50
CA GLN A 344 45.89 28.22 52.48
C GLN A 344 45.40 29.08 53.63
N GLU A 345 45.99 28.93 54.81
CA GLU A 345 45.53 29.67 55.98
C GLU A 345 45.80 31.16 55.80
N GLU A 346 47.00 31.51 55.30
CA GLU A 346 47.39 32.91 55.14
CA GLU A 346 47.39 32.91 55.14
C GLU A 346 46.50 33.53 54.06
N PHE A 347 46.22 32.75 53.02
CA PHE A 347 45.38 33.20 51.91
C PHE A 347 43.96 33.52 52.39
N ILE A 348 43.36 32.64 53.19
CA ILE A 348 42.03 32.84 53.71
C ILE A 348 41.98 34.12 54.58
N ARG A 349 42.97 34.31 55.45
CA ARG A 349 43.00 35.47 56.31
C ARG A 349 43.20 36.75 55.48
N ALA A 350 44.05 36.67 54.44
CA ALA A 350 44.37 37.83 53.61
C ALA A 350 43.13 38.28 52.82
N TYR A 351 42.41 37.33 52.22
CA TYR A 351 41.18 37.64 51.50
C TYR A 351 40.12 38.15 52.47
N GLY A 352 40.03 37.57 53.67
CA GLY A 352 39.06 37.99 54.66
C GLY A 352 39.20 39.46 55.05
N ARG A 353 40.45 39.94 55.18
CA ARG A 353 40.74 41.31 55.61
C ARG A 353 40.65 42.24 54.41
N ALA A 354 41.31 41.92 53.29
CA ALA A 354 41.58 42.90 52.23
C ALA A 354 40.64 42.79 51.02
N VAL A 355 40.01 41.63 50.79
CA VAL A 355 39.29 41.40 49.52
C VAL A 355 37.79 41.32 49.74
N ILE A 356 37.33 40.32 50.50
CA ILE A 356 35.92 40.03 50.63
C ILE A 356 35.12 41.26 51.04
N PRO A 357 35.60 42.06 52.03
CA PRO A 357 34.84 43.24 52.45
C PRO A 357 34.65 44.30 51.38
N HIS A 358 35.48 44.29 50.33
CA HIS A 358 35.47 45.36 49.34
C HIS A 358 34.75 44.95 48.06
N LEU A 359 34.23 43.71 47.98
CA LEU A 359 33.53 43.24 46.79
C LEU A 359 32.08 43.71 46.81
N ARG A 360 31.63 44.31 45.70
CA ARG A 360 30.25 44.80 45.59
C ARG A 360 29.41 43.78 44.85
N TRP A 361 28.55 43.08 45.58
CA TRP A 361 27.58 42.14 45.02
C TRP A 361 26.23 42.85 44.85
N PRO A 362 25.53 42.68 43.70
CA PRO A 362 24.14 43.13 43.62
C PRO A 362 23.29 42.42 44.68
N ALA A 363 22.41 43.16 45.34
CA ALA A 363 21.53 42.60 46.36
C ALA A 363 20.56 41.57 45.77
N ASP A 364 20.22 40.54 46.55
CA ASP A 364 19.30 39.50 46.15
C ASP A 364 19.71 38.86 44.81
N ALA A 365 21.03 38.70 44.61
CA ALA A 365 21.50 37.95 43.46
C ALA A 365 21.24 36.48 43.75
N PRO A 366 20.84 35.68 42.75
CA PRO A 366 20.58 34.26 42.98
C PRO A 366 21.83 33.44 43.27
N VAL A 367 21.65 32.45 44.15
CA VAL A 367 22.74 31.71 44.74
C VAL A 367 22.30 30.25 44.79
N ALA A 368 23.25 29.30 44.74
CA ALA A 368 22.94 27.90 44.64
C ALA A 368 22.36 27.37 45.96
N GLN A 369 21.05 27.14 45.97
CA GLN A 369 20.25 26.93 47.17
C GLN A 369 18.79 26.62 46.79
N ALA A 370 18.05 25.94 47.66
CA ALA A 370 16.85 25.26 47.23
C ALA A 370 15.75 26.25 46.83
N SER B 34 36.21 -2.30 80.40
CA SER B 34 35.34 -1.10 80.40
C SER B 34 34.03 -1.36 79.68
N SER B 35 33.00 -0.67 80.21
CA SER B 35 31.64 -0.71 79.70
C SER B 35 31.58 -0.19 78.27
N ARG B 36 30.88 -0.95 77.42
CA ARG B 36 30.71 -0.58 76.03
C ARG B 36 29.60 -1.42 75.40
N LEU B 37 29.04 -0.91 74.30
CA LEU B 37 28.10 -1.64 73.44
C LEU B 37 27.98 -0.91 72.11
N GLY B 38 27.49 -1.61 71.09
CA GLY B 38 27.29 -1.03 69.77
C GLY B 38 25.82 -0.66 69.54
N TYR B 39 25.62 0.45 68.83
CA TYR B 39 24.31 0.91 68.43
C TYR B 39 24.18 0.74 66.92
N SER B 40 23.10 0.06 66.50
CA SER B 40 22.74 -0.05 65.09
C SER B 40 21.88 1.15 64.70
N ALA B 41 22.38 1.90 63.72
CA ALA B 41 21.64 3.01 63.10
C ALA B 41 20.87 2.48 61.91
N SER B 42 19.54 2.45 62.07
CA SER B 42 18.65 1.86 61.07
C SER B 42 18.22 2.93 60.06
N PHE B 43 18.93 3.01 58.95
CA PHE B 43 18.65 4.00 57.90
C PHE B 43 17.32 3.68 57.21
N GLU B 44 16.90 2.43 57.31
CA GLU B 44 15.64 1.96 56.75
C GLU B 44 14.47 2.73 57.38
N GLN B 45 14.61 3.10 58.67
CA GLN B 45 13.49 3.56 59.48
C GLN B 45 13.55 5.04 59.87
N PHE B 46 14.76 5.61 60.02
CA PHE B 46 14.89 6.90 60.68
C PHE B 46 15.60 7.91 59.79
N HIS B 47 15.09 9.15 59.84
CA HIS B 47 15.72 10.27 59.17
C HIS B 47 17.15 10.38 59.64
N PRO B 48 18.13 10.60 58.74
CA PRO B 48 19.53 10.69 59.16
C PRO B 48 19.86 11.82 60.15
N SER B 49 19.08 12.90 60.15
CA SER B 49 19.25 13.94 61.16
C SER B 49 18.96 13.39 62.56
N ASP B 50 17.91 12.57 62.67
CA ASP B 50 17.56 11.93 63.94
C ASP B 50 18.66 10.96 64.36
N LEU B 51 19.19 10.18 63.41
CA LEU B 51 20.18 9.16 63.72
C LEU B 51 21.45 9.81 64.26
N LEU B 52 21.82 10.97 63.70
CA LEU B 52 22.99 11.69 64.16
C LEU B 52 22.81 12.12 65.62
N ARG B 53 21.63 12.66 65.94
CA ARG B 53 21.35 13.14 67.29
C ARG B 53 21.34 11.97 68.26
N TRP B 54 20.77 10.84 67.84
CA TRP B 54 20.67 9.66 68.71
C TRP B 54 22.03 9.03 68.94
N CYS B 55 22.91 9.04 67.94
CA CYS B 55 24.27 8.53 68.10
C CYS B 55 25.02 9.40 69.10
N GLN B 56 24.83 10.72 69.03
CA GLN B 56 25.47 11.64 69.96
C GLN B 56 25.02 11.36 71.40
N LEU B 57 23.71 11.06 71.55
CA LEU B 57 23.16 10.65 72.83
C LEU B 57 23.71 9.29 73.26
N ALA B 58 23.76 8.34 72.33
CA ALA B 58 24.26 7.01 72.62
C ALA B 58 25.69 7.06 73.15
N GLU B 59 26.51 7.93 72.57
CA GLU B 59 27.86 8.15 73.08
C GLU B 59 27.80 8.54 74.54
N GLN B 60 26.95 9.51 74.88
CA GLN B 60 26.80 9.99 76.25
C GLN B 60 26.41 8.87 77.18
N GLU B 61 25.71 7.84 76.67
CA GLU B 61 25.09 6.83 77.51
C GLU B 61 25.88 5.52 77.58
N GLY B 62 27.07 5.49 76.97
CA GLY B 62 28.00 4.38 77.18
C GLY B 62 28.20 3.51 75.95
N PHE B 63 27.48 3.74 74.85
CA PHE B 63 27.75 3.06 73.60
C PHE B 63 29.07 3.60 73.06
N ASP B 64 29.86 2.74 72.38
CA ASP B 64 31.21 3.08 71.94
C ASP B 64 31.32 3.05 70.42
N SER B 65 30.36 2.46 69.71
CA SER B 65 30.50 2.22 68.28
C SER B 65 29.14 2.21 67.59
N VAL B 66 29.13 2.54 66.30
CA VAL B 66 27.92 2.60 65.49
C VAL B 66 28.10 1.70 64.27
N LEU B 67 27.09 0.86 64.03
CA LEU B 67 26.92 0.11 62.81
C LEU B 67 25.81 0.78 62.03
N ALA B 68 26.11 1.07 60.75
CA ALA B 68 25.26 1.88 59.91
C ALA B 68 24.94 1.12 58.63
N ALA B 69 23.64 0.87 58.43
CA ALA B 69 23.17 0.18 57.24
C ALA B 69 23.50 0.96 55.97
N ASP B 70 23.79 0.23 54.88
CA ASP B 70 24.04 0.83 53.58
C ASP B 70 22.91 0.44 52.65
N HIS B 71 21.81 1.18 52.72
CA HIS B 71 20.63 0.86 51.95
C HIS B 71 20.40 1.96 50.92
N PHE B 72 19.64 1.59 49.87
CA PHE B 72 19.04 2.54 48.96
C PHE B 72 17.55 2.62 49.24
N HIS B 73 16.96 1.46 49.54
CA HIS B 73 15.55 1.31 49.84
C HIS B 73 15.34 0.76 51.26
N PRO B 74 14.26 1.16 51.94
CA PRO B 74 13.83 0.47 53.15
C PRO B 74 13.16 -0.85 52.78
N TRP B 75 12.96 -1.71 53.76
CA TRP B 75 12.26 -2.95 53.53
C TRP B 75 10.80 -2.66 53.19
N THR B 76 10.17 -1.76 53.93
CA THR B 76 8.76 -1.45 53.71
C THR B 76 8.58 0.06 53.61
N PRO B 77 7.54 0.57 52.93
CA PRO B 77 7.20 1.99 52.98
C PRO B 77 6.96 2.52 54.39
N GLU B 78 6.41 1.69 55.27
CA GLU B 78 6.15 2.03 56.67
C GLU B 78 7.45 2.37 57.41
N GLN B 79 8.58 1.82 56.98
CA GLN B 79 9.85 2.17 57.58
C GLN B 79 10.28 3.53 57.06
N GLY B 80 10.30 3.68 55.74
CA GLY B 80 10.10 4.96 55.09
C GLY B 80 11.32 5.84 54.92
N GLN B 81 12.53 5.28 55.05
CA GLN B 81 13.77 6.05 54.90
C GLN B 81 14.85 5.23 54.19
N SER B 82 15.92 5.92 53.74
CA SER B 82 17.17 5.31 53.27
C SER B 82 18.19 6.37 52.88
N GLY B 83 18.85 6.93 53.87
CA GLY B 83 19.93 7.88 53.59
C GLY B 83 21.17 7.23 53.01
N PHE B 84 21.93 8.01 52.25
CA PHE B 84 23.22 7.60 51.74
C PHE B 84 24.22 7.66 52.90
N VAL B 85 24.68 6.48 53.29
CA VAL B 85 25.37 6.30 54.56
C VAL B 85 26.71 7.03 54.52
N TRP B 86 27.35 7.08 53.34
CA TRP B 86 28.72 7.54 53.27
C TRP B 86 28.83 9.03 53.65
N ALA B 87 27.86 9.82 53.21
CA ALA B 87 27.81 11.21 53.61
C ALA B 87 27.53 11.33 55.10
N TRP B 88 26.58 10.53 55.60
CA TRP B 88 26.20 10.60 57.00
C TRP B 88 27.39 10.28 57.91
N LEU B 89 28.25 9.34 57.49
CA LEU B 89 29.35 8.88 58.34
C LEU B 89 30.35 10.01 58.56
N GLY B 90 30.47 10.91 57.59
CA GLY B 90 31.32 12.07 57.75
C GLY B 90 30.83 12.96 58.89
N ALA B 91 29.51 13.14 58.97
CA ALA B 91 28.90 13.93 60.04
C ALA B 91 29.11 13.26 61.39
N LEU B 92 28.94 11.92 61.43
CA LEU B 92 29.12 11.20 62.68
C LEU B 92 30.56 11.36 63.15
N GLY B 93 31.50 11.17 62.22
CA GLY B 93 32.92 11.23 62.54
C GLY B 93 33.31 12.59 63.13
N ALA B 94 32.75 13.65 62.57
CA ALA B 94 33.15 15.01 62.93
C ALA B 94 32.45 15.50 64.19
N THR B 95 31.44 14.79 64.72
CA THR B 95 30.69 15.31 65.85
C THR B 95 30.70 14.34 67.03
N THR B 96 31.31 13.15 66.91
CA THR B 96 31.40 12.24 68.05
C THR B 96 32.83 11.73 68.13
N ARG B 97 33.11 10.90 69.13
CA ARG B 97 34.37 10.16 69.15
C ARG B 97 34.11 8.66 69.02
N LEU B 98 32.91 8.28 68.57
CA LEU B 98 32.53 6.89 68.40
C LEU B 98 33.33 6.23 67.30
N ARG B 99 33.52 4.91 67.40
CA ARG B 99 33.90 4.08 66.27
C ARG B 99 32.66 3.89 65.42
N PHE B 100 32.84 3.56 64.14
CA PHE B 100 31.70 3.36 63.27
C PHE B 100 32.09 2.52 62.05
N GLY B 101 31.10 1.85 61.48
CA GLY B 101 31.31 1.02 60.30
C GLY B 101 30.03 0.82 59.49
N THR B 102 30.23 0.50 58.21
CA THR B 102 29.14 0.07 57.35
C THR B 102 28.73 -1.35 57.74
N GLY B 103 27.43 -1.60 57.79
CA GLY B 103 27.00 -2.96 58.04
C GLY B 103 25.78 -3.31 57.21
N VAL B 104 25.98 -3.73 55.95
CA VAL B 104 27.27 -3.78 55.28
C VAL B 104 27.15 -3.17 53.89
N THR B 105 28.29 -2.78 53.31
CA THR B 105 28.33 -2.31 51.94
C THR B 105 28.59 -3.52 51.03
N PRO B 106 27.79 -3.70 49.95
CA PRO B 106 28.17 -4.60 48.86
C PRO B 106 29.05 -3.99 47.76
N PRO B 107 30.38 -4.27 47.73
CA PRO B 107 31.28 -3.59 46.81
C PRO B 107 31.50 -4.34 45.50
N ILE B 108 30.40 -4.78 44.88
CA ILE B 108 30.46 -5.78 43.82
C ILE B 108 29.93 -5.23 42.51
N GLY B 109 29.79 -3.91 42.42
CA GLY B 109 29.69 -3.23 41.13
C GLY B 109 28.26 -3.00 40.67
N PHE B 110 27.28 -3.04 41.57
CA PHE B 110 25.93 -2.63 41.25
C PHE B 110 25.86 -1.14 41.60
N ARG B 111 25.43 -0.83 42.82
CA ARG B 111 25.49 0.51 43.35
C ARG B 111 26.92 1.02 43.43
N TYR B 112 27.87 0.13 43.76
CA TYR B 112 29.19 0.58 44.16
C TYR B 112 30.28 -0.28 43.52
N HIS B 113 31.23 0.39 42.87
CA HIS B 113 32.43 -0.25 42.38
C HIS B 113 33.42 -0.40 43.53
N PRO B 114 34.14 -1.54 43.64
CA PRO B 114 35.05 -1.77 44.76
C PRO B 114 36.14 -0.72 44.92
N ALA B 115 36.62 -0.15 43.81
CA ALA B 115 37.65 0.86 43.88
C ALA B 115 37.16 2.07 44.67
N ILE B 116 35.88 2.42 44.50
CA ILE B 116 35.30 3.58 45.13
C ILE B 116 35.09 3.32 46.63
N VAL B 117 34.61 2.12 46.96
CA VAL B 117 34.47 1.75 48.36
C VAL B 117 35.81 1.88 49.06
N ALA B 118 36.89 1.45 48.40
CA ALA B 118 38.21 1.54 48.99
C ALA B 118 38.58 2.99 49.28
N GLN B 119 38.32 3.88 48.31
CA GLN B 119 38.61 5.30 48.46
C GLN B 119 37.82 5.87 49.63
N ALA B 120 36.53 5.51 49.72
CA ALA B 120 35.67 6.03 50.76
C ALA B 120 36.19 5.60 52.12
N ALA B 121 36.54 4.32 52.23
CA ALA B 121 37.05 3.76 53.48
C ALA B 121 38.34 4.45 53.89
N ALA B 122 39.24 4.64 52.91
CA ALA B 122 40.54 5.23 53.17
C ALA B 122 40.39 6.69 53.60
N THR B 123 39.42 7.39 53.01
CA THR B 123 39.21 8.79 53.35
C THR B 123 38.67 8.91 54.76
N LEU B 124 37.66 8.10 55.10
CA LEU B 124 37.06 8.15 56.43
C LEU B 124 38.11 7.87 57.50
N GLU B 125 38.95 6.85 57.29
CA GLU B 125 39.93 6.47 58.30
C GLU B 125 41.05 7.51 58.36
N ALA B 126 41.33 8.17 57.23
CA ALA B 126 42.34 9.20 57.23
C ALA B 126 41.88 10.38 58.10
N MET B 127 40.58 10.71 58.04
CA MET B 127 40.01 11.84 58.75
C MET B 127 39.72 11.51 60.22
N PHE B 128 39.43 10.23 60.50
CA PHE B 128 39.00 9.78 61.81
C PHE B 128 39.81 8.55 62.19
N PRO B 129 41.14 8.67 62.31
CA PRO B 129 42.02 7.51 62.47
C PRO B 129 41.66 6.67 63.70
N GLY B 130 41.67 5.35 63.54
CA GLY B 130 41.39 4.43 64.63
C GLY B 130 39.89 4.27 64.88
N ARG B 131 39.04 4.83 64.02
CA ARG B 131 37.62 4.86 64.32
C ARG B 131 36.78 4.13 63.29
N PHE B 132 37.25 3.97 62.04
CA PHE B 132 36.42 3.41 60.99
C PHE B 132 36.74 1.94 60.76
N TRP B 133 35.71 1.16 60.46
CA TRP B 133 35.89 -0.20 59.98
C TRP B 133 34.96 -0.44 58.81
N LEU B 134 35.49 -1.09 57.77
CA LEU B 134 34.76 -1.27 56.53
C LEU B 134 34.05 -2.62 56.56
N GLY B 135 32.73 -2.59 56.69
CA GLY B 135 31.94 -3.82 56.65
C GLY B 135 31.34 -4.05 55.27
N ILE B 136 31.59 -5.23 54.70
CA ILE B 136 31.18 -5.57 53.35
C ILE B 136 30.45 -6.92 53.37
N GLY B 137 29.68 -7.17 52.30
CA GLY B 137 28.85 -8.37 52.18
C GLY B 137 28.31 -8.50 50.75
N ALA B 138 27.54 -9.55 50.50
CA ALA B 138 27.17 -9.95 49.14
C ALA B 138 25.97 -9.19 48.58
N GLY B 139 25.30 -8.38 49.43
CA GLY B 139 24.26 -7.46 48.99
C GLY B 139 22.91 -8.11 48.87
N GLU B 140 21.85 -7.29 48.76
CA GLU B 140 20.48 -7.76 48.53
C GLU B 140 19.87 -7.01 47.36
N ALA B 141 18.95 -7.66 46.65
CA ALA B 141 18.35 -7.10 45.44
C ALA B 141 17.56 -5.82 45.75
N LEU B 142 16.97 -5.76 46.95
CA LEU B 142 16.24 -4.58 47.39
C LEU B 142 16.99 -3.31 47.01
N ASN B 143 18.31 -3.34 47.17
CA ASN B 143 19.15 -2.17 46.99
C ASN B 143 19.82 -2.18 45.61
N GLU B 144 20.30 -3.35 45.14
CA GLU B 144 21.18 -3.41 43.98
C GLU B 144 20.39 -3.46 42.67
N HIS B 145 19.11 -3.82 42.72
CA HIS B 145 18.35 -4.05 41.49
C HIS B 145 18.11 -2.76 40.71
N ILE B 146 18.37 -1.59 41.33
CA ILE B 146 17.96 -0.33 40.72
C ILE B 146 18.80 -0.06 39.47
N VAL B 147 19.97 -0.67 39.34
CA VAL B 147 20.85 -0.38 38.21
C VAL B 147 20.55 -1.29 37.03
N GLY B 148 19.63 -2.25 37.22
CA GLY B 148 19.06 -3.01 36.13
C GLY B 148 20.04 -3.96 35.46
N ARG B 149 20.82 -4.69 36.29
CA ARG B 149 21.75 -5.71 35.82
C ARG B 149 21.30 -7.09 36.33
N TYR B 150 21.84 -8.14 35.70
CA TYR B 150 21.68 -9.52 36.15
C TYR B 150 22.05 -9.66 37.62
N TRP B 151 21.15 -10.27 38.39
CA TRP B 151 21.37 -10.51 39.80
C TRP B 151 21.75 -11.98 39.98
N PRO B 152 23.04 -12.28 40.28
CA PRO B 152 23.51 -13.66 40.43
C PRO B 152 23.05 -14.31 41.71
N GLU B 153 23.14 -15.64 41.75
CA GLU B 153 22.74 -16.39 42.94
C GLU B 153 23.77 -16.16 44.03
N PRO B 154 23.42 -16.42 45.31
CA PRO B 154 24.35 -16.23 46.43
C PRO B 154 25.77 -16.72 46.20
N ALA B 155 25.95 -17.97 45.79
CA ALA B 155 27.29 -18.54 45.63
C ALA B 155 28.12 -17.70 44.66
N GLU B 156 27.51 -17.27 43.55
CA GLU B 156 28.22 -16.45 42.58
C GLU B 156 28.55 -15.08 43.16
N ARG B 157 27.64 -14.51 43.97
CA ARG B 157 27.89 -13.21 44.57
C ARG B 157 29.04 -13.30 45.58
N ILE B 158 29.22 -14.47 46.20
CA ILE B 158 30.37 -14.71 47.05
C ILE B 158 31.64 -14.62 46.21
N ARG B 159 31.64 -15.23 45.02
CA ARG B 159 32.82 -15.18 44.15
C ARG B 159 33.13 -13.73 43.81
N MET B 160 32.08 -12.93 43.55
CA MET B 160 32.25 -11.51 43.24
C MET B 160 32.83 -10.78 44.46
N LEU B 161 32.37 -11.13 45.67
CA LEU B 161 32.82 -10.50 46.90
C LEU B 161 34.31 -10.77 47.12
N ILE B 162 34.73 -12.00 46.87
CA ILE B 162 36.12 -12.37 47.09
C ILE B 162 37.03 -11.57 46.14
N GLU B 163 36.56 -11.34 44.92
CA GLU B 163 37.35 -10.57 43.96
C GLU B 163 37.38 -9.10 44.41
N ALA B 164 36.25 -8.59 44.89
CA ALA B 164 36.19 -7.22 45.37
C ALA B 164 37.16 -7.02 46.54
N ILE B 165 37.27 -8.03 47.41
CA ILE B 165 38.18 -7.97 48.54
C ILE B 165 39.61 -7.85 48.04
N GLU B 166 39.92 -8.55 46.96
CA GLU B 166 41.25 -8.48 46.40
C GLU B 166 41.53 -7.07 45.90
N VAL B 167 40.54 -6.42 45.30
CA VAL B 167 40.70 -5.08 44.77
C VAL B 167 40.93 -4.06 45.88
N ILE B 168 40.11 -4.14 46.93
CA ILE B 168 40.19 -3.22 48.04
C ILE B 168 41.57 -3.35 48.68
N GLN B 169 42.05 -4.58 48.82
CA GLN B 169 43.29 -4.82 49.50
C GLN B 169 44.47 -4.31 48.67
N LYS B 170 44.39 -4.44 47.34
CA LYS B 170 45.47 -3.93 46.52
C LYS B 170 45.52 -2.42 46.67
N LEU B 171 44.37 -1.77 46.61
CA LEU B 171 44.34 -0.32 46.73
C LEU B 171 44.82 0.14 48.10
N PHE B 172 44.56 -0.67 49.13
CA PHE B 172 44.95 -0.32 50.49
C PHE B 172 46.48 -0.36 50.67
N THR B 173 47.21 -1.02 49.76
CA THR B 173 48.66 -1.04 49.81
C THR B 173 49.22 0.35 49.55
N GLY B 174 48.48 1.23 48.89
CA GLY B 174 48.94 2.59 48.68
C GLY B 174 49.87 2.72 47.48
N LYS B 175 50.06 1.65 46.71
CA LYS B 175 50.85 1.68 45.50
C LYS B 175 49.90 1.79 44.31
N VAL B 176 50.48 2.01 43.12
CA VAL B 176 49.71 2.00 41.88
C VAL B 176 49.41 0.54 41.53
N ILE B 177 48.14 0.21 41.33
CA ILE B 177 47.76 -1.18 41.13
C ILE B 177 46.86 -1.32 39.91
N ARG B 178 46.85 -2.53 39.36
CA ARG B 178 45.99 -2.93 38.26
C ARG B 178 45.27 -4.19 38.71
N HIS B 179 44.13 -4.51 38.10
CA HIS B 179 43.46 -5.75 38.40
C HIS B 179 42.68 -6.18 37.16
N GLU B 180 42.69 -7.47 36.88
CA GLU B 180 41.89 -8.01 35.80
C GLU B 180 41.43 -9.40 36.21
N GLY B 181 40.19 -9.53 36.65
CA GLY B 181 39.64 -10.84 37.00
C GLY B 181 38.33 -11.10 36.27
N VAL B 182 37.57 -12.08 36.72
CA VAL B 182 36.31 -12.41 36.06
C VAL B 182 35.31 -11.25 36.12
N TYR B 183 35.22 -10.55 37.25
CA TYR B 183 34.13 -9.62 37.46
C TYR B 183 34.57 -8.15 37.35
N PHE B 184 35.83 -7.82 37.68
CA PHE B 184 36.23 -6.42 37.75
C PHE B 184 37.51 -6.18 36.96
N LYS B 185 37.62 -4.96 36.43
CA LYS B 185 38.81 -4.48 35.76
C LYS B 185 39.18 -3.16 36.41
N VAL B 186 40.43 -3.05 36.86
CA VAL B 186 40.91 -1.81 37.43
C VAL B 186 42.16 -1.40 36.66
N GLU B 187 42.07 -0.22 36.00
CA GLU B 187 43.23 0.37 35.36
C GLU B 187 44.09 1.06 36.42
N SER B 188 45.34 1.42 36.02
CA SER B 188 46.30 2.03 36.95
C SER B 188 45.62 3.00 37.93
N ALA B 189 45.54 2.57 39.19
CA ALA B 189 44.87 3.31 40.24
C ALA B 189 45.68 3.30 41.54
N LYS B 190 45.60 4.41 42.29
CA LYS B 190 46.24 4.56 43.58
C LYS B 190 45.45 5.49 44.50
N LEU B 191 45.40 5.14 45.78
CA LEU B 191 44.79 6.00 46.78
C LEU B 191 45.86 6.94 47.33
N TYR B 192 45.76 8.22 46.97
CA TYR B 192 46.73 9.22 47.44
C TYR B 192 46.40 9.69 48.85
N THR B 193 45.12 9.67 49.21
CA THR B 193 44.67 10.00 50.55
C THR B 193 44.43 8.71 51.34
N MET B 194 45.37 8.37 52.24
CA MET B 194 45.34 7.15 53.04
C MET B 194 45.64 7.50 54.50
N PRO B 195 45.18 6.67 55.46
CA PRO B 195 45.73 6.72 56.81
C PRO B 195 47.06 5.98 56.88
N ASP B 196 47.77 6.16 57.98
CA ASP B 196 49.05 5.49 58.19
C ASP B 196 48.81 3.99 58.21
N VAL B 197 47.67 3.57 58.75
CA VAL B 197 47.29 2.17 58.77
C VAL B 197 45.88 2.02 58.24
N PRO B 198 45.64 1.11 57.26
CA PRO B 198 44.32 1.00 56.62
C PRO B 198 43.27 0.49 57.59
N PRO B 199 41.98 0.79 57.35
CA PRO B 199 40.92 0.31 58.23
C PRO B 199 40.77 -1.20 58.00
N PRO B 200 40.29 -1.92 59.03
CA PRO B 200 40.04 -3.35 58.89
C PRO B 200 38.84 -3.59 57.96
N ILE B 201 38.92 -4.68 57.23
CA ILE B 201 37.82 -5.15 56.41
C ILE B 201 37.08 -6.25 57.17
N ILE B 202 35.82 -5.99 57.45
CA ILE B 202 34.96 -6.90 58.17
C ILE B 202 33.94 -7.49 57.20
N VAL B 203 33.79 -8.81 57.16
CA VAL B 203 32.82 -9.41 56.27
C VAL B 203 31.57 -9.78 57.06
N GLY B 204 30.42 -9.30 56.58
CA GLY B 204 29.13 -9.68 57.14
C GLY B 204 28.55 -10.89 56.40
N THR B 205 28.45 -12.04 57.07
CA THR B 205 27.97 -13.27 56.45
C THR B 205 27.41 -14.22 57.51
N ALA B 206 26.49 -15.09 57.08
CA ALA B 206 25.99 -16.14 57.93
C ALA B 206 26.35 -17.51 57.34
N GLY B 207 27.25 -17.54 56.34
CA GLY B 207 27.59 -18.77 55.63
C GLY B 207 28.93 -19.34 56.07
N PRO B 208 28.99 -20.64 56.45
CA PRO B 208 30.26 -21.25 56.86
C PRO B 208 31.41 -21.11 55.87
N TYR B 209 31.11 -21.18 54.56
CA TYR B 209 32.14 -21.05 53.55
C TYR B 209 32.76 -19.66 53.63
N MET B 210 31.91 -18.61 53.63
CA MET B 210 32.41 -17.25 53.57
C MET B 210 33.07 -16.87 54.89
N ALA B 211 32.63 -17.47 56.00
CA ALA B 211 33.28 -17.24 57.29
C ALA B 211 34.74 -17.68 57.24
N LYS B 212 35.01 -18.85 56.65
CA LYS B 212 36.37 -19.34 56.53
C LYS B 212 37.18 -18.39 55.66
N LYS B 213 36.58 -17.92 54.57
CA LYS B 213 37.27 -17.05 53.64
C LYS B 213 37.54 -15.72 54.30
N THR B 214 36.66 -15.31 55.23
CA THR B 214 36.82 -14.05 55.93
C THR B 214 38.08 -14.11 56.79
N GLY B 215 38.26 -15.23 57.49
CA GLY B 215 39.42 -15.40 58.34
C GLY B 215 40.69 -15.44 57.51
N GLN B 216 40.58 -16.04 56.34
CA GLN B 216 41.73 -16.20 55.47
C GLN B 216 42.15 -14.89 54.81
N LEU B 217 41.19 -14.04 54.42
CA LEU B 217 41.45 -12.93 53.50
C LEU B 217 41.31 -11.57 54.18
N CYS B 218 40.55 -11.46 55.27
CA CYS B 218 40.15 -10.17 55.81
C CYS B 218 40.53 -10.10 57.29
N ASP B 219 39.92 -9.15 58.02
CA ASP B 219 40.41 -8.80 59.35
C ASP B 219 39.44 -9.23 60.44
N GLY B 220 38.14 -9.36 60.11
CA GLY B 220 37.17 -9.68 61.12
C GLY B 220 35.84 -10.12 60.53
N LEU B 221 35.00 -10.70 61.42
CA LEU B 221 33.73 -11.27 61.03
C LEU B 221 32.58 -10.52 61.69
N LEU B 222 31.50 -10.32 60.93
CA LEU B 222 30.24 -9.80 61.43
C LEU B 222 29.12 -10.75 61.02
N THR B 223 28.31 -11.16 61.98
CA THR B 223 27.29 -12.16 61.72
C THR B 223 25.99 -11.72 62.38
N PRO B 224 24.81 -12.16 61.88
CA PRO B 224 23.55 -11.91 62.60
C PRO B 224 23.34 -12.90 63.72
N GLY B 225 22.37 -12.61 64.60
CA GLY B 225 21.98 -13.50 65.68
C GLY B 225 21.46 -14.81 65.11
N ALA B 226 21.72 -15.92 65.82
CA ALA B 226 21.30 -17.25 65.41
C ALA B 226 21.51 -18.16 66.60
N ASN B 227 21.07 -19.42 66.51
CA ASN B 227 21.24 -20.33 67.62
C ASN B 227 22.72 -20.56 67.87
N ASP B 228 23.01 -21.12 69.07
CA ASP B 228 24.37 -21.33 69.53
C ASP B 228 25.17 -22.19 68.56
N GLU B 229 24.55 -23.27 68.09
CA GLU B 229 25.23 -24.25 67.26
C GLU B 229 25.80 -23.58 66.00
N LYS B 230 24.99 -22.71 65.41
CA LYS B 230 25.32 -22.10 64.13
C LYS B 230 26.33 -20.97 64.32
N LEU B 231 26.26 -20.26 65.45
CA LEU B 231 27.21 -19.22 65.77
C LEU B 231 28.58 -19.86 66.06
N ARG B 232 28.56 -20.98 66.74
CA ARG B 232 29.79 -21.61 67.16
C ARG B 232 30.50 -22.17 65.95
N LEU B 233 29.72 -22.57 64.94
CA LEU B 233 30.27 -23.08 63.68
C LEU B 233 30.91 -21.95 62.88
N LEU B 234 30.25 -20.79 62.81
CA LEU B 234 30.78 -19.63 62.10
C LEU B 234 32.08 -19.16 62.76
N LEU B 235 32.12 -19.04 64.09
CA LEU B 235 33.32 -18.62 64.80
C LEU B 235 34.45 -19.57 64.51
N SER B 236 34.11 -20.85 64.54
CA SER B 236 35.04 -21.94 64.38
C SER B 236 35.67 -21.90 62.98
N ARG B 237 34.84 -21.72 61.96
CA ARG B 237 35.29 -21.64 60.58
C ARG B 237 36.15 -20.42 60.32
N PHE B 238 35.76 -19.27 60.89
CA PHE B 238 36.52 -18.05 60.79
C PHE B 238 37.91 -18.26 61.40
N GLU B 239 37.94 -18.92 62.56
CA GLU B 239 39.19 -19.13 63.27
C GLU B 239 40.11 -20.03 62.44
N GLU B 240 39.58 -21.12 61.89
CA GLU B 240 40.46 -22.08 61.22
C GLU B 240 40.87 -21.54 59.85
N GLY B 241 40.06 -20.64 59.28
CA GLY B 241 40.48 -19.95 58.06
C GLY B 241 41.70 -19.07 58.30
N ALA B 242 41.68 -18.36 59.44
CA ALA B 242 42.73 -17.43 59.80
C ALA B 242 44.02 -18.18 60.11
N ARG B 243 43.92 -19.27 60.90
CA ARG B 243 45.08 -20.07 61.22
C ARG B 243 45.70 -20.63 59.95
N ALA B 244 44.86 -21.17 59.05
CA ALA B 244 45.37 -21.76 57.82
C ALA B 244 46.21 -20.75 57.06
N ALA B 245 45.90 -19.45 57.19
CA ALA B 245 46.60 -18.41 56.47
C ALA B 245 47.66 -17.73 57.34
N GLY B 246 47.96 -18.28 58.50
CA GLY B 246 49.10 -17.83 59.30
C GLY B 246 48.77 -16.65 60.22
N LYS B 247 47.49 -16.31 60.39
CA LYS B 247 47.07 -15.21 61.24
C LYS B 247 46.72 -15.73 62.63
N ASP B 248 46.67 -14.83 63.63
CA ASP B 248 46.28 -15.16 65.01
C ASP B 248 44.83 -14.71 65.23
N PRO B 249 43.84 -15.64 65.21
CA PRO B 249 42.44 -15.28 65.30
C PRO B 249 41.98 -14.72 66.63
N ARG B 250 42.82 -14.86 67.65
CA ARG B 250 42.48 -14.39 68.98
C ARG B 250 42.63 -12.86 69.01
N ARG B 251 43.37 -12.30 68.05
CA ARG B 251 43.51 -10.85 67.94
C ARG B 251 42.66 -10.29 66.79
N MET B 252 41.69 -11.04 66.28
CA MET B 252 40.82 -10.60 65.19
C MET B 252 39.39 -10.46 65.69
N PRO B 253 38.71 -9.31 65.44
CA PRO B 253 37.38 -9.08 65.99
C PRO B 253 36.30 -10.02 65.46
N ARG B 254 35.38 -10.37 66.36
CA ARG B 254 34.26 -11.25 66.11
C ARG B 254 32.98 -10.54 66.54
N MET B 255 32.20 -10.04 65.59
CA MET B 255 31.15 -9.08 65.84
C MET B 255 29.80 -9.68 65.48
N ILE B 256 28.75 -9.29 66.23
CA ILE B 256 27.41 -9.79 65.97
C ILE B 256 26.43 -8.62 66.00
N GLN B 257 25.43 -8.69 65.12
CA GLN B 257 24.38 -7.71 65.04
C GLN B 257 23.06 -8.38 65.42
N VAL B 258 22.34 -7.82 66.41
CA VAL B 258 21.08 -8.38 66.85
C VAL B 258 19.95 -7.36 66.74
N HIS B 259 18.73 -7.85 66.57
CA HIS B 259 17.54 -7.02 66.57
C HIS B 259 16.74 -7.35 67.83
N VAL B 260 16.42 -6.31 68.60
CA VAL B 260 15.62 -6.46 69.80
C VAL B 260 14.48 -5.45 69.77
N SER B 261 13.47 -5.70 70.60
CA SER B 261 12.39 -4.75 70.79
C SER B 261 12.26 -4.54 72.30
N TRP B 262 12.67 -3.34 72.75
CA TRP B 262 12.40 -2.91 74.10
C TRP B 262 11.31 -1.83 74.04
N ALA B 263 10.42 -1.90 75.03
CA ALA B 263 9.43 -0.86 75.28
C ALA B 263 9.00 -0.96 76.75
N GLU B 264 8.05 -0.10 77.12
CA GLU B 264 7.62 0.04 78.48
C GLU B 264 6.90 -1.23 78.96
N THR B 265 6.15 -1.91 78.08
CA THR B 265 5.54 -3.20 78.41
C THR B 265 5.83 -4.22 77.31
N ASP B 266 5.62 -5.51 77.66
CA ASP B 266 5.79 -6.58 76.70
C ASP B 266 4.85 -6.36 75.52
N GLU B 267 3.64 -5.85 75.80
CA GLU B 267 2.68 -5.64 74.73
C GLU B 267 3.20 -4.65 73.70
N GLN B 268 3.70 -3.48 74.11
CA GLN B 268 4.17 -2.48 73.15
C GLN B 268 5.42 -3.00 72.42
N ALA B 269 6.22 -3.83 73.11
CA ALA B 269 7.43 -4.39 72.52
C ALA B 269 7.09 -5.31 71.35
N ILE B 270 6.07 -6.15 71.54
CA ILE B 270 5.60 -7.06 70.51
C ILE B 270 5.01 -6.29 69.33
N GLU B 271 4.11 -5.32 69.60
CA GLU B 271 3.47 -4.57 68.52
C GLU B 271 4.51 -3.75 67.75
N ASN B 272 5.51 -3.20 68.46
CA ASN B 272 6.55 -2.43 67.81
C ASN B 272 7.26 -3.29 66.75
N ALA B 273 7.59 -4.53 67.12
CA ALA B 273 8.30 -5.43 66.23
C ALA B 273 7.42 -5.77 65.02
N LEU B 274 6.13 -5.99 65.29
CA LEU B 274 5.21 -6.46 64.28
C LEU B 274 4.96 -5.35 63.24
N ARG B 275 4.87 -4.09 63.68
CA ARG B 275 4.53 -3.01 62.78
C ARG B 275 5.79 -2.45 62.10
N GLU B 276 6.94 -2.41 62.80
CA GLU B 276 8.09 -1.66 62.32
C GLU B 276 9.12 -2.53 61.59
N TRP B 277 9.15 -3.84 61.93
CA TRP B 277 10.21 -4.74 61.48
C TRP B 277 9.61 -6.11 61.17
N PRO B 278 8.57 -6.19 60.31
CA PRO B 278 7.99 -7.48 59.94
C PRO B 278 8.99 -8.38 59.22
N ASN B 279 9.98 -7.80 58.54
CA ASN B 279 11.03 -8.56 57.89
C ASN B 279 11.79 -9.44 58.90
N GLY B 280 11.77 -9.04 60.17
CA GLY B 280 12.35 -9.86 61.23
C GLY B 280 11.58 -11.16 61.47
N GLY B 281 10.35 -11.28 60.96
CA GLY B 281 9.57 -12.50 61.12
C GLY B 281 9.55 -13.34 59.85
N MET B 282 10.38 -12.92 58.89
CA MET B 282 10.44 -13.59 57.60
C MET B 282 11.68 -14.50 57.61
N ALA B 283 11.47 -15.72 58.11
CA ALA B 283 12.51 -16.70 58.30
C ALA B 283 12.78 -17.41 56.99
N PHE B 284 13.36 -16.67 56.03
CA PHE B 284 13.54 -17.19 54.69
C PHE B 284 14.45 -16.21 53.94
N PRO B 285 15.13 -16.65 52.87
CA PRO B 285 16.14 -15.80 52.22
C PRO B 285 15.44 -14.64 51.53
N LYS B 286 15.97 -13.42 51.72
CA LYS B 286 15.27 -12.22 51.28
C LYS B 286 16.06 -11.45 50.24
N GLY B 287 17.16 -12.00 49.75
CA GLY B 287 18.08 -11.27 48.90
C GLY B 287 17.69 -11.21 47.44
N ASP B 288 16.56 -11.82 47.03
CA ASP B 288 16.11 -11.79 45.64
C ASP B 288 14.92 -10.84 45.44
N ILE B 289 14.29 -10.40 46.54
CA ILE B 289 13.09 -9.57 46.50
C ILE B 289 13.45 -8.12 46.23
N ARG B 290 12.82 -7.54 45.21
CA ARG B 290 13.26 -6.27 44.63
C ARG B 290 12.67 -5.04 45.32
N ASN B 291 11.39 -5.09 45.70
CA ASN B 291 10.69 -3.86 46.01
C ASN B 291 10.20 -3.79 47.45
N PRO B 292 10.21 -2.58 48.04
CA PRO B 292 9.57 -2.38 49.34
C PRO B 292 8.11 -2.83 49.34
N GLU B 293 7.42 -2.60 48.20
CA GLU B 293 5.99 -2.92 48.10
C GLU B 293 5.80 -4.43 48.19
N ASP B 294 6.79 -5.20 47.73
CA ASP B 294 6.77 -6.65 47.83
C ASP B 294 6.86 -7.10 49.30
N PHE B 295 7.83 -6.55 50.05
CA PHE B 295 7.98 -6.90 51.45
C PHE B 295 6.72 -6.52 52.22
N GLN B 296 6.18 -5.34 51.91
CA GLN B 296 5.00 -4.84 52.60
C GLN B 296 3.83 -5.79 52.43
N ALA B 297 3.65 -6.32 51.21
CA ALA B 297 2.59 -7.29 50.95
C ALA B 297 2.84 -8.62 51.68
N MET B 298 4.11 -9.05 51.74
CA MET B 298 4.48 -10.27 52.45
C MET B 298 4.30 -10.12 53.95
N ALA B 299 4.39 -8.89 54.45
CA ALA B 299 4.28 -8.60 55.86
C ALA B 299 2.89 -8.96 56.40
N ARG B 300 1.88 -8.89 55.53
CA ARG B 300 0.52 -9.26 55.91
C ARG B 300 0.45 -10.69 56.44
N LEU B 301 1.43 -11.55 56.16
CA LEU B 301 1.45 -12.92 56.68
C LEU B 301 2.05 -13.02 58.09
N VAL B 302 2.86 -12.03 58.48
CA VAL B 302 3.74 -12.17 59.64
C VAL B 302 2.92 -12.06 60.92
N ARG B 303 3.25 -12.91 61.91
CA ARG B 303 2.55 -12.95 63.18
C ARG B 303 3.57 -12.93 64.32
N PRO B 304 3.17 -12.60 65.58
CA PRO B 304 4.12 -12.57 66.70
C PRO B 304 4.97 -13.83 66.92
N GLU B 305 4.38 -15.01 66.65
CA GLU B 305 5.03 -16.31 66.81
C GLU B 305 6.30 -16.41 65.95
N HIS B 306 6.30 -15.80 64.75
CA HIS B 306 7.38 -15.96 63.78
C HIS B 306 8.67 -15.25 64.19
N PHE B 307 8.65 -14.57 65.35
CA PHE B 307 9.79 -13.79 65.82
C PHE B 307 10.58 -14.53 66.89
N GLN B 308 10.04 -15.61 67.48
CA GLN B 308 10.75 -16.30 68.55
C GLN B 308 12.08 -16.85 68.02
N GLY B 309 13.14 -16.78 68.84
CA GLY B 309 14.48 -17.14 68.41
C GLY B 309 15.15 -15.99 67.65
N ARG B 310 14.36 -15.14 66.98
CA ARG B 310 14.85 -14.26 65.93
C ARG B 310 14.89 -12.79 66.40
N VAL B 311 13.94 -12.35 67.22
CA VAL B 311 13.94 -11.00 67.77
C VAL B 311 13.42 -11.07 69.20
N LEU B 312 14.24 -10.58 70.14
CA LEU B 312 13.89 -10.56 71.55
C LEU B 312 12.90 -9.41 71.78
N MET B 313 11.73 -9.74 72.33
CA MET B 313 10.64 -8.80 72.49
C MET B 313 10.22 -8.79 73.97
N THR B 314 10.73 -7.84 74.76
CA THR B 314 10.43 -7.81 76.19
C THR B 314 10.82 -6.45 76.77
N SER B 315 10.12 -6.07 77.85
CA SER B 315 10.40 -4.86 78.60
C SER B 315 11.39 -5.12 79.73
N ASP B 316 11.67 -6.39 80.00
CA ASP B 316 12.54 -6.80 81.11
C ASP B 316 14.00 -6.58 80.66
N LEU B 317 14.65 -5.54 81.23
CA LEU B 317 15.98 -5.16 80.80
C LEU B 317 17.03 -6.12 81.32
N ASP B 318 16.72 -6.85 82.40
CA ASP B 318 17.58 -7.95 82.85
C ASP B 318 17.70 -8.98 81.74
N ARG B 319 16.58 -9.29 81.08
CA ARG B 319 16.52 -10.34 80.08
C ARG B 319 17.30 -9.89 78.84
N HIS B 320 17.21 -8.61 78.51
CA HIS B 320 18.08 -8.00 77.50
C HIS B 320 19.55 -8.22 77.85
N GLY B 321 19.94 -7.94 79.09
CA GLY B 321 21.32 -8.08 79.51
C GLY B 321 21.82 -9.51 79.42
N GLU B 322 20.99 -10.48 79.82
CA GLU B 322 21.37 -11.89 79.81
C GLU B 322 21.55 -12.37 78.38
N PHE B 323 20.68 -11.90 77.48
CA PHE B 323 20.77 -12.24 76.08
C PHE B 323 22.10 -11.79 75.52
N LEU B 324 22.48 -10.55 75.82
CA LEU B 324 23.70 -9.95 75.29
C LEU B 324 24.93 -10.61 75.90
N GLN B 325 24.91 -10.86 77.21
CA GLN B 325 26.03 -11.46 77.91
C GLN B 325 26.35 -12.84 77.35
N HIS B 326 25.30 -13.59 77.01
CA HIS B 326 25.43 -14.91 76.45
C HIS B 326 26.29 -14.88 75.18
N LEU B 327 26.05 -13.87 74.35
CA LEU B 327 26.76 -13.72 73.09
C LEU B 327 28.22 -13.40 73.37
N ILE B 328 28.49 -12.61 74.42
CA ILE B 328 29.86 -12.28 74.77
C ILE B 328 30.59 -13.58 75.14
N ASP B 329 29.88 -14.43 75.88
CA ASP B 329 30.39 -15.67 76.41
C ASP B 329 30.68 -16.67 75.29
N LEU B 330 29.89 -16.64 74.21
CA LEU B 330 30.18 -17.48 73.06
C LEU B 330 31.51 -17.10 72.40
N GLY B 331 31.95 -15.83 72.56
CA GLY B 331 33.24 -15.39 72.05
C GLY B 331 33.10 -14.19 71.12
N PHE B 332 31.95 -13.54 71.08
CA PHE B 332 31.83 -12.28 70.35
C PHE B 332 32.51 -11.19 71.17
N THR B 333 33.28 -10.34 70.49
CA THR B 333 34.03 -9.26 71.09
C THR B 333 33.33 -7.92 70.86
N GLU B 334 32.32 -7.89 69.99
CA GLU B 334 31.53 -6.68 69.78
C GLU B 334 30.08 -7.07 69.52
N ILE B 335 29.13 -6.29 70.06
CA ILE B 335 27.72 -6.51 69.76
C ILE B 335 27.12 -5.17 69.34
N TYR B 336 26.36 -5.20 68.24
CA TYR B 336 25.64 -4.04 67.78
C TYR B 336 24.15 -4.33 67.93
N VAL B 337 23.44 -3.42 68.62
CA VAL B 337 22.04 -3.64 68.96
C VAL B 337 21.14 -2.69 68.17
N HIS B 338 20.17 -3.28 67.47
CA HIS B 338 19.12 -2.55 66.79
C HIS B 338 17.81 -2.70 67.56
N ASN B 339 17.34 -1.63 68.18
CA ASN B 339 15.98 -1.61 68.70
C ASN B 339 15.03 -1.31 67.54
N VAL B 340 13.99 -2.12 67.36
CA VAL B 340 13.15 -2.02 66.18
C VAL B 340 12.07 -0.96 66.34
N GLY B 341 11.72 -0.61 67.58
CA GLY B 341 10.69 0.40 67.84
C GLY B 341 11.21 1.80 67.48
N ARG B 342 10.27 2.75 67.36
CA ARG B 342 10.59 4.13 67.07
C ARG B 342 10.99 4.87 68.35
N ASN B 343 10.91 4.19 69.51
CA ASN B 343 11.27 4.75 70.79
C ASN B 343 12.77 4.70 71.01
N GLN B 344 13.55 5.32 70.11
CA GLN B 344 14.99 5.17 70.07
C GLN B 344 15.64 5.88 71.26
N GLU B 345 15.15 7.07 71.60
CA GLU B 345 15.75 7.84 72.68
C GLU B 345 15.57 7.13 74.02
N GLU B 346 14.37 6.61 74.28
CA GLU B 346 14.05 5.97 75.55
C GLU B 346 14.87 4.69 75.64
N PHE B 347 15.02 4.00 74.51
CA PHE B 347 15.77 2.76 74.42
C PHE B 347 17.24 2.99 74.77
N ILE B 348 17.84 4.03 74.18
CA ILE B 348 19.24 4.35 74.45
C ILE B 348 19.44 4.67 75.92
N ARG B 349 18.55 5.47 76.53
CA ARG B 349 18.67 5.81 77.93
C ARG B 349 18.48 4.60 78.81
N ALA B 350 17.55 3.72 78.45
CA ALA B 350 17.24 2.53 79.23
C ALA B 350 18.41 1.55 79.24
N TYR B 351 19.02 1.32 78.07
CA TYR B 351 20.20 0.48 77.96
C TYR B 351 21.37 1.11 78.70
N GLY B 352 21.52 2.44 78.61
CA GLY B 352 22.59 3.15 79.30
C GLY B 352 22.57 2.96 80.81
N ARG B 353 21.37 2.95 81.41
CA ARG B 353 21.20 2.84 82.84
C ARG B 353 21.27 1.37 83.27
N ALA B 354 20.51 0.49 82.60
CA ALA B 354 20.23 -0.84 83.12
C ALA B 354 21.05 -1.95 82.47
N VAL B 355 21.60 -1.76 81.27
CA VAL B 355 22.21 -2.86 80.54
C VAL B 355 23.72 -2.69 80.40
N ILE B 356 24.16 -1.62 79.73
CA ILE B 356 25.56 -1.46 79.35
C ILE B 356 26.47 -1.55 80.58
N PRO B 357 26.13 -0.92 81.72
CA PRO B 357 26.97 -1.00 82.91
C PRO B 357 27.18 -2.39 83.47
N HIS B 358 26.29 -3.34 83.15
CA HIS B 358 26.30 -4.65 83.78
C HIS B 358 26.92 -5.70 82.85
N LEU B 359 27.33 -5.34 81.63
CA LEU B 359 27.91 -6.29 80.70
C LEU B 359 29.39 -6.51 81.00
N ARG B 360 29.82 -7.77 81.10
CA ARG B 360 31.20 -8.13 81.36
C ARG B 360 31.89 -8.49 80.06
N TRP B 361 32.75 -7.59 79.58
CA TRP B 361 33.60 -7.82 78.41
C TRP B 361 34.97 -8.32 78.82
N PRO B 362 35.55 -9.34 78.16
CA PRO B 362 36.94 -9.73 78.42
C PRO B 362 37.86 -8.54 78.17
N ALA B 363 38.83 -8.31 79.05
CA ALA B 363 39.79 -7.24 78.84
C ALA B 363 40.67 -7.56 77.64
N ASP B 364 41.12 -6.51 76.93
CA ASP B 364 41.97 -6.63 75.75
C ASP B 364 41.30 -7.53 74.70
N ALA B 365 39.97 -7.47 74.59
CA ALA B 365 39.30 -8.14 73.49
C ALA B 365 39.56 -7.32 72.24
N PRO B 366 39.82 -7.96 71.08
CA PRO B 366 39.98 -7.22 69.83
C PRO B 366 38.67 -6.60 69.35
N VAL B 367 38.80 -5.44 68.71
CA VAL B 367 37.68 -4.59 68.32
C VAL B 367 38.04 -4.03 66.94
N ALA B 368 37.02 -3.69 66.13
CA ALA B 368 37.25 -3.26 64.78
C ALA B 368 37.87 -1.86 64.75
N GLN B 369 39.18 -1.83 64.42
CA GLN B 369 40.04 -0.67 64.60
C GLN B 369 41.44 -0.99 64.06
N ALA B 370 42.29 0.00 63.76
CA ALA B 370 43.58 -0.34 63.14
C ALA B 370 44.67 -0.71 64.16
N MET C 30 -29.75 -27.55 33.90
CA MET C 30 -30.37 -26.32 33.31
C MET C 30 -29.26 -25.60 32.52
N GLY C 31 -29.66 -24.78 31.52
CA GLY C 31 -28.70 -24.00 30.74
C GLY C 31 -29.09 -23.83 29.26
N ARG C 32 -28.93 -22.61 28.72
CA ARG C 32 -29.21 -22.29 27.32
C ARG C 32 -28.24 -23.01 26.40
N GLY C 33 -26.95 -23.09 26.76
CA GLY C 33 -25.95 -23.85 26.00
C GLY C 33 -25.64 -25.21 26.64
N SER C 34 -24.98 -26.10 25.90
CA SER C 34 -24.49 -27.40 26.36
C SER C 34 -23.68 -27.29 27.65
N SER C 35 -23.80 -28.33 28.48
CA SER C 35 -23.01 -28.51 29.69
C SER C 35 -21.53 -28.67 29.34
N ARG C 36 -20.69 -27.92 30.07
CA ARG C 36 -19.25 -27.95 29.85
C ARG C 36 -18.54 -27.30 31.04
N LEU C 37 -17.24 -27.62 31.17
CA LEU C 37 -16.35 -26.98 32.13
C LEU C 37 -14.91 -27.34 31.78
N GLY C 38 -13.97 -26.53 32.26
CA GLY C 38 -12.56 -26.77 32.04
C GLY C 38 -11.88 -27.42 33.25
N TYR C 39 -10.91 -28.30 32.95
CA TYR C 39 -10.10 -28.95 33.95
C TYR C 39 -8.69 -28.40 33.85
N SER C 40 -8.15 -27.93 34.99
CA SER C 40 -6.75 -27.54 35.10
C SER C 40 -5.90 -28.77 35.44
N ALA C 41 -4.93 -29.06 34.55
CA ALA C 41 -3.91 -30.06 34.77
C ALA C 41 -2.70 -29.41 35.45
N SER C 42 -2.51 -29.73 36.74
CA SER C 42 -1.48 -29.12 37.55
C SER C 42 -0.20 -29.95 37.46
N PHE C 43 0.70 -29.54 36.55
CA PHE C 43 1.96 -30.25 36.34
C PHE C 43 2.89 -30.07 37.55
N GLU C 44 2.63 -29.02 38.33
CA GLU C 44 3.38 -28.75 39.55
C GLU C 44 3.25 -29.92 40.53
N GLN C 45 2.08 -30.59 40.53
CA GLN C 45 1.72 -31.53 41.59
C GLN C 45 1.67 -32.99 41.15
N PHE C 46 1.32 -33.27 39.88
CA PHE C 46 0.95 -34.62 39.47
C PHE C 46 1.82 -35.14 38.34
N HIS C 47 2.17 -36.42 38.45
CA HIS C 47 2.88 -37.13 37.41
C HIS C 47 2.09 -37.01 36.12
N PRO C 48 2.74 -36.74 34.98
CA PRO C 48 2.01 -36.59 33.72
C PRO C 48 1.22 -37.81 33.24
N SER C 49 1.64 -39.01 33.63
CA SER C 49 0.87 -40.20 33.32
C SER C 49 -0.48 -40.16 34.02
N ASP C 50 -0.49 -39.71 35.28
CA ASP C 50 -1.73 -39.56 36.02
C ASP C 50 -2.63 -38.50 35.38
N LEU C 51 -2.04 -37.39 34.95
CA LEU C 51 -2.80 -36.28 34.40
C LEU C 51 -3.49 -36.70 33.12
N LEU C 52 -2.81 -37.52 32.32
CA LEU C 52 -3.39 -38.03 31.09
C LEU C 52 -4.62 -38.87 31.39
N ARG C 53 -4.51 -39.77 32.38
CA ARG C 53 -5.61 -40.65 32.76
C ARG C 53 -6.78 -39.82 33.29
N TRP C 54 -6.48 -38.81 34.10
CA TRP C 54 -7.51 -37.98 34.71
C TRP C 54 -8.21 -37.11 33.69
N CYS C 55 -7.49 -36.63 32.67
CA CYS C 55 -8.12 -35.87 31.60
C CYS C 55 -9.07 -36.77 30.80
N GLN C 56 -8.66 -38.02 30.56
CA GLN C 56 -9.51 -38.98 29.86
C GLN C 56 -10.80 -39.22 30.63
N LEU C 57 -10.68 -39.31 31.96
CA LEU C 57 -11.82 -39.43 32.84
C LEU C 57 -12.67 -38.16 32.82
N ALA C 58 -12.01 -36.99 32.90
CA ALA C 58 -12.71 -35.72 32.90
C ALA C 58 -13.58 -35.57 31.65
N GLU C 59 -13.05 -36.01 30.50
CA GLU C 59 -13.81 -36.01 29.27
C GLU C 59 -15.11 -36.80 29.46
N GLN C 60 -14.99 -38.00 30.03
CA GLN C 60 -16.12 -38.89 30.24
C GLN C 60 -17.15 -38.21 31.13
N GLU C 61 -16.74 -37.29 32.00
CA GLU C 61 -17.60 -36.74 33.04
C GLU C 61 -18.19 -35.38 32.69
N GLY C 62 -17.90 -34.87 31.48
CA GLY C 62 -18.57 -33.67 30.98
C GLY C 62 -17.65 -32.44 30.87
N PHE C 63 -16.38 -32.55 31.30
CA PHE C 63 -15.42 -31.49 31.04
C PHE C 63 -15.11 -31.48 29.54
N ASP C 64 -14.87 -30.30 28.95
CA ASP C 64 -14.74 -30.16 27.50
C ASP C 64 -13.34 -29.69 27.09
N SER C 65 -12.55 -29.20 28.05
CA SER C 65 -11.28 -28.55 27.72
C SER C 65 -10.30 -28.68 28.89
N VAL C 66 -9.01 -28.66 28.56
CA VAL C 66 -7.94 -28.78 29.53
C VAL C 66 -7.01 -27.58 29.40
N LEU C 67 -6.70 -26.97 30.56
CA LEU C 67 -5.64 -25.99 30.71
C LEU C 67 -4.48 -26.68 31.37
N ALA C 68 -3.29 -26.55 30.76
CA ALA C 68 -2.10 -27.28 31.15
C ALA C 68 -0.97 -26.30 31.44
N ALA C 69 -0.49 -26.31 32.69
CA ALA C 69 0.57 -25.43 33.13
C ALA C 69 1.87 -25.72 32.36
N ASP C 70 2.66 -24.67 32.11
CA ASP C 70 3.94 -24.81 31.45
C ASP C 70 5.05 -24.47 32.45
N HIS C 71 5.43 -25.44 33.26
CA HIS C 71 6.39 -25.22 34.32
C HIS C 71 7.66 -26.01 34.02
N PHE C 72 8.75 -25.57 34.65
CA PHE C 72 9.97 -26.35 34.74
C PHE C 72 10.12 -26.85 36.18
N HIS C 73 9.73 -26.00 37.14
CA HIS C 73 9.78 -26.28 38.56
C HIS C 73 8.40 -26.19 39.18
N PRO C 74 8.11 -27.01 40.21
CA PRO C 74 6.93 -26.80 41.04
C PRO C 74 7.16 -25.63 41.98
N TRP C 75 6.09 -25.13 42.61
CA TRP C 75 6.22 -24.07 43.58
C TRP C 75 6.96 -24.60 44.80
N THR C 76 6.62 -25.80 45.27
CA THR C 76 7.25 -26.36 46.45
C THR C 76 7.71 -27.78 46.16
N PRO C 77 8.73 -28.31 46.86
CA PRO C 77 9.10 -29.72 46.75
C PRO C 77 7.94 -30.67 47.08
N GLU C 78 7.07 -30.27 48.02
CA GLU C 78 5.91 -31.04 48.42
C GLU C 78 4.96 -31.27 47.24
N GLN C 79 4.95 -30.37 46.25
CA GLN C 79 4.13 -30.56 45.07
C GLN C 79 4.80 -31.59 44.16
N GLY C 80 6.08 -31.35 43.85
CA GLY C 80 7.03 -32.41 43.55
C GLY C 80 7.05 -32.88 42.09
N GLN C 81 6.48 -32.12 41.16
CA GLN C 81 6.48 -32.49 39.75
C GLN C 81 6.69 -31.26 38.84
N SER C 82 7.01 -31.53 37.56
CA SER C 82 6.98 -30.54 36.48
C SER C 82 7.33 -31.19 35.16
N GLY C 83 6.34 -31.85 34.54
CA GLY C 83 6.53 -32.42 33.23
C GLY C 83 6.63 -31.36 32.14
N PHE C 84 7.32 -31.72 31.04
CA PHE C 84 7.38 -30.90 29.86
C PHE C 84 6.04 -31.00 29.12
N VAL C 85 5.32 -29.90 29.11
CA VAL C 85 3.92 -29.88 28.75
C VAL C 85 3.76 -30.21 27.27
N TRP C 86 4.72 -29.80 26.44
CA TRP C 86 4.55 -29.87 25.00
C TRP C 86 4.50 -31.32 24.52
N ALA C 87 5.31 -32.19 25.13
CA ALA C 87 5.24 -33.60 24.81
C ALA C 87 3.92 -34.18 25.31
N TRP C 88 3.51 -33.82 26.53
CA TRP C 88 2.30 -34.34 27.11
C TRP C 88 1.08 -33.99 26.26
N LEU C 89 1.06 -32.78 25.65
CA LEU C 89 -0.10 -32.32 24.93
C LEU C 89 -0.35 -33.19 23.71
N GLY C 90 0.73 -33.74 23.13
CA GLY C 90 0.58 -34.64 22.01
C GLY C 90 -0.17 -35.91 22.41
N ALA C 91 0.14 -36.42 23.61
CA ALA C 91 -0.56 -37.59 24.13
C ALA C 91 -2.03 -37.28 24.40
N LEU C 92 -2.30 -36.11 24.97
CA LEU C 92 -3.67 -35.72 25.27
C LEU C 92 -4.46 -35.63 23.97
N GLY C 93 -3.86 -34.98 22.97
CA GLY C 93 -4.52 -34.76 21.67
C GLY C 93 -4.90 -36.09 21.02
N ALA C 94 -4.01 -37.07 21.12
CA ALA C 94 -4.17 -38.33 20.41
C ALA C 94 -5.08 -39.30 21.16
N THR C 95 -5.45 -39.03 22.41
CA THR C 95 -6.22 -40.01 23.19
C THR C 95 -7.53 -39.41 23.70
N THR C 96 -7.84 -38.12 23.44
CA THR C 96 -9.12 -37.56 23.83
C THR C 96 -9.66 -36.77 22.66
N ARG C 97 -10.85 -36.21 22.82
CA ARG C 97 -11.37 -35.25 21.85
C ARG C 97 -11.50 -33.86 22.51
N LEU C 98 -10.86 -33.66 23.67
CA LEU C 98 -10.93 -32.42 24.41
C LEU C 98 -10.25 -31.29 23.63
N ARG C 99 -10.68 -30.05 23.89
CA ARG C 99 -9.88 -28.88 23.59
C ARG C 99 -8.79 -28.79 24.66
N PHE C 100 -7.69 -28.11 24.35
CA PHE C 100 -6.62 -27.98 25.32
C PHE C 100 -5.75 -26.78 24.98
N GLY C 101 -5.10 -26.25 26.01
CA GLY C 101 -4.20 -25.11 25.83
C GLY C 101 -3.14 -25.05 26.93
N THR C 102 -2.05 -24.36 26.61
CA THR C 102 -1.06 -23.96 27.59
C THR C 102 -1.63 -22.84 28.46
N GLY C 103 -1.41 -22.93 29.76
CA GLY C 103 -1.82 -21.83 30.62
C GLY C 103 -0.78 -21.56 31.70
N VAL C 104 0.27 -20.77 31.39
CA VAL C 104 0.56 -20.25 30.06
C VAL C 104 2.04 -20.44 29.75
N THR C 105 2.38 -20.38 28.45
CA THR C 105 3.76 -20.43 28.02
C THR C 105 4.30 -19.01 27.97
N PRO C 106 5.49 -18.73 28.56
CA PRO C 106 6.23 -17.49 28.27
C PRO C 106 7.17 -17.52 27.07
N PRO C 107 6.80 -16.94 25.91
CA PRO C 107 7.57 -17.09 24.68
C PRO C 107 8.58 -15.99 24.44
N ILE C 108 9.36 -15.67 25.48
CA ILE C 108 10.13 -14.44 25.52
C ILE C 108 11.63 -14.72 25.61
N GLY C 109 12.03 -15.96 25.33
CA GLY C 109 13.40 -16.28 24.99
C GLY C 109 14.25 -16.68 26.20
N PHE C 110 13.61 -17.13 27.29
CA PHE C 110 14.34 -17.74 28.39
C PHE C 110 14.36 -19.24 28.08
N ARG C 111 13.37 -19.95 28.61
CA ARG C 111 13.15 -21.34 28.26
C ARG C 111 12.85 -21.51 26.77
N TYR C 112 12.10 -20.56 26.20
CA TYR C 112 11.47 -20.77 24.89
C TYR C 112 11.62 -19.53 24.00
N HIS C 113 12.16 -19.73 22.80
CA HIS C 113 12.20 -18.70 21.77
C HIS C 113 10.83 -18.65 21.09
N PRO C 114 10.30 -17.45 20.79
CA PRO C 114 8.97 -17.34 20.20
C PRO C 114 8.78 -18.10 18.88
N ALA C 115 9.83 -18.21 18.08
CA ALA C 115 9.74 -18.92 16.81
C ALA C 115 9.35 -20.38 17.06
N ILE C 116 9.91 -20.96 18.12
CA ILE C 116 9.70 -22.37 18.45
C ILE C 116 8.29 -22.55 19.01
N VAL C 117 7.86 -21.65 19.89
CA VAL C 117 6.50 -21.71 20.40
C VAL C 117 5.51 -21.69 19.21
N ALA C 118 5.77 -20.88 18.20
CA ALA C 118 4.90 -20.81 17.06
C ALA C 118 4.85 -22.16 16.33
N GLN C 119 6.01 -22.78 16.13
CA GLN C 119 6.08 -24.07 15.48
C GLN C 119 5.30 -25.12 16.28
N ALA C 120 5.47 -25.10 17.60
CA ALA C 120 4.82 -26.07 18.46
C ALA C 120 3.31 -25.91 18.35
N ALA C 121 2.84 -24.66 18.40
CA ALA C 121 1.42 -24.37 18.35
C ALA C 121 0.85 -24.81 17.00
N ALA C 122 1.58 -24.51 15.93
CA ALA C 122 1.14 -24.82 14.58
C ALA C 122 1.09 -26.32 14.36
N THR C 123 2.03 -27.05 14.95
CA THR C 123 2.06 -28.49 14.80
C THR C 123 0.87 -29.12 15.53
N LEU C 124 0.63 -28.69 16.79
CA LEU C 124 -0.46 -29.23 17.57
C LEU C 124 -1.80 -29.00 16.87
N GLU C 125 -2.02 -27.79 16.35
CA GLU C 125 -3.30 -27.47 15.73
C GLU C 125 -3.43 -28.19 14.39
N ALA C 126 -2.29 -28.43 13.72
CA ALA C 126 -2.32 -29.16 12.46
C ALA C 126 -2.77 -30.59 12.70
N MET C 127 -2.33 -31.20 13.81
CA MET C 127 -2.63 -32.58 14.15
C MET C 127 -4.00 -32.74 14.78
N PHE C 128 -4.47 -31.70 15.49
CA PHE C 128 -5.69 -31.76 16.26
C PHE C 128 -6.51 -30.51 15.94
N PRO C 129 -6.93 -30.33 14.68
CA PRO C 129 -7.56 -29.08 14.25
C PRO C 129 -8.79 -28.72 15.07
N GLY C 130 -8.92 -27.44 15.43
CA GLY C 130 -10.08 -26.96 16.15
C GLY C 130 -10.00 -27.25 17.65
N ARG C 131 -8.85 -27.73 18.12
CA ARG C 131 -8.78 -28.22 19.50
C ARG C 131 -7.77 -27.43 20.33
N PHE C 132 -6.74 -26.84 19.69
CA PHE C 132 -5.65 -26.25 20.45
C PHE C 132 -5.82 -24.74 20.54
N TRP C 133 -5.44 -24.20 21.70
CA TRP C 133 -5.33 -22.76 21.85
C TRP C 133 -4.03 -22.47 22.58
N LEU C 134 -3.33 -21.46 22.07
CA LEU C 134 -2.00 -21.12 22.56
C LEU C 134 -2.15 -20.05 23.63
N GLY C 135 -1.93 -20.43 24.89
CA GLY C 135 -1.96 -19.47 25.98
C GLY C 135 -0.53 -19.03 26.34
N ILE C 136 -0.31 -17.71 26.34
CA ILE C 136 1.01 -17.12 26.57
C ILE C 136 0.90 -16.05 27.66
N GLY C 137 2.04 -15.71 28.24
CA GLY C 137 2.14 -14.76 29.34
C GLY C 137 3.58 -14.36 29.61
N ALA C 138 3.77 -13.50 30.60
CA ALA C 138 5.05 -12.84 30.85
C ALA C 138 6.03 -13.71 31.66
N GLY C 139 5.55 -14.85 32.19
CA GLY C 139 6.43 -15.83 32.81
C GLY C 139 6.80 -15.50 34.26
N GLU C 140 7.33 -16.50 34.98
CA GLU C 140 7.81 -16.31 36.35
C GLU C 140 9.23 -16.82 36.49
N ALA C 141 9.98 -16.25 37.43
CA ALA C 141 11.40 -16.56 37.61
C ALA C 141 11.58 -18.01 38.04
N LEU C 142 10.60 -18.54 38.80
CA LEU C 142 10.64 -19.93 39.20
C LEU C 142 11.10 -20.83 38.06
N ASN C 143 10.60 -20.54 36.87
CA ASN C 143 10.82 -21.36 35.69
C ASN C 143 11.93 -20.80 34.81
N GLU C 144 11.99 -19.47 34.63
CA GLU C 144 12.84 -18.88 33.60
C GLU C 144 14.27 -18.64 34.12
N HIS C 145 14.47 -18.63 35.44
CA HIS C 145 15.76 -18.27 35.99
C HIS C 145 16.84 -19.32 35.69
N ILE C 146 16.43 -20.51 35.23
CA ILE C 146 17.37 -21.61 35.12
C ILE C 146 18.41 -21.32 34.02
N VAL C 147 18.08 -20.43 33.07
CA VAL C 147 18.99 -20.19 31.96
C VAL C 147 19.97 -19.07 32.29
N GLY C 148 19.84 -18.47 33.47
CA GLY C 148 20.87 -17.59 34.02
C GLY C 148 21.06 -16.27 33.28
N ARG C 149 19.94 -15.64 32.86
CA ARG C 149 19.92 -14.36 32.19
C ARG C 149 19.22 -13.30 33.06
N TYR C 150 19.42 -12.03 32.71
CA TYR C 150 18.77 -10.92 33.39
C TYR C 150 17.26 -11.10 33.39
N TRP C 151 16.64 -10.97 34.57
CA TRP C 151 15.21 -11.10 34.71
C TRP C 151 14.61 -9.70 34.81
N PRO C 152 13.94 -9.19 33.76
CA PRO C 152 13.37 -7.84 33.76
C PRO C 152 12.13 -7.73 34.64
N GLU C 153 11.76 -6.50 34.95
CA GLU C 153 10.59 -6.24 35.77
C GLU C 153 9.35 -6.52 34.92
N PRO C 154 8.17 -6.73 35.57
CA PRO C 154 6.93 -7.02 34.82
C PRO C 154 6.67 -6.16 33.58
N ALA C 155 6.74 -4.83 33.73
CA ALA C 155 6.44 -3.93 32.62
C ALA C 155 7.33 -4.23 31.42
N GLU C 156 8.62 -4.47 31.66
CA GLU C 156 9.54 -4.76 30.58
C GLU C 156 9.21 -6.12 29.95
N ARG C 157 8.80 -7.10 30.77
CA ARG C 157 8.48 -8.40 30.24
C ARG C 157 7.21 -8.33 29.38
N ILE C 158 6.32 -7.39 29.68
CA ILE C 158 5.19 -7.10 28.82
C ILE C 158 5.67 -6.63 27.45
N ARG C 159 6.65 -5.74 27.42
CA ARG C 159 7.19 -5.26 26.15
C ARG C 159 7.76 -6.44 25.35
N MET C 160 8.43 -7.36 26.04
CA MET C 160 8.97 -8.55 25.41
C MET C 160 7.85 -9.43 24.87
N LEU C 161 6.75 -9.57 25.64
CA LEU C 161 5.60 -10.38 25.25
C LEU C 161 4.95 -9.82 23.98
N ILE C 162 4.83 -8.49 23.90
CA ILE C 162 4.18 -7.88 22.76
C ILE C 162 5.01 -8.14 21.50
N GLU C 163 6.33 -8.12 21.64
CA GLU C 163 7.19 -8.38 20.49
C GLU C 163 7.07 -9.85 20.11
N ALA C 164 7.01 -10.75 21.11
CA ALA C 164 6.88 -12.17 20.83
C ALA C 164 5.59 -12.44 20.08
N ILE C 165 4.51 -11.73 20.44
CA ILE C 165 3.23 -11.90 19.78
C ILE C 165 3.36 -11.53 18.32
N GLU C 166 4.13 -10.49 18.04
CA GLU C 166 4.32 -10.05 16.66
C GLU C 166 5.04 -11.16 15.88
N VAL C 167 6.01 -11.83 16.50
CA VAL C 167 6.78 -12.86 15.83
C VAL C 167 5.91 -14.08 15.54
N ILE C 168 5.13 -14.50 16.53
CA ILE C 168 4.27 -15.66 16.37
C ILE C 168 3.28 -15.40 15.23
N GLN C 169 2.75 -14.18 15.19
CA GLN C 169 1.74 -13.87 14.21
C GLN C 169 2.34 -13.81 12.81
N LYS C 170 3.57 -13.34 12.68
CA LYS C 170 4.19 -13.32 11.37
C LYS C 170 4.39 -14.75 10.89
N LEU C 171 4.89 -15.62 11.79
CA LEU C 171 5.11 -17.00 11.41
C LEU C 171 3.79 -17.70 11.07
N PHE C 172 2.70 -17.31 11.74
CA PHE C 172 1.39 -17.92 11.51
C PHE C 172 0.85 -17.58 10.13
N THR C 173 1.37 -16.54 9.46
CA THR C 173 0.96 -16.19 8.10
C THR C 173 1.39 -17.28 7.11
N GLY C 174 2.40 -18.09 7.46
CA GLY C 174 2.81 -19.19 6.60
C GLY C 174 3.76 -18.75 5.49
N LYS C 175 4.18 -17.48 5.50
CA LYS C 175 5.12 -16.97 4.52
C LYS C 175 6.51 -16.97 5.14
N VAL C 176 7.52 -16.72 4.32
CA VAL C 176 8.89 -16.53 4.81
C VAL C 176 8.98 -15.14 5.44
N ILE C 177 9.41 -15.06 6.69
CA ILE C 177 9.38 -13.81 7.41
C ILE C 177 10.74 -13.55 8.07
N ARG C 178 11.01 -12.27 8.31
CA ARG C 178 12.19 -11.80 9.01
C ARG C 178 11.68 -10.88 10.12
N HIS C 179 12.43 -10.73 11.20
CA HIS C 179 12.03 -9.83 12.26
C HIS C 179 13.28 -9.29 12.94
N GLU C 180 13.27 -8.02 13.26
CA GLU C 180 14.33 -7.41 14.00
C GLU C 180 13.73 -6.34 14.89
N GLY C 181 13.56 -6.63 16.18
CA GLY C 181 13.09 -5.66 17.14
C GLY C 181 14.06 -5.53 18.32
N VAL C 182 13.61 -4.95 19.42
CA VAL C 182 14.48 -4.75 20.57
C VAL C 182 14.95 -6.07 21.16
N TYR C 183 14.06 -7.07 21.23
CA TYR C 183 14.34 -8.27 22.03
C TYR C 183 14.66 -9.48 21.15
N PHE C 184 14.10 -9.58 19.94
CA PHE C 184 14.22 -10.81 19.15
C PHE C 184 14.68 -10.51 17.73
N LYS C 185 15.44 -11.46 17.18
CA LYS C 185 15.92 -11.42 15.81
C LYS C 185 15.54 -12.73 15.16
N VAL C 186 14.84 -12.66 14.03
CA VAL C 186 14.44 -13.85 13.31
C VAL C 186 14.93 -13.71 11.88
N GLU C 187 15.84 -14.61 11.48
CA GLU C 187 16.29 -14.73 10.11
C GLU C 187 15.23 -15.48 9.29
N SER C 188 15.36 -15.44 7.97
CA SER C 188 14.39 -16.01 7.05
C SER C 188 13.83 -17.33 7.57
N ALA C 189 12.56 -17.30 8.00
CA ALA C 189 11.90 -18.43 8.61
C ALA C 189 10.45 -18.59 8.13
N LYS C 190 10.01 -19.86 8.05
CA LYS C 190 8.67 -20.20 7.61
C LYS C 190 8.17 -21.48 8.28
N LEU C 191 6.89 -21.49 8.63
CA LEU C 191 6.25 -22.71 9.09
C LEU C 191 5.66 -23.45 7.90
N TYR C 192 6.27 -24.58 7.55
CA TYR C 192 5.80 -25.42 6.45
C TYR C 192 4.63 -26.29 6.92
N THR C 193 4.62 -26.66 8.21
CA THR C 193 3.55 -27.47 8.77
C THR C 193 2.57 -26.55 9.53
N MET C 194 1.42 -26.27 8.91
CA MET C 194 0.41 -25.35 9.42
C MET C 194 -0.97 -26.01 9.34
N PRO C 195 -1.92 -25.60 10.20
CA PRO C 195 -3.33 -25.91 9.95
C PRO C 195 -3.90 -24.92 8.93
N ASP C 196 -5.09 -25.25 8.42
CA ASP C 196 -5.79 -24.40 7.49
C ASP C 196 -6.06 -23.05 8.18
N VAL C 197 -6.35 -23.08 9.47
CA VAL C 197 -6.60 -21.89 10.24
C VAL C 197 -5.76 -21.93 11.52
N PRO C 198 -5.00 -20.86 11.83
CA PRO C 198 -4.08 -20.88 12.97
C PRO C 198 -4.82 -20.93 14.29
N PRO C 199 -4.19 -21.42 15.37
CA PRO C 199 -4.86 -21.50 16.65
C PRO C 199 -4.94 -20.08 17.20
N PRO C 200 -5.94 -19.85 18.06
CA PRO C 200 -6.08 -18.57 18.73
C PRO C 200 -4.95 -18.38 19.75
N ILE C 201 -4.54 -17.12 19.87
CA ILE C 201 -3.58 -16.73 20.88
C ILE C 201 -4.34 -16.12 22.04
N ILE C 202 -4.20 -16.75 23.20
CA ILE C 202 -4.85 -16.30 24.43
C ILE C 202 -3.78 -15.75 25.35
N VAL C 203 -4.00 -14.53 25.88
CA VAL C 203 -3.02 -13.97 26.79
C VAL C 203 -3.49 -14.18 28.22
N GLY C 204 -2.62 -14.76 29.04
CA GLY C 204 -2.86 -14.89 30.46
C GLY C 204 -2.23 -13.70 31.20
N THR C 205 -3.08 -12.86 31.83
CA THR C 205 -2.59 -11.68 32.55
C THR C 205 -3.62 -11.25 33.59
N ALA C 206 -3.13 -10.56 34.63
CA ALA C 206 -4.03 -9.93 35.59
C ALA C 206 -3.87 -8.41 35.56
N GLY C 207 -3.19 -7.88 34.53
CA GLY C 207 -2.86 -6.46 34.44
C GLY C 207 -3.78 -5.72 33.47
N PRO C 208 -4.41 -4.60 33.89
CA PRO C 208 -5.29 -3.82 33.01
C PRO C 208 -4.66 -3.40 31.69
N TYR C 209 -3.38 -3.05 31.70
CA TYR C 209 -2.70 -2.62 30.49
C TYR C 209 -2.65 -3.80 29.51
N MET C 210 -2.19 -4.96 29.97
CA MET C 210 -2.00 -6.08 29.06
C MET C 210 -3.35 -6.64 28.61
N ALA C 211 -4.39 -6.51 29.44
CA ALA C 211 -5.73 -6.90 29.05
C ALA C 211 -6.19 -6.12 27.80
N LYS C 212 -5.95 -4.79 27.80
CA LYS C 212 -6.30 -3.96 26.66
C LYS C 212 -5.52 -4.40 25.44
N LYS C 213 -4.23 -4.69 25.62
CA LYS C 213 -3.39 -5.07 24.51
C LYS C 213 -3.81 -6.43 23.98
N THR C 214 -4.35 -7.28 24.87
CA THR C 214 -4.79 -8.61 24.47
C THR C 214 -5.96 -8.47 23.51
N GLY C 215 -6.90 -7.59 23.83
CA GLY C 215 -8.07 -7.37 22.99
C GLY C 215 -7.64 -6.79 21.64
N GLN C 216 -6.62 -5.94 21.68
CA GLN C 216 -6.15 -5.27 20.50
C GLN C 216 -5.41 -6.21 19.56
N LEU C 217 -4.60 -7.12 20.10
CA LEU C 217 -3.58 -7.83 19.34
C LEU C 217 -3.88 -9.31 19.18
N CYS C 218 -4.65 -9.91 20.09
CA CYS C 218 -4.78 -11.35 20.17
C CYS C 218 -6.25 -11.76 20.08
N ASP C 219 -6.56 -12.99 20.49
CA ASP C 219 -7.85 -13.58 20.21
C ASP C 219 -8.73 -13.74 21.45
N GLY C 220 -8.10 -13.85 22.63
CA GLY C 220 -8.86 -14.02 23.84
C GLY C 220 -8.02 -13.79 25.09
N LEU C 221 -8.71 -13.68 26.23
CA LEU C 221 -8.12 -13.35 27.51
C LEU C 221 -8.27 -14.50 28.51
N LEU C 222 -7.21 -14.75 29.28
CA LEU C 222 -7.25 -15.70 30.38
C LEU C 222 -6.72 -15.02 31.64
N THR C 223 -7.49 -15.08 32.72
CA THR C 223 -7.16 -14.35 33.92
C THR C 223 -7.35 -15.25 35.12
N PRO C 224 -6.64 -15.04 36.25
CA PRO C 224 -6.91 -15.78 37.48
C PRO C 224 -8.10 -15.19 38.23
N GLY C 225 -8.60 -15.96 39.21
CA GLY C 225 -9.68 -15.53 40.07
C GLY C 225 -9.27 -14.28 40.85
N ALA C 226 -10.23 -13.41 41.13
CA ALA C 226 -9.99 -12.18 41.86
C ALA C 226 -11.33 -11.58 42.21
N ASN C 227 -11.38 -10.50 42.99
CA ASN C 227 -12.67 -9.93 43.34
C ASN C 227 -13.37 -9.42 42.08
N ASP C 228 -14.67 -9.17 42.22
CA ASP C 228 -15.54 -8.82 41.12
C ASP C 228 -15.04 -7.53 40.44
N GLU C 229 -14.67 -6.54 41.25
CA GLU C 229 -14.30 -5.22 40.75
C GLU C 229 -13.12 -5.33 39.79
N LYS C 230 -12.15 -6.16 40.15
CA LYS C 230 -10.91 -6.29 39.39
C LYS C 230 -11.13 -7.14 38.13
N LEU C 231 -12.03 -8.13 38.21
CA LEU C 231 -12.38 -8.94 37.05
C LEU C 231 -13.15 -8.08 36.06
N ARG C 232 -14.03 -7.24 36.56
CA ARG C 232 -14.89 -6.44 35.72
C ARG C 232 -14.03 -5.40 34.99
N LEU C 233 -12.95 -4.95 35.62
CA LEU C 233 -12.03 -4.00 35.02
C LEU C 233 -11.22 -4.67 33.90
N LEU C 234 -10.76 -5.91 34.13
CA LEU C 234 -10.00 -6.63 33.12
C LEU C 234 -10.88 -6.91 31.90
N LEU C 235 -12.12 -7.37 32.11
CA LEU C 235 -13.03 -7.67 31.01
C LEU C 235 -13.27 -6.40 30.21
N SER C 236 -13.47 -5.31 30.94
CA SER C 236 -13.79 -4.02 30.38
C SER C 236 -12.66 -3.52 29.48
N ARG C 237 -11.43 -3.63 29.98
CA ARG C 237 -10.24 -3.22 29.25
C ARG C 237 -10.00 -4.06 28.00
N PHE C 238 -10.21 -5.37 28.12
CA PHE C 238 -10.09 -6.29 27.00
C PHE C 238 -11.10 -5.91 25.93
N GLU C 239 -12.32 -5.61 26.34
CA GLU C 239 -13.38 -5.28 25.40
C GLU C 239 -13.03 -3.99 24.66
N GLU C 240 -12.60 -2.97 25.37
CA GLU C 240 -12.40 -1.67 24.72
C GLU C 240 -11.11 -1.71 23.88
N GLY C 241 -10.16 -2.59 24.23
CA GLY C 241 -9.00 -2.79 23.39
C GLY C 241 -9.38 -3.38 22.03
N ALA C 242 -10.30 -4.34 22.05
CA ALA C 242 -10.74 -5.04 20.85
C ALA C 242 -11.52 -4.09 19.95
N ARG C 243 -12.45 -3.33 20.55
CA ARG C 243 -13.24 -2.37 19.78
C ARG C 243 -12.32 -1.33 19.14
N ALA C 244 -11.36 -0.81 19.92
CA ALA C 244 -10.44 0.20 19.41
C ALA C 244 -9.72 -0.32 18.16
N ALA C 245 -9.51 -1.62 18.06
CA ALA C 245 -8.82 -2.22 16.93
C ALA C 245 -9.79 -2.79 15.89
N GLY C 246 -11.09 -2.50 16.02
CA GLY C 246 -12.06 -2.85 14.99
C GLY C 246 -12.60 -4.28 15.10
N LYS C 247 -12.32 -4.98 16.20
CA LYS C 247 -12.79 -6.36 16.38
C LYS C 247 -14.09 -6.38 17.17
N ASP C 248 -14.80 -7.51 17.12
CA ASP C 248 -16.07 -7.71 17.83
C ASP C 248 -15.82 -8.54 19.09
N PRO C 249 -15.78 -7.91 20.29
CA PRO C 249 -15.37 -8.63 21.50
C PRO C 249 -16.38 -9.63 22.02
N ARG C 250 -17.60 -9.58 21.46
CA ARG C 250 -18.65 -10.48 21.88
C ARG C 250 -18.39 -11.86 21.29
N ARG C 251 -17.54 -11.94 20.25
CA ARG C 251 -17.18 -13.22 19.65
C ARG C 251 -15.75 -13.63 20.05
N MET C 252 -15.16 -13.02 21.09
CA MET C 252 -13.82 -13.35 21.53
C MET C 252 -13.86 -13.94 22.95
N PRO C 253 -13.21 -15.10 23.20
CA PRO C 253 -13.32 -15.77 24.48
C PRO C 253 -12.73 -15.01 25.66
N ARG C 254 -13.42 -15.15 26.80
CA ARG C 254 -13.08 -14.55 28.08
C ARG C 254 -12.98 -15.65 29.13
N MET C 255 -11.77 -16.03 29.50
CA MET C 255 -11.53 -17.28 30.20
C MET C 255 -10.95 -16.95 31.57
N ILE C 256 -11.29 -17.76 32.57
CA ILE C 256 -10.79 -17.58 33.92
C ILE C 256 -10.33 -18.94 34.47
N GLN C 257 -9.23 -18.89 35.24
CA GLN C 257 -8.71 -20.06 35.91
C GLN C 257 -8.86 -19.86 37.40
N VAL C 258 -9.51 -20.81 38.09
CA VAL C 258 -9.73 -20.71 39.53
C VAL C 258 -9.13 -21.91 40.25
N HIS C 259 -8.74 -21.68 41.51
CA HIS C 259 -8.25 -22.73 42.36
C HIS C 259 -9.29 -22.98 43.45
N VAL C 260 -9.72 -24.24 43.57
CA VAL C 260 -10.68 -24.63 44.59
C VAL C 260 -10.12 -25.84 45.34
N SER C 261 -10.67 -26.08 46.53
CA SER C 261 -10.41 -27.30 47.26
C SER C 261 -11.74 -27.95 47.58
N TRP C 262 -12.00 -29.07 46.91
CA TRP C 262 -13.09 -29.95 47.29
C TRP C 262 -12.51 -31.19 47.95
N ALA C 263 -13.22 -31.64 48.99
CA ALA C 263 -12.96 -32.90 49.65
C ALA C 263 -14.22 -33.35 50.35
N GLU C 264 -14.11 -34.47 51.07
CA GLU C 264 -15.24 -35.14 51.67
C GLU C 264 -15.79 -34.27 52.81
N THR C 265 -14.93 -33.56 53.55
CA THR C 265 -15.38 -32.63 54.58
C THR C 265 -14.66 -31.29 54.45
N ASP C 266 -15.21 -30.27 55.10
CA ASP C 266 -14.60 -28.95 55.13
C ASP C 266 -13.20 -29.05 55.73
N GLU C 267 -13.02 -29.91 56.74
CA GLU C 267 -11.71 -30.05 57.37
C GLU C 267 -10.67 -30.50 56.35
N GLN C 268 -10.92 -31.59 55.60
CA GLN C 268 -9.91 -32.09 54.67
C GLN C 268 -9.70 -31.08 53.54
N ALA C 269 -10.74 -30.32 53.19
CA ALA C 269 -10.64 -29.33 52.12
C ALA C 269 -9.67 -28.21 52.50
N ILE C 270 -9.76 -27.75 53.75
CA ILE C 270 -8.87 -26.73 54.28
C ILE C 270 -7.43 -27.25 54.35
N GLU C 271 -7.20 -28.45 54.92
CA GLU C 271 -5.87 -28.99 55.08
C GLU C 271 -5.25 -29.28 53.71
N ASN C 272 -6.06 -29.74 52.75
CA ASN C 272 -5.58 -30.01 51.40
C ASN C 272 -4.97 -28.75 50.80
N ALA C 273 -5.67 -27.62 50.95
CA ALA C 273 -5.22 -26.36 50.39
C ALA C 273 -3.92 -25.93 51.08
N LEU C 274 -3.88 -26.12 52.40
CA LEU C 274 -2.79 -25.63 53.22
C LEU C 274 -1.51 -26.41 52.90
N ARG C 275 -1.63 -27.73 52.69
CA ARG C 275 -0.46 -28.57 52.50
C ARG C 275 -0.03 -28.59 51.03
N GLU C 276 -0.98 -28.55 50.09
CA GLU C 276 -0.67 -28.82 48.69
C GLU C 276 -0.46 -27.54 47.87
N TRP C 277 -1.06 -26.42 48.32
CA TRP C 277 -1.12 -25.19 47.53
C TRP C 277 -0.97 -23.98 48.44
N PRO C 278 0.08 -23.90 49.27
CA PRO C 278 0.28 -22.75 50.15
C PRO C 278 0.49 -21.47 49.36
N ASN C 279 1.00 -21.57 48.14
CA ASN C 279 1.17 -20.40 47.27
C ASN C 279 -0.18 -19.71 47.02
N GLY C 280 -1.28 -20.44 47.16
CA GLY C 280 -2.60 -19.85 47.06
C GLY C 280 -2.92 -18.89 48.22
N GLY C 281 -2.14 -18.93 49.31
CA GLY C 281 -2.37 -18.03 50.44
C GLY C 281 -1.34 -16.91 50.48
N MET C 282 -0.57 -16.81 49.40
CA MET C 282 0.48 -15.82 49.27
C MET C 282 -0.05 -14.70 48.39
N ALA C 283 -0.72 -13.75 49.04
CA ALA C 283 -1.39 -12.64 48.40
C ALA C 283 -0.38 -11.54 48.08
N PHE C 284 0.50 -11.84 47.12
CA PHE C 284 1.59 -10.95 46.81
C PHE C 284 2.24 -11.44 45.52
N PRO C 285 2.93 -10.56 44.77
CA PRO C 285 3.45 -10.95 43.45
C PRO C 285 4.61 -11.93 43.65
N LYS C 286 4.64 -13.02 42.87
CA LYS C 286 5.52 -14.14 43.12
C LYS C 286 6.50 -14.37 41.97
N GLY C 287 6.57 -13.46 41.02
CA GLY C 287 7.26 -13.74 39.77
C GLY C 287 8.76 -13.48 39.80
N ASP C 288 9.30 -13.05 40.96
CA ASP C 288 10.72 -12.80 41.11
C ASP C 288 11.43 -13.89 41.93
N ILE C 289 10.65 -14.74 42.61
CA ILE C 289 11.18 -15.77 43.49
C ILE C 289 11.68 -16.97 42.69
N ARG C 290 12.93 -17.38 42.91
CA ARG C 290 13.63 -18.28 42.00
C ARG C 290 13.41 -19.77 42.30
N ASN C 291 13.37 -20.16 43.56
CA ASN C 291 13.50 -21.57 43.91
C ASN C 291 12.29 -22.13 44.61
N PRO C 292 11.99 -23.42 44.37
CA PRO C 292 10.96 -24.10 45.15
C PRO C 292 11.23 -24.03 46.65
N GLU C 293 12.51 -24.09 47.02
CA GLU C 293 12.92 -24.11 48.43
C GLU C 293 12.56 -22.76 49.07
N ASP C 294 12.56 -21.69 48.28
CA ASP C 294 12.16 -20.37 48.74
C ASP C 294 10.66 -20.34 49.07
N PHE C 295 9.82 -20.83 48.15
CA PHE C 295 8.38 -20.87 48.38
C PHE C 295 8.07 -21.73 49.59
N GLN C 296 8.77 -22.88 49.68
CA GLN C 296 8.55 -23.83 50.77
C GLN C 296 8.82 -23.17 52.11
N ALA C 297 9.88 -22.37 52.20
CA ALA C 297 10.20 -21.65 53.44
C ALA C 297 9.15 -20.59 53.74
N MET C 298 8.64 -19.89 52.70
CA MET C 298 7.61 -18.88 52.87
C MET C 298 6.29 -19.51 53.30
N ALA C 299 6.07 -20.77 52.90
CA ALA C 299 4.84 -21.48 53.16
C ALA C 299 4.64 -21.71 54.66
N ARG C 300 5.73 -21.76 55.42
CA ARG C 300 5.66 -21.93 56.86
C ARG C 300 4.85 -20.80 57.50
N LEU C 301 4.67 -19.65 56.84
CA LEU C 301 3.87 -18.56 57.36
C LEU C 301 2.37 -18.71 57.09
N VAL C 302 2.01 -19.50 56.08
CA VAL C 302 0.65 -19.49 55.53
C VAL C 302 -0.31 -20.17 56.50
N ARG C 303 -1.51 -19.60 56.66
CA ARG C 303 -2.53 -20.09 57.57
C ARG C 303 -3.87 -20.16 56.82
N PRO C 304 -4.88 -20.91 57.33
CA PRO C 304 -6.19 -21.01 56.64
C PRO C 304 -6.87 -19.68 56.29
N GLU C 305 -6.70 -18.66 57.17
N GLU C 305 -6.71 -18.66 57.16
CA GLU C 305 -7.29 -17.34 57.00
CA GLU C 305 -7.31 -17.35 56.98
C GLU C 305 -6.86 -16.69 55.68
C GLU C 305 -6.85 -16.69 55.68
N HIS C 306 -5.60 -16.92 55.26
CA HIS C 306 -5.00 -16.21 54.12
C HIS C 306 -5.58 -16.63 52.77
N PHE C 307 -6.52 -17.60 52.80
CA PHE C 307 -7.10 -18.14 51.59
C PHE C 307 -8.47 -17.54 51.28
N GLN C 308 -9.11 -16.85 52.24
CA GLN C 308 -10.48 -16.37 52.01
C GLN C 308 -10.49 -15.39 50.82
N GLY C 309 -11.54 -15.47 49.99
CA GLY C 309 -11.61 -14.69 48.76
C GLY C 309 -10.80 -15.33 47.62
N ARG C 310 -9.75 -16.09 47.98
CA ARG C 310 -8.70 -16.43 47.04
C ARG C 310 -8.74 -17.91 46.62
N VAL C 311 -9.14 -18.81 47.52
CA VAL C 311 -9.34 -20.22 47.18
C VAL C 311 -10.57 -20.72 47.95
N LEU C 312 -11.55 -21.22 47.20
CA LEU C 312 -12.77 -21.75 47.80
C LEU C 312 -12.47 -23.12 48.40
N MET C 313 -12.74 -23.27 49.70
CA MET C 313 -12.40 -24.47 50.45
C MET C 313 -13.67 -25.00 51.12
N THR C 314 -14.34 -25.98 50.50
CA THR C 314 -15.59 -26.50 51.03
C THR C 314 -15.94 -27.83 50.35
N SER C 315 -16.68 -28.66 51.10
CA SER C 315 -17.19 -29.93 50.61
C SER C 315 -18.58 -29.76 49.99
N ASP C 316 -19.19 -28.58 50.18
CA ASP C 316 -20.54 -28.29 49.72
C ASP C 316 -20.49 -28.01 48.22
N LEU C 317 -20.97 -28.96 47.40
CA LEU C 317 -20.84 -28.85 45.96
C LEU C 317 -21.82 -27.83 45.38
N ASP C 318 -22.90 -27.55 46.10
CA ASP C 318 -23.79 -26.44 45.76
C ASP C 318 -22.99 -25.14 45.76
N ARG C 319 -22.15 -24.95 46.76
CA ARG C 319 -21.42 -23.72 46.96
C ARG C 319 -20.35 -23.59 45.87
N HIS C 320 -19.75 -24.72 45.47
CA HIS C 320 -18.90 -24.77 44.29
C HIS C 320 -19.66 -24.27 43.05
N GLY C 321 -20.88 -24.76 42.86
CA GLY C 321 -21.66 -24.38 41.69
C GLY C 321 -21.99 -22.89 41.67
N GLU C 322 -22.35 -22.33 42.83
CA GLU C 322 -22.74 -20.93 42.94
C GLU C 322 -21.53 -20.05 42.65
N PHE C 323 -20.36 -20.46 43.14
CA PHE C 323 -19.12 -19.73 42.90
C PHE C 323 -18.85 -19.65 41.40
N LEU C 324 -18.99 -20.79 40.71
CA LEU C 324 -18.69 -20.87 39.30
C LEU C 324 -19.73 -20.12 38.46
N GLN C 325 -21.01 -20.23 38.83
CA GLN C 325 -22.10 -19.58 38.12
C GLN C 325 -21.92 -18.07 38.15
N HIS C 326 -21.46 -17.56 39.30
CA HIS C 326 -21.23 -16.13 39.48
C HIS C 326 -20.25 -15.61 38.45
N LEU C 327 -19.20 -16.40 38.17
CA LEU C 327 -18.17 -16.03 37.23
C LEU C 327 -18.77 -16.01 35.82
N ILE C 328 -19.68 -16.95 35.52
CA ILE C 328 -20.31 -16.99 34.21
C ILE C 328 -21.09 -15.69 34.02
N ASP C 329 -21.77 -15.29 35.10
CA ASP C 329 -22.66 -14.13 35.12
C ASP C 329 -21.85 -12.84 34.97
N LEU C 330 -20.61 -12.80 35.45
CA LEU C 330 -19.74 -11.64 35.24
C LEU C 330 -19.41 -11.48 33.76
N GLY C 331 -19.46 -12.57 32.97
CA GLY C 331 -19.23 -12.53 31.54
C GLY C 331 -18.10 -13.45 31.08
N PHE C 332 -17.61 -14.34 31.94
CA PHE C 332 -16.64 -15.32 31.48
C PHE C 332 -17.37 -16.40 30.68
N THR C 333 -16.75 -16.80 29.57
CA THR C 333 -17.30 -17.78 28.64
C THR C 333 -16.63 -19.14 28.82
N GLU C 334 -15.53 -19.20 29.58
CA GLU C 334 -14.89 -20.46 29.88
C GLU C 334 -14.33 -20.38 31.29
N ILE C 335 -14.43 -21.49 32.04
CA ILE C 335 -13.81 -21.57 33.35
C ILE C 335 -12.98 -22.83 33.40
N TYR C 336 -11.75 -22.71 33.90
CA TYR C 336 -10.88 -23.85 34.11
C TYR C 336 -10.68 -24.00 35.61
N VAL C 337 -10.97 -25.21 36.13
CA VAL C 337 -10.97 -25.44 37.57
C VAL C 337 -9.79 -26.34 37.96
N HIS C 338 -9.01 -25.84 38.92
CA HIS C 338 -7.93 -26.57 39.54
C HIS C 338 -8.36 -26.94 40.95
N ASN C 339 -8.57 -28.24 41.18
CA ASN C 339 -8.70 -28.73 42.54
C ASN C 339 -7.30 -28.91 43.10
N VAL C 340 -7.05 -28.37 44.30
CA VAL C 340 -5.69 -28.34 44.83
C VAL C 340 -5.34 -29.64 45.56
N GLY C 341 -6.35 -30.39 46.00
CA GLY C 341 -6.10 -31.65 46.69
C GLY C 341 -5.61 -32.73 45.72
N ARG C 342 -5.04 -33.81 46.29
CA ARG C 342 -4.55 -34.94 45.51
C ARG C 342 -5.69 -35.88 45.14
N ASN C 343 -6.90 -35.60 45.63
CA ASN C 343 -8.07 -36.40 45.38
C ASN C 343 -8.69 -36.03 44.02
N GLN C 344 -7.90 -36.17 42.94
CA GLN C 344 -8.28 -35.65 41.63
C GLN C 344 -9.42 -36.47 41.02
N GLU C 345 -9.36 -37.79 41.17
CA GLU C 345 -10.35 -38.66 40.58
C GLU C 345 -11.72 -38.43 41.20
N GLU C 346 -11.77 -38.32 42.54
CA GLU C 346 -13.02 -38.17 43.27
CA GLU C 346 -13.03 -38.16 43.27
C GLU C 346 -13.61 -36.81 42.92
N PHE C 347 -12.72 -35.80 42.78
CA PHE C 347 -13.11 -34.44 42.44
C PHE C 347 -13.77 -34.39 41.06
N ILE C 348 -13.15 -35.04 40.08
CA ILE C 348 -13.69 -35.07 38.72
C ILE C 348 -15.07 -35.72 38.70
N ARG C 349 -15.24 -36.83 39.41
CA ARG C 349 -16.52 -37.51 39.45
C ARG C 349 -17.56 -36.66 40.16
N ALA C 350 -17.15 -35.98 41.23
CA ALA C 350 -18.07 -35.18 42.04
C ALA C 350 -18.59 -33.98 41.23
N TYR C 351 -17.69 -33.29 40.53
CA TYR C 351 -18.08 -32.17 39.67
C TYR C 351 -18.95 -32.66 38.50
N GLY C 352 -18.61 -33.83 37.94
CA GLY C 352 -19.37 -34.40 36.84
C GLY C 352 -20.83 -34.63 37.20
N ARG C 353 -21.09 -35.11 38.43
CA ARG C 353 -22.43 -35.45 38.88
C ARG C 353 -23.16 -34.20 39.38
N ALA C 354 -22.52 -33.38 40.25
CA ALA C 354 -23.22 -32.38 41.03
C ALA C 354 -23.08 -30.96 40.47
N VAL C 355 -22.03 -30.66 39.68
CA VAL C 355 -21.73 -29.27 39.35
C VAL C 355 -21.96 -28.98 37.87
N ILE C 356 -21.21 -29.66 36.99
CA ILE C 356 -21.20 -29.34 35.57
C ILE C 356 -22.61 -29.35 35.00
N PRO C 357 -23.47 -30.34 35.32
CA PRO C 357 -24.82 -30.39 34.77
C PRO C 357 -25.71 -29.20 35.15
N HIS C 358 -25.37 -28.49 36.25
CA HIS C 358 -26.26 -27.46 36.78
C HIS C 358 -25.78 -26.06 36.39
N LEU C 359 -24.64 -25.94 35.66
CA LEU C 359 -24.14 -24.64 35.26
C LEU C 359 -24.85 -24.14 34.01
N ARG C 360 -25.34 -22.89 34.05
CA ARG C 360 -26.05 -22.29 32.92
C ARG C 360 -25.08 -21.42 32.13
N TRP C 361 -24.67 -21.91 30.95
CA TRP C 361 -23.84 -21.16 30.01
C TRP C 361 -24.74 -20.48 28.98
N PRO C 362 -24.52 -19.18 28.63
CA PRO C 362 -25.25 -18.58 27.51
C PRO C 362 -24.93 -19.36 26.23
N ALA C 363 -25.96 -19.59 25.40
CA ALA C 363 -25.77 -20.26 24.12
C ALA C 363 -24.91 -19.42 23.18
N ASP C 364 -24.12 -20.09 22.33
CA ASP C 364 -23.22 -19.43 21.40
C ASP C 364 -22.25 -18.48 22.11
N ALA C 365 -21.82 -18.83 23.30
CA ALA C 365 -20.74 -18.12 23.94
C ALA C 365 -19.45 -18.53 23.23
N PRO C 366 -18.53 -17.57 22.98
CA PRO C 366 -17.27 -17.89 22.30
C PRO C 366 -16.32 -18.68 23.17
N VAL C 367 -15.55 -19.54 22.51
CA VAL C 367 -14.68 -20.51 23.17
C VAL C 367 -13.36 -20.55 22.40
N ALA C 368 -12.26 -20.89 23.09
CA ALA C 368 -10.93 -20.83 22.50
C ALA C 368 -10.75 -21.94 21.47
N GLN C 369 -10.78 -21.56 20.19
CA GLN C 369 -10.94 -22.48 19.07
C GLN C 369 -10.85 -21.72 17.75
N ALA C 370 -10.44 -22.38 16.65
CA ALA C 370 -9.82 -21.66 15.55
C ALA C 370 -10.80 -20.70 14.84
N MET D 30 15.77 -67.61 9.72
CA MET D 30 16.60 -66.38 9.53
C MET D 30 16.62 -65.46 10.78
N GLY D 31 17.27 -65.88 11.88
CA GLY D 31 17.86 -64.95 12.84
C GLY D 31 17.94 -65.49 14.26
N ARG D 32 19.09 -65.29 14.96
CA ARG D 32 19.29 -65.67 16.34
C ARG D 32 18.38 -64.84 17.25
N GLY D 33 18.24 -63.53 16.99
CA GLY D 33 17.34 -62.67 17.75
C GLY D 33 16.04 -62.39 17.00
N SER D 34 15.03 -61.89 17.73
CA SER D 34 13.73 -61.51 17.20
C SER D 34 13.84 -60.58 16.00
N SER D 35 12.88 -60.72 15.07
CA SER D 35 12.75 -59.84 13.90
C SER D 35 12.44 -58.41 14.33
N ARG D 36 13.18 -57.46 13.75
CA ARG D 36 12.99 -56.06 14.08
C ARG D 36 13.67 -55.17 13.04
N LEU D 37 13.22 -53.90 12.99
CA LEU D 37 13.86 -52.88 12.17
C LEU D 37 13.34 -51.51 12.61
N GLY D 38 14.12 -50.47 12.29
CA GLY D 38 13.73 -49.10 12.62
C GLY D 38 13.13 -48.36 11.42
N TYR D 39 12.15 -47.52 11.71
CA TYR D 39 11.52 -46.66 10.72
C TYR D 39 11.93 -45.22 11.00
N SER D 40 12.44 -44.55 9.96
CA SER D 40 12.72 -43.12 10.00
C SER D 40 11.47 -42.34 9.62
N ALA D 41 11.02 -41.50 10.54
CA ALA D 41 9.96 -40.53 10.31
C ALA D 41 10.56 -39.23 9.80
N SER D 42 10.34 -38.95 8.52
CA SER D 42 10.92 -37.80 7.85
C SER D 42 9.98 -36.60 7.98
N PHE D 43 10.20 -35.76 9.01
CA PHE D 43 9.37 -34.58 9.25
C PHE D 43 9.58 -33.53 8.17
N GLU D 44 10.71 -33.63 7.46
CA GLU D 44 11.02 -32.76 6.34
C GLU D 44 9.96 -32.90 5.24
N GLN D 45 9.40 -34.10 5.09
CA GLN D 45 8.59 -34.46 3.92
C GLN D 45 7.11 -34.67 4.22
N PHE D 46 6.75 -35.13 5.43
CA PHE D 46 5.41 -35.64 5.67
C PHE D 46 4.71 -34.93 6.82
N HIS D 47 3.43 -34.67 6.61
CA HIS D 47 2.54 -34.13 7.62
C HIS D 47 2.58 -35.05 8.84
N PRO D 48 2.69 -34.50 10.05
CA PRO D 48 2.78 -35.32 11.26
C PRO D 48 1.60 -36.25 11.52
N SER D 49 0.39 -35.90 11.03
CA SER D 49 -0.74 -36.80 11.17
C SER D 49 -0.51 -38.07 10.35
N ASP D 50 0.08 -37.91 9.16
CA ASP D 50 0.40 -39.05 8.31
C ASP D 50 1.47 -39.93 8.98
N LEU D 51 2.49 -39.28 9.57
CA LEU D 51 3.61 -40.00 10.17
C LEU D 51 3.11 -40.84 11.34
N LEU D 52 2.17 -40.31 12.10
CA LEU D 52 1.60 -41.04 13.22
C LEU D 52 0.91 -42.31 12.75
N ARG D 53 0.11 -42.20 11.67
CA ARG D 53 -0.62 -43.33 11.12
C ARG D 53 0.37 -44.36 10.58
N TRP D 54 1.41 -43.90 9.91
CA TRP D 54 2.39 -44.79 9.30
C TRP D 54 3.22 -45.51 10.36
N CYS D 55 3.54 -44.84 11.47
CA CYS D 55 4.26 -45.49 12.56
C CYS D 55 3.39 -46.58 13.19
N GLN D 56 2.08 -46.30 13.34
CA GLN D 56 1.15 -47.30 13.87
C GLN D 56 1.10 -48.54 12.97
N LEU D 57 1.12 -48.30 11.66
CA LEU D 57 1.19 -49.37 10.68
C LEU D 57 2.53 -50.09 10.76
N ALA D 58 3.63 -49.33 10.84
CA ALA D 58 4.96 -49.92 10.91
C ALA D 58 5.08 -50.87 12.10
N GLU D 59 4.48 -50.49 13.24
CA GLU D 59 4.44 -51.37 14.40
C GLU D 59 3.79 -52.70 14.00
N GLN D 60 2.62 -52.63 13.34
CA GLN D 60 1.87 -53.82 12.93
C GLN D 60 2.71 -54.69 12.01
N GLU D 61 3.68 -54.12 11.29
CA GLU D 61 4.39 -54.83 10.23
C GLU D 61 5.77 -55.34 10.66
N GLY D 62 6.14 -55.13 11.93
CA GLY D 62 7.35 -55.75 12.48
C GLY D 62 8.47 -54.75 12.80
N PHE D 63 8.29 -53.45 12.48
CA PHE D 63 9.22 -52.43 12.92
C PHE D 63 9.07 -52.27 14.42
N ASP D 64 10.16 -51.99 15.14
CA ASP D 64 10.18 -51.98 16.60
C ASP D 64 10.48 -50.59 17.17
N SER D 65 10.98 -49.67 16.34
CA SER D 65 11.45 -48.38 16.82
C SER D 65 11.35 -47.30 15.75
N VAL D 66 11.22 -46.06 16.20
CA VAL D 66 11.08 -44.91 15.31
C VAL D 66 12.19 -43.89 15.64
N LEU D 67 12.87 -43.44 14.58
CA LEU D 67 13.76 -42.30 14.62
C LEU D 67 13.03 -41.13 13.99
N ALA D 68 13.01 -40.00 14.69
CA ALA D 68 12.18 -38.85 14.33
C ALA D 68 13.05 -37.60 14.24
N ALA D 69 13.10 -37.01 13.04
CA ALA D 69 13.90 -35.84 12.77
C ALA D 69 13.43 -34.65 13.61
N ASP D 70 14.39 -33.80 14.03
CA ASP D 70 14.07 -32.60 14.78
C ASP D 70 14.42 -31.40 13.93
N HIS D 71 13.51 -31.01 13.04
CA HIS D 71 13.77 -29.93 12.10
C HIS D 71 12.85 -28.76 12.42
N PHE D 72 13.25 -27.58 11.93
CA PHE D 72 12.37 -26.42 11.86
C PHE D 72 11.99 -26.19 10.39
N HIS D 73 12.96 -26.41 9.49
CA HIS D 73 12.80 -26.26 8.06
C HIS D 73 13.08 -27.58 7.34
N PRO D 74 12.38 -27.85 6.23
CA PRO D 74 12.77 -28.94 5.32
C PRO D 74 13.98 -28.52 4.51
N TRP D 75 14.63 -29.50 3.86
CA TRP D 75 15.77 -29.18 3.01
C TRP D 75 15.32 -28.38 1.81
N THR D 76 14.21 -28.79 1.19
CA THR D 76 13.70 -28.11 0.00
C THR D 76 12.22 -27.79 0.20
N PRO D 77 11.68 -26.75 -0.45
CA PRO D 77 10.24 -26.52 -0.45
C PRO D 77 9.41 -27.71 -0.93
N GLU D 78 9.96 -28.46 -1.90
CA GLU D 78 9.33 -29.65 -2.46
C GLU D 78 9.08 -30.72 -1.38
N GLN D 79 9.90 -30.74 -0.33
CA GLN D 79 9.67 -31.68 0.76
C GLN D 79 8.51 -31.16 1.62
N GLY D 80 8.60 -29.90 2.05
CA GLY D 80 7.41 -29.08 2.31
C GLY D 80 6.83 -29.23 3.70
N GLN D 81 7.56 -29.79 4.67
CA GLN D 81 7.06 -29.96 6.03
C GLN D 81 8.18 -29.74 7.07
N SER D 82 7.79 -29.59 8.36
CA SER D 82 8.68 -29.62 9.52
C SER D 82 7.90 -29.45 10.82
N GLY D 83 7.27 -30.54 11.26
CA GLY D 83 6.53 -30.52 12.50
C GLY D 83 7.46 -30.44 13.72
N PHE D 84 6.90 -29.94 14.81
CA PHE D 84 7.59 -29.90 16.09
C PHE D 84 7.54 -31.30 16.67
N VAL D 85 8.72 -31.94 16.73
CA VAL D 85 8.81 -33.36 16.97
C VAL D 85 8.36 -33.68 18.38
N TRP D 86 8.61 -32.76 19.33
CA TRP D 86 8.41 -33.08 20.74
C TRP D 86 6.94 -33.28 21.08
N ALA D 87 6.06 -32.52 20.45
CA ALA D 87 4.63 -32.72 20.60
C ALA D 87 4.23 -34.05 19.96
N TRP D 88 4.76 -34.30 18.76
CA TRP D 88 4.39 -35.50 18.03
C TRP D 88 4.79 -36.75 18.81
N LEU D 89 5.92 -36.70 19.52
CA LEU D 89 6.42 -37.90 20.19
C LEU D 89 5.49 -38.33 21.31
N GLY D 90 4.79 -37.36 21.92
CA GLY D 90 3.80 -37.67 22.94
C GLY D 90 2.65 -38.50 22.35
N ALA D 91 2.22 -38.13 21.13
CA ALA D 91 1.19 -38.86 20.43
C ALA D 91 1.65 -40.28 20.08
N LEU D 92 2.88 -40.40 19.60
CA LEU D 92 3.42 -41.71 19.24
C LEU D 92 3.46 -42.59 20.49
N GLY D 93 3.96 -42.03 21.59
CA GLY D 93 4.12 -42.78 22.83
C GLY D 93 2.79 -43.32 23.33
N ALA D 94 1.74 -42.50 23.22
CA ALA D 94 0.44 -42.83 23.79
C ALA D 94 -0.38 -43.75 22.88
N THR D 95 0.04 -43.99 21.63
CA THR D 95 -0.78 -44.78 20.73
C THR D 95 -0.03 -45.99 20.18
N THR D 96 1.26 -46.20 20.52
CA THR D 96 1.96 -47.40 20.08
C THR D 96 2.71 -47.97 21.26
N ARG D 97 3.41 -49.08 21.05
CA ARG D 97 4.34 -49.60 22.06
C ARG D 97 5.76 -49.55 21.52
N LEU D 98 5.99 -48.79 20.43
CA LEU D 98 7.30 -48.69 19.81
C LEU D 98 8.28 -47.98 20.74
N ARG D 99 9.57 -48.28 20.53
CA ARG D 99 10.64 -47.41 21.01
C ARG D 99 10.72 -46.24 20.06
N PHE D 100 11.28 -45.11 20.53
CA PHE D 100 11.38 -43.93 19.68
C PHE D 100 12.46 -43.00 20.21
N GLY D 101 13.01 -42.20 19.29
CA GLY D 101 14.04 -41.24 19.64
C GLY D 101 14.12 -40.08 18.65
N THR D 102 14.67 -38.97 19.12
CA THR D 102 15.04 -37.85 18.27
C THR D 102 16.28 -38.22 17.47
N GLY D 103 16.29 -37.87 16.20
CA GLY D 103 17.48 -38.13 15.41
C GLY D 103 17.76 -36.99 14.45
N VAL D 104 18.42 -35.91 14.91
CA VAL D 104 18.80 -35.69 16.31
C VAL D 104 18.44 -34.26 16.74
N THR D 105 18.33 -34.05 18.04
CA THR D 105 18.11 -32.73 18.60
C THR D 105 19.45 -32.06 18.85
N PRO D 106 19.68 -30.81 18.38
CA PRO D 106 20.80 -29.99 18.86
C PRO D 106 20.56 -29.19 20.14
N PRO D 107 21.09 -29.61 21.31
CA PRO D 107 20.76 -28.95 22.58
C PRO D 107 21.74 -27.88 23.00
N ILE D 108 22.07 -27.00 22.06
CA ILE D 108 23.22 -26.11 22.20
C ILE D 108 22.82 -24.63 22.20
N GLY D 109 21.53 -24.38 22.38
CA GLY D 109 21.05 -23.07 22.79
C GLY D 109 20.68 -22.17 21.63
N PHE D 110 20.41 -22.72 20.45
CA PHE D 110 19.82 -21.93 19.37
C PHE D 110 18.32 -22.09 19.52
N ARG D 111 17.74 -23.09 18.85
CA ARG D 111 16.35 -23.46 19.04
C ARG D 111 16.08 -23.92 20.47
N TYR D 112 17.03 -24.61 21.09
CA TYR D 112 16.76 -25.37 22.29
C TYR D 112 17.89 -25.18 23.33
N HIS D 113 17.52 -24.83 24.55
CA HIS D 113 18.43 -24.81 25.68
C HIS D 113 18.58 -26.24 26.22
N PRO D 114 19.78 -26.67 26.60
CA PRO D 114 19.97 -28.05 27.07
C PRO D 114 19.14 -28.43 28.28
N ALA D 115 18.86 -27.50 29.17
CA ALA D 115 18.07 -27.80 30.35
C ALA D 115 16.67 -28.25 29.93
N ILE D 116 16.12 -27.64 28.88
CA ILE D 116 14.78 -27.96 28.41
C ILE D 116 14.78 -29.33 27.72
N VAL D 117 15.79 -29.61 26.89
CA VAL D 117 15.93 -30.91 26.28
C VAL D 117 15.95 -31.99 27.36
N ALA D 118 16.65 -31.74 28.46
CA ALA D 118 16.71 -32.72 29.54
C ALA D 118 15.33 -32.96 30.12
N GLN D 119 14.57 -31.89 30.35
CA GLN D 119 13.23 -32.00 30.89
C GLN D 119 12.33 -32.78 29.92
N ALA D 120 12.45 -32.50 28.63
CA ALA D 120 11.64 -33.16 27.63
C ALA D 120 11.91 -34.66 27.63
N ALA D 121 13.21 -34.99 27.65
CA ALA D 121 13.64 -36.38 27.65
C ALA D 121 13.13 -37.11 28.89
N ALA D 122 13.27 -36.45 30.03
CA ALA D 122 12.88 -37.04 31.32
C ALA D 122 11.38 -37.25 31.38
N THR D 123 10.61 -36.32 30.79
CA THR D 123 9.17 -36.41 30.82
C THR D 123 8.71 -37.58 29.95
N LEU D 124 9.26 -37.66 28.72
CA LEU D 124 8.87 -38.71 27.80
C LEU D 124 9.17 -40.08 28.40
N GLU D 125 10.36 -40.26 29.01
CA GLU D 125 10.74 -41.55 29.55
C GLU D 125 9.93 -41.87 30.80
N ALA D 126 9.53 -40.83 31.54
CA ALA D 126 8.70 -41.04 32.71
C ALA D 126 7.33 -41.59 32.29
N MET D 127 6.78 -41.08 31.19
CA MET D 127 5.45 -41.46 30.69
C MET D 127 5.49 -42.76 29.90
N PHE D 128 6.62 -43.07 29.27
CA PHE D 128 6.75 -44.21 28.38
C PHE D 128 8.03 -44.96 28.74
N PRO D 129 8.13 -45.49 29.98
CA PRO D 129 9.38 -46.05 30.48
C PRO D 129 9.93 -47.17 29.60
N GLY D 130 11.25 -47.14 29.35
CA GLY D 130 11.92 -48.17 28.58
C GLY D 130 11.76 -47.96 27.07
N ARG D 131 11.21 -46.82 26.65
CA ARG D 131 10.85 -46.66 25.25
C ARG D 131 11.60 -45.52 24.58
N PHE D 132 12.03 -44.51 25.35
CA PHE D 132 12.57 -43.29 24.75
C PHE D 132 14.10 -43.32 24.78
N TRP D 133 14.70 -42.79 23.72
CA TRP D 133 16.12 -42.53 23.72
C TRP D 133 16.36 -41.14 23.15
N LEU D 134 17.25 -40.40 23.82
CA LEU D 134 17.50 -39.01 23.49
C LEU D 134 18.66 -38.94 22.52
N GLY D 135 18.38 -38.64 21.25
CA GLY D 135 19.42 -38.48 20.26
C GLY D 135 19.75 -37.01 20.05
N ILE D 136 21.03 -36.67 20.19
CA ILE D 136 21.52 -35.29 20.12
C ILE D 136 22.68 -35.19 19.14
N GLY D 137 22.96 -33.97 18.69
CA GLY D 137 23.97 -33.69 17.68
C GLY D 137 24.24 -32.18 17.59
N ALA D 138 25.16 -31.82 16.68
CA ALA D 138 25.74 -30.49 16.65
C ALA D 138 24.88 -29.47 15.89
N GLY D 139 23.82 -29.97 15.21
CA GLY D 139 22.85 -29.11 14.54
C GLY D 139 23.35 -28.69 13.15
N GLU D 140 22.39 -28.17 12.35
CA GLU D 140 22.66 -27.57 11.06
C GLU D 140 22.02 -26.19 11.00
N ALA D 141 22.61 -25.30 10.19
CA ALA D 141 22.17 -23.91 10.12
C ALA D 141 20.75 -23.82 9.56
N LEU D 142 20.38 -24.75 8.67
CA LEU D 142 19.04 -24.80 8.12
C LEU D 142 18.00 -24.54 9.21
N ASN D 143 18.23 -25.13 10.39
CA ASN D 143 17.28 -25.10 11.48
C ASN D 143 17.64 -24.03 12.50
N GLU D 144 18.94 -23.87 12.82
CA GLU D 144 19.33 -23.06 13.97
C GLU D 144 19.47 -21.57 13.61
N HIS D 145 19.59 -21.26 12.32
CA HIS D 145 19.89 -19.89 11.92
C HIS D 145 18.72 -18.95 12.19
N ILE D 146 17.55 -19.48 12.50
CA ILE D 146 16.35 -18.64 12.59
C ILE D 146 16.44 -17.67 13.77
N VAL D 147 17.26 -18.00 14.77
CA VAL D 147 17.31 -17.16 15.97
C VAL D 147 18.37 -16.08 15.82
N GLY D 148 19.10 -16.08 14.70
CA GLY D 148 19.92 -14.94 14.29
C GLY D 148 21.14 -14.71 15.18
N ARG D 149 21.83 -15.80 15.53
CA ARG D 149 23.05 -15.78 16.34
C ARG D 149 24.24 -16.30 15.51
N TYR D 150 25.45 -16.00 15.99
CA TYR D 150 26.69 -16.50 15.41
C TYR D 150 26.65 -18.02 15.27
N TRP D 151 26.97 -18.49 14.08
CA TRP D 151 27.02 -19.92 13.81
C TRP D 151 28.47 -20.38 13.81
N PRO D 152 28.94 -21.10 14.86
CA PRO D 152 30.33 -21.54 14.96
C PRO D 152 30.66 -22.66 14.00
N GLU D 153 31.97 -22.87 13.79
CA GLU D 153 32.43 -23.94 12.94
C GLU D 153 32.16 -25.29 13.62
N PRO D 154 32.13 -26.41 12.86
CA PRO D 154 31.89 -27.73 13.45
C PRO D 154 32.65 -28.03 14.74
N ALA D 155 33.98 -27.83 14.75
CA ALA D 155 34.78 -28.16 15.92
C ALA D 155 34.27 -27.43 17.17
N GLU D 156 33.94 -26.14 17.03
CA GLU D 156 33.43 -25.36 18.14
C GLU D 156 32.06 -25.86 18.57
N ARG D 157 31.21 -26.27 17.62
CA ARG D 157 29.88 -26.77 17.96
C ARG D 157 30.00 -28.08 18.71
N ILE D 158 31.04 -28.86 18.44
CA ILE D 158 31.34 -30.05 19.22
C ILE D 158 31.62 -29.66 20.66
N ARG D 159 32.42 -28.60 20.88
CA ARG D 159 32.72 -28.16 22.24
C ARG D 159 31.42 -27.76 22.95
N MET D 160 30.52 -27.10 22.22
CA MET D 160 29.21 -26.72 22.76
C MET D 160 28.40 -27.96 23.12
N LEU D 161 28.45 -28.99 22.26
CA LEU D 161 27.72 -30.23 22.48
C LEU D 161 28.21 -30.96 23.72
N ILE D 162 29.52 -30.99 23.91
CA ILE D 162 30.11 -31.67 25.07
C ILE D 162 29.64 -30.99 26.36
N GLU D 163 29.53 -29.66 26.33
CA GLU D 163 29.08 -28.93 27.51
C GLU D 163 27.59 -29.21 27.74
N ALA D 164 26.81 -29.27 26.66
CA ALA D 164 25.39 -29.56 26.76
C ALA D 164 25.18 -30.95 27.38
N ILE D 165 26.04 -31.90 26.99
CA ILE D 165 25.93 -33.25 27.50
C ILE D 165 26.15 -33.24 29.00
N GLU D 166 27.08 -32.40 29.45
CA GLU D 166 27.38 -32.31 30.88
C GLU D 166 26.15 -31.80 31.61
N VAL D 167 25.43 -30.84 31.02
CA VAL D 167 24.29 -30.23 31.67
C VAL D 167 23.14 -31.24 31.77
N ILE D 168 22.88 -31.97 30.66
CA ILE D 168 21.81 -32.92 30.65
C ILE D 168 22.08 -34.01 31.69
N GLN D 169 23.33 -34.42 31.80
CA GLN D 169 23.67 -35.49 32.71
C GLN D 169 23.54 -35.05 34.16
N LYS D 170 23.89 -33.80 34.45
CA LYS D 170 23.73 -33.31 35.80
C LYS D 170 22.26 -33.28 36.16
N LEU D 171 21.42 -32.78 35.25
CA LEU D 171 19.99 -32.73 35.51
C LEU D 171 19.40 -34.13 35.66
N PHE D 172 19.96 -35.11 34.94
CA PHE D 172 19.45 -36.48 35.00
C PHE D 172 19.72 -37.13 36.36
N THR D 173 20.66 -36.58 37.16
CA THR D 173 20.94 -37.08 38.49
C THR D 173 19.75 -36.86 39.41
N GLY D 174 18.88 -35.90 39.10
CA GLY D 174 17.68 -35.68 39.92
C GLY D 174 17.94 -34.84 41.16
N LYS D 175 19.15 -34.31 41.30
CA LYS D 175 19.49 -33.40 42.37
C LYS D 175 19.40 -31.97 41.86
N VAL D 176 19.48 -31.01 42.78
CA VAL D 176 19.55 -29.60 42.43
C VAL D 176 20.96 -29.32 41.93
N ILE D 177 21.10 -28.76 40.73
CA ILE D 177 22.42 -28.61 40.13
C ILE D 177 22.58 -27.18 39.60
N ARG D 178 23.86 -26.80 39.51
CA ARG D 178 24.28 -25.52 38.95
C ARG D 178 25.32 -25.84 37.88
N HIS D 179 25.52 -24.96 36.92
CA HIS D 179 26.54 -25.15 35.92
C HIS D 179 26.99 -23.78 35.44
N GLU D 180 28.30 -23.64 35.23
CA GLU D 180 28.84 -22.45 34.66
C GLU D 180 30.04 -22.84 33.81
N GLY D 181 29.87 -22.89 32.50
CA GLY D 181 30.97 -23.15 31.57
C GLY D 181 31.07 -22.05 30.51
N VAL D 182 31.79 -22.31 29.44
CA VAL D 182 31.98 -21.30 28.41
C VAL D 182 30.66 -20.93 27.74
N TYR D 183 29.78 -21.90 27.48
CA TYR D 183 28.63 -21.67 26.61
C TYR D 183 27.32 -21.56 27.39
N PHE D 184 27.18 -22.24 28.53
CA PHE D 184 25.89 -22.29 29.21
C PHE D 184 26.05 -21.96 30.70
N LYS D 185 24.98 -21.36 31.24
CA LYS D 185 24.86 -21.07 32.64
C LYS D 185 23.53 -21.62 33.12
N VAL D 186 23.60 -22.44 34.18
CA VAL D 186 22.41 -23.01 34.75
C VAL D 186 22.38 -22.66 36.23
N GLU D 187 21.37 -21.88 36.62
CA GLU D 187 21.09 -21.58 38.01
C GLU D 187 20.37 -22.77 38.64
N SER D 188 20.29 -22.78 39.97
CA SER D 188 19.72 -23.88 40.74
C SER D 188 18.50 -24.48 40.03
N ALA D 189 18.70 -25.69 39.49
CA ALA D 189 17.69 -26.39 38.72
C ALA D 189 17.62 -27.88 39.07
N LYS D 190 16.41 -28.45 38.99
CA LYS D 190 16.18 -29.86 39.26
C LYS D 190 15.01 -30.42 38.44
N LEU D 191 15.13 -31.66 37.98
CA LEU D 191 14.01 -32.35 37.36
C LEU D 191 13.20 -33.08 38.42
N TYR D 192 12.00 -32.57 38.71
CA TYR D 192 11.11 -33.19 39.67
C TYR D 192 10.35 -34.35 39.03
N THR D 193 10.12 -34.31 37.72
CA THR D 193 9.47 -35.41 37.01
C THR D 193 10.52 -36.26 36.30
N MET D 194 10.85 -37.42 36.88
CA MET D 194 11.90 -38.31 36.38
C MET D 194 11.39 -39.74 36.26
N PRO D 195 11.97 -40.57 35.36
CA PRO D 195 11.80 -42.01 35.45
C PRO D 195 12.75 -42.59 36.49
N ASP D 196 12.51 -43.85 36.89
CA ASP D 196 13.37 -44.53 37.83
C ASP D 196 14.78 -44.60 37.26
N VAL D 197 14.88 -44.78 35.94
CA VAL D 197 16.16 -44.83 35.27
C VAL D 197 16.13 -43.90 34.07
N PRO D 198 17.14 -43.02 33.91
CA PRO D 198 17.12 -42.00 32.87
C PRO D 198 17.21 -42.62 31.48
N PRO D 199 16.76 -41.93 30.42
CA PRO D 199 16.85 -42.46 29.08
C PRO D 199 18.31 -42.38 28.66
N PRO D 200 18.73 -43.26 27.74
CA PRO D 200 20.06 -43.20 27.18
C PRO D 200 20.22 -41.97 26.31
N ILE D 201 21.43 -41.43 26.32
CA ILE D 201 21.81 -40.36 25.43
C ILE D 201 22.59 -40.95 24.27
N ILE D 202 22.06 -40.76 23.08
CA ILE D 202 22.66 -41.22 21.86
C ILE D 202 23.21 -40.02 21.09
N VAL D 203 24.45 -40.05 20.66
CA VAL D 203 24.98 -38.95 19.88
C VAL D 203 24.96 -39.33 18.40
N GLY D 204 24.35 -38.45 17.60
CA GLY D 204 24.36 -38.61 16.16
C GLY D 204 25.48 -37.78 15.55
N THR D 205 26.47 -38.46 14.96
CA THR D 205 27.65 -37.78 14.44
C THR D 205 28.29 -38.64 13.37
N ALA D 206 28.98 -37.95 12.46
CA ALA D 206 29.79 -38.64 11.47
C ALA D 206 31.26 -38.28 11.65
N GLY D 207 31.61 -37.68 12.79
CA GLY D 207 32.97 -37.21 13.06
C GLY D 207 33.73 -38.13 14.01
N PRO D 208 34.93 -38.61 13.63
CA PRO D 208 35.71 -39.49 14.51
C PRO D 208 35.95 -38.96 15.92
N TYR D 209 36.18 -37.66 16.06
CA TYR D 209 36.45 -37.07 17.37
C TYR D 209 35.20 -37.20 18.24
N MET D 210 34.05 -36.79 17.72
CA MET D 210 32.83 -36.80 18.50
C MET D 210 32.37 -38.24 18.79
N ALA D 211 32.68 -39.18 17.89
CA ALA D 211 32.40 -40.59 18.13
C ALA D 211 33.12 -41.08 19.38
N LYS D 212 34.39 -40.71 19.53
CA LYS D 212 35.17 -41.09 20.71
C LYS D 212 34.54 -40.50 21.96
N LYS D 213 34.13 -39.24 21.86
CA LYS D 213 33.57 -38.53 23.00
C LYS D 213 32.23 -39.14 23.36
N THR D 214 31.51 -39.67 22.36
CA THR D 214 30.21 -40.28 22.58
C THR D 214 30.39 -41.53 23.43
N GLY D 215 31.40 -42.34 23.12
CA GLY D 215 31.66 -43.55 23.87
C GLY D 215 32.07 -43.21 25.30
N GLN D 216 32.80 -42.11 25.43
CA GLN D 216 33.33 -41.70 26.71
C GLN D 216 32.25 -41.15 27.62
N LEU D 217 31.30 -40.39 27.07
CA LEU D 217 30.42 -39.53 27.85
C LEU D 217 28.97 -40.01 27.85
N CYS D 218 28.56 -40.77 26.83
CA CYS D 218 27.15 -41.05 26.58
C CYS D 218 26.92 -42.55 26.50
N ASP D 219 25.77 -42.96 25.95
CA ASP D 219 25.30 -44.33 26.05
C ASP D 219 25.37 -45.08 24.73
N GLY D 220 25.29 -44.36 23.60
CA GLY D 220 25.26 -45.01 22.31
C GLY D 220 25.52 -44.04 21.16
N LEU D 221 25.79 -44.61 19.99
CA LEU D 221 26.18 -43.87 18.79
C LEU D 221 25.14 -44.08 17.70
N LEU D 222 24.84 -42.99 16.99
CA LEU D 222 24.02 -43.02 15.80
C LEU D 222 24.77 -42.32 14.69
N THR D 223 24.89 -42.99 13.55
CA THR D 223 25.68 -42.47 12.45
C THR D 223 24.88 -42.64 11.16
N PRO D 224 25.09 -41.78 10.14
CA PRO D 224 24.49 -41.99 8.83
C PRO D 224 25.26 -43.04 8.03
N GLY D 225 24.62 -43.52 6.96
CA GLY D 225 25.23 -44.46 6.03
C GLY D 225 26.45 -43.81 5.40
N ALA D 226 27.43 -44.66 5.08
CA ALA D 226 28.69 -44.24 4.48
C ALA D 226 29.39 -45.53 4.09
N ASN D 227 30.51 -45.42 3.38
CA ASN D 227 31.25 -46.61 3.01
C ASN D 227 31.74 -47.34 4.27
N ASP D 228 32.15 -48.60 4.08
CA ASP D 228 32.57 -49.48 5.15
C ASP D 228 33.72 -48.86 5.95
N GLU D 229 34.71 -48.29 5.26
CA GLU D 229 35.91 -47.78 5.90
C GLU D 229 35.58 -46.72 6.94
N LYS D 230 34.64 -45.84 6.59
CA LYS D 230 34.29 -44.71 7.41
C LYS D 230 33.37 -45.13 8.57
N LEU D 231 32.53 -46.12 8.32
CA LEU D 231 31.67 -46.68 9.37
C LEU D 231 32.53 -47.44 10.40
N ARG D 232 33.52 -48.15 9.89
CA ARG D 232 34.32 -48.98 10.75
C ARG D 232 35.19 -48.08 11.63
N LEU D 233 35.56 -46.89 11.13
CA LEU D 233 36.33 -45.92 11.88
C LEU D 233 35.48 -45.31 13.00
N LEU D 234 34.23 -44.99 12.71
CA LEU D 234 33.34 -44.42 13.70
C LEU D 234 33.06 -45.42 14.81
N LEU D 235 32.77 -46.69 14.45
CA LEU D 235 32.49 -47.72 15.45
C LEU D 235 33.72 -47.87 16.33
N SER D 236 34.89 -47.88 15.69
CA SER D 236 36.15 -48.12 16.33
C SER D 236 36.45 -47.05 17.36
N ARG D 237 36.22 -45.78 16.96
CA ARG D 237 36.46 -44.63 17.84
C ARG D 237 35.50 -44.64 19.03
N PHE D 238 34.24 -44.96 18.76
CA PHE D 238 33.22 -45.05 19.80
C PHE D 238 33.63 -46.10 20.82
N GLU D 239 34.10 -47.25 20.33
CA GLU D 239 34.43 -48.36 21.19
C GLU D 239 35.61 -47.97 22.07
N GLU D 240 36.66 -47.36 21.50
CA GLU D 240 37.86 -47.09 22.27
C GLU D 240 37.62 -45.93 23.23
N GLY D 241 36.68 -45.04 22.90
CA GLY D 241 36.29 -44.01 23.83
C GLY D 241 35.65 -44.59 25.08
N ALA D 242 34.78 -45.59 24.89
CA ALA D 242 34.03 -46.21 25.97
C ALA D 242 34.97 -47.00 26.88
N ARG D 243 35.89 -47.78 26.28
CA ARG D 243 36.85 -48.52 27.05
C ARG D 243 37.72 -47.58 27.86
N ALA D 244 38.21 -46.49 27.23
CA ALA D 244 39.06 -45.54 27.91
C ALA D 244 38.37 -45.01 29.18
N ALA D 245 37.04 -44.95 29.17
CA ALA D 245 36.30 -44.43 30.30
C ALA D 245 35.76 -45.55 31.18
N GLY D 246 36.20 -46.80 30.98
CA GLY D 246 35.90 -47.89 31.87
C GLY D 246 34.55 -48.56 31.60
N LYS D 247 33.91 -48.25 30.48
CA LYS D 247 32.60 -48.82 30.14
C LYS D 247 32.80 -50.06 29.25
N ASP D 248 31.73 -50.87 29.13
CA ASP D 248 31.74 -52.08 28.31
C ASP D 248 31.00 -51.83 27.00
N PRO D 249 31.74 -51.63 25.88
CA PRO D 249 31.09 -51.19 24.63
C PRO D 249 30.25 -52.26 23.94
N ARG D 250 30.39 -53.52 24.43
CA ARG D 250 29.63 -54.61 23.87
C ARG D 250 28.16 -54.50 24.30
N ARG D 251 27.90 -53.75 25.38
CA ARG D 251 26.55 -53.56 25.86
C ARG D 251 26.03 -52.17 25.53
N MET D 252 26.68 -51.45 24.60
CA MET D 252 26.27 -50.10 24.23
C MET D 252 25.80 -50.09 22.77
N PRO D 253 24.61 -49.53 22.48
CA PRO D 253 24.04 -49.58 21.14
C PRO D 253 24.84 -48.83 20.08
N ARG D 254 24.87 -49.42 18.89
CA ARG D 254 25.53 -48.91 17.71
C ARG D 254 24.53 -48.84 16.56
N MET D 255 24.07 -47.61 16.26
CA MET D 255 22.86 -47.43 15.46
C MET D 255 23.25 -46.71 14.18
N ILE D 256 22.55 -47.04 13.09
CA ILE D 256 22.80 -46.41 11.80
C ILE D 256 21.48 -46.01 11.17
N GLN D 257 21.47 -44.84 10.51
CA GLN D 257 20.35 -44.36 9.75
C GLN D 257 20.70 -44.35 8.28
N VAL D 258 19.91 -45.01 7.44
CA VAL D 258 20.17 -45.10 6.01
C VAL D 258 18.98 -44.57 5.20
N HIS D 259 19.30 -44.07 4.01
CA HIS D 259 18.29 -43.57 3.09
C HIS D 259 18.22 -44.51 1.90
N VAL D 260 17.02 -45.01 1.62
CA VAL D 260 16.80 -45.91 0.49
C VAL D 260 15.62 -45.39 -0.31
N SER D 261 15.53 -45.85 -1.55
CA SER D 261 14.36 -45.61 -2.38
C SER D 261 13.86 -46.96 -2.88
N TRP D 262 12.71 -47.38 -2.33
CA TRP D 262 11.98 -48.50 -2.89
C TRP D 262 10.75 -47.98 -3.61
N ALA D 263 10.45 -48.62 -4.74
CA ALA D 263 9.22 -48.41 -5.48
C ALA D 263 8.93 -49.64 -6.32
N GLU D 264 7.86 -49.58 -7.09
CA GLU D 264 7.37 -50.70 -7.88
C GLU D 264 8.39 -51.04 -8.98
N THR D 265 9.07 -50.04 -9.56
CA THR D 265 10.13 -50.30 -10.53
C THR D 265 11.37 -49.50 -10.18
N ASP D 266 12.51 -49.91 -10.77
CA ASP D 266 13.76 -49.21 -10.60
C ASP D 266 13.61 -47.77 -11.09
N GLU D 267 12.84 -47.56 -12.15
CA GLU D 267 12.66 -46.23 -12.68
C GLU D 267 12.02 -45.30 -11.66
N GLN D 268 10.90 -45.69 -11.05
CA GLN D 268 10.23 -44.82 -10.10
C GLN D 268 11.10 -44.62 -8.86
N ALA D 269 11.91 -45.63 -8.52
CA ALA D 269 12.79 -45.56 -7.36
C ALA D 269 13.85 -44.47 -7.55
N ILE D 270 14.44 -44.42 -8.76
CA ILE D 270 15.43 -43.41 -9.11
C ILE D 270 14.81 -42.02 -9.11
N GLU D 271 13.66 -41.84 -9.78
CA GLU D 271 13.05 -40.52 -9.88
C GLU D 271 12.56 -40.04 -8.51
N ASN D 272 12.08 -40.97 -7.68
CA ASN D 272 11.65 -40.62 -6.33
C ASN D 272 12.80 -39.97 -5.56
N ALA D 273 13.99 -40.58 -5.65
CA ALA D 273 15.16 -40.09 -4.93
C ALA D 273 15.54 -38.71 -5.47
N LEU D 274 15.47 -38.56 -6.79
CA LEU D 274 15.93 -37.36 -7.46
C LEU D 274 15.02 -36.17 -7.13
N ARG D 275 13.70 -36.41 -7.03
CA ARG D 275 12.75 -35.34 -6.82
C ARG D 275 12.56 -35.06 -5.34
N GLU D 276 12.60 -36.08 -4.47
CA GLU D 276 12.19 -35.94 -3.07
C GLU D 276 13.36 -35.71 -2.12
N TRP D 277 14.57 -36.18 -2.50
CA TRP D 277 15.71 -36.21 -1.60
C TRP D 277 16.98 -35.87 -2.38
N PRO D 278 17.02 -34.72 -3.11
CA PRO D 278 18.22 -34.32 -3.84
C PRO D 278 19.42 -34.08 -2.92
N ASN D 279 19.16 -33.71 -1.66
CA ASN D 279 20.23 -33.55 -0.68
C ASN D 279 21.03 -34.84 -0.50
N GLY D 280 20.40 -35.98 -0.80
CA GLY D 280 21.11 -37.25 -0.79
C GLY D 280 22.18 -37.36 -1.88
N GLY D 281 22.17 -36.49 -2.89
CA GLY D 281 23.17 -36.50 -3.95
C GLY D 281 24.21 -35.40 -3.77
N MET D 282 24.14 -34.73 -2.62
CA MET D 282 25.02 -33.63 -2.32
C MET D 282 26.11 -34.15 -1.39
N ALA D 283 27.17 -34.67 -2.01
CA ALA D 283 28.26 -35.32 -1.28
C ALA D 283 29.24 -34.24 -0.79
N PHE D 284 28.79 -33.46 0.19
CA PHE D 284 29.55 -32.31 0.64
C PHE D 284 28.92 -31.78 1.92
N PRO D 285 29.66 -31.03 2.77
CA PRO D 285 29.13 -30.63 4.07
C PRO D 285 28.01 -29.60 3.89
N LYS D 286 26.88 -29.79 4.59
CA LYS D 286 25.68 -29.03 4.35
C LYS D 286 25.26 -28.21 5.57
N GLY D 287 26.08 -28.15 6.60
CA GLY D 287 25.65 -27.62 7.89
C GLY D 287 25.71 -26.08 8.00
N ASP D 288 26.20 -25.40 6.94
CA ASP D 288 26.31 -23.95 6.93
C ASP D 288 25.23 -23.27 6.08
N ILE D 289 24.49 -24.05 5.27
CA ILE D 289 23.49 -23.55 4.36
C ILE D 289 22.18 -23.25 5.08
N ARG D 290 21.68 -22.03 4.91
CA ARG D 290 20.64 -21.47 5.77
C ARG D 290 19.23 -21.78 5.28
N ASN D 291 18.98 -21.74 3.97
CA ASN D 291 17.62 -21.69 3.50
C ASN D 291 17.24 -22.90 2.64
N PRO D 292 15.96 -23.34 2.72
CA PRO D 292 15.45 -24.34 1.81
C PRO D 292 15.66 -23.94 0.35
N GLU D 293 15.50 -22.64 0.07
CA GLU D 293 15.58 -22.12 -1.29
C GLU D 293 17.01 -22.30 -1.81
N ASP D 294 18.01 -22.26 -0.91
CA ASP D 294 19.39 -22.52 -1.26
C ASP D 294 19.59 -23.96 -1.72
N PHE D 295 19.11 -24.92 -0.92
CA PHE D 295 19.24 -26.32 -1.27
C PHE D 295 18.52 -26.60 -2.60
N GLN D 296 17.34 -26.02 -2.75
CA GLN D 296 16.53 -26.22 -3.94
C GLN D 296 17.27 -25.77 -5.19
N ALA D 297 17.97 -24.63 -5.11
CA ALA D 297 18.76 -24.14 -6.23
C ALA D 297 19.97 -25.06 -6.50
N MET D 298 20.60 -25.57 -5.43
CA MET D 298 21.73 -26.49 -5.57
C MET D 298 21.28 -27.83 -6.16
N ALA D 299 20.00 -28.19 -5.94
CA ALA D 299 19.46 -29.45 -6.38
C ALA D 299 19.43 -29.53 -7.90
N ARG D 300 19.35 -28.38 -8.57
CA ARG D 300 19.36 -28.32 -10.03
C ARG D 300 20.63 -28.98 -10.59
N LEU D 301 21.70 -29.13 -9.81
CA LEU D 301 22.92 -29.79 -10.27
C LEU D 301 22.87 -31.31 -10.14
N VAL D 302 22.01 -31.81 -9.25
CA VAL D 302 22.07 -33.20 -8.82
C VAL D 302 21.58 -34.13 -9.94
N ARG D 303 22.27 -35.25 -10.14
CA ARG D 303 21.96 -36.22 -11.18
C ARG D 303 21.90 -37.63 -10.57
N PRO D 304 21.29 -38.63 -11.24
CA PRO D 304 21.21 -39.98 -10.67
C PRO D 304 22.55 -40.62 -10.25
N GLU D 305 23.63 -40.31 -10.98
CA GLU D 305 24.96 -40.84 -10.70
C GLU D 305 25.44 -40.45 -9.29
N HIS D 306 25.07 -39.26 -8.80
CA HIS D 306 25.61 -38.72 -7.54
C HIS D 306 25.05 -39.43 -6.31
N PHE D 307 24.18 -40.43 -6.52
CA PHE D 307 23.55 -41.16 -5.43
C PHE D 307 24.22 -42.51 -5.19
N GLN D 308 25.05 -43.01 -6.10
CA GLN D 308 25.60 -44.36 -5.96
C GLN D 308 26.46 -44.40 -4.68
N GLY D 309 26.38 -45.52 -3.94
CA GLY D 309 27.04 -45.67 -2.66
C GLY D 309 26.24 -45.01 -1.53
N ARG D 310 25.43 -43.99 -1.87
CA ARG D 310 24.91 -43.05 -0.89
C ARG D 310 23.41 -43.29 -0.65
N VAL D 311 22.64 -43.65 -1.68
CA VAL D 311 21.23 -43.98 -1.54
C VAL D 311 20.92 -45.16 -2.47
N LEU D 312 20.44 -46.25 -1.87
CA LEU D 312 20.09 -47.44 -2.60
C LEU D 312 18.77 -47.21 -3.32
N MET D 313 18.76 -47.36 -4.66
CA MET D 313 17.61 -47.06 -5.47
C MET D 313 17.25 -48.32 -6.28
N THR D 314 16.29 -49.13 -5.80
CA THR D 314 15.92 -50.35 -6.51
C THR D 314 14.58 -50.88 -5.98
N SER D 315 13.88 -51.62 -6.84
CA SER D 315 12.63 -52.28 -6.51
C SER D 315 12.88 -53.71 -6.00
N ASP D 316 14.12 -54.20 -6.13
CA ASP D 316 14.49 -55.55 -5.74
C ASP D 316 14.65 -55.61 -4.22
N LEU D 317 13.67 -56.20 -3.53
CA LEU D 317 13.64 -56.21 -2.07
C LEU D 317 14.67 -57.17 -1.50
N ASP D 318 15.13 -58.15 -2.29
CA ASP D 318 16.27 -58.97 -1.92
C ASP D 318 17.50 -58.09 -1.72
N ARG D 319 17.69 -57.15 -2.63
CA ARG D 319 18.87 -56.30 -2.64
C ARG D 319 18.81 -55.32 -1.48
N HIS D 320 17.61 -54.85 -1.14
CA HIS D 320 17.37 -54.13 0.11
C HIS D 320 17.82 -54.95 1.32
N GLY D 321 17.43 -56.22 1.38
CA GLY D 321 17.78 -57.09 2.50
C GLY D 321 19.29 -57.29 2.62
N GLU D 322 19.99 -57.47 1.49
CA GLU D 322 21.42 -57.71 1.47
C GLU D 322 22.16 -56.47 1.97
N PHE D 323 21.66 -55.30 1.53
CA PHE D 323 22.24 -54.03 1.95
C PHE D 323 22.17 -53.89 3.47
N LEU D 324 20.99 -54.20 4.04
CA LEU D 324 20.76 -54.04 5.46
C LEU D 324 21.54 -55.07 6.27
N GLN D 325 21.57 -56.32 5.78
CA GLN D 325 22.28 -57.38 6.47
C GLN D 325 23.77 -57.07 6.60
N HIS D 326 24.33 -56.46 5.54
CA HIS D 326 25.73 -56.08 5.52
C HIS D 326 26.06 -55.17 6.70
N LEU D 327 25.15 -54.23 6.98
CA LEU D 327 25.35 -53.26 8.05
C LEU D 327 25.31 -53.98 9.39
N ILE D 328 24.43 -54.98 9.52
CA ILE D 328 24.35 -55.73 10.76
C ILE D 328 25.68 -56.41 11.00
N ASP D 329 26.24 -56.94 9.92
CA ASP D 329 27.48 -57.73 9.94
C ASP D 329 28.67 -56.84 10.30
N LEU D 330 28.64 -55.56 9.90
CA LEU D 330 29.69 -54.64 10.31
C LEU D 330 29.70 -54.41 11.83
N GLY D 331 28.55 -54.60 12.48
CA GLY D 331 28.46 -54.49 13.93
C GLY D 331 27.42 -53.48 14.40
N PHE D 332 26.55 -53.01 13.50
CA PHE D 332 25.43 -52.20 13.94
C PHE D 332 24.39 -53.10 14.57
N THR D 333 23.83 -52.64 15.70
CA THR D 333 22.84 -53.37 16.47
C THR D 333 21.45 -52.80 16.24
N GLU D 334 21.34 -51.65 15.57
CA GLU D 334 20.05 -51.08 15.21
C GLU D 334 20.17 -50.40 13.85
N ILE D 335 19.14 -50.53 12.99
CA ILE D 335 19.12 -49.80 11.74
C ILE D 335 17.80 -49.08 11.62
N TYR D 336 17.85 -47.80 11.25
CA TYR D 336 16.67 -47.00 10.99
C TYR D 336 16.63 -46.68 9.50
N VAL D 337 15.50 -47.02 8.85
CA VAL D 337 15.40 -46.91 7.40
C VAL D 337 14.45 -45.78 7.02
N HIS D 338 14.98 -44.88 6.17
CA HIS D 338 14.20 -43.81 5.58
C HIS D 338 14.01 -44.13 4.11
N ASN D 339 12.76 -44.43 3.73
CA ASN D 339 12.39 -44.48 2.33
C ASN D 339 12.14 -43.05 1.87
N VAL D 340 12.76 -42.64 0.77
CA VAL D 340 12.72 -41.24 0.37
C VAL D 340 11.46 -40.92 -0.45
N GLY D 341 10.84 -41.95 -1.05
CA GLY D 341 9.63 -41.74 -1.82
C GLY D 341 8.45 -41.43 -0.91
N ARG D 342 7.37 -40.90 -1.53
CA ARG D 342 6.15 -40.58 -0.83
C ARG D 342 5.27 -41.81 -0.65
N ASN D 343 5.71 -42.95 -1.21
CA ASN D 343 5.01 -44.21 -1.15
C ASN D 343 5.30 -44.92 0.18
N GLN D 344 4.99 -44.25 1.29
CA GLN D 344 5.40 -44.71 2.60
C GLN D 344 4.61 -45.94 3.02
N GLU D 345 3.29 -45.97 2.73
CA GLU D 345 2.48 -47.08 3.15
C GLU D 345 2.92 -48.38 2.45
N GLU D 346 3.15 -48.29 1.12
CA GLU D 346 3.49 -49.46 0.32
CA GLU D 346 3.49 -49.46 0.32
C GLU D 346 4.86 -49.96 0.76
N PHE D 347 5.75 -49.02 1.06
CA PHE D 347 7.11 -49.32 1.51
C PHE D 347 7.09 -50.09 2.83
N ILE D 348 6.31 -49.63 3.80
CA ILE D 348 6.21 -50.28 5.09
C ILE D 348 5.68 -51.71 4.93
N ARG D 349 4.65 -51.89 4.10
CA ARG D 349 4.09 -53.22 3.89
C ARG D 349 5.08 -54.12 3.18
N ALA D 350 5.82 -53.56 2.21
CA ALA D 350 6.78 -54.33 1.42
C ALA D 350 7.94 -54.84 2.29
N TYR D 351 8.48 -53.96 3.14
CA TYR D 351 9.55 -54.33 4.05
C TYR D 351 9.03 -55.32 5.09
N GLY D 352 7.79 -55.13 5.56
CA GLY D 352 7.19 -56.04 6.54
C GLY D 352 7.12 -57.49 6.03
N ARG D 353 6.79 -57.66 4.74
CA ARG D 353 6.60 -58.97 4.14
C ARG D 353 7.95 -59.55 3.72
N ALA D 354 8.78 -58.77 3.00
CA ALA D 354 9.91 -59.33 2.27
C ALA D 354 11.26 -59.13 2.97
N VAL D 355 11.40 -58.13 3.87
CA VAL D 355 12.71 -57.74 4.36
C VAL D 355 12.87 -58.08 5.85
N ILE D 356 12.05 -57.48 6.71
CA ILE D 356 12.23 -57.56 8.15
C ILE D 356 12.31 -59.02 8.60
N PRO D 357 11.44 -59.93 8.12
CA PRO D 357 11.49 -61.33 8.55
C PRO D 357 12.79 -62.05 8.20
N HIS D 358 13.56 -61.55 7.24
CA HIS D 358 14.71 -62.27 6.73
C HIS D 358 16.01 -61.70 7.27
N LEU D 359 15.96 -60.65 8.11
CA LEU D 359 17.17 -60.06 8.68
C LEU D 359 17.63 -60.84 9.90
N ARG D 360 18.92 -61.19 9.94
CA ARG D 360 19.50 -61.98 11.02
C ARG D 360 20.21 -61.03 12.00
N TRP D 361 19.58 -60.79 13.15
CA TRP D 361 20.16 -60.00 14.23
C TRP D 361 20.82 -60.92 15.25
N PRO D 362 22.05 -60.63 15.74
CA PRO D 362 22.59 -61.39 16.87
C PRO D 362 21.66 -61.25 18.08
N ALA D 363 21.45 -62.34 18.80
CA ALA D 363 20.63 -62.32 20.01
C ALA D 363 21.32 -61.49 21.09
N ASP D 364 20.52 -60.83 21.94
CA ASP D 364 21.00 -59.99 23.03
C ASP D 364 21.96 -58.92 22.49
N ALA D 365 21.71 -58.40 21.28
CA ALA D 365 22.39 -57.22 20.82
C ALA D 365 21.81 -56.03 21.58
N PRO D 366 22.65 -55.06 22.01
CA PRO D 366 22.15 -53.91 22.75
C PRO D 366 21.34 -52.95 21.89
N VAL D 367 20.35 -52.33 22.53
CA VAL D 367 19.37 -51.49 21.85
C VAL D 367 19.13 -50.24 22.71
N ALA D 368 18.74 -49.13 22.09
CA ALA D 368 18.62 -47.86 22.80
C ALA D 368 17.40 -47.88 23.71
N GLN D 369 17.66 -47.99 25.03
CA GLN D 369 16.66 -48.34 26.03
C GLN D 369 17.28 -48.31 27.42
N ALA D 370 16.47 -48.07 28.47
CA ALA D 370 17.01 -47.69 29.76
C ALA D 370 17.79 -48.85 30.39
N SER E 34 38.31 5.46 -29.06
CA SER E 34 39.64 4.80 -28.88
C SER E 34 39.47 3.35 -28.43
N SER E 35 40.35 2.49 -28.96
CA SER E 35 40.40 1.08 -28.61
C SER E 35 40.77 0.91 -27.14
N ARG E 36 40.01 0.04 -26.46
CA ARG E 36 40.25 -0.22 -25.05
C ARG E 36 39.50 -1.48 -24.61
N LEU E 37 39.95 -2.09 -23.51
CA LEU E 37 39.27 -3.19 -22.85
C LEU E 37 39.83 -3.36 -21.43
N GLY E 38 39.07 -4.00 -20.55
CA GLY E 38 39.51 -4.26 -19.20
C GLY E 38 40.05 -5.69 -19.03
N TYR E 39 41.08 -5.82 -18.20
CA TYR E 39 41.65 -7.10 -17.82
C TYR E 39 41.31 -7.37 -16.35
N SER E 40 40.72 -8.54 -16.10
CA SER E 40 40.48 -9.03 -14.75
C SER E 40 41.71 -9.78 -14.24
N ALA E 41 42.27 -9.26 -13.13
CA ALA E 41 43.32 -9.93 -12.40
C ALA E 41 42.70 -10.86 -11.35
N SER E 42 42.83 -12.16 -11.59
CA SER E 42 42.24 -13.18 -10.75
C SER E 42 43.23 -13.58 -9.65
N PHE E 43 43.10 -12.95 -8.48
CA PHE E 43 43.98 -13.22 -7.34
C PHE E 43 43.72 -14.62 -6.78
N GLU E 44 42.52 -15.15 -7.08
CA GLU E 44 42.13 -16.49 -6.66
C GLU E 44 43.08 -17.53 -7.27
N GLN E 45 43.59 -17.26 -8.48
CA GLN E 45 44.27 -18.26 -9.29
C GLN E 45 45.78 -18.02 -9.48
N PHE E 46 46.22 -16.75 -9.48
CA PHE E 46 47.56 -16.44 -9.95
C PHE E 46 48.39 -15.69 -8.91
N HIS E 47 49.66 -16.07 -8.82
CA HIS E 47 50.64 -15.38 -8.00
C HIS E 47 50.66 -13.90 -8.38
N PRO E 48 50.66 -12.98 -7.40
CA PRO E 48 50.64 -11.56 -7.71
C PRO E 48 51.83 -11.03 -8.53
N SER E 49 52.99 -11.70 -8.44
CA SER E 49 54.11 -11.33 -9.30
C SER E 49 53.75 -11.56 -10.77
N ASP E 50 53.08 -12.68 -11.05
CA ASP E 50 52.65 -13.00 -12.41
C ASP E 50 51.62 -11.98 -12.89
N LEU E 51 50.67 -11.61 -12.01
CA LEU E 51 49.59 -10.71 -12.38
C LEU E 51 50.16 -9.34 -12.75
N LEU E 52 51.18 -8.90 -12.02
CA LEU E 52 51.83 -7.63 -12.31
C LEU E 52 52.45 -7.65 -13.71
N ARG E 53 53.16 -8.74 -14.03
CA ARG E 53 53.83 -8.86 -15.32
C ARG E 53 52.79 -8.89 -16.44
N TRP E 54 51.68 -9.62 -16.21
CA TRP E 54 50.65 -9.78 -17.23
C TRP E 54 49.92 -8.46 -17.46
N CYS E 55 49.70 -7.67 -16.38
CA CYS E 55 49.05 -6.37 -16.54
C CYS E 55 49.94 -5.44 -17.34
N GLN E 56 51.26 -5.50 -17.11
CA GLN E 56 52.21 -4.68 -17.86
C GLN E 56 52.16 -5.03 -19.34
N LEU E 57 52.05 -6.32 -19.63
CA LEU E 57 51.87 -6.81 -20.99
C LEU E 57 50.52 -6.37 -21.55
N ALA E 58 49.45 -6.52 -20.77
CA ALA E 58 48.11 -6.14 -21.20
C ALA E 58 48.06 -4.66 -21.60
N GLU E 59 48.75 -3.81 -20.85
CA GLU E 59 48.87 -2.41 -21.23
C GLU E 59 49.44 -2.29 -22.64
N GLN E 60 50.54 -3.01 -22.89
CA GLN E 60 51.22 -2.98 -24.19
C GLN E 60 50.27 -3.43 -25.29
N GLU E 61 49.28 -4.28 -24.97
CA GLU E 61 48.46 -4.93 -25.98
C GLU E 61 47.10 -4.25 -26.19
N GLY E 62 46.84 -3.13 -25.51
CA GLY E 62 45.68 -2.31 -25.81
C GLY E 62 44.63 -2.28 -24.69
N PHE E 63 44.80 -3.09 -23.63
CA PHE E 63 43.94 -3.00 -22.46
C PHE E 63 44.22 -1.67 -21.75
N ASP E 64 43.20 -1.06 -21.14
CA ASP E 64 43.32 0.27 -20.55
C ASP E 64 43.10 0.24 -19.04
N SER E 65 42.56 -0.84 -18.47
CA SER E 65 42.11 -0.84 -17.08
C SER E 65 42.16 -2.24 -16.50
N VAL E 66 42.35 -2.32 -15.18
CA VAL E 66 42.45 -3.59 -14.47
C VAL E 66 41.42 -3.60 -13.35
N LEU E 67 40.68 -4.72 -13.29
CA LEU E 67 39.82 -5.04 -12.17
C LEU E 67 40.53 -6.12 -11.36
N ALA E 68 40.65 -5.89 -10.04
CA ALA E 68 41.44 -6.73 -9.17
C ALA E 68 40.57 -7.21 -8.01
N ALA E 69 40.47 -8.54 -7.90
CA ALA E 69 39.69 -9.16 -6.85
C ALA E 69 40.29 -8.87 -5.47
N ASP E 70 39.42 -8.74 -4.47
CA ASP E 70 39.83 -8.53 -3.09
C ASP E 70 39.47 -9.76 -2.28
N HIS E 71 40.32 -10.78 -2.32
CA HIS E 71 40.03 -12.04 -1.65
C HIS E 71 41.01 -12.25 -0.50
N PHE E 72 40.63 -13.11 0.44
CA PHE E 72 41.54 -13.70 1.41
C PHE E 72 41.79 -15.16 1.04
N HIS E 73 40.72 -15.83 0.56
CA HIS E 73 40.76 -17.22 0.15
C HIS E 73 40.36 -17.36 -1.32
N PRO E 74 40.94 -18.32 -2.05
CA PRO E 74 40.42 -18.70 -3.36
C PRO E 74 39.15 -19.52 -3.20
N TRP E 75 38.42 -19.71 -4.29
CA TRP E 75 37.23 -20.54 -4.25
C TRP E 75 37.61 -21.99 -3.99
N THR E 76 38.66 -22.47 -4.65
CA THR E 76 39.06 -23.87 -4.50
C THR E 76 40.57 -23.91 -4.24
N PRO E 77 41.09 -24.96 -3.58
CA PRO E 77 42.54 -25.15 -3.48
C PRO E 77 43.26 -25.23 -4.83
N GLU E 78 42.58 -25.79 -5.84
CA GLU E 78 43.09 -25.90 -7.20
C GLU E 78 43.41 -24.53 -7.79
N GLN E 79 42.70 -23.48 -7.35
CA GLN E 79 42.99 -22.15 -7.83
C GLN E 79 44.26 -21.64 -7.12
N GLY E 80 44.25 -21.71 -5.79
CA GLY E 80 45.48 -21.86 -5.01
C GLY E 80 46.19 -20.55 -4.66
N GLN E 81 45.53 -19.39 -4.77
CA GLN E 81 46.13 -18.11 -4.45
C GLN E 81 45.13 -17.16 -3.77
N SER E 82 45.64 -16.05 -3.17
CA SER E 82 44.86 -14.91 -2.71
C SER E 82 45.77 -13.84 -2.13
N GLY E 83 46.39 -13.05 -3.00
CA GLY E 83 47.21 -11.94 -2.53
C GLY E 83 46.38 -10.79 -1.95
N PHE E 84 47.03 -10.02 -1.10
CA PHE E 84 46.48 -8.80 -0.54
C PHE E 84 46.51 -7.73 -1.62
N VAL E 85 45.31 -7.35 -2.09
CA VAL E 85 45.18 -6.58 -3.31
C VAL E 85 45.74 -5.18 -3.11
N TRP E 86 45.61 -4.63 -1.89
CA TRP E 86 45.91 -3.22 -1.67
C TRP E 86 47.40 -2.91 -1.85
N ALA E 87 48.25 -3.85 -1.41
CA ALA E 87 49.66 -3.72 -1.65
C ALA E 87 49.96 -3.84 -3.14
N TRP E 88 49.34 -4.83 -3.79
CA TRP E 88 49.58 -5.09 -5.20
C TRP E 88 49.22 -3.88 -6.05
N LEU E 89 48.17 -3.16 -5.68
CA LEU E 89 47.66 -2.06 -6.51
C LEU E 89 48.68 -0.92 -6.54
N GLY E 90 49.45 -0.78 -5.46
CA GLY E 90 50.51 0.22 -5.43
C GLY E 90 51.59 -0.09 -6.47
N ALA E 91 51.92 -1.38 -6.62
CA ALA E 91 52.89 -1.81 -7.61
C ALA E 91 52.37 -1.58 -9.02
N LEU E 92 51.08 -1.89 -9.25
CA LEU E 92 50.50 -1.69 -10.56
C LEU E 92 50.54 -0.21 -10.90
N GLY E 93 50.12 0.63 -9.94
CA GLY E 93 50.05 2.07 -10.15
C GLY E 93 51.41 2.64 -10.54
N ALA E 94 52.47 2.16 -9.90
CA ALA E 94 53.79 2.73 -10.06
C ALA E 94 54.52 2.18 -11.28
N THR E 95 54.00 1.15 -11.95
CA THR E 95 54.72 0.56 -13.06
C THR E 95 53.88 0.58 -14.35
N THR E 96 52.63 1.06 -14.34
CA THR E 96 51.86 1.16 -15.57
C THR E 96 51.17 2.52 -15.60
N ARG E 97 50.42 2.80 -16.67
CA ARG E 97 49.55 3.97 -16.70
C ARG E 97 48.09 3.53 -16.78
N LEU E 98 47.82 2.26 -16.48
CA LEU E 98 46.46 1.70 -16.51
C LEU E 98 45.60 2.33 -15.43
N ARG E 99 44.29 2.37 -15.67
CA ARG E 99 43.29 2.59 -14.64
C ARG E 99 43.15 1.26 -13.89
N PHE E 100 42.65 1.29 -12.66
CA PHE E 100 42.49 0.08 -11.89
C PHE E 100 41.48 0.27 -10.77
N GLY E 101 40.87 -0.83 -10.35
CA GLY E 101 39.90 -0.80 -9.26
C GLY E 101 39.78 -2.15 -8.55
N THR E 102 39.28 -2.10 -7.31
CA THR E 102 38.89 -3.28 -6.57
C THR E 102 37.58 -3.80 -7.14
N GLY E 103 37.48 -5.12 -7.31
CA GLY E 103 36.22 -5.68 -7.74
C GLY E 103 35.94 -6.98 -7.00
N VAL E 104 35.37 -6.92 -5.78
CA VAL E 104 35.10 -5.70 -5.04
C VAL E 104 35.56 -5.85 -3.58
N THR E 105 35.77 -4.72 -2.90
CA THR E 105 36.09 -4.73 -1.49
C THR E 105 34.79 -4.68 -0.68
N PRO E 106 34.60 -5.57 0.32
CA PRO E 106 33.54 -5.38 1.32
C PRO E 106 33.91 -4.54 2.55
N PRO E 107 33.47 -3.26 2.63
CA PRO E 107 33.95 -2.36 3.68
C PRO E 107 33.04 -2.29 4.90
N ILE E 108 32.66 -3.48 5.41
CA ILE E 108 31.57 -3.58 6.34
C ILE E 108 32.03 -4.15 7.70
N GLY E 109 33.36 -4.15 7.91
CA GLY E 109 33.92 -4.30 9.24
C GLY E 109 34.23 -5.74 9.63
N PHE E 110 34.39 -6.64 8.65
CA PHE E 110 34.91 -7.97 8.90
C PHE E 110 36.41 -7.86 8.70
N ARG E 111 36.87 -8.13 7.48
CA ARG E 111 38.27 -7.92 7.13
C ARG E 111 38.65 -6.45 7.21
N TYR E 112 37.70 -5.56 6.86
CA TYR E 112 38.05 -4.18 6.60
C TYR E 112 37.02 -3.24 7.25
N HIS E 113 37.52 -2.26 8.01
CA HIS E 113 36.70 -1.17 8.52
C HIS E 113 36.54 -0.13 7.43
N PRO E 114 35.35 0.46 7.24
CA PRO E 114 35.14 1.43 6.16
C PRO E 114 36.07 2.63 6.18
N ALA E 115 36.48 3.07 7.38
CA ALA E 115 37.37 4.22 7.49
C ALA E 115 38.70 3.91 6.80
N ILE E 116 39.17 2.66 6.93
CA ILE E 116 40.44 2.26 6.36
C ILE E 116 40.33 2.14 4.84
N VAL E 117 39.24 1.55 4.36
CA VAL E 117 39.01 1.47 2.93
C VAL E 117 39.05 2.88 2.32
N ALA E 118 38.46 3.85 3.01
CA ALA E 118 38.45 5.21 2.51
C ALA E 118 39.87 5.76 2.40
N GLN E 119 40.68 5.52 3.43
CA GLN E 119 42.07 5.97 3.45
C GLN E 119 42.83 5.33 2.29
N ALA E 120 42.63 4.03 2.09
CA ALA E 120 43.34 3.29 1.05
C ALA E 120 42.98 3.87 -0.32
N ALA E 121 41.68 4.09 -0.54
CA ALA E 121 41.20 4.63 -1.78
C ALA E 121 41.77 6.02 -2.05
N ALA E 122 41.75 6.85 -1.00
CA ALA E 122 42.21 8.23 -1.12
C ALA E 122 43.71 8.27 -1.38
N THR E 123 44.45 7.34 -0.79
CA THR E 123 45.89 7.32 -0.97
C THR E 123 46.23 6.91 -2.39
N LEU E 124 45.59 5.84 -2.87
CA LEU E 124 45.85 5.37 -4.23
C LEU E 124 45.54 6.46 -5.26
N GLU E 125 44.41 7.16 -5.11
CA GLU E 125 44.01 8.17 -6.08
C GLU E 125 44.92 9.40 -5.97
N ALA E 126 45.41 9.66 -4.75
CA ALA E 126 46.32 10.78 -4.57
C ALA E 126 47.63 10.52 -5.32
N MET E 127 48.11 9.27 -5.30
CA MET E 127 49.38 8.87 -5.90
C MET E 127 49.25 8.67 -7.40
N PHE E 128 48.05 8.25 -7.86
CA PHE E 128 47.82 7.88 -9.25
C PHE E 128 46.54 8.57 -9.71
N PRO E 129 46.52 9.93 -9.73
CA PRO E 129 45.28 10.68 -9.97
C PRO E 129 44.62 10.33 -11.30
N GLY E 130 43.29 10.17 -11.27
CA GLY E 130 42.52 9.89 -12.47
C GLY E 130 42.57 8.41 -12.85
N ARG E 131 43.13 7.56 -11.99
CA ARG E 131 43.36 6.17 -12.39
C ARG E 131 42.60 5.19 -11.49
N PHE E 132 42.26 5.55 -10.25
CA PHE E 132 41.70 4.57 -9.33
C PHE E 132 40.17 4.72 -9.25
N TRP E 133 39.49 3.58 -9.11
CA TRP E 133 38.09 3.58 -8.77
C TRP E 133 37.84 2.54 -7.68
N LEU E 134 37.02 2.91 -6.70
CA LEU E 134 36.79 2.09 -5.54
C LEU E 134 35.55 1.24 -5.77
N GLY E 135 35.75 -0.06 -5.98
CA GLY E 135 34.63 -0.97 -6.12
C GLY E 135 34.35 -1.68 -4.80
N ILE E 136 33.09 -1.61 -4.34
CA ILE E 136 32.67 -2.17 -3.06
C ILE E 136 31.45 -3.06 -3.27
N GLY E 137 31.19 -3.92 -2.29
CA GLY E 137 30.09 -4.88 -2.34
C GLY E 137 29.85 -5.51 -0.96
N ALA E 138 28.85 -6.38 -0.86
CA ALA E 138 28.35 -6.85 0.43
C ALA E 138 29.14 -8.04 0.98
N GLY E 139 30.09 -8.56 0.19
CA GLY E 139 31.07 -9.53 0.68
C GLY E 139 30.53 -10.96 0.64
N GLU E 140 31.45 -11.92 0.75
CA GLU E 140 31.10 -13.33 0.85
C GLU E 140 31.83 -13.94 2.05
N ALA E 141 31.22 -14.99 2.63
CA ALA E 141 31.73 -15.60 3.84
C ALA E 141 33.10 -16.24 3.58
N LEU E 142 33.33 -16.73 2.37
CA LEU E 142 34.63 -17.29 1.98
C LEU E 142 35.77 -16.46 2.56
N ASN E 143 35.61 -15.13 2.48
CA ASN E 143 36.66 -14.22 2.85
C ASN E 143 36.44 -13.65 4.25
N GLU E 144 35.19 -13.34 4.62
CA GLU E 144 34.92 -12.57 5.82
C GLU E 144 34.82 -13.44 7.06
N HIS E 145 34.60 -14.75 6.90
CA HIS E 145 34.33 -15.61 8.03
C HIS E 145 35.57 -15.78 8.92
N ILE E 146 36.75 -15.37 8.44
CA ILE E 146 37.97 -15.69 9.17
C ILE E 146 38.02 -14.92 10.49
N VAL E 147 37.28 -13.81 10.62
CA VAL E 147 37.38 -13.00 11.82
C VAL E 147 36.36 -13.47 12.87
N GLY E 148 35.52 -14.46 12.52
CA GLY E 148 34.73 -15.20 13.48
C GLY E 148 33.61 -14.38 14.10
N ARG E 149 32.90 -13.59 13.28
CA ARG E 149 31.77 -12.79 13.72
C ARG E 149 30.47 -13.30 13.08
N TYR E 150 29.32 -12.87 13.65
CA TYR E 150 28.01 -13.13 13.08
C TYR E 150 27.96 -12.69 11.62
N TRP E 151 27.50 -13.60 10.76
CA TRP E 151 27.41 -13.33 9.34
C TRP E 151 25.94 -13.09 9.01
N PRO E 152 25.53 -11.82 8.77
CA PRO E 152 24.12 -11.49 8.50
C PRO E 152 23.64 -11.95 7.13
N GLU E 153 22.33 -11.95 6.96
CA GLU E 153 21.72 -12.35 5.70
C GLU E 153 22.01 -11.27 4.66
N PRO E 154 21.93 -11.58 3.35
CA PRO E 154 22.16 -10.58 2.31
C PRO E 154 21.49 -9.22 2.52
N ALA E 155 20.18 -9.21 2.79
CA ALA E 155 19.47 -7.95 2.94
C ALA E 155 20.07 -7.10 4.06
N GLU E 156 20.44 -7.73 5.17
CA GLU E 156 21.06 -7.00 6.27
C GLU E 156 22.45 -6.49 5.87
N ARG E 157 23.21 -7.26 5.10
CA ARG E 157 24.53 -6.84 4.66
C ARG E 157 24.42 -5.66 3.71
N ILE E 158 23.31 -5.57 2.96
CA ILE E 158 23.02 -4.39 2.15
C ILE E 158 22.89 -3.17 3.07
N ARG E 159 22.16 -3.30 4.19
CA ARG E 159 21.99 -2.19 5.11
C ARG E 159 23.36 -1.75 5.64
N MET E 160 24.23 -2.72 5.94
CA MET E 160 25.58 -2.44 6.39
C MET E 160 26.37 -1.71 5.29
N LEU E 161 26.20 -2.13 4.04
CA LEU E 161 26.91 -1.54 2.90
C LEU E 161 26.49 -0.08 2.72
N ILE E 162 25.19 0.21 2.86
CA ILE E 162 24.68 1.54 2.69
C ILE E 162 25.28 2.46 3.75
N GLU E 163 25.43 1.95 4.97
CA GLU E 163 26.02 2.74 6.06
C GLU E 163 27.50 2.96 5.77
N ALA E 164 28.19 1.93 5.27
CA ALA E 164 29.60 2.06 4.94
C ALA E 164 29.80 3.12 3.86
N ILE E 165 28.88 3.15 2.89
CA ILE E 165 28.96 4.13 1.82
C ILE E 165 28.88 5.54 2.40
N GLU E 166 28.02 5.70 3.41
CA GLU E 166 27.86 7.01 4.02
C GLU E 166 29.17 7.41 4.72
N VAL E 167 29.84 6.45 5.34
CA VAL E 167 31.07 6.74 6.06
C VAL E 167 32.19 7.13 5.09
N ILE E 168 32.32 6.38 4.00
CA ILE E 168 33.37 6.64 3.03
C ILE E 168 33.15 8.03 2.42
N GLN E 169 31.89 8.37 2.16
CA GLN E 169 31.60 9.63 1.52
C GLN E 169 31.89 10.80 2.47
N LYS E 170 31.61 10.62 3.76
CA LYS E 170 31.91 11.68 4.71
C LYS E 170 33.42 11.90 4.76
N LEU E 171 34.18 10.82 4.84
CA LEU E 171 35.62 10.92 4.89
C LEU E 171 36.17 11.56 3.61
N PHE E 172 35.53 11.30 2.47
CA PHE E 172 35.99 11.83 1.20
C PHE E 172 35.82 13.34 1.11
N THR E 173 34.98 13.93 1.98
CA THR E 173 34.80 15.38 2.02
C THR E 173 36.08 16.06 2.50
N GLY E 174 36.97 15.34 3.21
CA GLY E 174 38.24 15.91 3.63
C GLY E 174 38.13 16.72 4.91
N LYS E 175 36.95 16.71 5.56
CA LYS E 175 36.76 17.40 6.82
C LYS E 175 36.91 16.41 7.97
N VAL E 176 36.93 16.92 9.20
CA VAL E 176 36.89 16.08 10.39
C VAL E 176 35.45 15.61 10.56
N ILE E 177 35.24 14.29 10.63
CA ILE E 177 33.89 13.77 10.65
C ILE E 177 33.74 12.78 11.80
N ARG E 178 32.47 12.65 12.25
CA ARG E 178 32.06 11.66 13.21
C ARG E 178 30.90 10.89 12.60
N HIS E 179 30.69 9.65 13.04
CA HIS E 179 29.55 8.89 12.55
C HIS E 179 29.11 7.95 13.66
N GLU E 180 27.80 7.82 13.81
CA GLU E 180 27.25 6.87 14.74
C GLU E 180 25.97 6.32 14.16
N GLY E 181 26.02 5.11 13.61
CA GLY E 181 24.83 4.45 13.10
C GLY E 181 24.65 3.08 13.72
N VAL E 182 23.83 2.22 13.13
CA VAL E 182 23.59 0.90 13.69
C VAL E 182 24.87 0.06 13.68
N TYR E 183 25.66 0.12 12.63
CA TYR E 183 26.73 -0.85 12.42
C TYR E 183 28.11 -0.26 12.71
N PHE E 184 28.32 1.05 12.50
CA PHE E 184 29.67 1.61 12.60
C PHE E 184 29.68 2.83 13.50
N LYS E 185 30.82 2.99 14.18
CA LYS E 185 31.10 4.17 14.98
C LYS E 185 32.43 4.73 14.52
N VAL E 186 32.41 6.01 14.18
CA VAL E 186 33.63 6.68 13.77
C VAL E 186 33.82 7.90 14.65
N GLU E 187 34.90 7.87 15.46
CA GLU E 187 35.33 9.02 16.24
C GLU E 187 36.04 10.02 15.30
N SER E 188 36.25 11.23 15.80
CA SER E 188 36.84 12.32 15.04
C SER E 188 37.96 11.82 14.12
N ALA E 189 37.66 11.82 12.83
CA ALA E 189 38.57 11.31 11.80
C ALA E 189 38.58 12.19 10.56
N LYS E 190 39.75 12.26 9.92
CA LYS E 190 39.97 13.06 8.73
C LYS E 190 41.05 12.44 7.85
N LEU E 191 40.82 12.49 6.53
CA LEU E 191 41.83 12.08 5.56
C LEU E 191 42.69 13.27 5.21
N TYR E 192 43.94 13.28 5.70
CA TYR E 192 44.87 14.36 5.41
C TYR E 192 45.51 14.16 4.03
N THR E 193 45.63 12.92 3.57
CA THR E 193 46.12 12.63 2.23
C THR E 193 44.95 12.36 1.29
N MET E 194 44.60 13.35 0.46
CA MET E 194 43.50 13.26 -0.49
C MET E 194 43.94 13.70 -1.88
N PRO E 195 43.28 13.21 -2.96
CA PRO E 195 43.40 13.87 -4.26
C PRO E 195 42.50 15.09 -4.33
N ASP E 196 42.72 15.90 -5.36
CA ASP E 196 41.92 17.09 -5.57
C ASP E 196 40.47 16.69 -5.78
N VAL E 197 40.26 15.54 -6.44
CA VAL E 197 38.92 15.01 -6.63
C VAL E 197 38.90 13.55 -6.21
N PRO E 198 37.92 13.15 -5.34
CA PRO E 198 37.90 11.79 -4.80
C PRO E 198 37.62 10.75 -5.87
N PRO E 199 38.03 9.48 -5.66
CA PRO E 199 37.77 8.44 -6.66
C PRO E 199 36.28 8.11 -6.61
N PRO E 200 35.73 7.65 -7.74
CA PRO E 200 34.31 7.27 -7.80
C PRO E 200 34.12 5.97 -7.01
N ILE E 201 32.94 5.88 -6.39
CA ILE E 201 32.53 4.68 -5.69
C ILE E 201 31.61 3.87 -6.60
N ILE E 202 32.07 2.66 -6.92
CA ILE E 202 31.34 1.75 -7.79
C ILE E 202 30.81 0.61 -6.93
N VAL E 203 29.53 0.29 -7.06
CA VAL E 203 28.98 -0.83 -6.30
C VAL E 203 28.90 -2.05 -7.21
N GLY E 204 29.46 -3.15 -6.73
CA GLY E 204 29.36 -4.43 -7.41
C GLY E 204 28.21 -5.24 -6.85
N THR E 205 27.18 -5.49 -7.66
CA THR E 205 26.01 -6.22 -7.21
C THR E 205 25.31 -6.85 -8.41
N ALA E 206 24.58 -7.95 -8.12
CA ALA E 206 23.72 -8.56 -9.12
C ALA E 206 22.26 -8.48 -8.68
N GLY E 207 21.96 -7.65 -7.67
CA GLY E 207 20.63 -7.57 -7.07
C GLY E 207 19.86 -6.34 -7.53
N PRO E 208 18.62 -6.48 -8.02
CA PRO E 208 17.81 -5.34 -8.46
C PRO E 208 17.67 -4.21 -7.45
N TYR E 209 17.52 -4.57 -6.16
CA TYR E 209 17.34 -3.58 -5.12
C TYR E 209 18.61 -2.74 -5.00
N MET E 210 19.77 -3.42 -4.90
CA MET E 210 21.01 -2.70 -4.66
C MET E 210 21.43 -1.92 -5.91
N ALA E 211 21.03 -2.39 -7.09
CA ALA E 211 21.30 -1.64 -8.32
C ALA E 211 20.63 -0.27 -8.27
N LYS E 212 19.38 -0.23 -7.82
CA LYS E 212 18.64 1.03 -7.70
C LYS E 212 19.36 1.93 -6.70
N LYS E 213 19.79 1.34 -5.57
CA LYS E 213 20.44 2.12 -4.53
C LYS E 213 21.78 2.64 -5.02
N THR E 214 22.43 1.88 -5.92
CA THR E 214 23.72 2.28 -6.46
C THR E 214 23.56 3.55 -7.27
N GLY E 215 22.50 3.59 -8.10
CA GLY E 215 22.25 4.75 -8.92
C GLY E 215 21.89 5.97 -8.06
N GLN E 216 21.20 5.69 -6.96
CA GLN E 216 20.76 6.74 -6.07
C GLN E 216 21.92 7.33 -5.26
N LEU E 217 22.88 6.50 -4.81
CA LEU E 217 23.81 6.88 -3.76
C LEU E 217 25.26 7.03 -4.24
N CYS E 218 25.62 6.36 -5.35
CA CYS E 218 27.01 6.21 -5.70
C CYS E 218 27.33 6.78 -7.08
N ASP E 219 28.46 6.36 -7.66
CA ASP E 219 28.89 6.94 -8.94
C ASP E 219 28.75 5.98 -10.12
N GLY E 220 28.69 4.67 -9.85
CA GLY E 220 28.53 3.74 -10.94
C GLY E 220 28.31 2.30 -10.49
N LEU E 221 27.99 1.46 -11.46
CA LEU E 221 27.58 0.08 -11.25
C LEU E 221 28.57 -0.88 -11.87
N LEU E 222 28.86 -1.97 -11.13
CA LEU E 222 29.62 -3.09 -11.64
C LEU E 222 28.80 -4.35 -11.40
N THR E 223 28.61 -5.13 -12.46
CA THR E 223 27.78 -6.32 -12.36
C THR E 223 28.54 -7.47 -13.02
N PRO E 224 28.33 -8.72 -12.58
CA PRO E 224 28.87 -9.88 -13.27
C PRO E 224 28.08 -10.20 -14.53
N GLY E 225 28.72 -11.00 -15.41
CA GLY E 225 28.10 -11.50 -16.62
C GLY E 225 26.87 -12.33 -16.27
N ALA E 226 25.84 -12.25 -17.12
CA ALA E 226 24.58 -12.92 -16.86
C ALA E 226 23.77 -12.82 -18.14
N ASN E 227 22.61 -13.49 -18.20
CA ASN E 227 21.83 -13.40 -19.42
C ASN E 227 21.36 -11.97 -19.65
N ASP E 228 20.93 -11.68 -20.88
CA ASP E 228 20.59 -10.33 -21.29
C ASP E 228 19.42 -9.81 -20.47
N GLU E 229 18.42 -10.65 -20.19
CA GLU E 229 17.24 -10.23 -19.47
C GLU E 229 17.59 -9.63 -18.10
N LYS E 230 18.52 -10.29 -17.43
CA LYS E 230 18.89 -9.93 -16.06
C LYS E 230 19.82 -8.72 -16.06
N LEU E 231 20.67 -8.59 -17.09
CA LEU E 231 21.53 -7.43 -17.24
C LEU E 231 20.69 -6.19 -17.55
N ARG E 232 19.68 -6.38 -18.38
CA ARG E 232 18.89 -5.26 -18.83
C ARG E 232 18.04 -4.75 -17.66
N LEU E 233 17.66 -5.65 -16.75
CA LEU E 233 16.90 -5.29 -15.56
C LEU E 233 17.77 -4.50 -14.58
N LEU E 234 19.03 -4.94 -14.40
CA LEU E 234 19.94 -4.26 -13.49
C LEU E 234 20.26 -2.88 -14.02
N LEU E 235 20.54 -2.73 -15.33
CA LEU E 235 20.86 -1.44 -15.91
C LEU E 235 19.67 -0.51 -15.70
N SER E 236 18.49 -1.06 -15.95
CA SER E 236 17.25 -0.32 -15.89
C SER E 236 17.01 0.22 -14.48
N ARG E 237 17.19 -0.63 -13.48
CA ARG E 237 17.02 -0.24 -12.07
C ARG E 237 18.05 0.80 -11.62
N PHE E 238 19.31 0.63 -12.06
CA PHE E 238 20.38 1.57 -11.78
C PHE E 238 20.00 2.94 -12.35
N GLU E 239 19.49 2.93 -13.59
CA GLU E 239 19.18 4.17 -14.28
C GLU E 239 18.05 4.89 -13.54
N GLU E 240 17.00 4.16 -13.17
CA GLU E 240 15.84 4.84 -12.59
C GLU E 240 16.13 5.24 -11.15
N GLY E 241 17.06 4.56 -10.49
CA GLY E 241 17.53 5.01 -9.17
C GLY E 241 18.23 6.35 -9.25
N ALA E 242 19.06 6.52 -10.28
CA ALA E 242 19.83 7.74 -10.47
C ALA E 242 18.91 8.90 -10.80
N ARG E 243 17.97 8.68 -11.72
CA ARG E 243 17.02 9.70 -12.10
C ARG E 243 16.18 10.11 -10.89
N ALA E 244 15.70 9.14 -10.12
CA ALA E 244 14.89 9.42 -8.94
C ALA E 244 15.63 10.37 -7.99
N ALA E 245 16.96 10.31 -7.98
CA ALA E 245 17.76 11.13 -7.10
C ALA E 245 18.31 12.36 -7.81
N GLY E 246 17.83 12.65 -9.04
CA GLY E 246 18.18 13.89 -9.72
C GLY E 246 19.50 13.83 -10.50
N LYS E 247 20.11 12.66 -10.64
CA LYS E 247 21.38 12.51 -11.33
C LYS E 247 21.15 12.15 -12.80
N ASP E 248 22.21 12.31 -13.62
CA ASP E 248 22.18 11.99 -15.03
C ASP E 248 22.89 10.66 -15.27
N PRO E 249 22.16 9.54 -15.47
CA PRO E 249 22.77 8.22 -15.58
C PRO E 249 23.60 8.00 -16.83
N ARG E 250 23.44 8.88 -17.81
CA ARG E 250 24.17 8.79 -19.06
C ARG E 250 25.63 9.16 -18.83
N ARG E 251 25.92 9.88 -17.74
CA ARG E 251 27.29 10.25 -17.42
C ARG E 251 27.84 9.41 -16.26
N MET E 252 27.20 8.28 -15.92
CA MET E 252 27.65 7.42 -14.84
C MET E 252 28.09 6.07 -15.40
N PRO E 253 29.29 5.56 -15.05
CA PRO E 253 29.80 4.34 -15.65
C PRO E 253 28.98 3.09 -15.31
N ARG E 254 28.87 2.22 -16.32
CA ARG E 254 28.15 0.97 -16.25
C ARG E 254 29.08 -0.15 -16.67
N MET E 255 29.54 -0.92 -15.69
CA MET E 255 30.68 -1.79 -15.88
C MET E 255 30.22 -3.22 -15.70
N ILE E 256 30.83 -4.13 -16.47
CA ILE E 256 30.51 -5.54 -16.36
C ILE E 256 31.81 -6.31 -16.31
N GLN E 257 31.82 -7.37 -15.49
CA GLN E 257 32.91 -8.31 -15.44
C GLN E 257 32.39 -9.64 -16.00
N VAL E 258 33.09 -10.16 -17.01
CA VAL E 258 32.69 -11.41 -17.65
C VAL E 258 33.82 -12.43 -17.53
N HIS E 259 33.39 -13.70 -17.49
CA HIS E 259 34.34 -14.80 -17.43
C HIS E 259 34.25 -15.53 -18.78
N VAL E 260 35.40 -15.68 -19.43
CA VAL E 260 35.48 -16.36 -20.70
C VAL E 260 36.58 -17.39 -20.60
N SER E 261 36.53 -18.36 -21.51
CA SER E 261 37.61 -19.32 -21.66
C SER E 261 38.02 -19.31 -23.12
N TRP E 262 39.22 -18.76 -23.38
CA TRP E 262 39.86 -18.90 -24.67
C TRP E 262 41.02 -19.88 -24.51
N ALA E 263 41.19 -20.69 -25.55
CA ALA E 263 42.34 -21.57 -25.71
C ALA E 263 42.50 -21.90 -27.19
N GLU E 264 43.44 -22.79 -27.47
CA GLU E 264 43.83 -23.10 -28.84
C GLU E 264 42.70 -23.88 -29.52
N THR E 265 41.96 -24.72 -28.79
CA THR E 265 40.79 -25.42 -29.31
C THR E 265 39.62 -25.28 -28.34
N ASP E 266 38.41 -25.56 -28.86
CA ASP E 266 37.21 -25.55 -28.06
C ASP E 266 37.34 -26.56 -26.93
N GLU E 267 38.00 -27.70 -27.19
CA GLU E 267 38.15 -28.72 -26.18
C GLU E 267 38.91 -28.19 -24.97
N GLN E 268 40.09 -27.58 -25.18
CA GLN E 268 40.87 -27.11 -24.05
C GLN E 268 40.15 -25.96 -23.35
N ALA E 269 39.37 -25.17 -24.11
CA ALA E 269 38.63 -24.06 -23.55
C ALA E 269 37.58 -24.55 -22.54
N ILE E 270 36.86 -25.62 -22.90
CA ILE E 270 35.86 -26.21 -22.04
C ILE E 270 36.51 -26.81 -20.78
N GLU E 271 37.57 -27.61 -20.95
CA GLU E 271 38.22 -28.26 -19.81
C GLU E 271 38.86 -27.22 -18.89
N ASN E 272 39.41 -26.16 -19.45
CA ASN E 272 40.00 -25.08 -18.67
C ASN E 272 38.96 -24.52 -17.70
N ALA E 273 37.74 -24.26 -18.21
CA ALA E 273 36.68 -23.69 -17.40
C ALA E 273 36.27 -24.66 -16.30
N LEU E 274 36.20 -25.94 -16.67
CA LEU E 274 35.70 -26.97 -15.79
C LEU E 274 36.67 -27.21 -14.62
N ARG E 275 37.98 -27.16 -14.90
CA ARG E 275 38.99 -27.48 -13.90
C ARG E 275 39.35 -26.24 -13.09
N GLU E 276 39.37 -25.04 -13.70
CA GLU E 276 39.96 -23.86 -13.06
C GLU E 276 38.90 -22.98 -12.39
N TRP E 277 37.64 -23.04 -12.88
CA TRP E 277 36.61 -22.09 -12.50
C TRP E 277 35.26 -22.82 -12.37
N PRO E 278 35.17 -23.92 -11.59
CA PRO E 278 33.92 -24.63 -11.40
C PRO E 278 32.83 -23.78 -10.74
N ASN E 279 33.25 -22.79 -9.95
CA ASN E 279 32.31 -21.87 -9.32
C ASN E 279 31.48 -21.12 -10.39
N GLY E 280 32.04 -20.99 -11.61
CA GLY E 280 31.29 -20.42 -12.71
C GLY E 280 30.09 -21.27 -13.14
N GLY E 281 30.03 -22.54 -12.73
CA GLY E 281 28.92 -23.42 -13.08
C GLY E 281 27.94 -23.60 -11.92
N MET E 282 28.17 -22.81 -10.86
CA MET E 282 27.36 -22.91 -9.66
C MET E 282 26.36 -21.76 -9.68
N ALA E 283 25.24 -21.98 -10.35
CA ALA E 283 24.22 -20.95 -10.58
C ALA E 283 23.32 -20.92 -9.34
N PHE E 284 23.87 -20.41 -8.24
CA PHE E 284 23.17 -20.44 -6.97
C PHE E 284 23.94 -19.56 -5.98
N PRO E 285 23.31 -19.07 -4.90
CA PRO E 285 23.95 -18.09 -4.03
C PRO E 285 25.11 -18.74 -3.27
N LYS E 286 26.25 -18.05 -3.24
CA LYS E 286 27.49 -18.64 -2.74
C LYS E 286 28.02 -17.91 -1.52
N GLY E 287 27.27 -16.96 -0.98
CA GLY E 287 27.83 -15.99 -0.04
C GLY E 287 27.87 -16.48 1.40
N ASP E 288 27.35 -17.70 1.68
CA ASP E 288 27.32 -18.25 3.03
C ASP E 288 28.36 -19.36 3.22
N ILE E 289 28.96 -19.84 2.13
CA ILE E 289 29.89 -20.96 2.15
C ILE E 289 31.27 -20.47 2.59
N ARG E 290 31.83 -21.13 3.61
CA ARG E 290 32.98 -20.59 4.34
C ARG E 290 34.31 -21.03 3.75
N ASN E 291 34.42 -22.28 3.27
CA ASN E 291 35.73 -22.83 3.02
C ASN E 291 35.97 -23.16 1.56
N PRO E 292 37.23 -23.00 1.08
CA PRO E 292 37.61 -23.50 -0.24
C PRO E 292 37.31 -24.99 -0.39
N GLU E 293 37.49 -25.75 0.69
CA GLU E 293 37.32 -27.19 0.67
C GLU E 293 35.85 -27.52 0.42
N ASP E 294 34.94 -26.64 0.87
CA ASP E 294 33.51 -26.78 0.60
C ASP E 294 33.22 -26.61 -0.90
N PHE E 295 33.74 -25.54 -1.51
CA PHE E 295 33.52 -25.31 -2.93
C PHE E 295 34.11 -26.46 -3.75
N GLN E 296 35.29 -26.92 -3.35
CA GLN E 296 35.97 -27.98 -4.06
C GLN E 296 35.12 -29.25 -4.07
N ALA E 297 34.48 -29.57 -2.93
CA ALA E 297 33.61 -30.73 -2.87
C ALA E 297 32.35 -30.53 -3.71
N MET E 298 31.80 -29.32 -3.74
CA MET E 298 30.63 -29.00 -4.54
C MET E 298 30.95 -29.04 -6.02
N ALA E 299 32.22 -28.80 -6.38
CA ALA E 299 32.65 -28.76 -7.76
C ALA E 299 32.48 -30.11 -8.44
N ARG E 300 32.55 -31.20 -7.64
CA ARG E 300 32.33 -32.54 -8.18
C ARG E 300 30.97 -32.66 -8.91
N LEU E 301 30.01 -31.80 -8.61
CA LEU E 301 28.69 -31.82 -9.25
C LEU E 301 28.67 -31.08 -10.59
N VAL E 302 29.61 -30.16 -10.81
CA VAL E 302 29.54 -29.23 -11.93
C VAL E 302 29.87 -29.97 -13.23
N ARG E 303 29.14 -29.64 -14.31
CA ARG E 303 29.31 -30.27 -15.61
CA ARG E 303 29.31 -30.27 -15.61
C ARG E 303 29.40 -29.19 -16.69
N PRO E 304 29.92 -29.48 -17.90
CA PRO E 304 30.03 -28.45 -18.94
C PRO E 304 28.75 -27.69 -19.29
N GLU E 305 27.60 -28.38 -19.23
CA GLU E 305 26.29 -27.81 -19.52
CA GLU E 305 26.29 -27.81 -19.52
C GLU E 305 25.97 -26.61 -18.60
N HIS E 306 26.42 -26.64 -17.33
CA HIS E 306 26.06 -25.64 -16.33
C HIS E 306 26.74 -24.28 -16.56
N PHE E 307 27.55 -24.19 -17.62
CA PHE E 307 28.28 -22.96 -17.93
C PHE E 307 27.61 -22.17 -19.05
N GLN E 308 26.67 -22.75 -19.82
CA GLN E 308 26.14 -22.05 -20.98
C GLN E 308 25.43 -20.77 -20.54
N GLY E 309 25.59 -19.67 -21.30
CA GLY E 309 25.07 -18.38 -20.93
C GLY E 309 25.94 -17.66 -19.89
N ARG E 310 26.73 -18.44 -19.13
CA ARG E 310 27.40 -17.95 -17.94
C ARG E 310 28.90 -17.78 -18.19
N VAL E 311 29.52 -18.65 -19.02
CA VAL E 311 30.91 -18.53 -19.42
C VAL E 311 31.04 -18.93 -20.89
N LEU E 312 31.56 -18.01 -21.70
CA LEU E 312 31.83 -18.24 -23.11
C LEU E 312 33.07 -19.13 -23.25
N MET E 313 32.91 -20.29 -23.90
CA MET E 313 33.97 -21.28 -24.02
C MET E 313 34.25 -21.56 -25.50
N THR E 314 35.24 -20.90 -26.10
CA THR E 314 35.50 -21.08 -27.53
C THR E 314 36.89 -20.55 -27.88
N SER E 315 37.48 -21.14 -28.92
CA SER E 315 38.75 -20.72 -29.47
C SER E 315 38.57 -19.69 -30.59
N ASP E 316 37.32 -19.48 -31.02
CA ASP E 316 37.01 -18.58 -32.11
C ASP E 316 37.03 -17.14 -31.59
N LEU E 317 38.08 -16.38 -31.93
CA LEU E 317 38.27 -15.05 -31.37
C LEU E 317 37.30 -14.03 -31.99
N ASP E 318 36.78 -14.33 -33.19
CA ASP E 318 35.70 -13.55 -33.76
C ASP E 318 34.49 -13.58 -32.82
N ARG E 319 34.20 -14.77 -32.30
CA ARG E 319 33.01 -15.00 -31.49
C ARG E 319 33.20 -14.30 -30.14
N HIS E 320 34.42 -14.30 -29.61
CA HIS E 320 34.78 -13.46 -28.46
C HIS E 320 34.47 -11.99 -28.73
N GLY E 321 34.88 -11.49 -29.89
CA GLY E 321 34.66 -10.09 -30.23
C GLY E 321 33.17 -9.72 -30.29
N GLU E 322 32.38 -10.60 -30.91
CA GLU E 322 30.96 -10.38 -31.10
C GLU E 322 30.24 -10.37 -29.75
N PHE E 323 30.67 -11.27 -28.87
CA PHE E 323 30.11 -11.38 -27.53
C PHE E 323 30.32 -10.08 -26.78
N LEU E 324 31.54 -9.56 -26.85
CA LEU E 324 31.89 -8.32 -26.14
C LEU E 324 31.21 -7.11 -26.72
N GLN E 325 31.13 -7.03 -28.06
CA GLN E 325 30.50 -5.91 -28.73
C GLN E 325 29.00 -5.81 -28.33
N HIS E 326 28.38 -6.97 -28.21
CA HIS E 326 26.98 -7.06 -27.81
C HIS E 326 26.76 -6.40 -26.46
N LEU E 327 27.69 -6.62 -25.52
CA LEU E 327 27.60 -6.06 -24.18
C LEU E 327 27.75 -4.55 -24.26
N ILE E 328 28.60 -4.04 -25.16
CA ILE E 328 28.76 -2.62 -25.33
C ILE E 328 27.42 -2.02 -25.73
N ASP E 329 26.77 -2.74 -26.64
CA ASP E 329 25.54 -2.30 -27.28
C ASP E 329 24.39 -2.33 -26.26
N LEU E 330 24.41 -3.26 -25.29
CA LEU E 330 23.43 -3.25 -24.21
C LEU E 330 23.52 -1.98 -23.37
N GLY E 331 24.71 -1.35 -23.32
CA GLY E 331 24.89 -0.09 -22.65
C GLY E 331 25.99 -0.17 -21.61
N PHE E 332 26.81 -1.22 -21.58
CA PHE E 332 27.98 -1.21 -20.72
C PHE E 332 29.05 -0.35 -21.36
N THR E 333 29.68 0.50 -20.53
CA THR E 333 30.69 1.47 -20.95
C THR E 333 32.09 0.98 -20.61
N GLU E 334 32.18 -0.10 -19.80
CA GLU E 334 33.45 -0.75 -19.53
C GLU E 334 33.19 -2.24 -19.42
N ILE E 335 34.13 -3.01 -19.94
CA ILE E 335 34.06 -4.46 -19.78
C ILE E 335 35.41 -4.95 -19.27
N TYR E 336 35.35 -5.78 -18.24
CA TYR E 336 36.54 -6.40 -17.68
C TYR E 336 36.47 -7.89 -17.97
N VAL E 337 37.51 -8.43 -18.61
CA VAL E 337 37.51 -9.80 -19.08
C VAL E 337 38.46 -10.65 -18.24
N HIS E 338 37.89 -11.73 -17.70
CA HIS E 338 38.62 -12.75 -16.98
C HIS E 338 38.68 -13.99 -17.85
N ASN E 339 39.87 -14.32 -18.33
CA ASN E 339 40.10 -15.62 -18.95
C ASN E 339 40.33 -16.61 -17.82
N VAL E 340 39.63 -17.73 -17.82
CA VAL E 340 39.65 -18.63 -16.67
C VAL E 340 40.84 -19.60 -16.77
N GLY E 341 41.36 -19.81 -17.98
CA GLY E 341 42.50 -20.71 -18.18
C GLY E 341 43.78 -20.08 -17.63
N ARG E 342 44.79 -20.94 -17.43
CA ARG E 342 46.09 -20.50 -16.93
C ARG E 342 46.95 -19.95 -18.07
N ASN E 343 46.43 -20.00 -19.29
CA ASN E 343 47.11 -19.51 -20.48
C ASN E 343 46.91 -17.99 -20.64
N GLN E 344 47.33 -17.24 -19.61
CA GLN E 344 47.04 -15.81 -19.50
C GLN E 344 47.81 -15.01 -20.53
N GLU E 345 49.09 -15.36 -20.74
CA GLU E 345 49.92 -14.60 -21.65
C GLU E 345 49.42 -14.73 -23.08
N GLU E 346 49.08 -15.97 -23.49
CA GLU E 346 48.62 -16.24 -24.85
CA GLU E 346 48.63 -16.24 -24.86
C GLU E 346 47.28 -15.53 -25.07
N PHE E 347 46.46 -15.53 -24.03
CA PHE E 347 45.14 -14.91 -24.06
C PHE E 347 45.25 -13.39 -24.28
N ILE E 348 46.15 -12.75 -23.53
CA ILE E 348 46.35 -11.31 -23.65
C ILE E 348 46.82 -10.95 -25.05
N ARG E 349 47.78 -11.72 -25.60
CA ARG E 349 48.29 -11.45 -26.93
C ARG E 349 47.20 -11.68 -27.98
N ALA E 350 46.37 -12.72 -27.78
CA ALA E 350 45.34 -13.07 -28.74
C ALA E 350 44.25 -11.98 -28.80
N TYR E 351 43.82 -11.50 -27.64
CA TYR E 351 42.85 -10.42 -27.56
C TYR E 351 43.44 -9.12 -28.13
N GLY E 352 44.73 -8.87 -27.86
CA GLY E 352 45.38 -7.68 -28.37
C GLY E 352 45.38 -7.58 -29.89
N ARG E 353 45.57 -8.72 -30.57
CA ARG E 353 45.66 -8.79 -32.01
C ARG E 353 44.26 -8.84 -32.62
N ALA E 354 43.39 -9.74 -32.12
CA ALA E 354 42.17 -10.11 -32.83
C ALA E 354 40.90 -9.44 -32.30
N VAL E 355 40.89 -8.98 -31.04
CA VAL E 355 39.65 -8.55 -30.40
C VAL E 355 39.62 -7.04 -30.16
N ILE E 356 40.54 -6.56 -29.32
CA ILE E 356 40.49 -5.18 -28.84
C ILE E 356 40.43 -4.18 -30.00
N PRO E 357 41.24 -4.34 -31.06
CA PRO E 357 41.19 -3.39 -32.18
C PRO E 357 39.85 -3.33 -32.92
N HIS E 358 38.98 -4.33 -32.77
CA HIS E 358 37.76 -4.39 -33.55
C HIS E 358 36.54 -3.96 -32.70
N LEU E 359 36.73 -3.61 -31.44
CA LEU E 359 35.62 -3.20 -30.58
C LEU E 359 35.27 -1.73 -30.77
N ARG E 360 33.99 -1.44 -31.00
CA ARG E 360 33.51 -0.08 -31.25
C ARG E 360 32.89 0.42 -29.95
N TRP E 361 33.59 1.35 -29.28
CA TRP E 361 33.09 2.04 -28.09
C TRP E 361 32.46 3.37 -28.48
N PRO E 362 31.27 3.75 -27.96
CA PRO E 362 30.74 5.09 -28.19
C PRO E 362 31.72 6.12 -27.66
N ALA E 363 31.95 7.22 -28.41
CA ALA E 363 32.76 8.32 -27.92
C ALA E 363 32.10 8.99 -26.72
N ASP E 364 32.90 9.50 -25.79
CA ASP E 364 32.41 10.11 -24.56
C ASP E 364 31.47 9.18 -23.80
N ALA E 365 31.75 7.88 -23.82
CA ALA E 365 31.15 6.97 -22.85
C ALA E 365 31.80 7.24 -21.50
N PRO E 366 31.03 7.26 -20.40
CA PRO E 366 31.61 7.44 -19.07
C PRO E 366 32.42 6.23 -18.61
N VAL E 367 33.47 6.52 -17.84
CA VAL E 367 34.43 5.51 -17.42
C VAL E 367 34.78 5.81 -15.96
N ALA E 368 35.17 4.79 -15.19
CA ALA E 368 35.42 4.95 -13.77
C ALA E 368 36.73 5.74 -13.55
N GLN E 369 36.56 7.00 -13.15
CA GLN E 369 37.62 8.00 -13.14
C GLN E 369 37.11 9.31 -12.57
N ALA E 370 38.02 10.24 -12.25
CA ALA E 370 37.63 11.56 -11.80
C ALA E 370 37.99 12.59 -12.89
N GLY F 31 84.94 1.26 7.03
CA GLY F 31 84.11 0.19 7.64
C GLY F 31 84.51 -1.22 7.24
N ARG F 32 84.34 -2.18 8.18
CA ARG F 32 84.52 -3.61 7.94
C ARG F 32 83.44 -4.11 6.96
N GLY F 33 82.19 -3.67 7.12
CA GLY F 33 81.11 -4.00 6.20
C GLY F 33 80.79 -2.86 5.24
N SER F 34 80.05 -3.16 4.16
CA SER F 34 79.57 -2.19 3.17
C SER F 34 78.85 -1.02 3.82
N SER F 35 78.98 0.14 3.16
CA SER F 35 78.25 1.35 3.49
C SER F 35 76.75 1.16 3.33
N ARG F 36 76.01 1.60 4.37
CA ARG F 36 74.57 1.49 4.37
C ARG F 36 73.97 2.37 5.47
N LEU F 37 72.67 2.70 5.32
CA LEU F 37 71.91 3.41 6.33
C LEU F 37 70.43 3.30 5.99
N GLY F 38 69.57 3.51 7.00
CA GLY F 38 68.13 3.48 6.80
C GLY F 38 67.54 4.87 6.69
N TYR F 39 66.51 4.99 5.83
CA TYR F 39 65.75 6.22 5.66
C TYR F 39 64.36 6.00 6.25
N SER F 40 63.95 6.92 7.15
CA SER F 40 62.59 6.96 7.65
C SER F 40 61.71 7.80 6.72
N ALA F 41 60.67 7.14 6.19
CA ALA F 41 59.63 7.80 5.41
C ALA F 41 58.51 8.26 6.35
N SER F 42 58.41 9.58 6.51
CA SER F 42 57.49 10.19 7.44
C SER F 42 56.16 10.48 6.74
N PHE F 43 55.21 9.54 6.86
CA PHE F 43 53.90 9.66 6.24
C PHE F 43 53.10 10.78 6.89
N GLU F 44 53.47 11.12 8.13
CA GLU F 44 52.84 12.18 8.90
C GLU F 44 52.99 13.51 8.18
N GLN F 45 54.12 13.70 7.47
CA GLN F 45 54.52 15.01 6.96
C GLN F 45 54.47 15.13 5.44
N PHE F 46 54.68 14.05 4.68
CA PHE F 46 54.94 14.16 3.26
C PHE F 46 53.96 13.36 2.41
N HIS F 47 53.56 13.96 1.30
CA HIS F 47 52.75 13.31 0.30
C HIS F 47 53.44 12.02 -0.13
N PRO F 48 52.72 10.90 -0.25
CA PRO F 48 53.36 9.63 -0.63
C PRO F 48 54.03 9.60 -1.99
N SER F 49 53.58 10.44 -2.93
CA SER F 49 54.26 10.55 -4.21
C SER F 49 55.67 11.09 -4.01
N ASP F 50 55.81 12.08 -3.13
CA ASP F 50 57.12 12.66 -2.80
C ASP F 50 58.00 11.61 -2.13
N LEU F 51 57.43 10.83 -1.20
CA LEU F 51 58.19 9.86 -0.43
C LEU F 51 58.75 8.78 -1.36
N LEU F 52 57.97 8.39 -2.37
CA LEU F 52 58.41 7.41 -3.34
C LEU F 52 59.62 7.92 -4.10
N ARG F 53 59.56 9.18 -4.56
CA ARG F 53 60.64 9.78 -5.32
C ARG F 53 61.90 9.87 -4.44
N TRP F 54 61.71 10.26 -3.18
CA TRP F 54 62.82 10.46 -2.26
C TRP F 54 63.48 9.13 -1.90
N CYS F 55 62.69 8.07 -1.76
CA CYS F 55 63.24 6.75 -1.48
C CYS F 55 64.07 6.27 -2.67
N GLN F 56 63.59 6.54 -3.89
CA GLN F 56 64.33 6.18 -5.10
C GLN F 56 65.68 6.89 -5.15
N LEU F 57 65.67 8.16 -4.73
CA LEU F 57 66.89 8.96 -4.60
C LEU F 57 67.78 8.41 -3.49
N ALA F 58 67.18 8.09 -2.33
CA ALA F 58 67.94 7.57 -1.20
C ALA F 58 68.69 6.30 -1.58
N GLU F 59 68.04 5.43 -2.38
CA GLU F 59 68.69 4.24 -2.90
C GLU F 59 69.96 4.64 -3.65
N GLN F 60 69.83 5.62 -4.56
CA GLN F 60 70.94 6.08 -5.39
C GLN F 60 72.07 6.58 -4.50
N GLU F 61 71.77 7.07 -3.29
CA GLU F 61 72.75 7.77 -2.47
C GLU F 61 73.36 6.90 -1.37
N GLY F 62 73.00 5.61 -1.32
CA GLY F 62 73.69 4.68 -0.45
C GLY F 62 72.83 4.17 0.72
N PHE F 63 71.61 4.68 0.88
CA PHE F 63 70.67 4.11 1.84
C PHE F 63 70.24 2.74 1.31
N ASP F 64 70.00 1.77 2.21
CA ASP F 64 69.76 0.38 1.83
C ASP F 64 68.36 -0.08 2.23
N SER F 65 67.68 0.68 3.09
CA SER F 65 66.41 0.22 3.65
C SER F 65 65.53 1.41 4.03
N VAL F 66 64.21 1.17 4.03
CA VAL F 66 63.22 2.19 4.36
C VAL F 66 62.35 1.68 5.49
N LEU F 67 62.16 2.55 6.49
CA LEU F 67 61.18 2.39 7.55
C LEU F 67 60.03 3.33 7.22
N ALA F 68 58.81 2.78 7.24
CA ALA F 68 57.63 3.49 6.81
C ALA F 68 56.59 3.45 7.92
N ALA F 69 56.21 4.64 8.38
CA ALA F 69 55.21 4.79 9.43
C ALA F 69 53.86 4.27 8.95
N ASP F 70 53.09 3.68 9.89
CA ASP F 70 51.75 3.21 9.59
C ASP F 70 50.75 4.07 10.35
N HIS F 71 50.40 5.21 9.78
CA HIS F 71 49.53 6.16 10.46
C HIS F 71 48.21 6.26 9.72
N PHE F 72 47.20 6.74 10.44
CA PHE F 72 45.95 7.21 9.85
C PHE F 72 45.90 8.73 9.93
N HIS F 73 46.39 9.27 11.05
CA HIS F 73 46.46 10.70 11.31
C HIS F 73 47.91 11.14 11.52
N PRO F 74 48.26 12.38 11.12
CA PRO F 74 49.52 12.99 11.53
C PRO F 74 49.43 13.44 12.98
N TRP F 75 50.58 13.77 13.57
CA TRP F 75 50.58 14.29 14.92
C TRP F 75 49.91 15.66 14.96
N THR F 76 50.21 16.52 14.00
CA THR F 76 49.67 17.86 13.97
C THR F 76 49.11 18.14 12.58
N PRO F 77 48.13 19.06 12.44
CA PRO F 77 47.70 19.52 11.12
C PRO F 77 48.82 20.09 10.26
N GLU F 78 49.79 20.77 10.91
CA GLU F 78 50.95 21.36 10.25
C GLU F 78 51.78 20.31 9.53
N GLN F 79 51.75 19.06 10.01
CA GLN F 79 52.47 17.99 9.32
C GLN F 79 51.66 17.57 8.09
N GLY F 80 50.37 17.27 8.31
CA GLY F 80 49.35 17.45 7.28
C GLY F 80 49.17 16.28 6.31
N GLN F 81 49.70 15.09 6.63
CA GLN F 81 49.57 13.92 5.78
C GLN F 81 49.36 12.64 6.59
N SER F 82 48.96 11.56 5.89
CA SER F 82 48.92 10.19 6.41
C SER F 82 48.43 9.24 5.33
N GLY F 83 49.34 8.86 4.43
CA GLY F 83 49.00 7.88 3.42
C GLY F 83 48.85 6.48 4.01
N PHE F 84 48.07 5.65 3.29
CA PHE F 84 47.93 4.25 3.62
C PHE F 84 49.19 3.53 3.17
N VAL F 85 49.96 3.06 4.15
CA VAL F 85 51.33 2.64 3.91
C VAL F 85 51.34 1.40 3.03
N TRP F 86 50.34 0.53 3.17
CA TRP F 86 50.39 -0.78 2.54
C TRP F 86 50.33 -0.67 1.02
N ALA F 87 49.54 0.27 0.51
CA ALA F 87 49.52 0.53 -0.92
C ALA F 87 50.87 1.10 -1.37
N TRP F 88 51.38 2.06 -0.59
CA TRP F 88 52.63 2.71 -0.94
C TRP F 88 53.79 1.70 -1.02
N LEU F 89 53.78 0.69 -0.14
CA LEU F 89 54.90 -0.23 -0.06
C LEU F 89 55.00 -1.06 -1.33
N GLY F 90 53.87 -1.32 -1.97
CA GLY F 90 53.86 -2.03 -3.24
C GLY F 90 54.59 -1.23 -4.31
N ALA F 91 54.38 0.10 -4.32
CA ALA F 91 55.05 0.97 -5.26
C ALA F 91 56.56 1.00 -4.99
N LEU F 92 56.94 1.08 -3.71
CA LEU F 92 58.35 1.09 -3.35
C LEU F 92 59.00 -0.20 -3.81
N GLY F 93 58.35 -1.32 -3.53
CA GLY F 93 58.90 -2.64 -3.85
C GLY F 93 59.15 -2.77 -5.36
N ALA F 94 58.22 -2.25 -6.17
CA ALA F 94 58.27 -2.45 -7.60
C ALA F 94 59.20 -1.47 -8.30
N THR F 95 59.69 -0.44 -7.61
CA THR F 95 60.49 0.58 -8.28
C THR F 95 61.87 0.73 -7.65
N THR F 96 62.20 0.00 -6.58
CA THR F 96 63.54 0.06 -6.00
C THR F 96 64.02 -1.35 -5.74
N ARG F 97 65.25 -1.50 -5.24
CA ARG F 97 65.71 -2.78 -4.72
C ARG F 97 65.96 -2.68 -3.21
N LEU F 98 65.43 -1.64 -2.56
CA LEU F 98 65.61 -1.42 -1.14
C LEU F 98 64.90 -2.50 -0.33
N ARG F 99 65.41 -2.73 0.88
CA ARG F 99 64.63 -3.40 1.92
C ARG F 99 63.66 -2.37 2.48
N PHE F 100 62.56 -2.84 3.08
CA PHE F 100 61.59 -1.93 3.63
C PHE F 100 60.74 -2.64 4.67
N GLY F 101 60.21 -1.84 5.61
CA GLY F 101 59.36 -2.38 6.65
C GLY F 101 58.41 -1.33 7.21
N THR F 102 57.32 -1.84 7.81
CA THR F 102 56.43 -1.01 8.60
C THR F 102 57.11 -0.67 9.91
N GLY F 103 56.99 0.58 10.36
CA GLY F 103 57.56 0.96 11.63
C GLY F 103 56.64 1.92 12.36
N VAL F 104 55.60 1.42 13.05
CA VAL F 104 55.21 0.00 13.08
C VAL F 104 53.71 -0.12 12.86
N THR F 105 53.27 -1.30 12.45
CA THR F 105 51.85 -1.61 12.34
C THR F 105 51.37 -2.15 13.67
N PRO F 106 50.26 -1.63 14.25
CA PRO F 106 49.55 -2.34 15.35
C PRO F 106 48.50 -3.37 14.90
N PRO F 107 48.81 -4.69 14.97
CA PRO F 107 47.92 -5.72 14.41
C PRO F 107 46.95 -6.30 15.43
N ILE F 108 46.27 -5.41 16.17
CA ILE F 108 45.58 -5.79 17.39
C ILE F 108 44.08 -5.52 17.28
N GLY F 109 43.60 -5.27 16.06
CA GLY F 109 42.19 -5.37 15.75
C GLY F 109 41.44 -4.05 15.88
N PHE F 110 42.12 -2.92 15.84
CA PHE F 110 41.45 -1.63 15.74
C PHE F 110 41.33 -1.34 14.24
N ARG F 111 42.32 -0.62 13.69
CA ARG F 111 42.43 -0.43 12.26
C ARG F 111 42.62 -1.75 11.53
N TYR F 112 43.35 -2.70 12.13
CA TYR F 112 43.83 -3.85 11.40
C TYR F 112 43.66 -5.12 12.23
N HIS F 113 43.02 -6.14 11.63
CA HIS F 113 42.96 -7.47 12.21
C HIS F 113 44.27 -8.20 11.91
N PRO F 114 44.83 -8.97 12.85
CA PRO F 114 46.11 -9.64 12.62
C PRO F 114 46.13 -10.57 11.42
N ALA F 115 45.01 -11.22 11.09
CA ALA F 115 44.96 -12.11 9.95
C ALA F 115 45.27 -11.35 8.67
N ILE F 116 44.79 -10.10 8.58
CA ILE F 116 44.98 -9.29 7.38
C ILE F 116 46.43 -8.81 7.31
N VAL F 117 46.99 -8.38 8.44
CA VAL F 117 48.38 -7.99 8.47
C VAL F 117 49.24 -9.14 7.98
N ALA F 118 48.92 -10.38 8.37
CA ALA F 118 49.68 -11.53 7.96
C ALA F 118 49.63 -11.69 6.45
N GLN F 119 48.42 -11.54 5.87
CA GLN F 119 48.25 -11.67 4.44
C GLN F 119 49.06 -10.60 3.72
N ALA F 120 49.02 -9.37 4.24
CA ALA F 120 49.71 -8.26 3.61
C ALA F 120 51.20 -8.51 3.61
N ALA F 121 51.72 -8.96 4.76
CA ALA F 121 53.13 -9.22 4.93
C ALA F 121 53.57 -10.34 3.99
N ALA F 122 52.76 -11.40 3.91
CA ALA F 122 53.09 -12.56 3.09
C ALA F 122 53.07 -12.19 1.63
N THR F 123 52.16 -11.31 1.23
CA THR F 123 52.05 -10.90 -0.16
C THR F 123 53.27 -10.07 -0.55
N LEU F 124 53.63 -9.10 0.28
CA LEU F 124 54.77 -8.23 0.00
C LEU F 124 56.05 -9.05 -0.14
N GLU F 125 56.27 -10.01 0.78
CA GLU F 125 57.50 -10.78 0.76
C GLU F 125 57.48 -11.77 -0.41
N ALA F 126 56.29 -12.22 -0.80
CA ALA F 126 56.18 -13.12 -1.95
C ALA F 126 56.60 -12.39 -3.21
N MET F 127 56.22 -11.10 -3.34
CA MET F 127 56.48 -10.29 -4.52
C MET F 127 57.89 -9.73 -4.52
N PHE F 128 58.46 -9.50 -3.33
CA PHE F 128 59.74 -8.84 -3.18
C PHE F 128 60.58 -9.65 -2.20
N PRO F 129 60.90 -10.93 -2.54
CA PRO F 129 61.53 -11.84 -1.59
C PRO F 129 62.85 -11.30 -1.03
N GLY F 130 63.04 -11.46 0.28
CA GLY F 130 64.28 -11.05 0.92
C GLY F 130 64.32 -9.54 1.21
N ARG F 131 63.18 -8.84 1.02
CA ARG F 131 63.23 -7.39 1.09
C ARG F 131 62.32 -6.84 2.20
N PHE F 132 61.28 -7.58 2.59
CA PHE F 132 60.27 -7.03 3.49
C PHE F 132 60.51 -7.51 4.91
N TRP F 133 60.25 -6.62 5.86
CA TRP F 133 60.22 -7.01 7.26
C TRP F 133 59.00 -6.38 7.89
N LEU F 134 58.30 -7.19 8.69
CA LEU F 134 57.04 -6.79 9.28
C LEU F 134 57.32 -6.22 10.66
N GLY F 135 57.19 -4.89 10.78
CA GLY F 135 57.38 -4.25 12.07
C GLY F 135 56.02 -3.98 12.71
N ILE F 136 55.87 -4.45 13.96
CA ILE F 136 54.61 -4.37 14.68
C ILE F 136 54.88 -3.78 16.07
N GLY F 137 53.79 -3.28 16.69
CA GLY F 137 53.86 -2.63 17.97
C GLY F 137 52.47 -2.45 18.55
N ALA F 138 52.40 -1.86 19.73
CA ALA F 138 51.19 -1.78 20.52
C ALA F 138 50.27 -0.65 20.10
N GLY F 139 50.72 0.23 19.18
CA GLY F 139 49.83 1.22 18.58
C GLY F 139 49.63 2.47 19.44
N GLU F 140 49.10 3.54 18.82
CA GLU F 140 48.76 4.76 19.54
C GLU F 140 47.33 5.18 19.22
N ALA F 141 46.69 5.87 20.17
CA ALA F 141 45.28 6.23 20.07
C ALA F 141 45.05 7.19 18.90
N LEU F 142 46.05 8.03 18.60
CA LEU F 142 45.98 8.94 17.47
C LEU F 142 45.38 8.25 16.25
N ASN F 143 45.80 7.00 16.04
CA ASN F 143 45.44 6.23 14.85
C ASN F 143 44.28 5.28 15.15
N GLU F 144 44.26 4.61 16.30
CA GLU F 144 43.34 3.51 16.53
C GLU F 144 41.99 3.97 17.06
N HIS F 145 41.91 5.20 17.58
CA HIS F 145 40.69 5.65 18.24
C HIS F 145 39.55 5.84 17.24
N ILE F 146 39.84 5.84 15.94
CA ILE F 146 38.83 6.22 14.96
C ILE F 146 37.71 5.16 14.92
N VAL F 147 37.99 3.92 15.36
CA VAL F 147 36.98 2.86 15.24
C VAL F 147 36.11 2.81 16.48
N GLY F 148 36.41 3.65 17.48
CA GLY F 148 35.51 3.92 18.59
C GLY F 148 35.36 2.72 19.55
N ARG F 149 36.47 2.05 19.86
CA ARG F 149 36.49 0.93 20.79
C ARG F 149 37.31 1.30 22.03
N TYR F 150 37.13 0.52 23.11
CA TYR F 150 37.89 0.66 24.34
C TYR F 150 39.39 0.60 24.03
N TRP F 151 40.12 1.60 24.54
CA TRP F 151 41.55 1.67 24.34
C TRP F 151 42.24 1.21 25.62
N PRO F 152 42.84 -0.01 25.64
CA PRO F 152 43.48 -0.54 26.83
C PRO F 152 44.78 0.14 27.19
N GLU F 153 45.22 -0.05 28.43
CA GLU F 153 46.47 0.52 28.89
C GLU F 153 47.63 -0.20 28.21
N PRO F 154 48.84 0.40 28.16
CA PRO F 154 49.98 -0.26 27.51
C PRO F 154 50.18 -1.73 27.85
N ALA F 155 50.20 -2.08 29.14
CA ALA F 155 50.45 -3.46 29.54
C ALA F 155 49.45 -4.43 28.88
N GLU F 156 48.17 -4.04 28.85
CA GLU F 156 47.14 -4.88 28.25
C GLU F 156 47.34 -4.95 26.73
N ARG F 157 47.75 -3.85 26.09
CA ARG F 157 47.98 -3.85 24.66
C ARG F 157 49.16 -4.76 24.31
N ILE F 158 50.12 -4.90 25.22
CA ILE F 158 51.21 -5.85 25.07
C ILE F 158 50.62 -7.26 25.03
N ARG F 159 49.68 -7.58 25.93
CA ARG F 159 49.09 -8.92 25.94
C ARG F 159 48.37 -9.16 24.61
N MET F 160 47.69 -8.13 24.08
CA MET F 160 47.03 -8.23 22.79
C MET F 160 48.06 -8.45 21.69
N LEU F 161 49.20 -7.77 21.75
CA LEU F 161 50.25 -7.90 20.75
C LEU F 161 50.83 -9.31 20.74
N ILE F 162 51.03 -9.89 21.91
CA ILE F 162 51.58 -11.23 22.02
C ILE F 162 50.62 -12.23 21.37
N GLU F 163 49.32 -12.02 21.55
CA GLU F 163 48.33 -12.91 20.93
C GLU F 163 48.36 -12.71 19.41
N ALA F 164 48.47 -11.45 18.97
CA ALA F 164 48.52 -11.18 17.54
C ALA F 164 49.73 -11.85 16.90
N ILE F 165 50.86 -11.86 17.63
CA ILE F 165 52.07 -12.48 17.12
C ILE F 165 51.82 -13.97 16.92
N GLU F 166 51.07 -14.58 17.83
CA GLU F 166 50.77 -15.99 17.74
C GLU F 166 49.93 -16.25 16.49
N VAL F 167 48.99 -15.34 16.18
CA VAL F 167 48.11 -15.52 15.04
C VAL F 167 48.89 -15.40 13.73
N ILE F 168 49.74 -14.38 13.64
CA ILE F 168 50.52 -14.14 12.44
C ILE F 168 51.42 -15.34 12.18
N GLN F 169 52.00 -15.88 13.26
CA GLN F 169 52.95 -16.97 13.08
C GLN F 169 52.23 -18.25 12.67
N LYS F 170 51.02 -18.48 13.17
CA LYS F 170 50.28 -19.65 12.75
C LYS F 170 49.96 -19.53 11.26
N LEU F 171 49.50 -18.36 10.84
CA LEU F 171 49.17 -18.17 9.43
C LEU F 171 50.41 -18.30 8.56
N PHE F 172 51.58 -17.90 9.07
CA PHE F 172 52.82 -17.96 8.31
C PHE F 172 53.26 -19.40 8.07
N THR F 173 52.73 -20.37 8.82
CA THR F 173 53.04 -21.78 8.61
C THR F 173 52.47 -22.26 7.26
N GLY F 174 51.47 -21.57 6.72
CA GLY F 174 50.94 -21.93 5.42
C GLY F 174 49.92 -23.06 5.47
N LYS F 175 49.55 -23.50 6.68
CA LYS F 175 48.54 -24.51 6.85
C LYS F 175 47.22 -23.84 7.19
N VAL F 176 46.15 -24.63 7.20
CA VAL F 176 44.84 -24.17 7.65
C VAL F 176 44.88 -24.10 9.18
N ILE F 177 44.57 -22.92 9.74
CA ILE F 177 44.71 -22.77 11.18
C ILE F 177 43.44 -22.15 11.76
N ARG F 178 43.26 -22.40 13.06
CA ARG F 178 42.16 -21.85 13.85
C ARG F 178 42.81 -21.21 15.07
N HIS F 179 42.14 -20.23 15.68
CA HIS F 179 42.68 -19.61 16.88
C HIS F 179 41.51 -19.12 17.71
N GLU F 180 41.61 -19.29 19.01
CA GLU F 180 40.62 -18.77 19.94
C GLU F 180 41.37 -18.41 21.22
N GLY F 181 41.62 -17.12 21.42
CA GLY F 181 42.23 -16.63 22.65
C GLY F 181 41.39 -15.53 23.27
N VAL F 182 41.97 -14.76 24.19
CA VAL F 182 41.22 -13.71 24.86
C VAL F 182 40.77 -12.63 23.89
N TYR F 183 41.61 -12.24 22.93
CA TYR F 183 41.36 -11.02 22.15
C TYR F 183 40.93 -11.34 20.72
N PHE F 184 41.35 -12.47 20.13
CA PHE F 184 41.08 -12.73 18.72
C PHE F 184 40.47 -14.11 18.53
N LYS F 185 39.62 -14.21 17.50
CA LYS F 185 39.06 -15.47 17.04
C LYS F 185 39.36 -15.58 15.55
N VAL F 186 39.96 -16.70 15.15
CA VAL F 186 40.22 -16.94 13.75
C VAL F 186 39.61 -18.28 13.38
N GLU F 187 38.62 -18.25 12.47
CA GLU F 187 38.05 -19.45 11.90
C GLU F 187 39.00 -19.98 10.80
N SER F 188 38.73 -21.21 10.34
CA SER F 188 39.59 -21.88 9.37
C SER F 188 40.12 -20.91 8.33
N ALA F 189 41.43 -20.64 8.42
CA ALA F 189 42.09 -19.69 7.54
C ALA F 189 43.45 -20.20 7.09
N LYS F 190 43.83 -19.81 5.87
CA LYS F 190 45.11 -20.20 5.29
C LYS F 190 45.61 -19.13 4.32
N LEU F 191 46.93 -18.89 4.36
CA LEU F 191 47.56 -18.03 3.36
C LEU F 191 48.01 -18.90 2.19
N TYR F 192 47.31 -18.76 1.05
CA TYR F 192 47.65 -19.51 -0.15
C TYR F 192 48.84 -18.84 -0.87
N THR F 193 48.95 -17.50 -0.74
CA THR F 193 50.05 -16.78 -1.36
C THR F 193 51.12 -16.49 -0.30
N MET F 194 52.21 -17.26 -0.33
CA MET F 194 53.31 -17.13 0.63
C MET F 194 54.66 -17.07 -0.08
N PRO F 195 55.70 -16.49 0.53
CA PRO F 195 57.07 -16.70 0.07
C PRO F 195 57.59 -18.06 0.55
N ASP F 196 58.72 -18.49 -0.01
CA ASP F 196 59.34 -19.74 0.40
C ASP F 196 59.70 -19.65 1.88
N VAL F 197 60.12 -18.47 2.32
CA VAL F 197 60.46 -18.24 3.72
C VAL F 197 59.76 -16.97 4.17
N PRO F 198 59.06 -17.01 5.34
CA PRO F 198 58.25 -15.88 5.78
C PRO F 198 59.10 -14.68 6.13
N PRO F 199 58.52 -13.45 6.12
CA PRO F 199 59.31 -12.27 6.47
C PRO F 199 59.51 -12.29 7.98
N PRO F 200 60.60 -11.67 8.45
CA PRO F 200 60.84 -11.56 9.87
C PRO F 200 59.83 -10.63 10.52
N ILE F 201 59.50 -10.96 11.77
CA ILE F 201 58.66 -10.11 12.59
C ILE F 201 59.56 -9.32 13.53
N ILE F 202 59.49 -7.99 13.38
CA ILE F 202 60.26 -7.08 14.20
C ILE F 202 59.30 -6.37 15.15
N VAL F 203 59.61 -6.35 16.45
CA VAL F 203 58.76 -5.65 17.38
C VAL F 203 59.37 -4.29 17.68
N GLY F 204 58.55 -3.24 17.51
CA GLY F 204 58.93 -1.89 17.91
C GLY F 204 58.43 -1.60 19.33
N THR F 205 59.36 -1.42 20.28
CA THR F 205 58.98 -1.17 21.66
C THR F 205 60.11 -0.43 22.38
N ALA F 206 59.74 0.30 23.43
CA ALA F 206 60.73 0.90 24.31
C ALA F 206 60.63 0.31 25.72
N GLY F 207 59.89 -0.80 25.87
CA GLY F 207 59.59 -1.38 27.17
C GLY F 207 60.47 -2.62 27.45
N PRO F 208 61.16 -2.67 28.61
CA PRO F 208 61.99 -3.83 28.95
C PRO F 208 61.30 -5.19 28.86
N TYR F 209 60.03 -5.25 29.28
CA TYR F 209 59.29 -6.50 29.28
C TYR F 209 59.10 -6.95 27.83
N MET F 210 58.62 -6.06 26.96
CA MET F 210 58.31 -6.46 25.61
C MET F 210 59.58 -6.74 24.82
N ALA F 211 60.71 -6.09 25.18
CA ALA F 211 61.99 -6.38 24.55
C ALA F 211 62.37 -7.85 24.77
N LYS F 212 62.20 -8.33 26.00
CA LYS F 212 62.49 -9.72 26.34
C LYS F 212 61.59 -10.65 25.52
N LYS F 213 60.31 -10.29 25.42
CA LYS F 213 59.35 -11.11 24.72
C LYS F 213 59.66 -11.12 23.23
N THR F 214 60.23 -10.02 22.74
CA THR F 214 60.57 -9.92 21.34
C THR F 214 61.66 -10.92 21.00
N GLY F 215 62.66 -11.02 21.88
CA GLY F 215 63.76 -11.95 21.68
C GLY F 215 63.26 -13.39 21.74
N GLN F 216 62.28 -13.61 22.63
CA GLN F 216 61.75 -14.94 22.86
C GLN F 216 60.87 -15.41 21.71
N LEU F 217 60.08 -14.52 21.11
CA LEU F 217 58.97 -14.91 20.24
C LEU F 217 59.19 -14.53 18.80
N CYS F 218 60.01 -13.51 18.52
CA CYS F 218 60.08 -12.91 17.19
C CYS F 218 61.51 -12.93 16.67
N ASP F 219 61.79 -12.09 15.65
CA ASP F 219 63.02 -12.19 14.91
C ASP F 219 63.99 -11.05 15.17
N GLY F 220 63.45 -9.88 15.57
CA GLY F 220 64.31 -8.73 15.81
C GLY F 220 63.59 -7.61 16.54
N LEU F 221 64.39 -6.64 17.02
CA LEU F 221 63.94 -5.54 17.85
C LEU F 221 64.13 -4.21 17.12
N LEU F 222 63.14 -3.32 17.26
CA LEU F 222 63.22 -1.94 16.81
C LEU F 222 62.86 -1.03 17.97
N THR F 223 63.71 -0.04 18.26
CA THR F 223 63.52 0.82 19.40
C THR F 223 63.76 2.26 18.99
N PRO F 224 63.16 3.26 19.66
CA PRO F 224 63.51 4.67 19.41
C PRO F 224 64.79 5.06 20.15
N GLY F 225 65.34 6.22 19.78
CA GLY F 225 66.51 6.79 20.42
C GLY F 225 66.23 7.05 21.90
N ALA F 226 67.25 6.93 22.74
CA ALA F 226 67.12 7.18 24.16
C ALA F 226 68.52 7.23 24.74
N ASN F 227 68.68 7.52 26.04
CA ASN F 227 70.02 7.55 26.60
C ASN F 227 70.63 6.16 26.55
N ASP F 228 71.94 6.10 26.74
CA ASP F 228 72.72 4.87 26.61
C ASP F 228 72.23 3.82 27.57
N GLU F 229 71.97 4.20 28.82
CA GLU F 229 71.60 3.27 29.88
C GLU F 229 70.34 2.50 29.49
N LYS F 230 69.38 3.20 28.92
CA LYS F 230 68.07 2.65 28.61
C LYS F 230 68.14 1.79 27.33
N LEU F 231 69.01 2.17 26.39
CA LEU F 231 69.24 1.40 25.18
C LEU F 231 69.95 0.10 25.54
N ARG F 232 70.90 0.19 26.45
CA ARG F 232 71.71 -0.96 26.81
C ARG F 232 70.84 -1.96 27.55
N LEU F 233 69.84 -1.47 28.29
CA LEU F 233 68.90 -2.33 29.01
C LEU F 233 67.99 -3.07 28.03
N LEU F 234 67.49 -2.36 27.00
CA LEU F 234 66.63 -2.97 26.00
C LEU F 234 67.39 -4.04 25.22
N LEU F 235 68.62 -3.75 24.78
CA LEU F 235 69.42 -4.71 24.04
C LEU F 235 69.64 -5.96 24.90
N SER F 236 69.94 -5.70 26.16
CA SER F 236 70.26 -6.73 27.12
C SER F 236 69.08 -7.67 27.33
N ARG F 237 67.89 -7.09 27.51
CA ARG F 237 66.67 -7.85 27.70
C ARG F 237 66.29 -8.67 26.47
N PHE F 238 66.44 -8.06 25.28
CA PHE F 238 66.19 -8.75 24.02
C PHE F 238 67.11 -9.96 23.91
N GLU F 239 68.39 -9.76 24.26
CA GLU F 239 69.36 -10.82 24.13
C GLU F 239 69.01 -11.98 25.06
N GLU F 240 68.68 -11.68 26.32
CA GLU F 240 68.48 -12.75 27.28
C GLU F 240 67.13 -13.44 27.02
N GLY F 241 66.18 -12.72 26.41
CA GLY F 241 64.94 -13.36 26.00
C GLY F 241 65.19 -14.42 24.92
N ALA F 242 66.06 -14.09 23.96
CA ALA F 242 66.37 -14.96 22.85
C ALA F 242 67.12 -16.19 23.31
N ARG F 243 68.12 -15.99 24.18
CA ARG F 243 68.88 -17.11 24.72
C ARG F 243 67.96 -18.02 25.51
N ALA F 244 67.09 -17.46 26.36
CA ALA F 244 66.19 -18.26 27.17
C ALA F 244 65.36 -19.19 26.29
N ALA F 245 65.08 -18.77 25.05
CA ALA F 245 64.25 -19.56 24.15
C ALA F 245 65.11 -20.35 23.15
N GLY F 246 66.43 -20.42 23.36
CA GLY F 246 67.29 -21.30 22.59
C GLY F 246 67.77 -20.69 21.27
N LYS F 247 67.54 -19.39 21.04
CA LYS F 247 67.96 -18.74 19.80
C LYS F 247 69.32 -18.08 19.98
N ASP F 248 69.97 -17.73 18.86
CA ASP F 248 71.28 -17.07 18.86
C ASP F 248 71.11 -15.58 18.58
N PRO F 249 71.18 -14.71 19.62
CA PRO F 249 70.83 -13.29 19.43
C PRO F 249 71.85 -12.49 18.63
N ARG F 250 73.02 -13.10 18.39
CA ARG F 250 74.07 -12.43 17.64
C ARG F 250 73.70 -12.42 16.17
N ARG F 251 72.77 -13.31 15.75
CA ARG F 251 72.31 -13.35 14.37
C ARG F 251 70.90 -12.75 14.24
N MET F 252 70.42 -11.99 15.25
CA MET F 252 69.10 -11.38 15.21
C MET F 252 69.23 -9.86 15.18
N PRO F 253 68.54 -9.15 14.26
CA PRO F 253 68.72 -7.71 14.10
C PRO F 253 68.29 -6.88 15.29
N ARG F 254 69.08 -5.81 15.54
CA ARG F 254 68.85 -4.83 16.59
C ARG F 254 68.82 -3.45 15.96
N MET F 255 67.61 -2.89 15.85
CA MET F 255 67.39 -1.75 14.97
C MET F 255 66.94 -0.57 15.81
N ILE F 256 67.33 0.64 15.39
CA ILE F 256 66.96 1.85 16.12
C ILE F 256 66.48 2.90 15.10
N GLN F 257 65.46 3.66 15.51
CA GLN F 257 64.96 4.77 14.73
C GLN F 257 65.25 6.07 15.47
N VAL F 258 65.92 7.03 14.80
CA VAL F 258 66.24 8.32 15.41
C VAL F 258 65.67 9.47 14.59
N HIS F 259 65.42 10.59 15.26
CA HIS F 259 64.99 11.82 14.61
C HIS F 259 66.11 12.83 14.70
N VAL F 260 66.49 13.38 13.55
CA VAL F 260 67.49 14.43 13.47
C VAL F 260 66.93 15.61 12.69
N SER F 261 67.57 16.76 12.86
CA SER F 261 67.31 17.92 12.03
C SER F 261 68.64 18.39 11.44
N TRP F 262 68.79 18.18 10.14
CA TRP F 262 69.87 18.78 9.39
C TRP F 262 69.31 19.89 8.52
N ALA F 263 70.08 20.97 8.42
CA ALA F 263 69.80 22.05 7.50
C ALA F 263 71.10 22.79 7.22
N GLU F 264 70.99 23.88 6.46
CA GLU F 264 72.14 24.62 5.97
C GLU F 264 72.84 25.32 7.15
N THR F 265 72.07 25.80 8.15
CA THR F 265 72.67 26.37 9.36
C THR F 265 71.99 25.78 10.60
N ASP F 266 72.65 25.96 11.75
CA ASP F 266 72.12 25.53 13.02
C ASP F 266 70.77 26.18 13.26
N GLU F 267 70.64 27.45 12.86
CA GLU F 267 69.40 28.17 13.08
C GLU F 267 68.22 27.51 12.38
N GLN F 268 68.35 27.20 11.08
CA GLN F 268 67.23 26.60 10.35
C GLN F 268 66.96 25.19 10.87
N ALA F 269 68.01 24.50 11.36
CA ALA F 269 67.86 23.15 11.90
C ALA F 269 66.98 23.15 13.13
N ILE F 270 67.21 24.13 14.02
CA ILE F 270 66.42 24.30 15.24
C ILE F 270 64.97 24.65 14.90
N GLU F 271 64.75 25.65 14.02
CA GLU F 271 63.40 26.09 13.69
C GLU F 271 62.64 24.97 12.97
N ASN F 272 63.33 24.22 12.13
CA ASN F 272 62.71 23.10 11.42
C ASN F 272 62.11 22.12 12.42
N ALA F 273 62.87 21.78 13.46
CA ALA F 273 62.44 20.81 14.45
C ALA F 273 61.25 21.36 15.22
N LEU F 274 61.31 22.67 15.53
CA LEU F 274 60.32 23.30 16.38
C LEU F 274 58.98 23.39 15.65
N ARG F 275 59.01 23.68 14.34
CA ARG F 275 57.79 23.88 13.58
C ARG F 275 57.23 22.54 13.06
N GLU F 276 58.09 21.59 12.68
CA GLU F 276 57.65 20.42 11.93
C GLU F 276 57.42 19.20 12.82
N TRP F 277 58.12 19.14 13.96
CA TRP F 277 58.17 17.94 14.79
C TRP F 277 58.16 18.32 16.27
N PRO F 278 57.16 19.12 16.73
CA PRO F 278 57.10 19.50 18.13
C PRO F 278 56.89 18.30 19.06
N ASN F 279 56.28 17.23 18.54
CA ASN F 279 56.11 16.00 19.30
C ASN F 279 57.46 15.43 19.74
N GLY F 280 58.53 15.78 19.02
CA GLY F 280 59.87 15.39 19.44
C GLY F 280 60.33 16.08 20.73
N GLY F 281 59.65 17.15 21.16
CA GLY F 281 60.02 17.84 22.40
C GLY F 281 59.06 17.48 23.54
N MET F 282 58.20 16.50 23.28
CA MET F 282 57.20 16.08 24.24
C MET F 282 57.72 14.79 24.89
N ALA F 283 58.49 14.99 25.96
CA ALA F 283 59.16 13.92 26.67
C ALA F 283 58.18 13.25 27.64
N PHE F 284 57.20 12.55 27.07
CA PHE F 284 56.13 11.99 27.89
C PHE F 284 55.33 11.04 27.00
N PRO F 285 54.60 10.08 27.59
CA PRO F 285 53.93 9.05 26.78
C PRO F 285 52.78 9.68 26.00
N LYS F 286 52.67 9.34 24.72
CA LYS F 286 51.77 10.03 23.80
C LYS F 286 50.68 9.11 23.25
N GLY F 287 50.57 7.89 23.76
CA GLY F 287 49.75 6.88 23.11
C GLY F 287 48.27 6.92 23.51
N ASP F 288 47.86 7.86 24.37
CA ASP F 288 46.46 8.00 24.80
C ASP F 288 45.78 9.21 24.16
N ILE F 289 46.55 10.10 23.53
CA ILE F 289 46.07 11.34 22.95
C ILE F 289 45.44 11.08 21.58
N ARG F 290 44.19 11.52 21.40
CA ARG F 290 43.37 11.05 20.29
C ARG F 290 43.53 11.90 19.02
N ASN F 291 43.67 13.23 19.16
CA ASN F 291 43.49 14.08 18.00
C ASN F 291 44.73 14.87 17.62
N PRO F 292 44.93 15.11 16.32
CA PRO F 292 45.99 16.03 15.89
C PRO F 292 45.86 17.41 16.55
N GLU F 293 44.62 17.86 16.73
CA GLU F 293 44.34 19.19 17.26
C GLU F 293 44.81 19.26 18.71
N ASP F 294 44.79 18.12 19.42
CA ASP F 294 45.31 18.02 20.78
C ASP F 294 46.83 18.24 20.79
N PHE F 295 47.56 17.50 19.94
CA PHE F 295 49.01 17.63 19.88
C PHE F 295 49.39 19.06 19.50
N GLN F 296 48.67 19.62 18.53
CA GLN F 296 48.94 20.96 18.05
C GLN F 296 48.82 21.98 19.19
N ALA F 297 47.80 21.83 20.05
CA ALA F 297 47.63 22.72 21.19
C ALA F 297 48.75 22.52 22.21
N MET F 298 49.18 21.27 22.42
CA MET F 298 50.25 20.96 23.35
C MET F 298 51.59 21.50 22.83
N ALA F 299 51.72 21.63 21.51
CA ALA F 299 52.95 22.07 20.87
C ALA F 299 53.29 23.51 21.28
N ARG F 300 52.26 24.31 21.59
CA ARG F 300 52.48 25.68 22.05
C ARG F 300 53.40 25.74 23.27
N LEU F 301 53.56 24.64 24.02
CA LEU F 301 54.43 24.61 25.19
C LEU F 301 55.89 24.32 24.84
N VAL F 302 56.13 23.71 23.68
CA VAL F 302 57.42 23.13 23.36
C VAL F 302 58.41 24.24 23.03
N ARG F 303 59.66 24.10 23.50
CA ARG F 303 60.73 25.07 23.27
CA ARG F 303 60.73 25.07 23.26
C ARG F 303 61.98 24.34 22.78
N PRO F 304 62.97 25.02 22.16
CA PRO F 304 64.18 24.34 21.67
C PRO F 304 64.94 23.49 22.69
N GLU F 305 64.94 23.92 23.97
CA GLU F 305 65.61 23.22 25.06
CA GLU F 305 65.62 23.22 25.05
C GLU F 305 65.07 21.79 25.23
N HIS F 306 63.78 21.57 25.00
CA HIS F 306 63.13 20.29 25.28
C HIS F 306 63.54 19.17 24.32
N PHE F 307 64.40 19.50 23.35
CA PHE F 307 64.82 18.55 22.33
C PHE F 307 66.20 17.95 22.65
N GLN F 308 67.00 18.55 23.57
CA GLN F 308 68.34 18.06 23.83
C GLN F 308 68.26 16.60 24.31
N GLY F 309 69.24 15.80 23.86
CA GLY F 309 69.24 14.36 24.10
C GLY F 309 68.32 13.61 23.14
N ARG F 310 67.28 14.28 22.65
CA ARG F 310 66.13 13.60 22.04
C ARG F 310 66.13 13.79 20.52
N VAL F 311 66.56 14.95 20.01
CA VAL F 311 66.65 15.21 18.58
C VAL F 311 67.89 16.05 18.33
N LEU F 312 68.80 15.51 17.51
CA LEU F 312 70.02 16.20 17.17
C LEU F 312 69.71 17.29 16.14
N MET F 313 70.07 18.53 16.47
CA MET F 313 69.72 19.69 15.65
C MET F 313 71.02 20.43 15.30
N THR F 314 71.59 20.17 14.12
CA THR F 314 72.86 20.80 13.74
C THR F 314 73.09 20.65 12.23
N SER F 315 73.85 21.59 11.67
CA SER F 315 74.27 21.57 10.27
C SER F 315 75.61 20.84 10.11
N ASP F 316 76.29 20.55 11.22
CA ASP F 316 77.60 19.91 11.22
C ASP F 316 77.42 18.41 10.94
N LEU F 317 77.78 17.97 9.73
CA LEU F 317 77.53 16.60 9.30
C LEU F 317 78.49 15.63 9.96
N ASP F 318 79.66 16.12 10.41
CA ASP F 318 80.56 15.34 11.23
C ASP F 318 79.83 14.89 12.50
N ARG F 319 79.08 15.81 13.11
CA ARG F 319 78.44 15.58 14.39
C ARG F 319 77.29 14.60 14.21
N HIS F 320 76.60 14.69 13.07
CA HIS F 320 75.64 13.66 12.64
C HIS F 320 76.31 12.29 12.60
N GLY F 321 77.48 12.20 11.98
CA GLY F 321 78.17 10.94 11.82
C GLY F 321 78.57 10.33 13.18
N GLU F 322 79.06 11.17 14.10
CA GLU F 322 79.51 10.72 15.41
C GLU F 322 78.33 10.20 16.22
N PHE F 323 77.18 10.89 16.11
CA PHE F 323 75.97 10.48 16.79
C PHE F 323 75.56 9.07 16.34
N LEU F 324 75.58 8.86 15.01
CA LEU F 324 75.16 7.59 14.44
C LEU F 324 76.15 6.47 14.77
N GLN F 325 77.44 6.78 14.69
CA GLN F 325 78.50 5.80 14.95
C GLN F 325 78.40 5.27 16.38
N HIS F 326 78.06 6.18 17.31
CA HIS F 326 77.91 5.82 18.71
C HIS F 326 76.87 4.71 18.89
N LEU F 327 75.76 4.83 18.14
CA LEU F 327 74.68 3.87 18.23
C LEU F 327 75.16 2.52 17.68
N ILE F 328 75.98 2.55 16.62
CA ILE F 328 76.49 1.31 16.05
C ILE F 328 77.31 0.60 17.11
N ASP F 329 78.10 1.41 17.84
CA ASP F 329 79.04 0.93 18.85
C ASP F 329 78.30 0.33 20.04
N LEU F 330 77.12 0.86 20.37
CA LEU F 330 76.30 0.27 21.42
C LEU F 330 75.84 -1.15 21.05
N GLY F 331 75.75 -1.46 19.74
CA GLY F 331 75.40 -2.78 19.26
C GLY F 331 74.17 -2.78 18.35
N PHE F 332 73.72 -1.61 17.88
CA PHE F 332 72.68 -1.60 16.86
C PHE F 332 73.29 -1.99 15.52
N THR F 333 72.54 -2.83 14.78
CA THR F 333 72.97 -3.35 13.50
C THR F 333 72.25 -2.64 12.36
N GLU F 334 71.24 -1.84 12.67
CA GLU F 334 70.56 -1.06 11.65
C GLU F 334 70.11 0.26 12.28
N ILE F 335 70.24 1.35 11.52
CA ILE F 335 69.74 2.64 11.99
C ILE F 335 68.85 3.23 10.90
N TYR F 336 67.68 3.72 11.31
CA TYR F 336 66.77 4.41 10.40
C TYR F 336 66.70 5.87 10.83
N VAL F 337 66.98 6.78 9.88
CA VAL F 337 67.10 8.19 10.19
C VAL F 337 65.94 8.97 9.59
N HIS F 338 65.27 9.73 10.47
CA HIS F 338 64.21 10.65 10.09
C HIS F 338 64.74 12.08 10.18
N ASN F 339 64.92 12.76 9.05
CA ASN F 339 65.13 14.19 9.08
C ASN F 339 63.78 14.88 9.24
N VAL F 340 63.66 15.79 10.19
CA VAL F 340 62.36 16.36 10.53
C VAL F 340 62.00 17.53 9.62
N GLY F 341 63.02 18.16 9.00
CA GLY F 341 62.77 19.28 8.11
C GLY F 341 62.15 18.82 6.80
N ARG F 342 61.57 19.78 6.05
CA ARG F 342 60.96 19.52 4.76
C ARG F 342 62.02 19.46 3.66
N ASN F 343 63.28 19.72 4.01
CA ASN F 343 64.40 19.70 3.08
C ASN F 343 64.91 18.27 2.89
N GLN F 344 64.01 17.38 2.41
CA GLN F 344 64.29 15.95 2.39
C GLN F 344 65.34 15.62 1.32
N GLU F 345 65.23 16.25 0.15
CA GLU F 345 66.12 15.96 -0.95
C GLU F 345 67.56 16.36 -0.60
N GLU F 346 67.73 17.55 -0.01
CA GLU F 346 69.05 18.09 0.30
C GLU F 346 69.67 17.21 1.39
N PHE F 347 68.82 16.78 2.34
CA PHE F 347 69.25 15.93 3.44
C PHE F 347 69.78 14.59 2.93
N ILE F 348 69.05 13.96 2.02
CA ILE F 348 69.45 12.68 1.46
C ILE F 348 70.80 12.81 0.74
N ARG F 349 70.97 13.88 -0.06
CA ARG F 349 72.21 14.07 -0.79
C ARG F 349 73.35 14.35 0.17
N ALA F 350 73.08 15.12 1.23
CA ALA F 350 74.10 15.51 2.20
C ALA F 350 74.61 14.29 2.96
N TYR F 351 73.69 13.44 3.43
CA TYR F 351 74.06 12.21 4.12
C TYR F 351 74.79 11.26 3.16
N GLY F 352 74.35 11.19 1.91
CA GLY F 352 74.97 10.33 0.92
C GLY F 352 76.46 10.65 0.71
N ARG F 353 76.79 11.94 0.69
CA ARG F 353 78.15 12.40 0.42
C ARG F 353 78.99 12.35 1.70
N ALA F 354 78.46 12.90 2.81
CA ALA F 354 79.28 13.21 3.98
C ALA F 354 79.16 12.20 5.12
N VAL F 355 78.07 11.42 5.21
CA VAL F 355 77.80 10.62 6.40
C VAL F 355 77.91 9.13 6.11
N ILE F 356 77.05 8.62 5.22
CA ILE F 356 76.92 7.18 5.00
C ILE F 356 78.28 6.56 4.69
N PRO F 357 79.11 7.16 3.81
CA PRO F 357 80.41 6.59 3.49
C PRO F 357 81.37 6.43 4.66
N HIS F 358 81.16 7.19 5.75
CA HIS F 358 82.13 7.25 6.83
C HIS F 358 81.67 6.39 8.03
N LEU F 359 80.50 5.76 7.95
CA LEU F 359 80.00 4.93 9.06
C LEU F 359 80.62 3.54 8.99
N ARG F 360 81.15 3.08 10.13
CA ARG F 360 81.81 1.77 10.22
C ARG F 360 80.83 0.76 10.78
N TRP F 361 80.32 -0.12 9.92
CA TRP F 361 79.44 -1.23 10.31
C TRP F 361 80.25 -2.50 10.50
N PRO F 362 80.05 -3.29 11.59
CA PRO F 362 80.69 -4.60 11.68
C PRO F 362 80.26 -5.47 10.51
N ALA F 363 81.19 -6.22 9.92
CA ALA F 363 80.87 -7.10 8.81
C ALA F 363 79.94 -8.23 9.26
N ASP F 364 79.06 -8.68 8.34
CA ASP F 364 78.10 -9.74 8.62
C ASP F 364 77.24 -9.42 9.84
N ALA F 365 76.91 -8.14 10.05
CA ALA F 365 75.96 -7.79 11.09
C ALA F 365 74.57 -8.15 10.57
N PRO F 366 73.70 -8.72 11.44
CA PRO F 366 72.38 -9.15 11.02
C PRO F 366 71.44 -7.99 10.71
N VAL F 367 70.57 -8.24 9.73
CA VAL F 367 69.73 -7.21 9.15
C VAL F 367 68.35 -7.81 8.92
N ALA F 368 67.30 -6.99 8.94
CA ALA F 368 65.93 -7.48 8.87
C ALA F 368 65.61 -8.01 7.46
N GLN F 369 65.55 -9.34 7.35
CA GLN F 369 65.56 -10.03 6.06
C GLN F 369 65.38 -11.54 6.26
N ALA F 370 64.85 -12.26 5.25
CA ALA F 370 64.94 -13.72 5.08
C ALA F 370 66.03 -14.36 5.96
N MET G 30 -2.37 65.09 -26.64
CA MET G 30 -2.39 63.68 -26.17
C MET G 30 -3.84 63.18 -26.04
N GLY G 31 -4.89 63.77 -26.66
CA GLY G 31 -6.07 62.97 -27.00
C GLY G 31 -7.38 63.74 -27.01
N ARG G 32 -8.28 63.42 -27.96
CA ARG G 32 -9.64 63.98 -28.05
C ARG G 32 -10.46 63.50 -26.84
N GLY G 33 -10.35 62.23 -26.49
CA GLY G 33 -11.04 61.69 -25.32
C GLY G 33 -10.09 61.45 -24.16
N SER G 34 -10.68 61.21 -22.99
CA SER G 34 -9.98 60.95 -21.73
C SER G 34 -9.02 59.79 -21.87
N SER G 35 -7.91 59.89 -21.12
CA SER G 35 -6.91 58.85 -20.98
C SER G 35 -7.51 57.62 -20.33
N ARG G 36 -7.21 56.46 -20.92
CA ARG G 36 -7.70 55.18 -20.43
C ARG G 36 -6.93 54.04 -21.08
N LEU G 37 -6.99 52.87 -20.44
CA LEU G 37 -6.46 51.63 -21.00
C LEU G 37 -6.99 50.44 -20.20
N GLY G 38 -6.96 49.25 -20.80
CA GLY G 38 -7.41 48.04 -20.14
C GLY G 38 -6.24 47.21 -19.61
N TYR G 39 -6.47 46.58 -18.45
CA TYR G 39 -5.51 45.68 -17.83
C TYR G 39 -6.06 44.26 -17.92
N SER G 40 -5.24 43.35 -18.47
CA SER G 40 -5.54 41.93 -18.46
C SER G 40 -5.04 41.28 -17.17
N ALA G 41 -5.98 40.70 -16.42
CA ALA G 41 -5.70 39.92 -15.23
C ALA G 41 -5.50 38.46 -15.61
N SER G 42 -4.25 38.00 -15.54
CA SER G 42 -3.87 36.67 -15.98
C SER G 42 -4.01 35.67 -14.83
N PHE G 43 -5.15 35.00 -14.75
CA PHE G 43 -5.41 34.03 -13.68
C PHE G 43 -4.56 32.78 -13.87
N GLU G 44 -4.06 32.58 -15.10
CA GLU G 44 -3.16 31.48 -15.41
C GLU G 44 -1.87 31.60 -14.58
N GLN G 45 -1.44 32.83 -14.28
CA GLN G 45 -0.12 33.10 -13.72
C GLN G 45 -0.12 33.58 -12.27
N PHE G 46 -1.16 34.29 -11.82
CA PHE G 46 -1.09 35.05 -10.58
C PHE G 46 -2.21 34.66 -9.61
N HIS G 47 -1.85 34.59 -8.34
CA HIS G 47 -2.79 34.37 -7.25
C HIS G 47 -3.85 35.46 -7.31
N PRO G 48 -5.13 35.12 -7.14
CA PRO G 48 -6.20 36.12 -7.20
C PRO G 48 -6.12 37.26 -6.18
N SER G 49 -5.50 37.02 -5.02
CA SER G 49 -5.28 38.08 -4.06
C SER G 49 -4.35 39.14 -4.63
N ASP G 50 -3.33 38.70 -5.35
CA ASP G 50 -2.37 39.59 -5.99
C ASP G 50 -3.08 40.40 -7.08
N LEU G 51 -3.92 39.72 -7.87
CA LEU G 51 -4.59 40.36 -9.00
C LEU G 51 -5.53 41.46 -8.50
N LEU G 52 -6.19 41.22 -7.38
CA LEU G 52 -7.08 42.21 -6.78
C LEU G 52 -6.30 43.47 -6.41
N ARG G 53 -5.14 43.28 -5.77
CA ARG G 53 -4.32 44.41 -5.33
C ARG G 53 -3.81 45.17 -6.55
N TRP G 54 -3.40 44.43 -7.58
CA TRP G 54 -2.84 45.04 -8.77
C TRP G 54 -3.91 45.81 -9.57
N CYS G 55 -5.14 45.30 -9.60
CA CYS G 55 -6.23 45.99 -10.26
C CYS G 55 -6.54 47.29 -9.52
N GLN G 56 -6.51 47.27 -8.19
CA GLN G 56 -6.72 48.47 -7.39
C GLN G 56 -5.65 49.52 -7.68
N LEU G 57 -4.42 49.06 -7.86
CA LEU G 57 -3.31 49.92 -8.27
C LEU G 57 -3.52 50.42 -9.70
N ALA G 58 -3.90 49.54 -10.61
CA ALA G 58 -4.12 49.92 -12.01
C ALA G 58 -5.17 51.03 -12.11
N GLU G 59 -6.23 50.94 -11.29
CA GLU G 59 -7.21 52.01 -11.23
C GLU G 59 -6.53 53.32 -10.89
N GLN G 60 -5.69 53.32 -9.83
CA GLN G 60 -4.97 54.50 -9.38
C GLN G 60 -4.13 55.08 -10.51
N GLU G 61 -3.68 54.24 -11.46
CA GLU G 61 -2.67 54.65 -12.43
C GLU G 61 -3.26 55.01 -13.79
N GLY G 62 -4.60 54.98 -13.93
CA GLY G 62 -5.26 55.49 -15.12
C GLY G 62 -5.89 54.41 -16.00
N PHE G 63 -5.73 53.12 -15.64
CA PHE G 63 -6.47 52.06 -16.32
C PHE G 63 -7.93 52.18 -15.90
N ASP G 64 -8.86 51.85 -16.82
CA ASP G 64 -10.29 52.08 -16.62
C ASP G 64 -11.08 50.76 -16.58
N SER G 65 -10.47 49.65 -17.03
CA SER G 65 -11.22 48.41 -17.20
C SER G 65 -10.29 47.20 -17.04
N VAL G 66 -10.88 46.07 -16.61
CA VAL G 66 -10.16 44.83 -16.40
C VAL G 66 -10.81 43.73 -17.24
N LEU G 67 -9.96 42.99 -17.97
CA LEU G 67 -10.31 41.75 -18.62
C LEU G 67 -9.73 40.62 -17.79
N ALA G 68 -10.58 39.64 -17.46
CA ALA G 68 -10.26 38.59 -16.50
C ALA G 68 -10.51 37.22 -17.14
N ALA G 69 -9.44 36.44 -17.24
CA ALA G 69 -9.49 35.13 -17.87
C ALA G 69 -10.40 34.20 -17.06
N ASP G 70 -11.10 33.29 -17.79
CA ASP G 70 -11.94 32.30 -17.14
C ASP G 70 -11.33 30.92 -17.37
N HIS G 71 -10.37 30.55 -16.54
CA HIS G 71 -9.66 29.31 -16.74
C HIS G 71 -9.98 28.36 -15.59
N PHE G 72 -9.74 27.07 -15.84
CA PHE G 72 -9.66 26.07 -14.78
C PHE G 72 -8.20 25.66 -14.60
N HIS G 73 -7.47 25.57 -15.72
CA HIS G 73 -6.06 25.20 -15.73
C HIS G 73 -5.23 26.32 -16.35
N PRO G 74 -3.98 26.50 -15.89
CA PRO G 74 -3.02 27.32 -16.60
C PRO G 74 -2.50 26.59 -17.82
N TRP G 75 -1.84 27.32 -18.72
CA TRP G 75 -1.25 26.70 -19.89
C TRP G 75 -0.11 25.78 -19.49
N THR G 76 0.75 26.24 -18.56
CA THR G 76 1.88 25.45 -18.12
C THR G 76 1.89 25.40 -16.59
N PRO G 77 2.48 24.35 -15.97
CA PRO G 77 2.69 24.36 -14.51
C PRO G 77 3.49 25.56 -14.00
N GLU G 78 4.45 26.04 -14.82
CA GLU G 78 5.27 27.20 -14.50
C GLU G 78 4.43 28.45 -14.30
N GLN G 79 3.26 28.53 -14.94
CA GLN G 79 2.37 29.66 -14.73
C GLN G 79 1.66 29.51 -13.39
N GLY G 80 1.06 28.34 -13.17
CA GLY G 80 0.87 27.76 -11.86
C GLY G 80 -0.37 28.25 -11.08
N GLN G 81 -1.35 28.87 -11.76
CA GLN G 81 -2.57 29.33 -11.11
C GLN G 81 -3.81 29.11 -11.99
N SER G 82 -5.01 29.24 -11.39
CA SER G 82 -6.28 29.34 -12.09
C SER G 82 -7.43 29.54 -11.11
N GLY G 83 -7.59 30.76 -10.62
CA GLY G 83 -8.70 31.07 -9.74
C GLY G 83 -10.04 31.08 -10.49
N PHE G 84 -11.10 30.85 -9.71
CA PHE G 84 -12.47 30.92 -10.20
C PHE G 84 -12.84 32.38 -10.31
N VAL G 85 -13.00 32.82 -11.55
CA VAL G 85 -13.06 34.23 -11.87
C VAL G 85 -14.34 34.84 -11.29
N TRP G 86 -15.41 34.07 -11.22
CA TRP G 86 -16.72 34.64 -10.88
C TRP G 86 -16.75 35.14 -9.44
N ALA G 87 -16.10 34.42 -8.54
CA ALA G 87 -15.98 34.87 -7.17
C ALA G 87 -15.10 36.13 -7.11
N TRP G 88 -13.98 36.08 -7.84
CA TRP G 88 -13.05 37.19 -7.82
C TRP G 88 -13.69 38.48 -8.32
N LEU G 89 -14.59 38.39 -9.30
CA LEU G 89 -15.16 39.58 -9.92
C LEU G 89 -16.04 40.32 -8.92
N GLY G 90 -16.64 39.59 -7.98
CA GLY G 90 -17.41 40.23 -6.93
C GLY G 90 -16.53 41.10 -6.04
N ALA G 91 -15.33 40.59 -5.74
CA ALA G 91 -14.36 41.35 -4.96
C ALA G 91 -13.89 42.60 -5.71
N LEU G 92 -13.63 42.45 -7.01
CA LEU G 92 -13.18 43.57 -7.82
C LEU G 92 -14.26 44.64 -7.83
N GLY G 93 -15.50 44.20 -8.07
CA GLY G 93 -16.63 45.12 -8.17
C GLY G 93 -16.81 45.94 -6.90
N ALA G 94 -16.64 45.28 -5.74
CA ALA G 94 -16.93 45.92 -4.46
C ALA G 94 -15.78 46.78 -3.95
N THR G 95 -14.59 46.74 -4.59
CA THR G 95 -13.45 47.46 -4.07
C THR G 95 -12.87 48.43 -5.09
N THR G 96 -13.39 48.50 -6.32
CA THR G 96 -12.90 49.47 -7.30
C THR G 96 -14.10 50.13 -7.94
N ARG G 97 -13.85 51.08 -8.85
CA ARG G 97 -14.92 51.59 -9.71
C ARG G 97 -14.64 51.22 -11.17
N LEU G 98 -13.73 50.28 -11.40
CA LEU G 98 -13.36 49.85 -12.76
C LEU G 98 -14.52 49.16 -13.45
N ARG G 99 -14.52 49.21 -14.78
CA ARG G 99 -15.30 48.29 -15.59
C ARG G 99 -14.54 46.97 -15.60
N PHE G 100 -15.24 45.87 -15.87
CA PHE G 100 -14.60 44.57 -15.89
C PHE G 100 -15.44 43.57 -16.69
N GLY G 101 -14.75 42.57 -17.22
CA GLY G 101 -15.41 41.53 -17.98
C GLY G 101 -14.63 40.22 -17.99
N THR G 102 -15.35 39.13 -18.28
CA THR G 102 -14.74 37.84 -18.55
C THR G 102 -14.10 37.88 -19.93
N GLY G 103 -12.91 37.33 -20.06
CA GLY G 103 -12.31 37.25 -21.38
C GLY G 103 -11.57 35.93 -21.56
N VAL G 104 -12.29 34.84 -21.93
CA VAL G 104 -13.74 34.82 -22.08
C VAL G 104 -14.30 33.56 -21.40
N THR G 105 -15.59 33.58 -21.08
CA THR G 105 -16.28 32.42 -20.57
C THR G 105 -16.84 31.61 -21.72
N PRO G 106 -16.60 30.28 -21.80
CA PRO G 106 -17.37 29.38 -22.67
C PRO G 106 -18.68 28.84 -22.08
N PRO G 107 -19.86 29.38 -22.50
CA PRO G 107 -21.13 29.01 -21.87
C PRO G 107 -21.86 27.86 -22.58
N ILE G 108 -21.12 26.80 -22.87
CA ILE G 108 -21.57 25.79 -23.82
C ILE G 108 -21.71 24.41 -23.16
N GLY G 109 -21.70 24.39 -21.82
CA GLY G 109 -22.23 23.26 -21.08
C GLY G 109 -21.17 22.23 -20.71
N PHE G 110 -19.89 22.61 -20.71
CA PHE G 110 -18.85 21.75 -20.16
C PHE G 110 -18.72 22.16 -18.70
N ARG G 111 -17.83 23.11 -18.41
CA ARG G 111 -17.73 23.71 -17.09
C ARG G 111 -19.01 24.44 -16.72
N TYR G 112 -19.68 25.07 -17.68
CA TYR G 112 -20.71 26.04 -17.37
C TYR G 112 -21.92 25.87 -18.29
N HIS G 113 -23.10 25.78 -17.69
CA HIS G 113 -24.35 25.83 -18.42
C HIS G 113 -24.70 27.28 -18.75
N PRO G 114 -25.22 27.58 -19.96
CA PRO G 114 -25.51 28.96 -20.33
C PRO G 114 -26.49 29.67 -19.39
N ALA G 115 -27.45 28.95 -18.82
CA ALA G 115 -28.41 29.55 -17.92
C ALA G 115 -27.70 30.16 -16.71
N ILE G 116 -26.67 29.47 -16.23
CA ILE G 116 -25.94 29.90 -15.04
C ILE G 116 -25.06 31.12 -15.38
N VAL G 117 -24.39 31.08 -16.53
CA VAL G 117 -23.62 32.23 -16.96
C VAL G 117 -24.52 33.47 -17.03
N ALA G 118 -25.74 33.31 -17.51
CA ALA G 118 -26.66 34.43 -17.60
C ALA G 118 -26.97 34.98 -16.23
N GLN G 119 -27.23 34.08 -15.25
CA GLN G 119 -27.53 34.49 -13.90
C GLN G 119 -26.33 35.24 -13.30
N ALA G 120 -25.13 34.72 -13.53
CA ALA G 120 -23.94 35.32 -12.97
C ALA G 120 -23.76 36.72 -13.52
N ALA G 121 -23.94 36.86 -14.84
CA ALA G 121 -23.78 38.14 -15.52
C ALA G 121 -24.81 39.13 -15.00
N ALA G 122 -26.05 38.68 -14.85
CA ALA G 122 -27.15 39.54 -14.43
C ALA G 122 -26.94 39.98 -12.99
N THR G 123 -26.39 39.09 -12.16
CA THR G 123 -26.16 39.43 -10.76
C THR G 123 -25.05 40.49 -10.66
N LEU G 124 -23.95 40.27 -11.37
CA LEU G 124 -22.84 41.21 -11.34
C LEU G 124 -23.27 42.62 -11.79
N GLU G 125 -24.04 42.69 -12.89
CA GLU G 125 -24.44 43.97 -13.44
C GLU G 125 -25.49 44.63 -12.52
N ALA G 126 -26.28 43.79 -11.83
CA ALA G 126 -27.26 44.33 -10.91
C ALA G 126 -26.56 45.03 -9.75
N MET G 127 -25.44 44.44 -9.27
CA MET G 127 -24.70 44.94 -8.11
C MET G 127 -23.76 46.08 -8.50
N PHE G 128 -23.29 46.09 -9.75
CA PHE G 128 -22.29 47.04 -10.22
C PHE G 128 -22.75 47.61 -11.54
N PRO G 129 -23.90 48.31 -11.58
CA PRO G 129 -24.52 48.74 -12.84
C PRO G 129 -23.60 49.59 -13.70
N GLY G 130 -23.56 49.32 -15.00
CA GLY G 130 -22.75 50.09 -15.93
C GLY G 130 -21.28 49.67 -15.93
N ARG G 131 -20.95 48.56 -15.24
CA ARG G 131 -19.55 48.22 -15.06
C ARG G 131 -19.20 46.88 -15.67
N PHE G 132 -20.17 45.95 -15.80
CA PHE G 132 -19.85 44.59 -16.20
C PHE G 132 -20.13 44.39 -17.69
N TRP G 133 -19.28 43.60 -18.33
CA TRP G 133 -19.56 43.12 -19.67
C TRP G 133 -19.24 41.63 -19.72
N LEU G 134 -20.14 40.87 -20.35
CA LEU G 134 -20.06 39.43 -20.39
C LEU G 134 -19.33 39.02 -21.65
N GLY G 135 -18.08 38.56 -21.50
CA GLY G 135 -17.30 38.08 -22.63
C GLY G 135 -17.37 36.57 -22.71
N ILE G 136 -17.77 36.06 -23.89
CA ILE G 136 -17.97 34.64 -24.12
C ILE G 136 -17.22 34.21 -25.39
N GLY G 137 -17.00 32.90 -25.52
CA GLY G 137 -16.26 32.34 -26.63
C GLY G 137 -16.41 30.82 -26.64
N ALA G 138 -15.72 30.18 -27.61
CA ALA G 138 -15.98 28.79 -27.95
C ALA G 138 -15.22 27.80 -27.08
N GLY G 139 -14.33 28.30 -26.23
CA GLY G 139 -13.65 27.52 -25.20
C GLY G 139 -12.46 26.77 -25.76
N GLU G 140 -11.60 26.29 -24.83
CA GLU G 140 -10.47 25.44 -25.16
C GLU G 140 -10.51 24.20 -24.29
N ALA G 141 -9.96 23.09 -24.82
CA ALA G 141 -10.00 21.80 -24.15
C ALA G 141 -9.23 21.83 -22.83
N LEU G 142 -8.16 22.65 -22.77
CA LEU G 142 -7.40 22.81 -21.55
C LEU G 142 -8.32 22.92 -20.34
N ASN G 143 -9.42 23.66 -20.50
CA ASN G 143 -10.32 23.95 -19.40
C ASN G 143 -11.53 23.01 -19.41
N GLU G 144 -12.09 22.72 -20.61
CA GLU G 144 -13.38 22.05 -20.69
C GLU G 144 -13.27 20.53 -20.60
N HIS G 145 -12.08 19.98 -20.85
CA HIS G 145 -11.95 18.53 -20.96
C HIS G 145 -12.15 17.83 -19.62
N ILE G 146 -12.17 18.59 -18.50
CA ILE G 146 -12.15 17.94 -17.20
C ILE G 146 -13.46 17.19 -16.95
N VAL G 147 -14.54 17.53 -17.65
CA VAL G 147 -15.83 16.91 -17.40
C VAL G 147 -16.02 15.66 -18.25
N GLY G 148 -15.05 15.36 -19.12
CA GLY G 148 -14.93 14.06 -19.77
C GLY G 148 -16.01 13.82 -20.83
N ARG G 149 -16.32 14.84 -21.63
CA ARG G 149 -17.30 14.77 -22.69
C ARG G 149 -16.62 14.94 -24.07
N TYR G 150 -17.34 14.53 -25.13
CA TYR G 150 -16.94 14.74 -26.51
C TYR G 150 -16.60 16.21 -26.75
N TRP G 151 -15.42 16.43 -27.33
CA TRP G 151 -14.97 17.77 -27.65
C TRP G 151 -15.14 18.00 -29.13
N PRO G 152 -16.15 18.82 -29.56
CA PRO G 152 -16.44 19.05 -30.99
C PRO G 152 -15.39 19.93 -31.64
N GLU G 153 -15.39 19.91 -32.98
CA GLU G 153 -14.44 20.72 -33.74
C GLU G 153 -14.86 22.19 -33.63
N PRO G 154 -13.94 23.14 -33.90
CA PRO G 154 -14.27 24.57 -33.82
C PRO G 154 -15.61 24.98 -34.43
N ALA G 155 -15.87 24.60 -35.69
CA ALA G 155 -17.09 25.04 -36.35
C ALA G 155 -18.33 24.59 -35.58
N GLU G 156 -18.32 23.35 -35.06
CA GLU G 156 -19.44 22.84 -34.27
C GLU G 156 -19.56 23.61 -32.96
N ARG G 157 -18.44 23.97 -32.33
CA ARG G 157 -18.48 24.72 -31.08
C ARG G 157 -19.04 26.12 -31.30
N ILE G 158 -18.84 26.67 -32.50
CA ILE G 158 -19.47 27.92 -32.88
C ILE G 158 -20.98 27.73 -32.88
N ARG G 159 -21.48 26.62 -33.45
CA ARG G 159 -22.92 26.39 -33.47
C ARG G 159 -23.45 26.28 -32.04
N MET G 160 -22.68 25.64 -31.15
CA MET G 160 -23.05 25.53 -29.75
C MET G 160 -23.08 26.93 -29.11
N LEU G 161 -22.10 27.79 -29.45
CA LEU G 161 -22.03 29.13 -28.91
C LEU G 161 -23.22 29.97 -29.34
N ILE G 162 -23.63 29.84 -30.60
CA ILE G 162 -24.76 30.60 -31.12
C ILE G 162 -26.04 30.20 -30.37
N GLU G 163 -26.18 28.92 -30.04
CA GLU G 163 -27.35 28.47 -29.30
C GLU G 163 -27.28 29.01 -27.87
N ALA G 164 -26.10 29.00 -27.27
CA ALA G 164 -25.93 29.51 -25.92
C ALA G 164 -26.28 31.00 -25.89
N ILE G 165 -25.92 31.73 -26.93
CA ILE G 165 -26.21 33.16 -27.00
C ILE G 165 -27.72 33.36 -27.02
N GLU G 166 -28.43 32.47 -27.72
CA GLU G 166 -29.88 32.57 -27.77
C GLU G 166 -30.46 32.38 -26.38
N VAL G 167 -29.89 31.45 -25.60
CA VAL G 167 -30.39 31.15 -24.26
C VAL G 167 -30.16 32.32 -23.33
N ILE G 168 -28.95 32.89 -23.36
CA ILE G 168 -28.60 33.98 -22.49
C ILE G 168 -29.52 35.16 -22.79
N GLN G 169 -29.79 35.39 -24.07
CA GLN G 169 -30.59 36.55 -24.46
C GLN G 169 -32.03 36.36 -24.06
N LYS G 170 -32.55 35.14 -24.13
CA LYS G 170 -33.91 34.92 -23.71
C LYS G 170 -34.01 35.21 -22.21
N LEU G 171 -33.05 34.69 -21.43
CA LEU G 171 -33.05 34.90 -20.00
C LEU G 171 -32.91 36.38 -19.66
N PHE G 172 -32.16 37.13 -20.48
CA PHE G 172 -31.94 38.54 -20.23
C PHE G 172 -33.22 39.37 -20.42
N THR G 173 -34.22 38.82 -21.13
CA THR G 173 -35.49 39.51 -21.30
C THR G 173 -36.23 39.60 -19.97
N GLY G 174 -35.91 38.75 -19.00
CA GLY G 174 -36.54 38.83 -17.69
C GLY G 174 -37.88 38.11 -17.62
N LYS G 175 -38.24 37.42 -18.70
CA LYS G 175 -39.46 36.62 -18.75
C LYS G 175 -39.12 35.18 -18.39
N VAL G 176 -40.15 34.38 -18.15
CA VAL G 176 -40.05 32.94 -18.02
C VAL G 176 -39.83 32.36 -19.41
N ILE G 177 -38.76 31.60 -19.59
CA ILE G 177 -38.42 31.12 -20.92
C ILE G 177 -38.16 29.63 -20.86
N ARG G 178 -38.37 29.01 -22.01
CA ARG G 178 -38.14 27.60 -22.26
C ARG G 178 -37.30 27.56 -23.52
N HIS G 179 -36.48 26.52 -23.66
CA HIS G 179 -35.66 26.41 -24.85
C HIS G 179 -35.43 24.93 -25.10
N GLU G 180 -35.46 24.56 -26.37
CA GLU G 180 -35.14 23.21 -26.77
C GLU G 180 -34.48 23.32 -28.13
N GLY G 181 -33.15 23.18 -28.17
CA GLY G 181 -32.42 23.16 -29.42
C GLY G 181 -31.56 21.91 -29.50
N VAL G 182 -30.59 21.89 -30.43
CA VAL G 182 -29.75 20.72 -30.59
C VAL G 182 -28.91 20.45 -29.35
N TYR G 183 -28.38 21.49 -28.69
CA TYR G 183 -27.35 21.30 -27.67
C TYR G 183 -27.90 21.52 -26.26
N PHE G 184 -28.91 22.39 -26.07
CA PHE G 184 -29.33 22.76 -24.73
C PHE G 184 -30.84 22.61 -24.57
N LYS G 185 -31.24 22.29 -23.34
CA LYS G 185 -32.64 22.21 -22.96
C LYS G 185 -32.80 23.06 -21.71
N VAL G 186 -33.74 23.99 -21.76
CA VAL G 186 -34.00 24.84 -20.63
C VAL G 186 -35.48 24.73 -20.28
N GLU G 187 -35.76 24.21 -19.09
CA GLU G 187 -37.09 24.20 -18.52
C GLU G 187 -37.43 25.59 -17.98
N SER G 188 -38.72 25.82 -17.68
CA SER G 188 -39.20 27.11 -17.22
C SER G 188 -38.20 27.79 -16.30
N ALA G 189 -37.57 28.85 -16.81
CA ALA G 189 -36.54 29.57 -16.08
C ALA G 189 -36.69 31.09 -16.27
N LYS G 190 -36.36 31.83 -15.20
CA LYS G 190 -36.38 33.27 -15.20
C LYS G 190 -35.34 33.84 -14.23
N LEU G 191 -34.71 34.94 -14.64
CA LEU G 191 -33.79 35.67 -13.78
C LEU G 191 -34.60 36.72 -13.02
N TYR G 192 -34.79 36.48 -11.71
CA TYR G 192 -35.53 37.40 -10.86
C TYR G 192 -34.64 38.58 -10.45
N THR G 193 -33.32 38.37 -10.35
CA THR G 193 -32.37 39.43 -10.08
C THR G 193 -31.73 39.86 -11.40
N MET G 194 -32.15 41.03 -11.91
CA MET G 194 -31.60 41.63 -13.13
C MET G 194 -31.27 43.09 -12.87
N PRO G 195 -30.37 43.70 -13.68
CA PRO G 195 -30.25 45.15 -13.73
C PRO G 195 -31.36 45.76 -14.59
N ASP G 196 -31.52 47.08 -14.51
CA ASP G 196 -32.46 47.81 -15.32
C ASP G 196 -32.16 47.57 -16.79
N VAL G 197 -30.89 47.50 -17.13
CA VAL G 197 -30.46 47.22 -18.49
C VAL G 197 -29.43 46.12 -18.46
N PRO G 198 -29.57 45.05 -19.28
CA PRO G 198 -28.69 43.89 -19.23
C PRO G 198 -27.28 44.24 -19.64
N PRO G 199 -26.27 43.46 -19.21
CA PRO G 199 -24.89 43.77 -19.59
C PRO G 199 -24.74 43.40 -21.06
N PRO G 200 -23.78 44.04 -21.74
CA PRO G 200 -23.46 43.70 -23.11
C PRO G 200 -22.83 42.33 -23.18
N ILE G 201 -23.14 41.62 -24.26
CA ILE G 201 -22.51 40.37 -24.59
C ILE G 201 -21.42 40.64 -25.60
N ILE G 202 -20.19 40.33 -25.21
CA ILE G 202 -19.03 40.52 -26.05
C ILE G 202 -18.55 39.14 -26.49
N VAL G 203 -18.33 38.92 -27.78
CA VAL G 203 -17.82 37.64 -28.21
C VAL G 203 -16.33 37.78 -28.48
N GLY G 204 -15.55 36.89 -27.84
CA GLY G 204 -14.14 36.80 -28.09
C GLY G 204 -13.84 35.76 -29.15
N THR G 205 -13.37 36.17 -30.33
CA THR G 205 -13.16 35.28 -31.45
C THR G 205 -12.13 35.86 -32.39
N ALA G 206 -11.43 34.94 -33.08
CA ALA G 206 -10.52 35.34 -34.14
C ALA G 206 -11.00 34.80 -35.48
N GLY G 207 -12.27 34.33 -35.54
CA GLY G 207 -12.81 33.72 -36.74
C GLY G 207 -13.75 34.67 -37.49
N PRO G 208 -13.53 34.89 -38.81
CA PRO G 208 -14.40 35.76 -39.59
C PRO G 208 -15.90 35.44 -39.52
N TYR G 209 -16.24 34.15 -39.48
CA TYR G 209 -17.63 33.75 -39.45
C TYR G 209 -18.25 34.19 -38.13
N MET G 210 -17.59 33.88 -37.01
CA MET G 210 -18.16 34.20 -35.71
C MET G 210 -18.17 35.71 -35.47
N ALA G 211 -17.23 36.45 -36.07
CA ALA G 211 -17.23 37.89 -35.98
C ALA G 211 -18.51 38.48 -36.58
N LYS G 212 -18.93 37.95 -37.75
CA LYS G 212 -20.16 38.40 -38.38
C LYS G 212 -21.35 38.11 -37.48
N LYS G 213 -21.35 36.92 -36.89
CA LYS G 213 -22.46 36.48 -36.07
C LYS G 213 -22.50 37.32 -34.80
N THR G 214 -21.33 37.77 -34.33
CA THR G 214 -21.25 38.59 -33.15
C THR G 214 -21.94 39.92 -33.38
N GLY G 215 -21.71 40.51 -34.55
CA GLY G 215 -22.33 41.79 -34.90
C GLY G 215 -23.84 41.62 -35.02
N GLN G 216 -24.23 40.47 -35.54
CA GLN G 216 -25.64 40.19 -35.78
C GLN G 216 -26.41 39.95 -34.49
N LEU G 217 -25.79 39.26 -33.52
CA LEU G 217 -26.51 38.68 -32.39
C LEU G 217 -26.18 39.35 -31.07
N CYS G 218 -25.01 39.98 -30.95
CA CYS G 218 -24.51 40.43 -29.66
C CYS G 218 -24.16 41.92 -29.73
N ASP G 219 -23.36 42.40 -28.77
CA ASP G 219 -23.19 43.83 -28.55
C ASP G 219 -21.81 44.33 -28.94
N GLY G 220 -20.79 43.47 -28.89
CA GLY G 220 -19.43 43.91 -29.16
C GLY G 220 -18.49 42.74 -29.43
N LEU G 221 -17.34 43.08 -30.00
CA LEU G 221 -16.34 42.12 -30.43
C LEU G 221 -15.05 42.30 -29.60
N LEU G 222 -14.45 41.16 -29.22
CA LEU G 222 -13.15 41.11 -28.61
C LEU G 222 -12.28 40.15 -29.39
N THR G 223 -11.11 40.60 -29.79
CA THR G 223 -10.25 39.80 -30.65
C THR G 223 -8.83 39.84 -30.09
N PRO G 224 -7.99 38.82 -30.33
CA PRO G 224 -6.57 38.90 -30.00
C PRO G 224 -5.79 39.69 -31.04
N GLY G 225 -4.56 40.07 -30.68
CA GLY G 225 -3.65 40.75 -31.57
C GLY G 225 -3.35 39.88 -32.79
N ALA G 226 -3.13 40.51 -33.93
CA ALA G 226 -2.83 39.81 -35.17
C ALA G 226 -2.38 40.85 -36.18
N ASN G 227 -1.94 40.47 -37.37
CA ASN G 227 -1.51 41.47 -38.34
C ASN G 227 -2.71 42.35 -38.74
N ASP G 228 -2.41 43.47 -39.38
CA ASP G 228 -3.41 44.48 -39.73
C ASP G 228 -4.50 43.87 -40.62
N GLU G 229 -4.10 43.08 -41.62
CA GLU G 229 -5.02 42.53 -42.60
C GLU G 229 -6.12 41.71 -41.92
N LYS G 230 -5.71 40.91 -40.93
CA LYS G 230 -6.61 39.98 -40.28
C LYS G 230 -7.50 40.69 -39.27
N LEU G 231 -6.98 41.74 -38.64
CA LEU G 231 -7.76 42.57 -37.72
C LEU G 231 -8.82 43.35 -38.49
N ARG G 232 -8.42 43.84 -39.65
CA ARG G 232 -9.29 44.68 -40.42
C ARG G 232 -10.43 43.83 -40.98
N LEU G 233 -10.17 42.55 -41.24
CA LEU G 233 -11.17 41.61 -41.71
C LEU G 233 -12.19 41.30 -40.61
N LEU G 234 -11.72 41.10 -39.38
CA LEU G 234 -12.60 40.82 -38.26
C LEU G 234 -13.50 42.01 -37.97
N LEU G 235 -12.93 43.23 -37.94
CA LEU G 235 -13.71 44.42 -37.69
C LEU G 235 -14.78 44.56 -38.76
N SER G 236 -14.36 44.33 -40.00
CA SER G 236 -15.18 44.49 -41.16
C SER G 236 -16.37 43.54 -41.12
N ARG G 237 -16.12 42.27 -40.76
CA ARG G 237 -17.16 41.27 -40.67
C ARG G 237 -18.15 41.58 -39.56
N PHE G 238 -17.63 42.02 -38.42
CA PHE G 238 -18.46 42.40 -37.29
C PHE G 238 -19.38 43.55 -37.69
N GLU G 239 -18.81 44.52 -38.40
CA GLU G 239 -19.58 45.70 -38.78
C GLU G 239 -20.70 45.30 -39.73
N GLU G 240 -20.41 44.47 -40.74
CA GLU G 240 -21.41 44.16 -41.75
C GLU G 240 -22.46 43.20 -41.17
N GLY G 241 -22.08 42.42 -40.16
CA GLY G 241 -23.05 41.59 -39.47
C GLY G 241 -24.09 42.46 -38.76
N ALA G 242 -23.62 43.52 -38.12
CA ALA G 242 -24.46 44.40 -37.32
C ALA G 242 -25.41 45.18 -38.22
N ARG G 243 -24.87 45.73 -39.33
CA ARG G 243 -25.70 46.44 -40.28
C ARG G 243 -26.76 45.53 -40.86
N ALA G 244 -26.38 44.31 -41.25
CA ALA G 244 -27.32 43.36 -41.84
C ALA G 244 -28.49 43.13 -40.90
N ALA G 245 -28.27 43.25 -39.59
CA ALA G 245 -29.33 43.02 -38.61
C ALA G 245 -29.96 44.33 -38.14
N GLY G 246 -29.66 45.44 -38.79
CA GLY G 246 -30.34 46.71 -38.53
C GLY G 246 -29.73 47.51 -37.37
N LYS G 247 -28.58 47.11 -36.85
CA LYS G 247 -27.95 47.79 -35.74
C LYS G 247 -26.93 48.82 -36.24
N ASP G 248 -26.50 49.74 -35.34
CA ASP G 248 -25.56 50.79 -35.67
C ASP G 248 -24.17 50.44 -35.12
N PRO G 249 -23.24 49.96 -35.96
CA PRO G 249 -21.95 49.44 -35.47
C PRO G 249 -20.99 50.51 -34.96
N ARG G 250 -21.32 51.78 -35.22
CA ARG G 250 -20.48 52.87 -34.79
C ARG G 250 -20.66 53.05 -33.27
N ARG G 251 -21.75 52.53 -32.71
CA ARG G 251 -22.00 52.60 -31.27
C ARG G 251 -21.74 51.27 -30.59
N MET G 252 -21.05 50.33 -31.26
CA MET G 252 -20.78 49.01 -30.70
C MET G 252 -19.28 48.85 -30.48
N PRO G 253 -18.85 48.43 -29.27
CA PRO G 253 -17.43 48.33 -28.95
C PRO G 253 -16.65 47.33 -29.77
N ARG G 254 -15.41 47.71 -30.10
CA ARG G 254 -14.45 46.92 -30.85
C ARG G 254 -13.17 46.82 -30.01
N MET G 255 -12.96 45.66 -29.39
CA MET G 255 -12.01 45.54 -28.32
C MET G 255 -10.93 44.55 -28.76
N ILE G 256 -9.69 44.78 -28.30
CA ILE G 256 -8.57 43.91 -28.63
C ILE G 256 -7.79 43.61 -27.35
N GLN G 257 -7.31 42.37 -27.24
CA GLN G 257 -6.48 41.93 -26.15
C GLN G 257 -5.11 41.61 -26.71
N VAL G 258 -4.04 42.22 -26.15
CA VAL G 258 -2.68 42.02 -26.64
C VAL G 258 -1.78 41.52 -25.52
N HIS G 259 -0.75 40.78 -25.90
CA HIS G 259 0.26 40.31 -24.96
C HIS G 259 1.56 41.04 -25.26
N VAL G 260 2.12 41.68 -24.22
CA VAL G 260 3.37 42.39 -24.34
C VAL G 260 4.30 41.94 -23.22
N SER G 261 5.58 42.19 -23.41
CA SER G 261 6.55 42.01 -22.35
C SER G 261 7.31 43.32 -22.18
N TRP G 262 7.04 43.99 -21.04
CA TRP G 262 7.87 45.09 -20.61
C TRP G 262 8.72 44.64 -19.43
N ALA G 263 9.96 45.12 -19.44
CA ALA G 263 10.87 44.96 -18.31
C ALA G 263 11.93 46.08 -18.38
N GLU G 264 12.87 46.02 -17.46
CA GLU G 264 13.85 47.08 -17.27
C GLU G 264 14.80 47.08 -18.48
N THR G 265 15.12 45.91 -19.07
CA THR G 265 15.91 45.85 -20.30
C THR G 265 15.24 44.93 -21.32
N ASP G 266 15.68 45.07 -22.58
CA ASP G 266 15.18 44.21 -23.65
C ASP G 266 15.48 42.76 -23.32
N GLU G 267 16.63 42.50 -22.70
CA GLU G 267 16.98 41.14 -22.37
C GLU G 267 15.97 40.49 -21.42
N GLN G 268 15.63 41.16 -20.30
CA GLN G 268 14.70 40.57 -19.35
C GLN G 268 13.32 40.46 -19.99
N ALA G 269 12.98 41.37 -20.90
CA ALA G 269 11.69 41.36 -21.58
C ALA G 269 11.53 40.11 -22.43
N ILE G 270 12.57 39.76 -23.17
CA ILE G 270 12.59 38.57 -24.00
C ILE G 270 12.51 37.30 -23.14
N GLU G 271 13.34 37.19 -22.09
CA GLU G 271 13.37 36.00 -21.26
C GLU G 271 12.05 35.85 -20.50
N ASN G 272 11.46 36.97 -20.08
CA ASN G 272 10.17 36.92 -19.39
C ASN G 272 9.13 36.24 -20.27
N ALA G 273 9.09 36.61 -21.55
CA ALA G 273 8.11 36.07 -22.47
C ALA G 273 8.37 34.58 -22.67
N LEU G 274 9.64 34.22 -22.78
CA LEU G 274 10.06 32.88 -23.11
C LEU G 274 9.74 31.91 -21.97
N ARG G 275 9.92 32.38 -20.72
CA ARG G 275 9.74 31.51 -19.57
C ARG G 275 8.28 31.51 -19.10
N GLU G 276 7.58 32.64 -19.19
CA GLU G 276 6.28 32.78 -18.55
C GLU G 276 5.10 32.53 -19.50
N TRP G 277 5.33 32.73 -20.81
CA TRP G 277 4.25 32.73 -21.79
C TRP G 277 4.72 32.07 -23.09
N PRO G 278 5.26 30.83 -23.03
CA PRO G 278 5.72 30.15 -24.23
C PRO G 278 4.59 29.88 -25.22
N ASN G 279 3.35 29.78 -24.71
CA ASN G 279 2.18 29.60 -25.57
C ASN G 279 2.04 30.76 -26.54
N GLY G 280 2.60 31.92 -26.19
CA GLY G 280 2.63 33.06 -27.11
C GLY G 280 3.52 32.81 -28.34
N GLY G 281 4.39 31.80 -28.32
CA GLY G 281 5.26 31.50 -29.46
C GLY G 281 4.75 30.28 -30.24
N MET G 282 3.54 29.84 -29.88
CA MET G 282 2.94 28.67 -30.49
C MET G 282 1.92 29.18 -31.50
N ALA G 283 2.41 29.41 -32.73
CA ALA G 283 1.61 29.96 -33.80
C ALA G 283 0.78 28.87 -34.47
N PHE G 284 -0.19 28.35 -33.74
CA PHE G 284 -0.94 27.18 -34.20
C PHE G 284 -2.15 27.00 -33.30
N PRO G 285 -3.20 26.30 -33.74
CA PRO G 285 -4.45 26.22 -32.96
C PRO G 285 -4.21 25.38 -31.70
N LYS G 286 -4.67 25.89 -30.54
CA LYS G 286 -4.32 25.29 -29.27
C LYS G 286 -5.55 24.77 -28.52
N GLY G 287 -6.70 24.75 -29.17
CA GLY G 287 -7.95 24.47 -28.48
C GLY G 287 -8.26 22.99 -28.28
N ASP G 288 -7.38 22.08 -28.76
CA ASP G 288 -7.59 20.65 -28.62
C ASP G 288 -6.68 20.01 -27.56
N ILE G 289 -5.67 20.74 -27.10
CA ILE G 289 -4.65 20.24 -26.19
C ILE G 289 -5.18 20.27 -24.76
N ARG G 290 -5.11 19.12 -24.07
CA ARG G 290 -5.85 18.91 -22.84
C ARG G 290 -5.10 19.35 -21.59
N ASN G 291 -3.78 19.11 -21.55
CA ASN G 291 -3.09 19.20 -20.27
C ASN G 291 -2.02 20.28 -20.25
N PRO G 292 -1.83 20.90 -19.07
CA PRO G 292 -0.71 21.81 -18.90
C PRO G 292 0.62 21.15 -19.23
N GLU G 293 0.75 19.86 -18.88
CA GLU G 293 1.99 19.11 -19.06
C GLU G 293 2.27 18.97 -20.55
N ASP G 294 1.22 18.93 -21.39
CA ASP G 294 1.36 18.89 -22.84
C ASP G 294 1.96 20.19 -23.36
N PHE G 295 1.40 21.33 -22.95
CA PHE G 295 1.92 22.63 -23.38
C PHE G 295 3.37 22.78 -22.92
N GLN G 296 3.64 22.37 -21.68
CA GLN G 296 4.97 22.49 -21.11
C GLN G 296 6.00 21.72 -21.93
N ALA G 297 5.64 20.52 -22.39
CA ALA G 297 6.52 19.72 -23.24
C ALA G 297 6.70 20.39 -24.61
N MET G 298 5.64 20.99 -25.17
CA MET G 298 5.70 21.68 -26.44
C MET G 298 6.54 22.95 -26.34
N ALA G 299 6.58 23.53 -25.14
CA ALA G 299 7.28 24.79 -24.88
C ALA G 299 8.78 24.61 -25.08
N ARG G 300 9.30 23.39 -24.89
CA ARG G 300 10.71 23.08 -25.09
C ARG G 300 11.14 23.44 -26.51
N LEU G 301 10.21 23.54 -27.47
CA LEU G 301 10.54 23.90 -28.85
C LEU G 301 10.63 25.41 -29.08
N VAL G 302 9.97 26.19 -28.21
CA VAL G 302 9.74 27.61 -28.47
C VAL G 302 11.04 28.38 -28.30
N ARG G 303 11.29 29.35 -29.20
CA ARG G 303 12.49 30.17 -29.19
C ARG G 303 12.09 31.64 -29.31
N PRO G 304 12.99 32.61 -28.99
CA PRO G 304 12.65 34.04 -29.10
C PRO G 304 12.11 34.51 -30.45
N GLU G 305 12.61 33.91 -31.55
CA GLU G 305 12.21 34.25 -32.92
C GLU G 305 10.70 34.02 -33.14
N HIS G 306 10.11 33.01 -32.48
CA HIS G 306 8.72 32.61 -32.71
C HIS G 306 7.70 33.62 -32.14
N PHE G 307 8.19 34.69 -31.53
CA PHE G 307 7.34 35.69 -30.91
C PHE G 307 7.18 36.95 -31.79
N GLN G 308 8.03 37.13 -32.82
CA GLN G 308 7.93 38.33 -33.65
C GLN G 308 6.55 38.40 -34.31
N GLY G 309 5.99 39.60 -34.40
CA GLY G 309 4.63 39.82 -34.89
C GLY G 309 3.61 39.57 -33.77
N ARG G 310 3.94 38.69 -32.81
CA ARG G 310 2.95 38.07 -31.95
C ARG G 310 2.99 38.62 -30.52
N VAL G 311 4.19 38.94 -30.00
CA VAL G 311 4.31 39.53 -28.66
C VAL G 311 5.42 40.57 -28.71
N LEU G 312 5.06 41.81 -28.35
CA LEU G 312 6.02 42.91 -28.32
C LEU G 312 6.89 42.77 -27.08
N MET G 313 8.21 42.69 -27.27
CA MET G 313 9.18 42.45 -26.23
C MET G 313 10.19 43.60 -26.25
N THR G 314 10.02 44.60 -25.38
CA THR G 314 10.94 45.73 -25.34
C THR G 314 10.76 46.52 -24.04
N SER G 315 11.82 47.19 -23.61
CA SER G 315 11.82 48.08 -22.45
C SER G 315 11.49 49.51 -22.85
N ASP G 316 11.46 49.79 -24.16
CA ASP G 316 11.22 51.13 -24.68
C ASP G 316 9.73 51.43 -24.62
N LEU G 317 9.31 52.27 -23.68
CA LEU G 317 7.90 52.53 -23.43
C LEU G 317 7.29 53.40 -24.52
N ASP G 318 8.11 54.17 -25.25
CA ASP G 318 7.67 54.85 -26.45
C ASP G 318 7.13 53.84 -27.45
N ARG G 319 7.85 52.73 -27.61
CA ARG G 319 7.56 51.73 -28.62
C ARG G 319 6.29 50.99 -28.22
N HIS G 320 6.10 50.76 -26.91
CA HIS G 320 4.83 50.29 -26.38
C HIS G 320 3.69 51.23 -26.77
N GLY G 321 3.88 52.53 -26.60
CA GLY G 321 2.84 53.49 -26.93
C GLY G 321 2.47 53.49 -28.42
N GLU G 322 3.48 53.40 -29.29
CA GLU G 322 3.29 53.43 -30.73
C GLU G 322 2.52 52.18 -31.17
N PHE G 323 2.84 51.04 -30.55
CA PHE G 323 2.19 49.79 -30.84
C PHE G 323 0.70 49.90 -30.54
N LEU G 324 0.38 50.46 -29.36
CA LEU G 324 -0.99 50.55 -28.90
C LEU G 324 -1.76 51.58 -29.73
N GLN G 325 -1.13 52.72 -30.04
CA GLN G 325 -1.77 53.79 -30.80
C GLN G 325 -2.17 53.29 -32.17
N HIS G 326 -1.33 52.45 -32.78
CA HIS G 326 -1.59 51.88 -34.10
C HIS G 326 -2.94 51.13 -34.09
N LEU G 327 -3.18 50.38 -33.01
CA LEU G 327 -4.38 49.60 -32.89
C LEU G 327 -5.59 50.53 -32.76
N ILE G 328 -5.42 51.65 -32.05
CA ILE G 328 -6.52 52.60 -31.89
C ILE G 328 -6.88 53.13 -33.28
N ASP G 329 -5.84 53.39 -34.08
CA ASP G 329 -5.96 53.99 -35.40
C ASP G 329 -6.65 53.03 -36.37
N LEU G 330 -6.45 51.72 -36.19
CA LEU G 330 -7.16 50.75 -37.02
C LEU G 330 -8.68 50.80 -36.74
N GLY G 331 -9.09 51.25 -35.55
CA GLY G 331 -10.50 51.39 -35.21
C GLY G 331 -10.92 50.63 -33.97
N PHE G 332 -9.95 50.13 -33.18
CA PHE G 332 -10.30 49.57 -31.88
C PHE G 332 -10.63 50.70 -30.91
N THR G 333 -11.68 50.49 -30.12
CA THR G 333 -12.16 51.47 -29.16
C THR G 333 -11.76 51.07 -27.74
N GLU G 334 -11.24 49.86 -27.54
CA GLU G 334 -10.74 49.44 -26.25
C GLU G 334 -9.54 48.53 -26.45
N ILE G 335 -8.51 48.67 -25.60
CA ILE G 335 -7.38 47.75 -25.64
C ILE G 335 -7.15 47.21 -24.23
N TYR G 336 -6.97 45.90 -24.11
CA TYR G 336 -6.63 45.27 -22.86
C TYR G 336 -5.22 44.71 -22.98
N VAL G 337 -4.34 45.09 -22.05
CA VAL G 337 -2.93 44.75 -22.15
C VAL G 337 -2.56 43.74 -21.06
N HIS G 338 -1.96 42.64 -21.53
CA HIS G 338 -1.40 41.61 -20.66
C HIS G 338 0.11 41.71 -20.73
N ASN G 339 0.74 42.12 -19.62
CA ASN G 339 2.16 41.98 -19.48
C ASN G 339 2.47 40.55 -19.05
N VAL G 340 3.38 39.88 -19.77
CA VAL G 340 3.59 38.45 -19.54
C VAL G 340 4.56 38.20 -18.40
N GLY G 341 5.40 39.19 -18.06
CA GLY G 341 6.33 39.04 -16.95
C GLY G 341 5.63 39.07 -15.60
N ARG G 342 6.34 38.61 -14.57
CA ARG G 342 5.84 38.61 -13.20
C ARG G 342 5.95 39.97 -12.55
N ASN G 343 6.58 40.93 -13.26
CA ASN G 343 6.83 42.28 -12.77
C ASN G 343 5.60 43.15 -12.99
N GLN G 344 4.46 42.73 -12.41
CA GLN G 344 3.16 43.34 -12.71
C GLN G 344 3.07 44.73 -12.09
N GLU G 345 3.57 44.92 -10.87
CA GLU G 345 3.45 46.21 -10.22
C GLU G 345 4.27 47.29 -10.94
N GLU G 346 5.49 46.94 -11.36
CA GLU G 346 6.38 47.88 -12.02
CA GLU G 346 6.38 47.88 -12.02
C GLU G 346 5.80 48.23 -13.38
N PHE G 347 5.20 47.22 -14.03
CA PHE G 347 4.59 47.38 -15.34
C PHE G 347 3.41 48.36 -15.27
N ILE G 348 2.55 48.18 -14.27
CA ILE G 348 1.40 49.06 -14.10
C ILE G 348 1.84 50.51 -13.88
N ARG G 349 2.85 50.72 -13.02
CA ARG G 349 3.33 52.06 -12.75
C ARG G 349 3.99 52.66 -13.98
N ALA G 350 4.72 51.83 -14.75
CA ALA G 350 5.44 52.30 -15.92
C ALA G 350 4.47 52.75 -17.01
N TYR G 351 3.43 51.96 -17.26
CA TYR G 351 2.40 52.32 -18.23
C TYR G 351 1.62 53.56 -17.74
N GLY G 352 1.36 53.65 -16.44
CA GLY G 352 0.63 54.78 -15.87
C GLY G 352 1.35 56.12 -16.14
N ARG G 353 2.68 56.12 -16.03
CA ARG G 353 3.47 57.32 -16.17
C ARG G 353 3.74 57.61 -17.66
N ALA G 354 4.19 56.60 -18.42
CA ALA G 354 4.80 56.84 -19.73
C ALA G 354 3.88 56.51 -20.90
N VAL G 355 2.83 55.69 -20.72
CA VAL G 355 2.05 55.20 -21.85
C VAL G 355 0.64 55.78 -21.86
N ILE G 356 -0.14 55.46 -20.83
CA ILE G 356 -1.58 55.79 -20.81
C ILE G 356 -1.81 57.27 -21.11
N PRO G 357 -1.06 58.20 -20.49
CA PRO G 357 -1.28 59.63 -20.75
C PRO G 357 -1.04 60.08 -22.19
N HIS G 358 -0.31 59.29 -22.98
CA HIS G 358 0.09 59.73 -24.32
C HIS G 358 -0.77 59.06 -25.40
N LEU G 359 -1.72 58.19 -25.03
CA LEU G 359 -2.58 57.54 -26.01
C LEU G 359 -3.75 58.44 -26.38
N ARG G 360 -3.98 58.60 -27.70
CA ARG G 360 -5.03 59.46 -28.23
C ARG G 360 -6.23 58.58 -28.60
N TRP G 361 -7.28 58.62 -27.78
CA TRP G 361 -8.54 57.96 -28.04
C TRP G 361 -9.53 58.91 -28.70
N PRO G 362 -10.27 58.48 -29.76
CA PRO G 362 -11.38 59.30 -30.27
C PRO G 362 -12.40 59.55 -29.16
N ALA G 363 -12.91 60.77 -29.05
CA ALA G 363 -13.92 61.09 -28.04
C ALA G 363 -15.23 60.36 -28.33
N ASP G 364 -15.94 59.97 -27.26
CA ASP G 364 -17.20 59.26 -27.36
C ASP G 364 -17.07 57.99 -28.20
N ALA G 365 -15.93 57.31 -28.10
CA ALA G 365 -15.79 56.00 -28.69
C ALA G 365 -16.56 55.02 -27.81
N PRO G 366 -17.28 54.05 -28.40
CA PRO G 366 -18.08 53.11 -27.61
C PRO G 366 -17.23 52.13 -26.83
N VAL G 367 -17.75 51.77 -25.66
CA VAL G 367 -17.03 50.99 -24.67
C VAL G 367 -17.99 49.98 -24.08
N ALA G 368 -17.49 48.84 -23.58
CA ALA G 368 -18.33 47.74 -23.14
C ALA G 368 -19.03 48.11 -21.82
N GLN G 369 -20.33 48.40 -21.93
CA GLN G 369 -21.12 49.04 -20.89
C GLN G 369 -22.59 49.14 -21.33
N ALA G 370 -23.53 49.19 -20.39
CA ALA G 370 -24.91 48.80 -20.66
C ALA G 370 -25.59 49.71 -21.69
N ARG H 32 25.12 -15.77 -37.22
CA ARG H 32 24.64 -17.12 -36.82
C ARG H 32 23.34 -17.43 -37.56
N GLY H 33 22.41 -16.48 -37.65
CA GLY H 33 21.17 -16.65 -38.42
C GLY H 33 21.27 -15.99 -39.80
N SER H 34 20.42 -16.36 -40.77
CA SER H 34 20.34 -15.76 -42.08
C SER H 34 20.20 -14.24 -42.03
N SER H 35 20.74 -13.58 -43.05
CA SER H 35 20.57 -12.16 -43.29
C SER H 35 19.11 -11.79 -43.48
N ARG H 36 18.67 -10.73 -42.79
CA ARG H 36 17.31 -10.25 -42.86
C ARG H 36 17.22 -8.86 -42.26
N LEU H 37 16.17 -8.13 -42.64
CA LEU H 37 15.82 -6.82 -42.09
C LEU H 37 14.39 -6.49 -42.49
N GLY H 38 13.76 -5.59 -41.73
CA GLY H 38 12.39 -5.17 -42.01
C GLY H 38 12.36 -3.82 -42.74
N TYR H 39 11.39 -3.69 -43.63
CA TYR H 39 11.13 -2.46 -44.36
C TYR H 39 9.81 -1.89 -43.88
N SER H 40 9.84 -0.61 -43.46
CA SER H 40 8.64 0.14 -43.12
C SER H 40 8.06 0.77 -44.38
N ALA H 41 6.80 0.39 -44.68
CA ALA H 41 6.01 1.00 -45.73
C ALA H 41 5.23 2.18 -45.12
N SER H 42 5.65 3.39 -45.51
CA SER H 42 5.10 4.62 -44.95
C SER H 42 3.92 5.07 -45.79
N PHE H 43 2.70 4.68 -45.38
CA PHE H 43 1.49 5.01 -46.14
C PHE H 43 1.21 6.50 -46.03
N GLU H 44 1.77 7.15 -45.01
CA GLU H 44 1.65 8.59 -44.80
C GLU H 44 2.24 9.34 -46.00
N GLN H 45 3.28 8.79 -46.63
CA GLN H 45 4.10 9.51 -47.58
C GLN H 45 3.98 9.03 -49.03
N PHE H 46 3.71 7.74 -49.25
CA PHE H 46 3.89 7.15 -50.57
C PHE H 46 2.61 6.49 -51.08
N HIS H 47 2.37 6.70 -52.38
CA HIS H 47 1.29 6.04 -53.09
C HIS H 47 1.43 4.53 -52.91
N PRO H 48 0.34 3.82 -52.62
CA PRO H 48 0.42 2.37 -52.39
C PRO H 48 0.93 1.54 -53.59
N SER H 49 0.75 2.04 -54.82
CA SER H 49 1.32 1.36 -55.97
C SER H 49 2.84 1.37 -55.90
N ASP H 50 3.41 2.52 -55.48
CA ASP H 50 4.85 2.63 -55.33
C ASP H 50 5.34 1.70 -54.22
N LEU H 51 4.60 1.65 -53.09
CA LEU H 51 5.01 0.86 -51.94
C LEU H 51 5.07 -0.62 -52.31
N LEU H 52 4.10 -1.07 -53.11
CA LEU H 52 4.07 -2.46 -53.56
C LEU H 52 5.32 -2.79 -54.37
N ARG H 53 5.67 -1.90 -55.31
CA ARG H 53 6.83 -2.12 -56.17
C ARG H 53 8.11 -2.12 -55.34
N TRP H 54 8.19 -1.20 -54.37
CA TRP H 54 9.38 -1.08 -53.54
C TRP H 54 9.53 -2.27 -52.61
N CYS H 55 8.43 -2.82 -52.09
CA CYS H 55 8.47 -4.02 -51.27
C CYS H 55 8.95 -5.20 -52.08
N GLN H 56 8.50 -5.31 -53.34
CA GLN H 56 8.94 -6.38 -54.23
C GLN H 56 10.45 -6.30 -54.47
N LEU H 57 10.95 -5.06 -54.62
CA LEU H 57 12.38 -4.81 -54.74
C LEU H 57 13.09 -5.15 -53.43
N ALA H 58 12.54 -4.70 -52.30
CA ALA H 58 13.14 -4.94 -51.00
C ALA H 58 13.31 -6.44 -50.75
N GLU H 59 12.32 -7.25 -51.16
CA GLU H 59 12.44 -8.69 -51.07
C GLU H 59 13.70 -9.13 -51.82
N GLN H 60 13.86 -8.66 -53.06
CA GLN H 60 14.99 -9.04 -53.89
C GLN H 60 16.31 -8.65 -53.22
N GLU H 61 16.30 -7.63 -52.36
CA GLU H 61 17.53 -7.06 -51.82
C GLU H 61 17.86 -7.54 -50.41
N GLY H 62 17.07 -8.46 -49.86
CA GLY H 62 17.43 -9.14 -48.61
C GLY H 62 16.52 -8.80 -47.43
N PHE H 63 15.58 -7.86 -47.59
CA PHE H 63 14.59 -7.61 -46.57
C PHE H 63 13.64 -8.82 -46.52
N ASP H 64 13.14 -9.16 -45.32
CA ASP H 64 12.34 -10.36 -45.12
C ASP H 64 10.92 -10.04 -44.69
N SER H 65 10.63 -8.81 -44.26
CA SER H 65 9.36 -8.50 -43.61
C SER H 65 9.00 -7.03 -43.83
N VAL H 66 7.68 -6.76 -43.84
CA VAL H 66 7.17 -5.41 -44.06
C VAL H 66 6.28 -5.04 -42.88
N LEU H 67 6.54 -3.83 -42.34
CA LEU H 67 5.65 -3.17 -41.40
C LEU H 67 4.90 -2.09 -42.15
N ALA H 68 3.56 -2.10 -42.03
CA ALA H 68 2.69 -1.26 -42.79
C ALA H 68 1.79 -0.45 -41.87
N ALA H 69 1.91 0.87 -41.96
CA ALA H 69 1.13 1.80 -41.16
C ALA H 69 -0.36 1.66 -41.47
N ASP H 70 -1.20 1.84 -40.45
CA ASP H 70 -2.65 1.83 -40.62
C ASP H 70 -3.19 3.23 -40.35
N HIS H 71 -3.13 4.09 -41.36
CA HIS H 71 -3.52 5.48 -41.21
C HIS H 71 -4.77 5.74 -42.04
N PHE H 72 -5.48 6.81 -41.68
CA PHE H 72 -6.49 7.42 -42.53
C PHE H 72 -5.94 8.74 -43.08
N HIS H 73 -5.20 9.46 -42.23
CA HIS H 73 -4.59 10.72 -42.57
C HIS H 73 -3.07 10.65 -42.43
N PRO H 74 -2.32 11.38 -43.28
CA PRO H 74 -0.90 11.60 -43.03
C PRO H 74 -0.72 12.61 -41.91
N TRP H 75 0.50 12.71 -41.39
CA TRP H 75 0.80 13.69 -40.38
C TRP H 75 0.71 15.09 -40.96
N THR H 76 1.26 15.29 -42.17
CA THR H 76 1.25 16.60 -42.79
C THR H 76 0.75 16.48 -44.23
N PRO H 77 0.17 17.53 -44.83
CA PRO H 77 -0.16 17.52 -46.26
C PRO H 77 1.04 17.24 -47.16
N GLU H 78 2.23 17.71 -46.75
CA GLU H 78 3.47 17.50 -47.48
C GLU H 78 3.79 16.00 -47.63
N GLN H 79 3.33 15.18 -46.69
CA GLN H 79 3.52 13.75 -46.80
C GLN H 79 2.52 13.19 -47.83
N GLY H 80 1.24 13.50 -47.64
CA GLY H 80 0.28 13.61 -48.72
C GLY H 80 -0.40 12.31 -49.15
N GLN H 81 -0.34 11.25 -48.32
CA GLN H 81 -0.96 9.97 -48.63
C GLN H 81 -1.57 9.31 -47.40
N SER H 82 -2.41 8.28 -47.62
CA SER H 82 -2.90 7.35 -46.59
C SER H 82 -3.79 6.30 -47.20
N GLY H 83 -3.17 5.29 -47.80
CA GLY H 83 -3.93 4.17 -48.36
C GLY H 83 -4.53 3.28 -47.26
N PHE H 84 -5.58 2.58 -47.63
CA PHE H 84 -6.22 1.60 -46.77
C PHE H 84 -5.35 0.36 -46.79
N VAL H 85 -4.73 0.07 -45.65
CA VAL H 85 -3.64 -0.87 -45.57
C VAL H 85 -4.18 -2.29 -45.83
N TRP H 86 -5.43 -2.56 -45.42
CA TRP H 86 -5.93 -3.93 -45.44
C TRP H 86 -6.05 -4.46 -46.87
N ALA H 87 -6.47 -3.61 -47.79
CA ALA H 87 -6.51 -3.97 -49.20
C ALA H 87 -5.09 -4.17 -49.72
N TRP H 88 -4.20 -3.24 -49.38
CA TRP H 88 -2.83 -3.29 -49.88
C TRP H 88 -2.13 -4.58 -49.45
N LEU H 89 -2.43 -5.07 -48.22
CA LEU H 89 -1.73 -6.21 -47.68
C LEU H 89 -2.04 -7.48 -48.48
N GLY H 90 -3.26 -7.52 -49.05
CA GLY H 90 -3.62 -8.64 -49.91
C GLY H 90 -2.74 -8.69 -51.16
N ALA H 91 -2.46 -7.51 -51.72
CA ALA H 91 -1.58 -7.41 -52.88
C ALA H 91 -0.15 -7.82 -52.54
N LEU H 92 0.33 -7.37 -51.38
CA LEU H 92 1.68 -7.72 -50.95
C LEU H 92 1.77 -9.24 -50.79
N GLY H 93 0.79 -9.81 -50.10
CA GLY H 93 0.76 -11.24 -49.81
C GLY H 93 0.83 -12.08 -51.08
N ALA H 94 0.09 -11.64 -52.11
CA ALA H 94 -0.06 -12.41 -53.32
C ALA H 94 1.09 -12.22 -54.30
N THR H 95 1.99 -11.25 -54.07
CA THR H 95 3.05 -10.98 -55.04
C THR H 95 4.43 -11.11 -54.43
N THR H 96 4.57 -11.39 -53.12
CA THR H 96 5.89 -11.60 -52.53
C THR H 96 5.82 -12.82 -51.65
N ARG H 97 6.95 -13.19 -51.02
CA ARG H 97 6.96 -14.20 -49.97
C ARG H 97 7.34 -13.56 -48.63
N LEU H 98 7.28 -12.23 -48.54
CA LEU H 98 7.62 -11.49 -47.33
C LEU H 98 6.64 -11.79 -46.21
N ARG H 99 7.11 -11.70 -44.97
CA ARG H 99 6.25 -11.58 -43.81
C ARG H 99 5.75 -10.13 -43.78
N PHE H 100 4.63 -9.87 -43.10
CA PHE H 100 4.10 -8.53 -43.05
C PHE H 100 3.16 -8.37 -41.86
N GLY H 101 3.03 -7.12 -41.40
CA GLY H 101 2.14 -6.81 -40.29
C GLY H 101 1.69 -5.35 -40.30
N THR H 102 0.57 -5.12 -39.61
CA THR H 102 0.10 -3.78 -39.33
C THR H 102 0.97 -3.17 -38.23
N GLY H 103 1.34 -1.91 -38.39
CA GLY H 103 2.08 -1.26 -37.33
C GLY H 103 1.61 0.18 -37.16
N VAL H 104 0.51 0.43 -36.42
CA VAL H 104 -0.35 -0.60 -35.83
C VAL H 104 -1.82 -0.23 -36.08
N THR H 105 -2.69 -1.24 -35.98
CA THR H 105 -4.12 -1.02 -36.07
C THR H 105 -4.67 -0.74 -34.69
N PRO H 106 -5.47 0.33 -34.48
CA PRO H 106 -6.29 0.48 -33.28
C PRO H 106 -7.68 -0.19 -33.32
N PRO H 107 -7.89 -1.34 -32.67
CA PRO H 107 -9.13 -2.11 -32.81
C PRO H 107 -10.17 -1.80 -31.74
N ILE H 108 -10.40 -0.49 -31.51
CA ILE H 108 -11.11 -0.06 -30.32
C ILE H 108 -12.40 0.67 -30.67
N GLY H 109 -12.85 0.53 -31.92
CA GLY H 109 -14.22 0.83 -32.29
C GLY H 109 -14.41 2.27 -32.78
N PHE H 110 -13.35 2.94 -33.23
CA PHE H 110 -13.49 4.20 -33.92
C PHE H 110 -13.59 3.86 -35.41
N ARG H 111 -12.46 3.85 -36.10
CA ARG H 111 -12.40 3.37 -37.47
C ARG H 111 -12.76 1.90 -37.56
N TYR H 112 -12.38 1.10 -36.56
CA TYR H 112 -12.41 -0.35 -36.69
C TYR H 112 -12.98 -1.01 -35.43
N HIS H 113 -13.98 -1.87 -35.64
CA HIS H 113 -14.50 -2.71 -34.57
C HIS H 113 -13.58 -3.92 -34.41
N PRO H 114 -13.30 -4.37 -33.18
CA PRO H 114 -12.37 -5.48 -32.96
C PRO H 114 -12.75 -6.78 -33.66
N ALA H 115 -14.05 -7.04 -33.80
CA ALA H 115 -14.49 -8.25 -34.47
C ALA H 115 -14.01 -8.28 -35.91
N ILE H 116 -14.01 -7.11 -36.56
CA ILE H 116 -13.63 -6.99 -37.96
C ILE H 116 -12.12 -7.14 -38.10
N VAL H 117 -11.36 -6.50 -37.20
CA VAL H 117 -9.91 -6.65 -37.22
C VAL H 117 -9.55 -8.14 -37.12
N ALA H 118 -10.27 -8.88 -36.26
CA ALA H 118 -10.02 -10.30 -36.11
C ALA H 118 -10.24 -11.03 -37.43
N GLN H 119 -11.35 -10.72 -38.11
CA GLN H 119 -11.68 -11.34 -39.39
C GLN H 119 -10.59 -11.04 -40.41
N ALA H 120 -10.15 -9.78 -40.46
CA ALA H 120 -9.15 -9.37 -41.42
C ALA H 120 -7.85 -10.15 -41.19
N ALA H 121 -7.44 -10.23 -39.92
CA ALA H 121 -6.23 -10.90 -39.53
C ALA H 121 -6.31 -12.37 -39.89
N ALA H 122 -7.45 -12.99 -39.58
CA ALA H 122 -7.64 -14.41 -39.79
C ALA H 122 -7.63 -14.73 -41.28
N THR H 123 -8.19 -13.83 -42.09
CA THR H 123 -8.25 -14.05 -43.52
C THR H 123 -6.85 -13.96 -44.11
N LEU H 124 -6.09 -12.93 -43.74
CA LEU H 124 -4.75 -12.75 -44.26
C LEU H 124 -3.87 -13.96 -43.93
N GLU H 125 -3.93 -14.44 -42.69
CA GLU H 125 -3.08 -15.55 -42.26
C GLU H 125 -3.55 -16.84 -42.91
N ALA H 126 -4.85 -16.96 -43.17
CA ALA H 126 -5.39 -18.14 -43.83
C ALA H 126 -4.84 -18.23 -45.25
N MET H 127 -4.74 -17.07 -45.95
CA MET H 127 -4.31 -16.99 -47.33
C MET H 127 -2.79 -17.05 -47.47
N PHE H 128 -2.08 -16.55 -46.44
CA PHE H 128 -0.63 -16.42 -46.49
C PHE H 128 -0.06 -16.98 -45.19
N PRO H 129 -0.26 -18.29 -44.93
CA PRO H 129 0.08 -18.88 -43.64
C PRO H 129 1.54 -18.70 -43.26
N GLY H 130 1.78 -18.36 -41.98
CA GLY H 130 3.14 -18.18 -41.47
C GLY H 130 3.73 -16.82 -41.84
N ARG H 131 2.92 -15.91 -42.39
CA ARG H 131 3.47 -14.67 -42.93
C ARG H 131 2.91 -13.45 -42.21
N PHE H 132 1.72 -13.52 -41.62
CA PHE H 132 1.06 -12.33 -41.11
C PHE H 132 1.23 -12.23 -39.60
N TRP H 133 1.38 -10.98 -39.12
CA TRP H 133 1.30 -10.72 -37.69
C TRP H 133 0.46 -9.47 -37.48
N LEU H 134 -0.42 -9.55 -36.47
CA LEU H 134 -1.38 -8.50 -36.21
C LEU H 134 -0.79 -7.54 -35.18
N GLY H 135 -0.41 -6.34 -35.62
CA GLY H 135 0.05 -5.31 -34.71
C GLY H 135 -1.07 -4.33 -34.38
N ILE H 136 -1.31 -4.14 -33.07
CA ILE H 136 -2.38 -3.30 -32.56
C ILE H 136 -1.83 -2.31 -31.54
N GLY H 137 -2.60 -1.25 -31.28
CA GLY H 137 -2.22 -0.16 -30.40
C GLY H 137 -3.40 0.73 -30.06
N ALA H 138 -3.19 1.74 -29.23
CA ALA H 138 -4.27 2.52 -28.63
C ALA H 138 -4.78 3.65 -29.53
N GLY H 139 -4.12 3.86 -30.66
CA GLY H 139 -4.62 4.75 -31.71
C GLY H 139 -4.24 6.20 -31.44
N GLU H 140 -4.37 7.03 -32.50
CA GLU H 140 -4.17 8.47 -32.39
C GLU H 140 -5.36 9.20 -33.01
N ALA H 141 -5.64 10.40 -32.51
CA ALA H 141 -6.80 11.16 -32.93
C ALA H 141 -6.71 11.54 -34.41
N LEU H 142 -5.51 11.74 -34.92
CA LEU H 142 -5.29 12.04 -36.33
C LEU H 142 -6.18 11.16 -37.21
N ASN H 143 -6.27 9.89 -36.83
CA ASN H 143 -6.97 8.90 -37.63
C ASN H 143 -8.38 8.65 -37.09
N GLU H 144 -8.56 8.59 -35.77
CA GLU H 144 -9.79 8.11 -35.19
C GLU H 144 -10.85 9.20 -35.04
N HIS H 145 -10.45 10.46 -35.10
CA HIS H 145 -11.37 11.55 -34.83
C HIS H 145 -12.42 11.69 -35.94
N ILE H 146 -12.24 11.03 -37.08
CA ILE H 146 -13.11 11.26 -38.21
C ILE H 146 -14.52 10.77 -37.94
N VAL H 147 -14.70 9.85 -36.98
CA VAL H 147 -16.01 9.28 -36.73
C VAL H 147 -16.79 10.09 -35.71
N GLY H 148 -16.14 11.11 -35.14
CA GLY H 148 -16.82 12.12 -34.34
C GLY H 148 -17.33 11.60 -33.00
N ARG H 149 -16.52 10.77 -32.30
CA ARG H 149 -16.87 10.26 -30.99
C ARG H 149 -15.92 10.83 -29.92
N TYR H 150 -16.33 10.70 -28.65
CA TYR H 150 -15.50 11.02 -27.50
C TYR H 150 -14.14 10.33 -27.60
N TRP H 151 -13.07 11.11 -27.45
CA TRP H 151 -11.73 10.57 -27.52
C TRP H 151 -11.19 10.50 -26.11
N PRO H 152 -11.08 9.29 -25.52
CA PRO H 152 -10.62 9.11 -24.14
C PRO H 152 -9.14 9.38 -23.95
N GLU H 153 -8.75 9.56 -22.69
CA GLU H 153 -7.37 9.78 -22.33
C GLU H 153 -6.57 8.50 -22.57
N PRO H 154 -5.24 8.57 -22.71
CA PRO H 154 -4.42 7.37 -22.91
C PRO H 154 -4.74 6.18 -22.01
N ALA H 155 -4.80 6.39 -20.70
CA ALA H 155 -5.05 5.30 -19.76
C ALA H 155 -6.36 4.58 -20.07
N GLU H 156 -7.40 5.35 -20.38
CA GLU H 156 -8.69 4.77 -20.73
C GLU H 156 -8.61 4.01 -22.04
N ARG H 157 -7.85 4.51 -23.01
CA ARG H 157 -7.73 3.82 -24.28
C ARG H 157 -6.97 2.51 -24.12
N ILE H 158 -6.08 2.44 -23.12
CA ILE H 158 -5.43 1.19 -22.76
C ILE H 158 -6.48 0.20 -22.29
N ARG H 159 -7.44 0.64 -21.44
CA ARG H 159 -8.49 -0.24 -20.96
C ARG H 159 -9.29 -0.77 -22.14
N MET H 160 -9.57 0.10 -23.12
CA MET H 160 -10.29 -0.29 -24.32
C MET H 160 -9.47 -1.31 -25.11
N LEU H 161 -8.15 -1.12 -25.21
CA LEU H 161 -7.27 -2.01 -25.95
C LEU H 161 -7.26 -3.39 -25.33
N ILE H 162 -7.20 -3.46 -24.00
CA ILE H 162 -7.14 -4.74 -23.32
C ILE H 162 -8.43 -5.51 -23.56
N GLU H 163 -9.57 -4.82 -23.61
CA GLU H 163 -10.84 -5.48 -23.87
C GLU H 163 -10.85 -5.96 -25.33
N ALA H 164 -10.34 -5.14 -26.25
CA ALA H 164 -10.28 -5.52 -27.65
C ALA H 164 -9.44 -6.77 -27.84
N ILE H 165 -8.35 -6.86 -27.08
CA ILE H 165 -7.45 -8.02 -27.16
C ILE H 165 -8.24 -9.26 -26.75
N GLU H 166 -9.09 -9.13 -25.74
CA GLU H 166 -9.87 -10.24 -25.26
C GLU H 166 -10.84 -10.69 -26.35
N VAL H 167 -11.41 -9.74 -27.09
CA VAL H 167 -12.38 -10.07 -28.13
C VAL H 167 -11.71 -10.79 -29.29
N ILE H 168 -10.55 -10.27 -29.72
CA ILE H 168 -9.84 -10.86 -30.83
C ILE H 168 -9.44 -12.29 -30.48
N GLN H 169 -9.02 -12.49 -29.23
CA GLN H 169 -8.55 -13.80 -28.82
C GLN H 169 -9.71 -14.78 -28.75
N LYS H 170 -10.89 -14.34 -28.32
CA LYS H 170 -12.02 -15.22 -28.28
C LYS H 170 -12.39 -15.64 -29.71
N LEU H 171 -12.41 -14.68 -30.62
CA LEU H 171 -12.75 -14.98 -31.99
C LEU H 171 -11.70 -15.92 -32.63
N PHE H 172 -10.43 -15.78 -32.21
CA PHE H 172 -9.36 -16.59 -32.77
C PHE H 172 -9.48 -18.06 -32.34
N THR H 173 -10.28 -18.36 -31.30
CA THR H 173 -10.52 -19.73 -30.88
C THR H 173 -11.31 -20.49 -31.95
N GLY H 174 -12.05 -19.78 -32.82
CA GLY H 174 -12.77 -20.44 -33.90
C GLY H 174 -14.11 -21.01 -33.47
N LYS H 175 -14.52 -20.75 -32.23
CA LYS H 175 -15.82 -21.16 -31.74
C LYS H 175 -16.78 -19.97 -31.84
N VAL H 176 -18.07 -20.23 -31.58
CA VAL H 176 -19.08 -19.19 -31.51
C VAL H 176 -18.92 -18.50 -30.17
N ILE H 177 -18.76 -17.17 -30.18
CA ILE H 177 -18.48 -16.47 -28.94
C ILE H 177 -19.42 -15.27 -28.80
N ARG H 178 -19.62 -14.87 -27.55
CA ARG H 178 -20.34 -13.68 -27.19
C ARG H 178 -19.42 -12.87 -26.29
N HIS H 179 -19.60 -11.55 -26.25
CA HIS H 179 -18.81 -10.72 -25.37
C HIS H 179 -19.66 -9.54 -24.93
N GLU H 180 -19.55 -9.21 -23.66
CA GLU H 180 -20.21 -8.05 -23.11
C GLU H 180 -19.31 -7.48 -22.04
N GLY H 181 -18.60 -6.39 -22.37
CA GLY H 181 -17.77 -5.70 -21.40
C GLY H 181 -18.12 -4.22 -21.37
N VAL H 182 -17.25 -3.41 -20.79
CA VAL H 182 -17.52 -1.98 -20.66
C VAL H 182 -17.62 -1.32 -22.04
N TYR H 183 -16.75 -1.69 -23.00
CA TYR H 183 -16.61 -0.93 -24.21
C TYR H 183 -17.24 -1.64 -25.42
N PHE H 184 -17.26 -2.98 -25.45
CA PHE H 184 -17.69 -3.69 -26.65
C PHE H 184 -18.78 -4.71 -26.35
N LYS H 185 -19.67 -4.87 -27.34
CA LYS H 185 -20.69 -5.90 -27.31
C LYS H 185 -20.56 -6.74 -28.58
N VAL H 186 -20.42 -8.05 -28.41
CA VAL H 186 -20.36 -8.94 -29.54
C VAL H 186 -21.44 -10.00 -29.37
N GLU H 187 -22.41 -9.99 -30.33
CA GLU H 187 -23.43 -11.02 -30.40
C GLU H 187 -22.82 -12.27 -31.04
N SER H 188 -23.52 -13.40 -30.94
CA SER H 188 -23.05 -14.69 -31.42
C SER H 188 -22.28 -14.56 -32.73
N ALA H 189 -20.96 -14.75 -32.64
CA ALA H 189 -20.06 -14.57 -33.77
C ALA H 189 -18.98 -15.64 -33.81
N LYS H 190 -18.59 -16.02 -35.04
CA LYS H 190 -17.54 -16.99 -35.28
C LYS H 190 -16.76 -16.70 -36.56
N LEU H 191 -15.46 -16.95 -36.52
CA LEU H 191 -14.64 -16.87 -37.73
C LEU H 191 -14.63 -18.23 -38.41
N TYR H 192 -15.32 -18.32 -39.57
CA TYR H 192 -15.39 -19.55 -40.33
C TYR H 192 -14.13 -19.74 -41.17
N THR H 193 -13.50 -18.63 -41.59
CA THR H 193 -12.24 -18.69 -42.34
C THR H 193 -11.08 -18.42 -41.39
N MET H 194 -10.36 -19.50 -40.99
CA MET H 194 -9.23 -19.40 -40.08
C MET H 194 -8.01 -20.13 -40.63
N PRO H 195 -6.79 -19.76 -40.22
CA PRO H 195 -5.62 -20.62 -40.43
C PRO H 195 -5.58 -21.71 -39.36
N ASP H 196 -4.73 -22.72 -39.59
CA ASP H 196 -4.59 -23.79 -38.60
C ASP H 196 -4.12 -23.22 -37.27
N VAL H 197 -3.25 -22.20 -37.36
CA VAL H 197 -2.74 -21.53 -36.19
C VAL H 197 -2.91 -20.03 -36.35
N PRO H 198 -3.47 -19.33 -35.34
CA PRO H 198 -3.80 -17.91 -35.48
C PRO H 198 -2.55 -17.06 -35.57
N PRO H 199 -2.63 -15.85 -36.16
CA PRO H 199 -1.45 -14.99 -36.22
C PRO H 199 -1.19 -14.44 -34.83
N PRO H 200 0.08 -14.13 -34.54
CA PRO H 200 0.45 -13.57 -33.21
C PRO H 200 -0.06 -12.14 -33.13
N ILE H 201 -0.44 -11.77 -31.92
CA ILE H 201 -0.87 -10.41 -31.64
C ILE H 201 0.31 -9.65 -31.01
N ILE H 202 0.73 -8.60 -31.72
CA ILE H 202 1.85 -7.78 -31.30
C ILE H 202 1.29 -6.44 -30.85
N VAL H 203 1.70 -5.97 -29.66
CA VAL H 203 1.23 -4.67 -29.22
C VAL H 203 2.31 -3.61 -29.49
N GLY H 204 1.91 -2.54 -30.17
CA GLY H 204 2.77 -1.41 -30.39
C GLY H 204 2.54 -0.35 -29.32
N THR H 205 3.56 -0.10 -28.49
CA THR H 205 3.43 0.88 -27.40
C THR H 205 4.80 1.39 -27.02
N ALA H 206 4.82 2.61 -26.46
CA ALA H 206 6.04 3.15 -25.87
C ALA H 206 5.87 3.36 -24.37
N GLY H 207 4.82 2.78 -23.79
CA GLY H 207 4.46 3.01 -22.39
C GLY H 207 4.84 1.83 -21.49
N PRO H 208 5.57 2.07 -20.39
CA PRO H 208 5.96 0.99 -19.49
C PRO H 208 4.84 0.08 -19.00
N TYR H 209 3.68 0.68 -18.71
CA TYR H 209 2.56 -0.09 -18.19
C TYR H 209 2.08 -1.05 -19.27
N MET H 210 1.88 -0.54 -20.49
CA MET H 210 1.30 -1.37 -21.55
C MET H 210 2.32 -2.41 -22.02
N ALA H 211 3.62 -2.12 -21.90
CA ALA H 211 4.66 -3.10 -22.21
C ALA H 211 4.51 -4.32 -21.31
N LYS H 212 4.30 -4.11 -20.01
CA LYS H 212 4.12 -5.21 -19.07
C LYS H 212 2.86 -6.00 -19.45
N LYS H 213 1.80 -5.29 -19.80
CA LYS H 213 0.54 -5.94 -20.13
C LYS H 213 0.70 -6.73 -21.44
N THR H 214 1.56 -6.25 -22.32
CA THR H 214 1.79 -6.92 -23.59
C THR H 214 2.42 -8.30 -23.34
N GLY H 215 3.40 -8.32 -22.43
CA GLY H 215 4.07 -9.57 -22.09
C GLY H 215 3.12 -10.53 -21.41
N GLN H 216 2.20 -9.96 -20.63
CA GLN H 216 1.26 -10.76 -19.88
C GLN H 216 0.17 -11.36 -20.79
N LEU H 217 -0.30 -10.61 -21.80
CA LEU H 217 -1.54 -10.93 -22.48
C LEU H 217 -1.35 -11.37 -23.93
N CYS H 218 -0.24 -10.95 -24.57
CA CYS H 218 -0.12 -11.09 -26.01
C CYS H 218 1.11 -11.91 -26.39
N ASP H 219 1.54 -11.78 -27.65
CA ASP H 219 2.60 -12.64 -28.18
C ASP H 219 3.93 -11.91 -28.38
N GLY H 220 3.89 -10.59 -28.53
CA GLY H 220 5.12 -9.85 -28.69
C GLY H 220 4.94 -8.35 -28.64
N LEU H 221 6.07 -7.64 -28.62
CA LEU H 221 6.14 -6.20 -28.41
C LEU H 221 6.73 -5.53 -29.64
N LEU H 222 6.12 -4.40 -30.01
CA LEU H 222 6.65 -3.51 -31.03
C LEU H 222 6.74 -2.12 -30.44
N THR H 223 7.92 -1.52 -30.56
CA THR H 223 8.14 -0.22 -29.93
C THR H 223 8.83 0.67 -30.97
N PRO H 224 8.62 1.99 -30.91
CA PRO H 224 9.39 2.90 -31.74
C PRO H 224 10.80 3.11 -31.20
N GLY H 225 11.67 3.64 -32.07
CA GLY H 225 13.03 3.98 -31.71
C GLY H 225 13.03 5.04 -30.61
N ALA H 226 14.02 4.96 -29.73
CA ALA H 226 14.09 5.86 -28.58
C ALA H 226 15.48 5.66 -27.99
N ASN H 227 15.85 6.46 -27.00
CA ASN H 227 17.17 6.27 -26.40
C ASN H 227 17.24 4.90 -25.73
N ASP H 228 18.47 4.47 -25.44
CA ASP H 228 18.73 3.15 -24.90
C ASP H 228 18.05 2.95 -23.57
N GLU H 229 18.07 3.95 -22.71
CA GLU H 229 17.51 3.85 -21.37
C GLU H 229 16.04 3.46 -21.43
N LYS H 230 15.32 4.10 -22.35
CA LYS H 230 13.87 3.94 -22.45
C LYS H 230 13.52 2.62 -23.14
N LEU H 231 14.34 2.18 -24.09
CA LEU H 231 14.18 0.89 -24.75
C LEU H 231 14.43 -0.23 -23.76
N ARG H 232 15.44 -0.05 -22.93
CA ARG H 232 15.85 -1.09 -22.02
C ARG H 232 14.78 -1.27 -20.95
N LEU H 233 14.10 -0.18 -20.60
CA LEU H 233 13.02 -0.21 -19.63
C LEU H 233 11.79 -0.94 -20.20
N LEU H 234 11.46 -0.65 -21.47
CA LEU H 234 10.33 -1.29 -22.11
C LEU H 234 10.57 -2.77 -22.25
N LEU H 235 11.76 -3.19 -22.71
CA LEU H 235 12.08 -4.61 -22.87
C LEU H 235 11.95 -5.29 -21.52
N SER H 236 12.49 -4.62 -20.49
CA SER H 236 12.54 -5.15 -19.16
C SER H 236 11.11 -5.40 -18.61
N ARG H 237 10.24 -4.41 -18.79
CA ARG H 237 8.85 -4.50 -18.36
C ARG H 237 8.07 -5.59 -19.12
N PHE H 238 8.29 -5.69 -20.43
CA PHE H 238 7.69 -6.72 -21.25
C PHE H 238 8.10 -8.08 -20.74
N GLU H 239 9.38 -8.23 -20.43
CA GLU H 239 9.92 -9.52 -20.00
C GLU H 239 9.28 -9.90 -18.66
N GLU H 240 9.21 -8.98 -17.71
CA GLU H 240 8.75 -9.35 -16.39
C GLU H 240 7.22 -9.51 -16.39
N GLY H 241 6.53 -8.88 -17.33
CA GLY H 241 5.11 -9.13 -17.50
C GLY H 241 4.84 -10.57 -17.95
N ALA H 242 5.67 -11.04 -18.88
CA ALA H 242 5.54 -12.38 -19.43
C ALA H 242 5.83 -13.42 -18.38
N ARG H 243 6.93 -13.24 -17.64
CA ARG H 243 7.30 -14.17 -16.59
C ARG H 243 6.21 -14.22 -15.53
N ALA H 244 5.68 -13.06 -15.12
CA ALA H 244 4.63 -13.01 -14.10
C ALA H 244 3.44 -13.86 -14.52
N ALA H 245 3.21 -13.99 -15.82
CA ALA H 245 2.09 -14.76 -16.34
C ALA H 245 2.49 -16.18 -16.75
N GLY H 246 3.72 -16.59 -16.44
CA GLY H 246 4.15 -17.97 -16.64
C GLY H 246 4.67 -18.25 -18.04
N LYS H 247 4.86 -17.22 -18.88
CA LYS H 247 5.34 -17.40 -20.25
C LYS H 247 6.85 -17.26 -20.32
N ASP H 248 7.43 -17.71 -21.45
CA ASP H 248 8.87 -17.66 -21.66
C ASP H 248 9.20 -16.53 -22.62
N PRO H 249 9.71 -15.38 -22.13
CA PRO H 249 9.93 -14.21 -22.99
C PRO H 249 11.06 -14.36 -24.00
N ARG H 250 11.87 -15.40 -23.83
CA ARG H 250 12.98 -15.66 -24.73
C ARG H 250 12.44 -16.19 -26.06
N ARG H 251 11.21 -16.72 -26.07
CA ARG H 251 10.59 -17.19 -27.29
C ARG H 251 9.51 -16.22 -27.79
N MET H 252 9.50 -14.96 -27.31
CA MET H 252 8.51 -13.99 -27.74
C MET H 252 9.18 -12.85 -28.48
N PRO H 253 8.71 -12.47 -29.69
CA PRO H 253 9.39 -11.46 -30.49
C PRO H 253 9.40 -10.07 -29.85
N ARG H 254 10.53 -9.39 -30.06
CA ARG H 254 10.80 -8.06 -29.56
C ARG H 254 11.19 -7.19 -30.75
N MET H 255 10.26 -6.34 -31.19
CA MET H 255 10.38 -5.71 -32.48
C MET H 255 10.49 -4.20 -32.26
N ILE H 256 11.26 -3.55 -33.13
CA ILE H 256 11.43 -2.11 -33.04
C ILE H 256 11.28 -1.53 -34.44
N GLN H 257 10.65 -0.36 -34.50
CA GLN H 257 10.55 0.42 -35.71
C GLN H 257 11.39 1.67 -35.52
N VAL H 258 12.34 1.90 -36.44
CA VAL H 258 13.20 3.07 -36.38
C VAL H 258 13.03 3.91 -37.63
N HIS H 259 13.27 5.21 -37.45
CA HIS H 259 13.24 6.16 -38.53
C HIS H 259 14.68 6.61 -38.77
N VAL H 260 15.12 6.48 -40.01
CA VAL H 260 16.45 6.92 -40.40
C VAL H 260 16.29 7.81 -41.63
N SER H 261 17.33 8.59 -41.88
CA SER H 261 17.45 9.32 -43.13
C SER H 261 18.80 8.97 -43.74
N TRP H 262 18.75 8.23 -44.85
CA TRP H 262 19.90 8.03 -45.70
C TRP H 262 19.71 8.83 -46.97
N ALA H 263 20.81 9.41 -47.42
CA ALA H 263 20.89 10.08 -48.71
C ALA H 263 22.35 10.11 -49.15
N GLU H 264 22.59 10.77 -50.29
CA GLU H 264 23.90 10.80 -50.91
C GLU H 264 24.88 11.58 -50.04
N THR H 265 24.41 12.66 -49.37
CA THR H 265 25.25 13.41 -48.44
C THR H 265 24.50 13.64 -47.12
N ASP H 266 25.27 14.00 -46.09
CA ASP H 266 24.70 14.32 -44.79
C ASP H 266 23.74 15.50 -44.94
N GLU H 267 24.05 16.44 -45.82
CA GLU H 267 23.19 17.60 -46.01
C GLU H 267 21.79 17.18 -46.46
N GLN H 268 21.69 16.36 -47.53
CA GLN H 268 20.37 15.99 -48.04
C GLN H 268 19.65 15.11 -47.01
N ALA H 269 20.41 14.34 -46.22
CA ALA H 269 19.84 13.47 -45.21
C ALA H 269 19.11 14.28 -44.13
N ILE H 270 19.75 15.37 -43.69
CA ILE H 270 19.19 16.26 -42.69
C ILE H 270 17.95 16.97 -43.24
N GLU H 271 18.04 17.56 -44.45
CA GLU H 271 16.91 18.30 -45.01
C GLU H 271 15.74 17.36 -45.29
N ASN H 272 16.04 16.13 -45.73
CA ASN H 272 14.99 15.15 -45.99
C ASN H 272 14.16 14.93 -44.72
N ALA H 273 14.84 14.75 -43.59
CA ALA H 273 14.15 14.50 -42.33
C ALA H 273 13.30 15.71 -41.92
N LEU H 274 13.87 16.90 -42.13
CA LEU H 274 13.24 18.13 -41.69
C LEU H 274 11.98 18.42 -42.51
N ARG H 275 12.01 18.13 -43.81
CA ARG H 275 10.89 18.46 -44.68
C ARG H 275 9.85 17.34 -44.70
N GLU H 276 10.27 16.07 -44.61
CA GLU H 276 9.38 14.94 -44.88
C GLU H 276 8.80 14.35 -43.59
N TRP H 277 9.50 14.51 -42.45
CA TRP H 277 9.16 13.83 -41.22
C TRP H 277 9.38 14.74 -40.02
N PRO H 278 8.81 15.96 -40.01
CA PRO H 278 8.97 16.89 -38.89
C PRO H 278 8.38 16.33 -37.60
N ASN H 279 7.38 15.46 -37.70
CA ASN H 279 6.80 14.81 -36.53
C ASN H 279 7.86 14.01 -35.76
N GLY H 280 8.94 13.60 -36.45
CA GLY H 280 10.05 12.95 -35.79
C GLY H 280 10.82 13.88 -34.84
N GLY H 281 10.62 15.20 -34.95
CA GLY H 281 11.30 16.15 -34.09
C GLY H 281 10.38 16.67 -32.99
N MET H 282 9.19 16.07 -32.90
CA MET H 282 8.19 16.48 -31.94
C MET H 282 8.23 15.51 -30.78
N ALA H 283 9.12 15.78 -29.82
CA ALA H 283 9.35 14.88 -28.69
C ALA H 283 8.31 15.18 -27.61
N PHE H 284 7.06 14.81 -27.90
CA PHE H 284 5.96 15.15 -27.03
C PHE H 284 4.73 14.36 -27.48
N PRO H 285 3.72 14.15 -26.61
CA PRO H 285 2.60 13.27 -26.95
C PRO H 285 1.77 13.89 -28.07
N LYS H 286 1.43 13.08 -29.09
CA LYS H 286 0.81 13.60 -30.30
C LYS H 286 -0.59 13.03 -30.52
N GLY H 287 -1.12 12.30 -29.55
CA GLY H 287 -2.27 11.43 -29.83
C GLY H 287 -3.62 12.16 -29.72
N ASP H 288 -3.61 13.46 -29.38
CA ASP H 288 -4.82 14.25 -29.25
C ASP H 288 -5.01 15.22 -30.41
N ILE H 289 -3.98 15.40 -31.25
CA ILE H 289 -4.00 16.34 -32.36
C ILE H 289 -4.77 15.74 -33.55
N ARG H 290 -5.77 16.49 -34.04
CA ARG H 290 -6.76 15.95 -34.95
C ARG H 290 -6.37 16.04 -36.42
N ASN H 291 -5.74 17.15 -36.82
CA ASN H 291 -5.66 17.44 -38.24
C ASN H 291 -4.22 17.49 -38.76
N PRO H 292 -4.02 17.07 -40.02
CA PRO H 292 -2.72 17.25 -40.66
C PRO H 292 -2.29 18.72 -40.66
N GLU H 293 -3.27 19.62 -40.81
CA GLU H 293 -3.02 21.05 -40.88
C GLU H 293 -2.43 21.54 -39.56
N ASP H 294 -2.84 20.90 -38.46
CA ASP H 294 -2.31 21.21 -37.14
C ASP H 294 -0.83 20.82 -37.04
N PHE H 295 -0.49 19.58 -37.44
CA PHE H 295 0.89 19.13 -37.40
C PHE H 295 1.76 20.02 -38.29
N GLN H 296 1.25 20.35 -39.47
CA GLN H 296 1.97 21.14 -40.44
C GLN H 296 2.34 22.51 -39.85
N ALA H 297 1.39 23.13 -39.13
CA ALA H 297 1.66 24.41 -38.50
C ALA H 297 2.67 24.27 -37.35
N MET H 298 2.58 23.17 -36.59
CA MET H 298 3.52 22.89 -35.50
C MET H 298 4.91 22.62 -36.02
N ALA H 299 5.01 22.11 -37.24
CA ALA H 299 6.27 21.74 -37.86
C ALA H 299 7.16 22.98 -38.04
N ARG H 300 6.55 24.16 -38.20
CA ARG H 300 7.32 25.40 -38.30
C ARG H 300 8.27 25.60 -37.10
N LEU H 301 8.03 24.95 -35.97
CA LEU H 301 8.89 25.05 -34.80
C LEU H 301 10.09 24.09 -34.86
N VAL H 302 10.00 23.02 -35.64
CA VAL H 302 10.96 21.92 -35.58
C VAL H 302 12.27 22.35 -36.21
N ARG H 303 13.39 21.94 -35.60
CA ARG H 303 14.73 22.29 -36.06
C ARG H 303 15.61 21.03 -36.10
N PRO H 304 16.74 21.02 -36.84
CA PRO H 304 17.56 19.79 -36.94
C PRO H 304 18.01 19.19 -35.61
N GLU H 305 18.26 20.03 -34.61
CA GLU H 305 18.70 19.65 -33.27
C GLU H 305 17.68 18.69 -32.61
N HIS H 306 16.38 18.88 -32.86
CA HIS H 306 15.31 18.14 -32.17
C HIS H 306 15.22 16.68 -32.60
N PHE H 307 16.11 16.26 -33.53
CA PHE H 307 16.10 14.91 -34.06
C PHE H 307 17.19 14.04 -33.43
N GLN H 308 18.17 14.62 -32.72
CA GLN H 308 19.27 13.82 -32.18
C GLN H 308 18.72 12.77 -31.21
N GLY H 309 19.30 11.55 -31.26
CA GLY H 309 18.80 10.44 -30.49
C GLY H 309 17.57 9.78 -31.11
N ARG H 310 16.83 10.54 -31.92
CA ARG H 310 15.47 10.16 -32.33
C ARG H 310 15.46 9.71 -33.80
N VAL H 311 16.27 10.32 -34.68
CA VAL H 311 16.36 9.93 -36.08
C VAL H 311 17.82 10.03 -36.52
N LEU H 312 18.36 8.92 -37.00
CA LEU H 312 19.72 8.86 -37.52
C LEU H 312 19.74 9.50 -38.90
N MET H 313 20.58 10.53 -39.07
CA MET H 313 20.65 11.33 -40.29
C MET H 313 22.10 11.28 -40.81
N THR H 314 22.41 10.40 -41.75
CA THR H 314 23.78 10.26 -42.24
C THR H 314 23.79 9.49 -43.56
N SER H 315 24.80 9.79 -44.39
CA SER H 315 25.05 9.11 -45.64
C SER H 315 26.02 7.94 -45.45
N ASP H 316 26.62 7.84 -44.26
CA ASP H 316 27.59 6.81 -43.95
C ASP H 316 26.86 5.51 -43.63
N LEU H 317 26.88 4.55 -44.56
CA LEU H 317 26.10 3.33 -44.44
C LEU H 317 26.71 2.38 -43.43
N ASP H 318 28.01 2.52 -43.14
CA ASP H 318 28.66 1.82 -42.05
C ASP H 318 27.97 2.19 -40.74
N ARG H 319 27.70 3.48 -40.57
CA ARG H 319 27.17 4.02 -39.33
C ARG H 319 25.71 3.57 -39.18
N HIS H 320 24.97 3.48 -40.30
CA HIS H 320 23.67 2.84 -40.33
C HIS H 320 23.76 1.41 -39.81
N GLY H 321 24.74 0.63 -40.30
CA GLY H 321 24.87 -0.76 -39.89
C GLY H 321 25.15 -0.91 -38.40
N GLU H 322 26.03 -0.04 -37.87
CA GLU H 322 26.43 -0.09 -36.47
C GLU H 322 25.24 0.27 -35.58
N PHE H 323 24.45 1.24 -36.00
CA PHE H 323 23.27 1.66 -35.27
C PHE H 323 22.29 0.49 -35.16
N LEU H 324 22.06 -0.21 -36.27
CA LEU H 324 21.10 -1.31 -36.31
C LEU H 324 21.61 -2.51 -35.52
N GLN H 325 22.92 -2.81 -35.63
CA GLN H 325 23.50 -3.93 -34.89
C GLN H 325 23.34 -3.73 -33.39
N HIS H 326 23.51 -2.49 -32.95
CA HIS H 326 23.31 -2.03 -31.58
C HIS H 326 21.96 -2.47 -31.06
N LEU H 327 20.92 -2.27 -31.86
CA LEU H 327 19.55 -2.57 -31.46
C LEU H 327 19.41 -4.08 -31.35
N ILE H 328 20.08 -4.85 -32.21
CA ILE H 328 20.02 -6.30 -32.12
C ILE H 328 20.58 -6.71 -30.77
N ASP H 329 21.69 -6.06 -30.41
CA ASP H 329 22.45 -6.37 -29.22
C ASP H 329 21.67 -5.98 -27.95
N LEU H 330 20.82 -4.94 -28.02
CA LEU H 330 19.94 -4.62 -26.91
C LEU H 330 18.94 -5.74 -26.64
N GLY H 331 18.61 -6.54 -27.66
CA GLY H 331 17.74 -7.67 -27.51
C GLY H 331 16.55 -7.61 -28.45
N PHE H 332 16.52 -6.71 -29.43
CA PHE H 332 15.48 -6.74 -30.43
C PHE H 332 15.78 -7.85 -31.42
N THR H 333 14.73 -8.61 -31.78
CA THR H 333 14.82 -9.77 -32.65
C THR H 333 14.32 -9.45 -34.06
N GLU H 334 13.68 -8.27 -34.21
CA GLU H 334 13.29 -7.78 -35.51
C GLU H 334 13.46 -6.27 -35.52
N ILE H 335 13.92 -5.74 -36.66
CA ILE H 335 13.98 -4.30 -36.82
C ILE H 335 13.30 -3.94 -38.13
N TYR H 336 12.44 -2.93 -38.08
CA TYR H 336 11.79 -2.40 -39.26
C TYR H 336 12.30 -0.99 -39.47
N VAL H 337 12.82 -0.72 -40.68
CA VAL H 337 13.49 0.54 -40.97
C VAL H 337 12.63 1.37 -41.92
N HIS H 338 12.37 2.60 -41.49
CA HIS H 338 11.70 3.62 -42.26
C HIS H 338 12.74 4.66 -42.65
N ASN H 339 13.06 4.72 -43.95
CA ASN H 339 13.80 5.84 -44.50
C ASN H 339 12.81 6.97 -44.73
N VAL H 340 13.11 8.17 -44.24
CA VAL H 340 12.13 9.24 -44.25
C VAL H 340 12.17 9.99 -45.57
N GLY H 341 13.29 9.91 -46.30
CA GLY H 341 13.42 10.59 -47.59
C GLY H 341 12.55 9.88 -48.65
N ARG H 342 12.30 10.59 -49.75
CA ARG H 342 11.52 10.07 -50.87
C ARG H 342 12.39 9.20 -51.77
N ASN H 343 13.69 9.11 -51.46
CA ASN H 343 14.65 8.32 -52.22
C ASN H 343 14.60 6.85 -51.78
N GLN H 344 13.42 6.24 -51.91
CA GLN H 344 13.15 4.92 -51.38
C GLN H 344 13.90 3.84 -52.15
N GLU H 345 13.93 3.96 -53.47
CA GLU H 345 14.55 2.94 -54.30
C GLU H 345 16.06 2.88 -54.04
N GLU H 346 16.71 4.05 -53.97
CA GLU H 346 18.15 4.13 -53.78
C GLU H 346 18.49 3.59 -52.39
N PHE H 347 17.62 3.92 -51.42
CA PHE H 347 17.79 3.49 -50.04
C PHE H 347 17.75 1.97 -49.93
N ILE H 348 16.75 1.34 -50.56
CA ILE H 348 16.61 -0.10 -50.53
C ILE H 348 17.84 -0.78 -51.14
N ARG H 349 18.32 -0.27 -52.28
CA ARG H 349 19.48 -0.87 -52.93
C ARG H 349 20.74 -0.68 -52.07
N ALA H 350 20.85 0.50 -51.43
CA ALA H 350 22.02 0.82 -50.62
C ALA H 350 22.10 -0.09 -49.38
N TYR H 351 20.95 -0.28 -48.70
CA TYR H 351 20.88 -1.17 -47.55
C TYR H 351 21.14 -2.62 -47.97
N GLY H 352 20.61 -3.01 -49.14
CA GLY H 352 20.78 -4.36 -49.64
C GLY H 352 22.26 -4.73 -49.84
N ARG H 353 23.05 -3.78 -50.35
CA ARG H 353 24.45 -4.00 -50.65
C ARG H 353 25.31 -3.84 -49.39
N ALA H 354 25.12 -2.76 -48.63
CA ALA H 354 26.08 -2.34 -47.61
C ALA H 354 25.69 -2.72 -46.18
N VAL H 355 24.38 -2.93 -45.90
CA VAL H 355 23.93 -3.03 -44.52
C VAL H 355 23.46 -4.46 -44.19
N ILE H 356 22.41 -4.92 -44.88
CA ILE H 356 21.73 -6.15 -44.50
C ILE H 356 22.72 -7.31 -44.44
N PRO H 357 23.63 -7.48 -45.43
CA PRO H 357 24.57 -8.59 -45.39
C PRO H 357 25.54 -8.59 -44.21
N HIS H 358 25.70 -7.47 -43.51
CA HIS H 358 26.68 -7.38 -42.44
C HIS H 358 26.04 -7.52 -41.05
N LEU H 359 24.71 -7.63 -40.97
CA LEU H 359 24.04 -7.70 -39.68
C LEU H 359 24.04 -9.12 -39.13
N ARG H 360 24.46 -9.26 -37.86
CA ARG H 360 24.57 -10.55 -37.19
C ARG H 360 23.34 -10.74 -36.31
N TRP H 361 22.43 -11.62 -36.76
CA TRP H 361 21.25 -12.02 -35.98
C TRP H 361 21.53 -13.31 -35.23
N PRO H 362 21.18 -13.42 -33.93
CA PRO H 362 21.29 -14.72 -33.24
C PRO H 362 20.41 -15.73 -33.97
N ALA H 363 20.89 -16.97 -34.14
CA ALA H 363 20.08 -18.01 -34.73
C ALA H 363 18.94 -18.37 -33.75
N ASP H 364 17.78 -18.77 -34.29
CA ASP H 364 16.61 -19.11 -33.50
C ASP H 364 16.21 -17.94 -32.59
N ALA H 365 16.38 -16.70 -33.04
CA ALA H 365 15.72 -15.56 -32.43
C ALA H 365 14.25 -15.66 -32.81
N PRO H 366 13.32 -15.38 -31.89
CA PRO H 366 11.89 -15.40 -32.23
C PRO H 366 11.48 -14.24 -33.15
N VAL H 367 10.51 -14.52 -34.01
CA VAL H 367 10.08 -13.61 -35.06
C VAL H 367 8.55 -13.69 -35.13
N ALA H 368 7.90 -12.60 -35.57
CA ALA H 368 6.45 -12.54 -35.58
C ALA H 368 5.88 -13.45 -36.68
N GLN H 369 5.31 -14.58 -36.24
CA GLN H 369 4.96 -15.71 -37.09
C GLN H 369 4.29 -16.81 -36.26
N ALA H 370 3.53 -17.75 -36.85
CA ALA H 370 3.21 -19.00 -36.17
C ALA H 370 4.46 -19.89 -36.02
N ARG I 32 -22.17 -8.67 -81.31
CA ARG I 32 -21.74 -7.30 -81.71
C ARG I 32 -20.57 -6.86 -80.84
N GLY I 33 -20.64 -7.11 -79.53
CA GLY I 33 -19.54 -6.79 -78.61
C GLY I 33 -18.71 -8.03 -78.26
N SER I 34 -17.50 -7.82 -77.71
CA SER I 34 -16.60 -8.88 -77.26
C SER I 34 -17.29 -9.85 -76.31
N SER I 35 -16.88 -11.13 -76.36
CA SER I 35 -17.31 -12.16 -75.43
C SER I 35 -16.86 -11.81 -74.00
N ARG I 36 -17.80 -11.93 -73.06
CA ARG I 36 -17.53 -11.62 -71.67
C ARG I 36 -18.62 -12.21 -70.77
N LEU I 37 -18.29 -12.36 -69.48
CA LEU I 37 -19.27 -12.73 -68.46
C LEU I 37 -18.65 -12.46 -67.08
N GLY I 38 -19.51 -12.34 -66.07
CA GLY I 38 -19.08 -12.13 -64.70
C GLY I 38 -19.08 -13.43 -63.88
N TYR I 39 -18.09 -13.54 -63.00
CA TYR I 39 -17.98 -14.65 -62.07
C TYR I 39 -18.27 -14.14 -60.66
N SER I 40 -19.21 -14.79 -59.97
CA SER I 40 -19.48 -14.56 -58.57
C SER I 40 -18.56 -15.41 -57.70
N ALA I 41 -17.74 -14.72 -56.89
CA ALA I 41 -16.91 -15.34 -55.86
C ALA I 41 -17.69 -15.45 -54.56
N SER I 42 -18.05 -16.69 -54.21
CA SER I 42 -18.88 -16.98 -53.06
C SER I 42 -18.02 -17.20 -51.83
N PHE I 43 -17.81 -16.13 -51.04
CA PHE I 43 -17.00 -16.18 -49.85
C PHE I 43 -17.68 -17.03 -48.76
N GLU I 44 -19.00 -17.17 -48.88
CA GLU I 44 -19.80 -17.96 -47.97
C GLU I 44 -19.34 -19.42 -48.00
N GLN I 45 -18.87 -19.89 -49.17
CA GLN I 45 -18.66 -21.31 -49.42
C GLN I 45 -17.19 -21.71 -49.57
N PHE I 46 -16.33 -20.82 -50.08
CA PHE I 46 -15.01 -21.24 -50.52
C PHE I 46 -13.90 -20.44 -49.83
N HIS I 47 -12.84 -21.18 -49.49
CA HIS I 47 -11.62 -20.62 -48.96
C HIS I 47 -11.12 -19.57 -49.93
N PRO I 48 -10.69 -18.39 -49.43
CA PRO I 48 -10.25 -17.32 -50.33
C PRO I 48 -9.01 -17.65 -51.19
N SER I 49 -8.17 -18.59 -50.74
CA SER I 49 -7.08 -19.04 -51.57
C SER I 49 -7.60 -19.72 -52.83
N ASP I 50 -8.65 -20.53 -52.67
CA ASP I 50 -9.28 -21.21 -53.80
C ASP I 50 -9.92 -20.19 -54.75
N LEU I 51 -10.60 -19.19 -54.18
CA LEU I 51 -11.31 -18.21 -54.98
C LEU I 51 -10.34 -17.42 -55.85
N LEU I 52 -9.17 -17.11 -55.31
CA LEU I 52 -8.15 -16.40 -56.05
C LEU I 52 -7.70 -17.22 -57.26
N ARG I 53 -7.44 -18.51 -57.04
CA ARG I 53 -6.99 -19.40 -58.10
C ARG I 53 -8.07 -19.52 -59.18
N TRP I 54 -9.33 -19.64 -58.75
CA TRP I 54 -10.44 -19.82 -59.66
C TRP I 54 -10.70 -18.56 -60.48
N CYS I 55 -10.52 -17.38 -59.88
CA CYS I 55 -10.69 -16.13 -60.62
C CYS I 55 -9.60 -16.00 -61.67
N GLN I 56 -8.37 -16.42 -61.34
CA GLN I 56 -7.27 -16.40 -62.30
C GLN I 56 -7.57 -17.32 -63.49
N LEU I 57 -8.17 -18.47 -63.20
CA LEU I 57 -8.62 -19.38 -64.23
C LEU I 57 -9.78 -18.79 -65.02
N ALA I 58 -10.75 -18.18 -64.34
CA ALA I 58 -11.90 -17.57 -65.00
C ALA I 58 -11.45 -16.52 -66.01
N GLU I 59 -10.44 -15.73 -65.65
CA GLU I 59 -9.86 -14.77 -66.57
C GLU I 59 -9.40 -15.49 -67.84
N GLN I 60 -8.64 -16.59 -67.66
CA GLN I 60 -8.11 -17.36 -68.78
C GLN I 60 -9.24 -17.86 -69.66
N GLU I 61 -10.45 -18.06 -69.12
CA GLU I 61 -11.52 -18.75 -69.82
C GLU I 61 -12.58 -17.79 -70.41
N GLY I 62 -12.35 -16.47 -70.29
CA GLY I 62 -13.19 -15.50 -70.99
C GLY I 62 -14.08 -14.66 -70.08
N PHE I 63 -14.10 -14.92 -68.77
CA PHE I 63 -14.78 -14.05 -67.81
C PHE I 63 -13.98 -12.75 -67.72
N ASP I 64 -14.67 -11.61 -67.52
CA ASP I 64 -14.03 -10.29 -67.57
C ASP I 64 -14.10 -9.56 -66.22
N SER I 65 -14.94 -10.04 -65.29
CA SER I 65 -15.20 -9.30 -64.06
C SER I 65 -15.60 -10.26 -62.94
N VAL I 66 -15.33 -9.83 -61.69
CA VAL I 66 -15.64 -10.61 -60.50
C VAL I 66 -16.51 -9.79 -59.57
N LEU I 67 -17.59 -10.42 -59.10
CA LEU I 67 -18.42 -9.91 -58.01
C LEU I 67 -18.06 -10.74 -56.78
N ALA I 68 -17.77 -10.03 -55.68
CA ALA I 68 -17.25 -10.63 -54.46
C ALA I 68 -18.14 -10.24 -53.29
N ALA I 69 -18.72 -11.25 -52.65
CA ALA I 69 -19.59 -11.04 -51.50
C ALA I 69 -18.82 -10.42 -50.33
N ASP I 70 -19.50 -9.57 -49.55
CA ASP I 70 -18.90 -8.98 -48.36
C ASP I 70 -19.61 -9.53 -47.13
N HIS I 71 -19.16 -10.69 -46.67
CA HIS I 71 -19.81 -11.37 -45.57
C HIS I 71 -18.87 -11.39 -44.37
N PHE I 72 -19.47 -11.59 -43.19
CA PHE I 72 -18.74 -11.97 -42.00
C PHE I 72 -19.06 -13.42 -41.68
N HIS I 73 -20.31 -13.82 -41.91
CA HIS I 73 -20.80 -15.17 -41.68
C HIS I 73 -21.33 -15.80 -42.96
N PRO I 74 -21.19 -17.12 -43.14
CA PRO I 74 -21.90 -17.82 -44.20
C PRO I 74 -23.35 -17.98 -43.82
N TRP I 75 -24.19 -18.35 -44.80
CA TRP I 75 -25.60 -18.62 -44.52
C TRP I 75 -25.72 -19.83 -43.62
N THR I 76 -24.97 -20.89 -43.92
CA THR I 76 -25.05 -22.12 -43.15
C THR I 76 -23.64 -22.56 -42.77
N PRO I 77 -23.46 -23.31 -41.66
CA PRO I 77 -22.17 -23.93 -41.35
C PRO I 77 -21.63 -24.83 -42.47
N GLU I 78 -22.54 -25.50 -43.19
CA GLU I 78 -22.18 -26.37 -44.31
C GLU I 78 -21.48 -25.61 -45.42
N GLN I 79 -21.74 -24.30 -45.55
CA GLN I 79 -21.04 -23.49 -46.53
C GLN I 79 -19.64 -23.19 -46.01
N GLY I 80 -19.57 -22.67 -44.77
CA GLY I 80 -18.43 -22.88 -43.90
C GLY I 80 -17.27 -21.92 -44.09
N GLN I 81 -17.50 -20.77 -44.75
CA GLN I 81 -16.45 -19.77 -44.96
C GLN I 81 -17.00 -18.35 -44.84
N SER I 82 -16.09 -17.35 -44.74
CA SER I 82 -16.39 -15.93 -44.87
C SER I 82 -15.12 -15.10 -44.72
N GLY I 83 -14.34 -15.03 -45.80
CA GLY I 83 -13.14 -14.20 -45.81
C GLY I 83 -13.48 -12.71 -45.82
N PHE I 84 -12.54 -11.91 -45.31
CA PHE I 84 -12.62 -10.47 -45.36
C PHE I 84 -12.28 -10.04 -46.78
N VAL I 85 -13.30 -9.52 -47.48
CA VAL I 85 -13.23 -9.37 -48.92
C VAL I 85 -12.19 -8.31 -49.28
N TRP I 86 -12.02 -7.29 -48.43
CA TRP I 86 -11.22 -6.14 -48.79
C TRP I 86 -9.75 -6.50 -48.93
N ALA I 87 -9.25 -7.40 -48.08
CA ALA I 87 -7.90 -7.90 -48.22
C ALA I 87 -7.79 -8.74 -49.50
N TRP I 88 -8.78 -9.61 -49.72
CA TRP I 88 -8.75 -10.51 -50.86
C TRP I 88 -8.72 -9.72 -52.18
N LEU I 89 -9.41 -8.58 -52.23
CA LEU I 89 -9.54 -7.84 -53.48
C LEU I 89 -8.18 -7.28 -53.90
N GLY I 90 -7.32 -6.99 -52.91
CA GLY I 90 -5.97 -6.55 -53.22
C GLY I 90 -5.19 -7.63 -53.95
N ALA I 91 -5.35 -8.88 -53.51
CA ALA I 91 -4.71 -10.01 -54.16
C ALA I 91 -5.23 -10.22 -55.58
N LEU I 92 -6.55 -10.09 -55.76
CA LEU I 92 -7.15 -10.26 -57.08
C LEU I 92 -6.61 -9.18 -58.01
N GLY I 93 -6.59 -7.93 -57.52
CA GLY I 93 -6.16 -6.81 -58.33
C GLY I 93 -4.73 -6.98 -58.81
N ALA I 94 -3.86 -7.50 -57.94
CA ALA I 94 -2.44 -7.58 -58.22
C ALA I 94 -2.08 -8.81 -59.05
N THR I 95 -2.99 -9.76 -59.25
CA THR I 95 -2.64 -10.97 -59.96
C THR I 95 -3.51 -11.20 -61.19
N THR I 96 -4.50 -10.35 -61.48
CA THR I 96 -5.29 -10.50 -62.69
C THR I 96 -5.42 -9.16 -63.36
N ARG I 97 -6.10 -9.11 -64.51
CA ARG I 97 -6.47 -7.83 -65.12
C ARG I 97 -8.00 -7.67 -65.12
N LEU I 98 -8.70 -8.50 -64.33
CA LEU I 98 -10.15 -8.47 -64.27
C LEU I 98 -10.65 -7.17 -63.65
N ARG I 99 -11.88 -6.79 -63.99
CA ARG I 99 -12.64 -5.84 -63.20
C ARG I 99 -13.18 -6.58 -62.00
N PHE I 100 -13.50 -5.85 -60.93
CA PHE I 100 -14.03 -6.50 -59.73
C PHE I 100 -14.78 -5.50 -58.88
N GLY I 101 -15.72 -6.03 -58.09
CA GLY I 101 -16.52 -5.19 -57.20
C GLY I 101 -17.07 -5.97 -56.01
N THR I 102 -17.40 -5.23 -54.95
CA THR I 102 -18.12 -5.75 -53.81
C THR I 102 -19.57 -5.95 -54.22
N GLY I 103 -20.14 -7.07 -53.81
CA GLY I 103 -21.56 -7.28 -54.10
C GLY I 103 -22.26 -7.93 -52.91
N VAL I 104 -22.67 -7.17 -51.89
CA VAL I 104 -22.40 -5.74 -51.77
C VAL I 104 -21.91 -5.43 -50.35
N THR I 105 -21.26 -4.28 -50.20
CA THR I 105 -20.87 -3.79 -48.88
C THR I 105 -22.00 -2.95 -48.32
N PRO I 106 -22.45 -3.19 -47.05
CA PRO I 106 -23.26 -2.19 -46.33
C PRO I 106 -22.47 -1.11 -45.56
N PRO I 107 -22.42 0.14 -46.07
CA PRO I 107 -21.59 1.19 -45.45
C PRO I 107 -22.32 2.05 -44.45
N ILE I 108 -23.07 1.41 -43.55
CA ILE I 108 -24.07 2.09 -42.75
C ILE I 108 -23.76 2.01 -41.26
N GLY I 109 -22.51 1.63 -40.93
CA GLY I 109 -21.96 1.88 -39.62
C GLY I 109 -22.16 0.73 -38.63
N PHE I 110 -22.41 -0.48 -39.11
CA PHE I 110 -22.39 -1.66 -38.25
C PHE I 110 -20.97 -2.19 -38.32
N ARG I 111 -20.72 -3.10 -39.26
CA ARG I 111 -19.39 -3.57 -39.54
C ARG I 111 -18.49 -2.46 -40.04
N TYR I 112 -19.04 -1.54 -40.83
CA TYR I 112 -18.23 -0.62 -41.60
C TYR I 112 -18.81 0.79 -41.54
N HIS I 113 -17.94 1.74 -41.19
CA HIS I 113 -18.28 3.15 -41.26
C HIS I 113 -18.11 3.63 -42.70
N PRO I 114 -19.01 4.49 -43.22
CA PRO I 114 -18.92 4.92 -44.61
C PRO I 114 -17.61 5.60 -44.97
N ALA I 115 -16.99 6.31 -44.01
CA ALA I 115 -15.73 6.98 -44.30
C ALA I 115 -14.67 5.95 -44.70
N ILE I 116 -14.69 4.80 -44.05
CA ILE I 116 -13.68 3.76 -44.27
C ILE I 116 -13.95 3.08 -45.61
N VAL I 117 -15.22 2.79 -45.92
CA VAL I 117 -15.56 2.21 -47.20
C VAL I 117 -15.04 3.12 -48.32
N ALA I 118 -15.19 4.45 -48.14
CA ALA I 118 -14.72 5.38 -49.14
C ALA I 118 -13.21 5.25 -49.34
N GLN I 119 -12.47 5.18 -48.23
CA GLN I 119 -11.02 5.05 -48.28
C GLN I 119 -10.63 3.76 -48.99
N ALA I 120 -11.33 2.67 -48.66
CA ALA I 120 -11.01 1.36 -49.23
C ALA I 120 -11.23 1.40 -50.73
N ALA I 121 -12.35 1.97 -51.15
CA ALA I 121 -12.71 2.05 -52.56
C ALA I 121 -11.68 2.90 -53.30
N ALA I 122 -11.30 4.04 -52.70
CA ALA I 122 -10.38 4.96 -53.33
C ALA I 122 -9.01 4.32 -53.45
N THR I 123 -8.61 3.52 -52.47
CA THR I 123 -7.30 2.89 -52.48
C THR I 123 -7.26 1.83 -53.57
N LEU I 124 -8.30 0.99 -53.64
CA LEU I 124 -8.36 -0.05 -54.65
C LEU I 124 -8.30 0.53 -56.06
N GLU I 125 -9.07 1.59 -56.31
CA GLU I 125 -9.14 2.18 -57.64
C GLU I 125 -7.84 2.92 -57.95
N ALA I 126 -7.18 3.45 -56.92
CA ALA I 126 -5.92 4.14 -57.12
C ALA I 126 -4.87 3.12 -57.58
N MET I 127 -4.88 1.91 -57.02
CA MET I 127 -3.90 0.86 -57.30
C MET I 127 -4.24 0.11 -58.59
N PHE I 128 -5.53 0.04 -58.94
CA PHE I 128 -5.99 -0.75 -60.06
C PHE I 128 -6.96 0.11 -60.88
N PRO I 129 -6.48 1.23 -61.45
CA PRO I 129 -7.39 2.21 -62.07
C PRO I 129 -8.24 1.62 -63.19
N GLY I 130 -9.51 1.97 -63.23
CA GLY I 130 -10.41 1.52 -64.28
C GLY I 130 -10.94 0.11 -64.02
N ARG I 131 -10.68 -0.47 -62.84
CA ARG I 131 -10.99 -1.87 -62.63
C ARG I 131 -11.99 -2.09 -61.50
N PHE I 132 -12.08 -1.15 -60.53
CA PHE I 132 -12.87 -1.38 -59.33
C PHE I 132 -14.22 -0.68 -59.45
N TRP I 133 -15.25 -1.34 -58.91
CA TRP I 133 -16.53 -0.70 -58.75
C TRP I 133 -17.05 -1.02 -57.35
N LEU I 134 -17.58 0.02 -56.70
CA LEU I 134 -18.00 -0.09 -55.33
C LEU I 134 -19.47 -0.44 -55.28
N GLY I 135 -19.78 -1.68 -54.91
CA GLY I 135 -21.17 -2.11 -54.78
C GLY I 135 -21.59 -2.05 -53.32
N ILE I 136 -22.70 -1.33 -53.06
CA ILE I 136 -23.19 -1.10 -51.71
C ILE I 136 -24.67 -1.45 -51.66
N GLY I 137 -25.17 -1.66 -50.43
CA GLY I 137 -26.53 -2.06 -50.18
C GLY I 137 -26.86 -1.93 -48.70
N ALA I 138 -28.09 -2.28 -48.33
CA ALA I 138 -28.65 -2.00 -47.02
C ALA I 138 -28.25 -3.03 -45.96
N GLY I 139 -27.60 -4.12 -46.38
CA GLY I 139 -27.02 -5.09 -45.46
C GLY I 139 -28.02 -6.11 -44.94
N GLU I 140 -27.50 -7.20 -44.35
CA GLU I 140 -28.33 -8.22 -43.71
C GLU I 140 -27.84 -8.50 -42.30
N ALA I 141 -28.76 -8.91 -41.41
CA ALA I 141 -28.45 -9.08 -39.99
C ALA I 141 -27.42 -10.19 -39.78
N LEU I 142 -27.44 -11.21 -40.65
CA LEU I 142 -26.47 -12.29 -40.60
C LEU I 142 -25.07 -11.74 -40.33
N ASN I 143 -24.74 -10.63 -40.98
CA ASN I 143 -23.41 -10.05 -40.94
C ASN I 143 -23.34 -8.91 -39.92
N GLU I 144 -24.36 -8.05 -39.85
CA GLU I 144 -24.25 -6.80 -39.11
C GLU I 144 -24.57 -6.97 -37.63
N HIS I 145 -25.26 -8.06 -37.26
CA HIS I 145 -25.75 -8.19 -35.90
C HIS I 145 -24.61 -8.39 -34.91
N ILE I 146 -23.39 -8.66 -35.38
CA ILE I 146 -22.32 -9.05 -34.47
C ILE I 146 -21.92 -7.86 -33.59
N VAL I 147 -22.22 -6.62 -34.00
CA VAL I 147 -21.79 -5.47 -33.22
C VAL I 147 -22.84 -5.08 -32.19
N GLY I 148 -23.98 -5.77 -32.19
CA GLY I 148 -24.95 -5.69 -31.13
C GLY I 148 -25.69 -4.36 -31.04
N ARG I 149 -26.07 -3.79 -32.19
CA ARG I 149 -26.81 -2.54 -32.24
C ARG I 149 -28.23 -2.77 -32.80
N TYR I 150 -29.11 -1.78 -32.60
CA TYR I 150 -30.47 -1.82 -33.11
C TYR I 150 -30.45 -2.03 -34.61
N TRP I 151 -31.24 -3.02 -35.07
CA TRP I 151 -31.33 -3.34 -36.47
C TRP I 151 -32.62 -2.75 -37.02
N PRO I 152 -32.55 -1.65 -37.82
CA PRO I 152 -33.75 -0.98 -38.33
C PRO I 152 -34.44 -1.78 -39.43
N GLU I 153 -35.68 -1.40 -39.71
CA GLU I 153 -36.45 -2.02 -40.77
C GLU I 153 -35.86 -1.63 -42.12
N PRO I 154 -36.13 -2.41 -43.19
CA PRO I 154 -35.63 -2.08 -44.53
C PRO I 154 -35.74 -0.60 -44.93
N ALA I 155 -36.93 0.00 -44.80
CA ALA I 155 -37.11 1.38 -45.25
C ALA I 155 -36.14 2.32 -44.54
N GLU I 156 -35.97 2.13 -43.23
CA GLU I 156 -35.05 2.97 -42.46
C GLU I 156 -33.59 2.72 -42.91
N ARG I 157 -33.24 1.47 -43.21
CA ARG I 157 -31.88 1.17 -43.64
C ARG I 157 -31.59 1.81 -45.00
N ILE I 158 -32.63 1.97 -45.84
CA ILE I 158 -32.51 2.72 -47.07
C ILE I 158 -32.14 4.18 -46.76
N ARG I 159 -32.79 4.79 -45.76
CA ARG I 159 -32.49 6.16 -45.39
C ARG I 159 -31.02 6.26 -44.95
N MET I 160 -30.56 5.25 -44.20
CA MET I 160 -29.16 5.20 -43.77
C MET I 160 -28.23 5.08 -44.98
N LEU I 161 -28.62 4.27 -45.97
CA LEU I 161 -27.82 4.05 -47.16
C LEU I 161 -27.68 5.35 -47.98
N ILE I 162 -28.77 6.10 -48.08
CA ILE I 162 -28.75 7.33 -48.84
C ILE I 162 -27.80 8.33 -48.19
N GLU I 163 -27.77 8.36 -46.85
CA GLU I 163 -26.87 9.26 -46.14
C GLU I 163 -25.42 8.79 -46.35
N ALA I 164 -25.20 7.48 -46.30
CA ALA I 164 -23.87 6.93 -46.51
C ALA I 164 -23.36 7.28 -47.89
N ILE I 165 -24.24 7.25 -48.89
CA ILE I 165 -23.85 7.57 -50.25
C ILE I 165 -23.38 9.04 -50.30
N GLU I 166 -24.06 9.90 -49.55
CA GLU I 166 -23.68 11.30 -49.52
C GLU I 166 -22.28 11.46 -48.92
N VAL I 167 -21.97 10.65 -47.90
CA VAL I 167 -20.68 10.75 -47.24
C VAL I 167 -19.56 10.27 -48.16
N ILE I 168 -19.78 9.15 -48.83
CA ILE I 168 -18.78 8.58 -49.72
C ILE I 168 -18.50 9.57 -50.84
N GLN I 169 -19.55 10.21 -51.34
CA GLN I 169 -19.38 11.11 -52.47
C GLN I 169 -18.64 12.37 -52.04
N LYS I 170 -18.88 12.85 -50.82
CA LYS I 170 -18.16 14.02 -50.36
C LYS I 170 -16.68 13.68 -50.26
N LEU I 171 -16.37 12.51 -49.69
CA LEU I 171 -14.99 12.12 -49.54
C LEU I 171 -14.32 11.92 -50.90
N PHE I 172 -15.09 11.44 -51.89
CA PHE I 172 -14.56 11.18 -53.21
C PHE I 172 -14.16 12.48 -53.94
N THR I 173 -14.66 13.65 -53.48
CA THR I 173 -14.28 14.92 -54.05
C THR I 173 -12.81 15.23 -53.78
N GLY I 174 -12.21 14.62 -52.75
CA GLY I 174 -10.79 14.79 -52.48
C GLY I 174 -10.46 16.05 -51.68
N LYS I 175 -11.51 16.75 -51.22
CA LYS I 175 -11.35 17.93 -50.38
C LYS I 175 -11.52 17.52 -48.92
N VAL I 176 -11.22 18.42 -48.00
CA VAL I 176 -11.52 18.24 -46.59
C VAL I 176 -13.01 18.44 -46.39
N ILE I 177 -13.69 17.46 -45.80
CA ILE I 177 -15.14 17.54 -45.69
C ILE I 177 -15.57 17.24 -44.25
N ARG I 178 -16.75 17.73 -43.90
CA ARG I 178 -17.42 17.46 -42.65
C ARG I 178 -18.83 17.00 -43.02
N HIS I 179 -19.49 16.26 -42.12
CA HIS I 179 -20.85 15.81 -42.37
C HIS I 179 -21.53 15.65 -41.03
N GLU I 180 -22.79 16.07 -40.98
CA GLU I 180 -23.60 15.87 -39.80
C GLU I 180 -25.03 15.64 -40.25
N GLY I 181 -25.48 14.38 -40.26
CA GLY I 181 -26.86 14.05 -40.58
C GLY I 181 -27.49 13.22 -39.47
N VAL I 182 -28.63 12.57 -39.77
CA VAL I 182 -29.32 11.79 -38.75
C VAL I 182 -28.47 10.62 -38.26
N TYR I 183 -27.73 9.94 -39.16
CA TYR I 183 -27.13 8.66 -38.80
C TYR I 183 -25.61 8.79 -38.64
N PHE I 184 -24.94 9.69 -39.35
CA PHE I 184 -23.48 9.71 -39.36
C PHE I 184 -22.93 11.10 -39.05
N LYS I 185 -21.77 11.11 -38.41
CA LYS I 185 -21.02 12.33 -38.13
C LYS I 185 -19.62 12.11 -38.65
N VAL I 186 -19.15 13.04 -39.47
CA VAL I 186 -17.79 12.99 -39.96
C VAL I 186 -17.12 14.31 -39.64
N GLU I 187 -16.08 14.26 -38.82
CA GLU I 187 -15.19 15.39 -38.55
C GLU I 187 -14.23 15.57 -39.72
N SER I 188 -13.52 16.69 -39.73
CA SER I 188 -12.62 17.06 -40.83
C SER I 188 -11.86 15.83 -41.34
N ALA I 189 -12.23 15.41 -42.55
CA ALA I 189 -11.65 14.23 -43.18
C ALA I 189 -11.37 14.46 -44.67
N LYS I 190 -10.30 13.84 -45.16
CA LYS I 190 -9.89 13.92 -46.55
C LYS I 190 -9.19 12.63 -46.99
N LEU I 191 -9.48 12.21 -48.23
CA LEU I 191 -8.77 11.10 -48.84
C LEU I 191 -7.57 11.64 -49.58
N TYR I 192 -6.37 11.39 -49.03
CA TYR I 192 -5.12 11.82 -49.66
C TYR I 192 -4.73 10.86 -50.79
N THR I 193 -5.10 9.57 -50.66
CA THR I 193 -4.84 8.59 -51.71
C THR I 193 -6.09 8.39 -52.56
N MET I 194 -6.12 9.00 -53.76
CA MET I 194 -7.26 8.93 -54.66
C MET I 194 -6.83 8.53 -56.07
N PRO I 195 -7.72 7.94 -56.89
CA PRO I 195 -7.49 7.88 -58.32
C PRO I 195 -7.86 9.20 -58.97
N ASP I 196 -7.45 9.37 -60.22
CA ASP I 196 -7.72 10.60 -60.96
C ASP I 196 -9.23 10.73 -61.10
N VAL I 197 -9.92 9.59 -61.27
CA VAL I 197 -11.37 9.56 -61.37
C VAL I 197 -11.90 8.51 -60.40
N PRO I 198 -12.93 8.87 -59.58
CA PRO I 198 -13.42 7.98 -58.54
C PRO I 198 -14.09 6.73 -59.12
N PRO I 199 -14.16 5.62 -58.35
CA PRO I 199 -14.82 4.43 -58.85
C PRO I 199 -16.32 4.70 -58.85
N PRO I 200 -17.07 4.02 -59.74
CA PRO I 200 -18.51 4.13 -59.76
C PRO I 200 -19.11 3.48 -58.52
N ILE I 201 -20.20 4.06 -58.06
CA ILE I 201 -20.98 3.51 -56.97
C ILE I 201 -22.17 2.76 -57.57
N ILE I 202 -22.22 1.46 -57.30
CA ILE I 202 -23.30 0.60 -57.76
C ILE I 202 -24.16 0.23 -56.56
N VAL I 203 -25.47 0.39 -56.68
CA VAL I 203 -26.35 0.00 -55.58
C VAL I 203 -26.96 -1.36 -55.88
N GLY I 204 -26.81 -2.28 -54.93
CA GLY I 204 -27.46 -3.59 -55.00
C GLY I 204 -28.79 -3.55 -54.25
N THR I 205 -29.90 -3.70 -54.98
CA THR I 205 -31.22 -3.63 -54.37
C THR I 205 -32.23 -4.38 -55.24
N ALA I 206 -33.31 -4.85 -54.60
CA ALA I 206 -34.42 -5.44 -55.33
C ALA I 206 -35.69 -4.60 -55.12
N GLY I 207 -35.54 -3.38 -54.57
CA GLY I 207 -36.67 -2.53 -54.21
C GLY I 207 -36.91 -1.42 -55.21
N PRO I 208 -38.14 -1.26 -55.74
CA PRO I 208 -38.44 -0.18 -56.71
C PRO I 208 -38.05 1.23 -56.27
N TYR I 209 -38.24 1.52 -54.98
CA TYR I 209 -37.91 2.84 -54.46
C TYR I 209 -36.41 3.06 -54.57
N MET I 210 -35.61 2.11 -54.09
CA MET I 210 -34.17 2.30 -54.04
C MET I 210 -33.58 2.25 -55.44
N ALA I 211 -34.23 1.53 -56.37
CA ALA I 211 -33.81 1.52 -57.76
C ALA I 211 -33.86 2.93 -58.36
N LYS I 212 -34.95 3.65 -58.08
CA LYS I 212 -35.11 5.02 -58.56
C LYS I 212 -34.02 5.91 -57.96
N LYS I 213 -33.75 5.71 -56.67
CA LYS I 213 -32.77 6.52 -55.98
C LYS I 213 -31.38 6.21 -56.50
N THR I 214 -31.17 4.97 -56.95
CA THR I 214 -29.89 4.55 -57.48
C THR I 214 -29.60 5.32 -58.76
N GLY I 215 -30.62 5.44 -59.62
CA GLY I 215 -30.47 6.15 -60.87
C GLY I 215 -30.22 7.63 -60.61
N GLN I 216 -30.87 8.15 -59.57
CA GLN I 216 -30.79 9.54 -59.23
C GLN I 216 -29.42 9.92 -58.64
N LEU I 217 -28.83 9.04 -57.80
CA LEU I 217 -27.75 9.42 -56.92
C LEU I 217 -26.43 8.77 -57.29
N CYS I 218 -26.47 7.61 -57.96
CA CYS I 218 -25.31 6.78 -58.13
C CYS I 218 -25.04 6.52 -59.61
N ASP I 219 -24.22 5.51 -59.89
CA ASP I 219 -23.68 5.31 -61.23
C ASP I 219 -24.26 4.09 -61.92
N GLY I 220 -24.76 3.11 -61.15
CA GLY I 220 -25.32 1.92 -61.75
C GLY I 220 -26.08 1.06 -60.75
N LEU I 221 -26.82 0.07 -61.29
CA LEU I 221 -27.71 -0.79 -60.53
C LEU I 221 -27.24 -2.23 -60.59
N LEU I 222 -27.33 -2.92 -59.47
CA LEU I 222 -27.12 -4.36 -59.37
C LEU I 222 -28.32 -4.99 -58.68
N THR I 223 -28.90 -6.00 -59.30
CA THR I 223 -30.13 -6.60 -58.80
C THR I 223 -29.98 -8.12 -58.86
N PRO I 224 -30.69 -8.88 -57.99
CA PRO I 224 -30.73 -10.33 -58.13
C PRO I 224 -31.72 -10.77 -59.19
N GLY I 225 -31.63 -12.06 -59.55
CA GLY I 225 -32.55 -12.68 -60.50
C GLY I 225 -33.97 -12.62 -59.95
N ALA I 226 -34.94 -12.52 -60.86
CA ALA I 226 -36.35 -12.50 -60.51
C ALA I 226 -37.14 -12.66 -61.80
N ASN I 227 -38.46 -12.77 -61.74
CA ASN I 227 -39.24 -12.89 -62.97
C ASN I 227 -39.09 -11.62 -63.81
N ASP I 228 -39.49 -11.72 -65.07
CA ASP I 228 -39.32 -10.65 -66.04
C ASP I 228 -40.04 -9.38 -65.58
N GLU I 229 -41.26 -9.52 -65.07
CA GLU I 229 -42.09 -8.38 -64.72
C GLU I 229 -41.39 -7.50 -63.68
N LYS I 230 -40.77 -8.16 -62.69
CA LYS I 230 -40.15 -7.48 -61.56
C LYS I 230 -38.80 -6.87 -61.97
N LEU I 231 -38.08 -7.53 -62.86
CA LEU I 231 -36.83 -7.00 -63.40
C LEU I 231 -37.11 -5.78 -64.27
N ARG I 232 -38.17 -5.86 -65.04
CA ARG I 232 -38.48 -4.80 -65.98
C ARG I 232 -38.90 -3.55 -65.18
N LEU I 233 -39.53 -3.76 -64.04
CA LEU I 233 -39.94 -2.66 -63.17
C LEU I 233 -38.72 -1.98 -62.53
N LEU I 234 -37.75 -2.78 -62.07
CA LEU I 234 -36.52 -2.25 -61.48
C LEU I 234 -35.74 -1.45 -62.51
N LEU I 235 -35.55 -1.99 -63.72
CA LEU I 235 -34.81 -1.30 -64.78
C LEU I 235 -35.50 0.03 -65.07
N SER I 236 -36.82 -0.04 -65.15
CA SER I 236 -37.65 1.08 -65.52
C SER I 236 -37.52 2.21 -64.49
N ARG I 237 -37.59 1.86 -63.21
CA ARG I 237 -37.46 2.81 -62.12
C ARG I 237 -36.06 3.44 -62.06
N PHE I 238 -35.03 2.62 -62.27
CA PHE I 238 -33.66 3.10 -62.34
C PHE I 238 -33.51 4.12 -63.46
N GLU I 239 -34.11 3.81 -64.61
CA GLU I 239 -33.99 4.67 -65.77
C GLU I 239 -34.67 6.02 -65.49
N GLU I 240 -35.88 6.00 -64.92
CA GLU I 240 -36.60 7.25 -64.76
C GLU I 240 -36.02 8.06 -63.60
N GLY I 241 -35.38 7.39 -62.65
CA GLY I 241 -34.65 8.11 -61.61
C GLY I 241 -33.49 8.92 -62.18
N ALA I 242 -32.76 8.30 -63.13
CA ALA I 242 -31.60 8.90 -63.74
C ALA I 242 -32.01 10.09 -64.61
N ARG I 243 -33.06 9.90 -65.42
CA ARG I 243 -33.56 10.99 -66.25
C ARG I 243 -34.01 12.16 -65.40
N ALA I 244 -34.77 11.88 -64.32
CA ALA I 244 -35.25 12.92 -63.43
C ALA I 244 -34.09 13.78 -62.93
N ALA I 245 -32.91 13.19 -62.79
CA ALA I 245 -31.76 13.90 -62.27
C ALA I 245 -30.83 14.37 -63.38
N GLY I 246 -31.26 14.28 -64.65
CA GLY I 246 -30.53 14.87 -65.76
C GLY I 246 -29.44 13.98 -66.33
N LYS I 247 -29.38 12.71 -65.93
CA LYS I 247 -28.37 11.78 -66.41
C LYS I 247 -28.91 10.99 -67.61
N ASP I 248 -28.00 10.35 -68.35
CA ASP I 248 -28.34 9.53 -69.51
C ASP I 248 -28.25 8.06 -69.12
N PRO I 249 -29.40 7.38 -68.89
CA PRO I 249 -29.36 6.01 -68.34
C PRO I 249 -28.85 4.95 -69.31
N ARG I 250 -28.74 5.33 -70.59
CA ARG I 250 -28.28 4.41 -71.61
C ARG I 250 -26.78 4.21 -71.46
N ARG I 251 -26.09 5.14 -70.76
CA ARG I 251 -24.65 5.01 -70.52
C ARG I 251 -24.37 4.60 -69.07
N MET I 252 -25.38 4.10 -68.33
CA MET I 252 -25.18 3.69 -66.94
C MET I 252 -25.41 2.18 -66.81
N PRO I 253 -24.48 1.44 -66.17
CA PRO I 253 -24.55 -0.02 -66.15
C PRO I 253 -25.76 -0.57 -65.39
N ARG I 254 -26.28 -1.67 -65.93
CA ARG I 254 -27.42 -2.40 -65.40
C ARG I 254 -27.03 -3.86 -65.22
N MET I 255 -26.79 -4.25 -63.97
CA MET I 255 -26.07 -5.48 -63.67
C MET I 255 -27.03 -6.40 -62.92
N ILE I 256 -26.87 -7.71 -63.16
CA ILE I 256 -27.69 -8.70 -62.48
C ILE I 256 -26.79 -9.83 -61.99
N GLN I 257 -27.11 -10.34 -60.80
CA GLN I 257 -26.42 -11.47 -60.23
C GLN I 257 -27.39 -12.64 -60.16
N VAL I 258 -27.00 -13.79 -60.74
CA VAL I 258 -27.85 -14.96 -60.76
C VAL I 258 -27.13 -16.16 -60.13
N HIS I 259 -27.92 -17.09 -59.60
CA HIS I 259 -27.42 -18.33 -59.04
C HIS I 259 -27.87 -19.47 -59.97
N VAL I 260 -26.90 -20.27 -60.40
CA VAL I 260 -27.17 -21.45 -61.21
C VAL I 260 -26.49 -22.66 -60.57
N SER I 261 -26.94 -23.84 -60.97
CA SER I 261 -26.27 -25.08 -60.62
C SER I 261 -26.00 -25.85 -61.91
N TRP I 262 -24.72 -25.91 -62.28
CA TRP I 262 -24.27 -26.80 -63.33
C TRP I 262 -23.52 -27.95 -62.71
N ALA I 263 -23.72 -29.14 -63.30
CA ALA I 263 -22.95 -30.33 -62.98
C ALA I 263 -23.03 -31.28 -64.16
N GLU I 264 -22.42 -32.46 -64.00
CA GLU I 264 -22.29 -33.45 -65.06
C GLU I 264 -23.68 -34.00 -65.42
N THR I 265 -24.59 -34.15 -64.43
CA THR I 265 -25.95 -34.55 -64.71
C THR I 265 -26.94 -33.65 -64.00
N ASP I 266 -28.21 -33.70 -64.45
CA ASP I 266 -29.28 -32.95 -63.83
C ASP I 266 -29.39 -33.36 -62.36
N GLU I 267 -29.18 -34.64 -62.07
CA GLU I 267 -29.28 -35.12 -60.72
C GLU I 267 -28.30 -34.44 -59.78
N GLN I 268 -27.01 -34.41 -60.14
CA GLN I 268 -26.01 -33.80 -59.27
C GLN I 268 -26.24 -32.30 -59.18
N ALA I 269 -26.78 -31.69 -60.25
CA ALA I 269 -27.04 -30.25 -60.28
C ALA I 269 -28.09 -29.89 -59.24
N ILE I 270 -29.15 -30.70 -59.16
CA ILE I 270 -30.23 -30.49 -58.20
C ILE I 270 -29.71 -30.70 -56.77
N GLU I 271 -28.99 -31.79 -56.51
CA GLU I 271 -28.51 -32.09 -55.16
C GLU I 271 -27.49 -31.05 -54.71
N ASN I 272 -26.66 -30.58 -55.64
CA ASN I 272 -25.68 -29.54 -55.33
C ASN I 272 -26.39 -28.31 -54.77
N ALA I 273 -27.47 -27.89 -55.43
CA ALA I 273 -28.21 -26.71 -55.03
C ALA I 273 -28.83 -26.94 -53.65
N LEU I 274 -29.37 -28.15 -53.45
CA LEU I 274 -30.12 -28.47 -52.25
C LEU I 274 -29.19 -28.48 -51.04
N ARG I 275 -27.97 -29.02 -51.21
CA ARG I 275 -27.07 -29.17 -50.08
C ARG I 275 -26.25 -27.91 -49.85
N GLU I 276 -25.87 -27.18 -50.90
CA GLU I 276 -24.87 -26.11 -50.80
C GLU I 276 -25.50 -24.72 -50.67
N TRP I 277 -26.72 -24.55 -51.19
CA TRP I 277 -27.34 -23.24 -51.33
C TRP I 277 -28.83 -23.34 -51.03
N PRO I 278 -29.24 -23.90 -49.88
CA PRO I 278 -30.66 -24.00 -49.53
C PRO I 278 -31.32 -22.63 -49.41
N ASN I 279 -30.54 -21.60 -49.07
CA ASN I 279 -31.05 -20.24 -48.99
C ASN I 279 -31.62 -19.79 -50.35
N GLY I 280 -31.17 -20.41 -51.43
CA GLY I 280 -31.74 -20.14 -52.74
C GLY I 280 -33.18 -20.63 -52.88
N GLY I 281 -33.66 -21.50 -51.98
CA GLY I 281 -35.03 -21.97 -52.03
C GLY I 281 -35.91 -21.29 -50.98
N MET I 282 -35.35 -20.26 -50.35
CA MET I 282 -36.03 -19.53 -49.30
C MET I 282 -36.57 -18.25 -49.91
N ALA I 283 -37.79 -18.37 -50.47
CA ALA I 283 -38.45 -17.30 -51.20
C ALA I 283 -39.12 -16.35 -50.21
N PHE I 284 -38.31 -15.64 -49.45
CA PHE I 284 -38.83 -14.83 -48.35
C PHE I 284 -37.73 -13.93 -47.85
N PRO I 285 -38.04 -12.80 -47.17
CA PRO I 285 -37.00 -11.83 -46.81
C PRO I 285 -36.07 -12.44 -45.75
N LYS I 286 -34.75 -12.28 -45.94
CA LYS I 286 -33.80 -12.99 -45.09
C LYS I 286 -32.94 -12.05 -44.25
N GLY I 287 -33.24 -10.75 -44.29
CA GLY I 287 -32.32 -9.77 -43.75
C GLY I 287 -32.45 -9.55 -42.25
N ASP I 288 -33.35 -10.26 -41.56
CA ASP I 288 -33.52 -10.11 -40.11
C ASP I 288 -32.95 -11.31 -39.34
N ILE I 289 -32.62 -12.40 -40.03
CA ILE I 289 -32.17 -13.64 -39.42
C ILE I 289 -30.69 -13.54 -39.07
N ARG I 290 -30.36 -13.83 -37.80
CA ARG I 290 -29.06 -13.46 -37.24
C ARG I 290 -27.99 -14.54 -37.45
N ASN I 291 -28.35 -15.82 -37.33
CA ASN I 291 -27.33 -16.84 -37.20
C ASN I 291 -27.30 -17.84 -38.33
N PRO I 292 -26.10 -18.33 -38.69
CA PRO I 292 -25.99 -19.47 -39.61
C PRO I 292 -26.82 -20.67 -39.14
N GLU I 293 -26.85 -20.89 -37.82
CA GLU I 293 -27.53 -22.05 -37.23
C GLU I 293 -29.04 -21.93 -37.49
N ASP I 294 -29.55 -20.69 -37.56
CA ASP I 294 -30.95 -20.44 -37.89
C ASP I 294 -31.25 -20.86 -39.33
N PHE I 295 -30.43 -20.40 -40.29
CA PHE I 295 -30.62 -20.75 -41.68
C PHE I 295 -30.52 -22.26 -41.87
N GLN I 296 -29.55 -22.88 -41.20
CA GLN I 296 -29.32 -24.31 -41.31
C GLN I 296 -30.56 -25.08 -40.87
N ALA I 297 -31.21 -24.64 -39.77
CA ALA I 297 -32.42 -25.29 -39.31
C ALA I 297 -33.57 -25.07 -40.30
N MET I 298 -33.66 -23.86 -40.89
CA MET I 298 -34.69 -23.55 -41.87
C MET I 298 -34.49 -24.36 -43.15
N ALA I 299 -33.23 -24.73 -43.45
CA ALA I 299 -32.88 -25.43 -44.67
C ALA I 299 -33.54 -26.81 -44.70
N ARG I 300 -33.79 -27.40 -43.52
CA ARG I 300 -34.45 -28.69 -43.44
C ARG I 300 -35.81 -28.67 -44.13
N LEU I 301 -36.42 -27.51 -44.35
CA LEU I 301 -37.70 -27.39 -45.03
C LEU I 301 -37.56 -27.39 -46.56
N VAL I 302 -36.38 -27.01 -47.08
CA VAL I 302 -36.24 -26.66 -48.48
C VAL I 302 -36.27 -27.92 -49.33
N ARG I 303 -36.95 -27.84 -50.48
CA ARG I 303 -37.09 -28.97 -51.40
CA ARG I 303 -37.09 -28.97 -51.40
C ARG I 303 -36.74 -28.51 -52.82
N PRO I 304 -36.47 -29.44 -53.78
CA PRO I 304 -36.17 -29.04 -55.15
C PRO I 304 -37.18 -28.11 -55.84
N GLU I 305 -38.48 -28.29 -55.52
CA GLU I 305 -39.56 -27.49 -56.10
CA GLU I 305 -39.56 -27.51 -56.10
C GLU I 305 -39.38 -26.00 -55.81
N HIS I 306 -38.85 -25.65 -54.63
CA HIS I 306 -38.79 -24.26 -54.15
C HIS I 306 -37.75 -23.42 -54.90
N PHE I 307 -37.03 -24.05 -55.85
CA PHE I 307 -35.97 -23.39 -56.60
C PHE I 307 -36.45 -22.94 -57.99
N GLN I 308 -37.61 -23.43 -58.48
CA GLN I 308 -38.03 -23.09 -59.84
C GLN I 308 -38.20 -21.58 -59.99
N GLY I 309 -37.78 -21.04 -61.14
CA GLY I 309 -37.76 -19.60 -61.36
C GLY I 309 -36.57 -18.92 -60.71
N ARG I 310 -36.02 -19.52 -59.65
CA ARG I 310 -35.12 -18.83 -58.73
C ARG I 310 -33.67 -19.32 -58.91
N VAL I 311 -33.44 -20.61 -59.20
CA VAL I 311 -32.11 -21.13 -59.46
C VAL I 311 -32.21 -22.20 -60.55
N LEU I 312 -31.50 -21.97 -61.65
CA LEU I 312 -31.50 -22.87 -62.78
C LEU I 312 -30.60 -24.06 -62.43
N MET I 313 -31.17 -25.26 -62.52
CA MET I 313 -30.49 -26.49 -62.13
C MET I 313 -30.50 -27.45 -63.32
N THR I 314 -29.41 -27.50 -64.09
CA THR I 314 -29.35 -28.37 -65.27
C THR I 314 -27.89 -28.54 -65.73
N SER I 315 -27.64 -29.67 -66.39
CA SER I 315 -26.35 -29.97 -67.00
C SER I 315 -26.29 -29.49 -68.45
N ASP I 316 -27.44 -29.09 -69.00
CA ASP I 316 -27.55 -28.70 -70.39
C ASP I 316 -27.03 -27.27 -70.52
N LEU I 317 -25.84 -27.12 -71.14
CA LEU I 317 -25.18 -25.82 -71.16
C LEU I 317 -25.83 -24.89 -72.20
N ASP I 318 -26.54 -25.47 -73.18
CA ASP I 318 -27.39 -24.69 -74.08
C ASP I 318 -28.42 -23.91 -73.27
N ARG I 319 -29.01 -24.59 -72.29
CA ARG I 319 -30.11 -24.03 -71.52
C ARG I 319 -29.57 -22.94 -70.60
N HIS I 320 -28.37 -23.13 -70.07
CA HIS I 320 -27.63 -22.07 -69.39
C HIS I 320 -27.48 -20.84 -70.28
N GLY I 321 -27.05 -21.05 -71.52
CA GLY I 321 -26.83 -19.93 -72.43
C GLY I 321 -28.11 -19.17 -72.74
N GLU I 322 -29.22 -19.89 -72.94
CA GLU I 322 -30.50 -19.28 -73.28
C GLU I 322 -31.00 -18.46 -72.09
N PHE I 323 -30.81 -18.97 -70.88
CA PHE I 323 -31.21 -18.28 -69.67
C PHE I 323 -30.48 -16.94 -69.58
N LEU I 324 -29.17 -16.96 -69.83
CA LEU I 324 -28.34 -15.77 -69.70
C LEU I 324 -28.65 -14.77 -70.81
N GLN I 325 -28.84 -15.27 -72.04
CA GLN I 325 -29.12 -14.42 -73.20
C GLN I 325 -30.42 -13.65 -72.97
N HIS I 326 -31.41 -14.32 -72.38
CA HIS I 326 -32.70 -13.71 -72.08
C HIS I 326 -32.52 -12.45 -71.22
N LEU I 327 -31.62 -12.53 -70.24
CA LEU I 327 -31.36 -11.43 -69.34
C LEU I 327 -30.70 -10.29 -70.10
N ILE I 328 -29.82 -10.62 -71.06
CA ILE I 328 -29.18 -9.59 -71.86
C ILE I 328 -30.25 -8.83 -72.63
N ASP I 329 -31.21 -9.60 -73.15
CA ASP I 329 -32.29 -9.09 -74.00
C ASP I 329 -33.24 -8.20 -73.19
N LEU I 330 -33.42 -8.48 -71.89
CA LEU I 330 -34.21 -7.60 -71.03
C LEU I 330 -33.56 -6.22 -70.90
N GLY I 331 -32.22 -6.14 -71.06
CA GLY I 331 -31.50 -4.88 -71.02
C GLY I 331 -30.40 -4.85 -69.97
N PHE I 332 -30.04 -6.01 -69.39
CA PHE I 332 -28.88 -6.05 -68.53
C PHE I 332 -27.62 -6.00 -69.38
N THR I 333 -26.64 -5.21 -68.91
CA THR I 333 -25.39 -4.98 -69.61
C THR I 333 -24.25 -5.78 -68.96
N GLU I 334 -24.49 -6.34 -67.78
CA GLU I 334 -23.51 -7.20 -67.14
C GLU I 334 -24.25 -8.29 -66.39
N ILE I 335 -23.69 -9.52 -66.43
CA ILE I 335 -24.26 -10.60 -65.65
C ILE I 335 -23.14 -11.24 -64.84
N TYR I 336 -23.40 -11.48 -63.56
CA TYR I 336 -22.47 -12.18 -62.69
C TYR I 336 -23.11 -13.51 -62.31
N VAL I 337 -22.38 -14.61 -62.56
CA VAL I 337 -22.93 -15.94 -62.39
C VAL I 337 -22.25 -16.64 -61.20
N HIS I 338 -23.10 -17.11 -60.29
CA HIS I 338 -22.70 -17.92 -59.16
C HIS I 338 -23.13 -19.36 -59.41
N ASN I 339 -22.16 -20.25 -59.63
CA ASN I 339 -22.45 -21.67 -59.59
C ASN I 339 -22.47 -22.12 -58.13
N VAL I 340 -23.52 -22.82 -57.71
CA VAL I 340 -23.70 -23.10 -56.30
C VAL I 340 -22.94 -24.36 -55.88
N GLY I 341 -22.63 -25.23 -56.84
CA GLY I 341 -21.89 -26.45 -56.54
C GLY I 341 -20.42 -26.15 -56.20
N ARG I 342 -19.76 -27.14 -55.59
CA ARG I 342 -18.35 -27.03 -55.23
C ARG I 342 -17.44 -27.32 -56.42
N ASN I 343 -18.05 -27.71 -57.55
CA ASN I 343 -17.34 -28.03 -58.78
C ASN I 343 -17.01 -26.76 -59.56
N GLN I 344 -16.28 -25.84 -58.92
CA GLN I 344 -16.07 -24.50 -59.46
C GLN I 344 -15.14 -24.53 -60.67
N GLU I 345 -14.09 -25.34 -60.62
CA GLU I 345 -13.13 -25.39 -61.71
C GLU I 345 -13.77 -25.96 -62.97
N GLU I 346 -14.55 -27.04 -62.84
CA GLU I 346 -15.18 -27.70 -63.97
C GLU I 346 -16.22 -26.75 -64.57
N PHE I 347 -16.92 -26.02 -63.69
CA PHE I 347 -17.93 -25.05 -64.10
C PHE I 347 -17.32 -23.93 -64.92
N ILE I 348 -16.21 -23.37 -64.46
CA ILE I 348 -15.54 -22.29 -65.18
C ILE I 348 -15.09 -22.77 -66.56
N ARG I 349 -14.51 -23.97 -66.65
CA ARG I 349 -14.05 -24.49 -67.92
C ARG I 349 -15.24 -24.76 -68.86
N ALA I 350 -16.35 -25.26 -68.28
CA ALA I 350 -17.52 -25.61 -69.06
C ALA I 350 -18.18 -24.36 -69.66
N TYR I 351 -18.33 -23.30 -68.85
CA TYR I 351 -18.87 -22.03 -69.32
C TYR I 351 -17.92 -21.40 -70.34
N GLY I 352 -16.61 -21.51 -70.13
CA GLY I 352 -15.62 -20.95 -71.03
C GLY I 352 -15.74 -21.51 -72.44
N ARG I 353 -15.99 -22.83 -72.55
CA ARG I 353 -16.06 -23.52 -73.82
C ARG I 353 -17.45 -23.35 -74.44
N ALA I 354 -18.52 -23.60 -73.66
CA ALA I 354 -19.84 -23.81 -74.23
C ALA I 354 -20.78 -22.60 -74.10
N VAL I 355 -20.53 -21.67 -73.17
CA VAL I 355 -21.51 -20.63 -72.86
C VAL I 355 -21.03 -19.25 -73.30
N ILE I 356 -19.92 -18.78 -72.69
CA ILE I 356 -19.47 -17.41 -72.87
C ILE I 356 -19.31 -17.07 -74.35
N PRO I 357 -18.71 -17.95 -75.18
CA PRO I 357 -18.54 -17.66 -76.61
C PRO I 357 -19.85 -17.46 -77.38
N HIS I 358 -20.99 -17.94 -76.87
CA HIS I 358 -22.22 -17.91 -77.63
C HIS I 358 -23.14 -16.77 -77.17
N LEU I 359 -22.72 -15.96 -76.18
CA LEU I 359 -23.56 -14.87 -75.69
C LEU I 359 -23.39 -13.63 -76.58
N ARG I 360 -24.50 -13.04 -77.01
CA ARG I 360 -24.47 -11.86 -77.85
C ARG I 360 -24.71 -10.62 -76.99
N TRP I 361 -23.64 -9.84 -76.74
CA TRP I 361 -23.73 -8.57 -76.03
C TRP I 361 -23.85 -7.43 -77.03
N PRO I 362 -24.76 -6.43 -76.83
CA PRO I 362 -24.73 -5.22 -77.67
C PRO I 362 -23.37 -4.53 -77.52
N ALA I 363 -22.82 -4.04 -78.62
CA ALA I 363 -21.56 -3.29 -78.58
C ALA I 363 -21.78 -1.96 -77.85
N ASP I 364 -20.74 -1.47 -77.17
CA ASP I 364 -20.79 -0.24 -76.41
C ASP I 364 -21.94 -0.27 -75.38
N ALA I 365 -22.21 -1.45 -74.80
CA ALA I 365 -23.04 -1.51 -73.63
C ALA I 365 -22.18 -1.01 -72.46
N PRO I 366 -22.77 -0.21 -71.54
CA PRO I 366 -22.03 0.31 -70.40
C PRO I 366 -21.69 -0.76 -69.37
N VAL I 367 -20.54 -0.58 -68.73
CA VAL I 367 -19.99 -1.55 -67.81
C VAL I 367 -19.43 -0.79 -66.59
N ALA I 368 -19.40 -1.44 -65.42
CA ALA I 368 -19.02 -0.78 -64.18
C ALA I 368 -17.51 -0.47 -64.16
N GLN I 369 -17.19 0.83 -64.36
CA GLN I 369 -15.83 1.24 -64.66
C GLN I 369 -15.69 2.76 -64.68
N ALA I 370 -14.49 3.31 -64.43
CA ALA I 370 -14.31 4.76 -64.33
C ALA I 370 -14.36 5.40 -65.72
N MET J 30 -62.34 -43.30 -13.42
CA MET J 30 -61.40 -43.05 -14.54
C MET J 30 -60.35 -42.01 -14.13
N GLY J 31 -59.71 -42.19 -12.97
CA GLY J 31 -58.74 -41.24 -12.44
C GLY J 31 -58.78 -41.11 -10.91
N ARG J 32 -57.59 -40.98 -10.27
CA ARG J 32 -57.44 -40.77 -8.84
C ARG J 32 -57.99 -39.38 -8.48
N GLY J 33 -57.69 -38.35 -9.30
CA GLY J 33 -58.23 -37.01 -9.11
C GLY J 33 -59.37 -36.70 -10.06
N SER J 34 -60.09 -35.59 -9.80
CA SER J 34 -61.18 -35.08 -10.62
C SER J 34 -60.74 -34.89 -12.06
N SER J 35 -61.71 -35.11 -12.98
CA SER J 35 -61.53 -34.89 -14.41
C SER J 35 -61.31 -33.40 -14.68
N ARG J 36 -60.30 -33.11 -15.52
CA ARG J 36 -59.96 -31.74 -15.84
C ARG J 36 -59.04 -31.70 -17.07
N LEU J 37 -58.96 -30.52 -17.70
CA LEU J 37 -58.01 -30.26 -18.77
C LEU J 37 -57.96 -28.75 -19.02
N GLY J 38 -56.88 -28.27 -19.65
CA GLY J 38 -56.74 -26.88 -20.00
C GLY J 38 -57.08 -26.61 -21.47
N TYR J 39 -57.69 -25.44 -21.71
CA TYR J 39 -58.00 -24.97 -23.05
C TYR J 39 -57.09 -23.78 -23.36
N SER J 40 -56.39 -23.85 -24.50
CA SER J 40 -55.64 -22.75 -25.04
C SER J 40 -56.53 -21.87 -25.90
N ALA J 41 -56.66 -20.59 -25.49
CA ALA J 41 -57.33 -19.55 -26.25
C ALA J 41 -56.33 -18.87 -27.18
N SER J 42 -56.48 -19.14 -28.48
CA SER J 42 -55.54 -18.67 -29.48
C SER J 42 -55.98 -17.31 -30.01
N PHE J 43 -55.42 -16.24 -29.43
CA PHE J 43 -55.76 -14.88 -29.80
C PHE J 43 -55.25 -14.56 -31.20
N GLU J 44 -54.25 -15.33 -31.65
CA GLU J 44 -53.69 -15.20 -32.99
C GLU J 44 -54.78 -15.45 -34.05
N GLN J 45 -55.73 -16.33 -33.75
CA GLN J 45 -56.66 -16.88 -34.74
C GLN J 45 -58.11 -16.43 -34.57
N PHE J 46 -58.57 -16.17 -33.34
CA PHE J 46 -59.98 -16.05 -33.07
C PHE J 46 -60.32 -14.71 -32.42
N HIS J 47 -61.45 -14.15 -32.88
CA HIS J 47 -62.03 -12.96 -32.30
C HIS J 47 -62.24 -13.18 -30.82
N PRO J 48 -61.89 -12.23 -29.95
CA PRO J 48 -62.08 -12.41 -28.51
C PRO J 48 -63.49 -12.65 -28.04
N SER J 49 -64.49 -12.16 -28.78
CA SER J 49 -65.88 -12.47 -28.45
C SER J 49 -66.14 -13.97 -28.59
N ASP J 50 -65.58 -14.57 -29.65
CA ASP J 50 -65.72 -16.01 -29.86
C ASP J 50 -65.01 -16.80 -28.77
N LEU J 51 -63.81 -16.33 -28.37
CA LEU J 51 -63.01 -17.04 -27.39
C LEU J 51 -63.73 -17.06 -26.05
N LEU J 52 -64.39 -15.97 -25.71
CA LEU J 52 -65.14 -15.88 -24.46
C LEU J 52 -66.25 -16.91 -24.45
N ARG J 53 -67.00 -17.02 -25.57
CA ARG J 53 -68.11 -17.93 -25.66
C ARG J 53 -67.61 -19.39 -25.58
N TRP J 54 -66.48 -19.65 -26.25
CA TRP J 54 -65.93 -21.00 -26.31
C TRP J 54 -65.37 -21.43 -24.95
N CYS J 55 -64.78 -20.48 -24.20
CA CYS J 55 -64.29 -20.79 -22.87
C CYS J 55 -65.47 -21.12 -21.95
N GLN J 56 -66.59 -20.39 -22.09
CA GLN J 56 -67.77 -20.64 -21.29
C GLN J 56 -68.32 -22.04 -21.57
N LEU J 57 -68.28 -22.44 -22.85
CA LEU J 57 -68.65 -23.79 -23.27
C LEU J 57 -67.65 -24.81 -22.71
N ALA J 58 -66.35 -24.53 -22.83
CA ALA J 58 -65.32 -25.44 -22.34
C ALA J 58 -65.50 -25.72 -20.85
N GLU J 59 -65.87 -24.70 -20.07
CA GLU J 59 -66.18 -24.89 -18.67
C GLU J 59 -67.28 -25.95 -18.53
N GLN J 60 -68.35 -25.80 -19.30
CA GLN J 60 -69.49 -26.70 -19.25
C GLN J 60 -69.06 -28.13 -19.60
N GLU J 61 -67.99 -28.29 -20.37
CA GLU J 61 -67.61 -29.58 -20.92
C GLU J 61 -66.48 -30.27 -20.15
N GLY J 62 -66.02 -29.66 -19.05
CA GLY J 62 -65.10 -30.32 -18.14
C GLY J 62 -63.69 -29.72 -18.12
N PHE J 63 -63.40 -28.74 -18.98
CA PHE J 63 -62.15 -28.00 -18.89
C PHE J 63 -62.19 -27.14 -17.63
N ASP J 64 -61.04 -26.95 -16.97
CA ASP J 64 -60.98 -26.28 -15.66
C ASP J 64 -60.16 -25.00 -15.73
N SER J 65 -59.40 -24.77 -16.81
CA SER J 65 -58.47 -23.66 -16.85
C SER J 65 -58.22 -23.21 -18.30
N VAL J 66 -57.87 -21.92 -18.45
CA VAL J 66 -57.62 -21.33 -19.74
C VAL J 66 -56.22 -20.72 -19.75
N LEU J 67 -55.46 -21.04 -20.82
CA LEU J 67 -54.21 -20.38 -21.15
C LEU J 67 -54.51 -19.44 -22.31
N ALA J 68 -54.10 -18.18 -22.16
CA ALA J 68 -54.43 -17.10 -23.09
C ALA J 68 -53.15 -16.44 -23.58
N ALA J 69 -52.94 -16.49 -24.90
CA ALA J 69 -51.77 -15.88 -25.53
C ALA J 69 -51.76 -14.36 -25.34
N ASP J 70 -50.57 -13.78 -25.20
CA ASP J 70 -50.41 -12.33 -25.10
C ASP J 70 -49.69 -11.81 -26.33
N HIS J 71 -50.46 -11.59 -27.39
CA HIS J 71 -49.88 -11.18 -28.66
C HIS J 71 -50.30 -9.76 -28.98
N PHE J 72 -49.55 -9.13 -29.88
CA PHE J 72 -49.98 -7.92 -30.57
C PHE J 72 -50.32 -8.25 -32.02
N HIS J 73 -49.51 -9.16 -32.61
CA HIS J 73 -49.67 -9.61 -33.98
C HIS J 73 -49.90 -11.12 -34.02
N PRO J 74 -50.70 -11.60 -35.00
CA PRO J 74 -50.75 -13.03 -35.30
C PRO J 74 -49.49 -13.46 -36.03
N TRP J 75 -49.26 -14.77 -36.11
CA TRP J 75 -48.12 -15.27 -36.87
C TRP J 75 -48.33 -15.00 -38.34
N THR J 76 -49.54 -15.21 -38.87
CA THR J 76 -49.81 -15.00 -40.29
C THR J 76 -51.07 -14.17 -40.45
N PRO J 77 -51.26 -13.42 -41.56
CA PRO J 77 -52.53 -12.75 -41.84
C PRO J 77 -53.73 -13.70 -41.87
N GLU J 78 -53.51 -14.94 -42.33
CA GLU J 78 -54.53 -15.98 -42.40
C GLU J 78 -55.09 -16.30 -41.01
N GLN J 79 -54.28 -16.10 -39.95
CA GLN J 79 -54.78 -16.32 -38.60
C GLN J 79 -55.66 -15.13 -38.21
N GLY J 80 -55.11 -13.93 -38.35
CA GLY J 80 -55.90 -12.73 -38.60
C GLY J 80 -56.48 -12.04 -37.38
N GLN J 81 -55.96 -12.33 -36.17
CA GLN J 81 -56.41 -11.69 -34.95
C GLN J 81 -55.26 -11.41 -33.98
N SER J 82 -55.52 -10.60 -32.93
CA SER J 82 -54.64 -10.41 -31.77
C SER J 82 -55.28 -9.45 -30.79
N GLY J 83 -56.23 -9.94 -29.99
CA GLY J 83 -56.84 -9.12 -28.97
C GLY J 83 -55.88 -8.85 -27.81
N PHE J 84 -56.16 -7.75 -27.12
CA PHE J 84 -55.44 -7.37 -25.91
C PHE J 84 -55.94 -8.26 -24.79
N VAL J 85 -55.06 -9.14 -24.32
CA VAL J 85 -55.47 -10.25 -23.48
C VAL J 85 -55.96 -9.74 -22.12
N TRP J 86 -55.37 -8.64 -21.64
CA TRP J 86 -55.61 -8.19 -20.28
C TRP J 86 -57.05 -7.74 -20.06
N ALA J 87 -57.61 -7.08 -21.07
CA ALA J 87 -59.02 -6.71 -21.01
C ALA J 87 -59.89 -7.97 -21.07
N TRP J 88 -59.53 -8.88 -21.98
CA TRP J 88 -60.33 -10.09 -22.16
C TRP J 88 -60.39 -10.91 -20.89
N LEU J 89 -59.28 -10.94 -20.11
CA LEU J 89 -59.21 -11.81 -18.95
C LEU J 89 -60.21 -11.36 -17.88
N GLY J 90 -60.49 -10.04 -17.85
CA GLY J 90 -61.49 -9.53 -16.93
C GLY J 90 -62.88 -10.08 -17.25
N ALA J 91 -63.18 -10.17 -18.54
CA ALA J 91 -64.45 -10.72 -19.00
C ALA J 91 -64.56 -12.21 -18.66
N LEU J 92 -63.46 -12.94 -18.87
CA LEU J 92 -63.46 -14.37 -18.57
C LEU J 92 -63.70 -14.56 -17.07
N GLY J 93 -62.98 -13.79 -16.27
CA GLY J 93 -63.07 -13.90 -14.83
C GLY J 93 -64.49 -13.67 -14.31
N ALA J 94 -65.17 -12.70 -14.89
CA ALA J 94 -66.48 -12.27 -14.41
C ALA J 94 -67.61 -13.14 -14.94
N THR J 95 -67.35 -14.04 -15.91
CA THR J 95 -68.44 -14.81 -16.48
C THR J 95 -68.20 -16.31 -16.34
N THR J 96 -67.08 -16.78 -15.77
CA THR J 96 -66.88 -18.21 -15.59
C THR J 96 -66.33 -18.42 -14.18
N ARG J 97 -66.08 -19.67 -13.81
CA ARG J 97 -65.36 -19.96 -12.58
C ARG J 97 -64.04 -20.64 -12.90
N LEU J 98 -63.59 -20.56 -14.15
CA LEU J 98 -62.36 -21.18 -14.61
C LEU J 98 -61.14 -20.51 -13.97
N ARG J 99 -60.06 -21.27 -13.85
CA ARG J 99 -58.75 -20.69 -13.65
C ARG J 99 -58.26 -20.18 -15.00
N PHE J 100 -57.32 -19.23 -14.98
CA PHE J 100 -56.82 -18.68 -16.24
C PHE J 100 -55.45 -18.02 -16.03
N GLY J 101 -54.67 -17.96 -17.11
CA GLY J 101 -53.37 -17.35 -17.08
C GLY J 101 -52.90 -16.84 -18.44
N THR J 102 -51.95 -15.90 -18.43
CA THR J 102 -51.24 -15.49 -19.62
C THR J 102 -50.26 -16.59 -20.02
N GLY J 103 -50.17 -16.86 -21.31
CA GLY J 103 -49.17 -17.80 -21.77
C GLY J 103 -48.56 -17.35 -23.09
N VAL J 104 -47.54 -16.48 -23.06
CA VAL J 104 -47.03 -15.83 -21.85
C VAL J 104 -46.84 -14.34 -22.12
N THR J 105 -46.80 -13.55 -21.05
CA THR J 105 -46.49 -12.13 -21.16
C THR J 105 -44.99 -11.94 -21.05
N PRO J 106 -44.35 -11.20 -21.97
CA PRO J 106 -42.98 -10.71 -21.75
C PRO J 106 -42.83 -9.38 -20.99
N PRO J 107 -42.47 -9.39 -19.69
CA PRO J 107 -42.51 -8.19 -18.86
C PRO J 107 -41.20 -7.43 -18.80
N ILE J 108 -40.60 -7.21 -19.98
CA ILE J 108 -39.21 -6.83 -20.09
C ILE J 108 -39.06 -5.47 -20.76
N GLY J 109 -40.16 -4.71 -20.85
CA GLY J 109 -40.11 -3.29 -21.10
C GLY J 109 -40.18 -2.94 -22.58
N PHE J 110 -40.69 -3.83 -23.44
CA PHE J 110 -40.99 -3.47 -24.82
C PHE J 110 -42.44 -3.02 -24.81
N ARG J 111 -43.37 -3.93 -25.06
CA ARG J 111 -44.78 -3.64 -24.90
C ARG J 111 -45.12 -3.31 -23.46
N TYR J 112 -44.47 -3.97 -22.49
CA TYR J 112 -44.95 -3.97 -21.12
C TYR J 112 -43.81 -3.77 -20.13
N HIS J 113 -43.98 -2.80 -19.23
CA HIS J 113 -43.06 -2.58 -18.13
C HIS J 113 -43.42 -3.55 -17.00
N PRO J 114 -42.42 -4.16 -16.33
CA PRO J 114 -42.70 -5.14 -15.29
C PRO J 114 -43.59 -4.64 -14.14
N ALA J 115 -43.48 -3.36 -13.81
CA ALA J 115 -44.29 -2.81 -12.73
C ALA J 115 -45.77 -2.93 -13.08
N ILE J 116 -46.11 -2.71 -14.36
CA ILE J 116 -47.49 -2.72 -14.81
C ILE J 116 -48.00 -4.15 -14.85
N VAL J 117 -47.19 -5.09 -15.34
CA VAL J 117 -47.56 -6.49 -15.32
C VAL J 117 -47.91 -6.90 -13.90
N ALA J 118 -47.12 -6.45 -12.92
CA ALA J 118 -47.38 -6.80 -11.55
C ALA J 118 -48.75 -6.27 -11.10
N GLN J 119 -49.04 -5.03 -11.45
CA GLN J 119 -50.31 -4.41 -11.09
C GLN J 119 -51.46 -5.18 -11.72
N ALA J 120 -51.30 -5.55 -13.00
CA ALA J 120 -52.36 -6.23 -13.72
C ALA J 120 -52.63 -7.59 -13.06
N ALA J 121 -51.55 -8.30 -12.73
CA ALA J 121 -51.66 -9.61 -12.11
C ALA J 121 -52.34 -9.50 -10.76
N ALA J 122 -51.93 -8.49 -9.98
CA ALA J 122 -52.45 -8.31 -8.64
C ALA J 122 -53.92 -7.94 -8.67
N THR J 123 -54.31 -7.16 -9.68
CA THR J 123 -55.70 -6.74 -9.80
C THR J 123 -56.58 -7.93 -10.16
N LEU J 124 -56.15 -8.72 -11.14
CA LEU J 124 -56.92 -9.89 -11.57
C LEU J 124 -57.12 -10.86 -10.40
N GLU J 125 -56.06 -11.13 -9.64
CA GLU J 125 -56.15 -12.10 -8.55
C GLU J 125 -56.97 -11.52 -7.39
N ALA J 126 -56.93 -10.19 -7.23
CA ALA J 126 -57.73 -9.56 -6.20
C ALA J 126 -59.22 -9.73 -6.52
N MET J 127 -59.60 -9.62 -7.80
CA MET J 127 -60.98 -9.70 -8.25
C MET J 127 -61.47 -11.16 -8.36
N PHE J 128 -60.54 -12.07 -8.65
CA PHE J 128 -60.87 -13.46 -8.92
C PHE J 128 -59.93 -14.35 -8.11
N PRO J 129 -59.98 -14.28 -6.76
CA PRO J 129 -58.98 -14.94 -5.91
C PRO J 129 -58.91 -16.45 -6.15
N GLY J 130 -57.69 -16.98 -6.22
CA GLY J 130 -57.49 -18.41 -6.40
C GLY J 130 -57.64 -18.85 -7.84
N ARG J 131 -57.75 -17.91 -8.79
CA ARG J 131 -58.07 -18.29 -10.16
C ARG J 131 -56.97 -17.89 -11.14
N PHE J 132 -56.17 -16.85 -10.83
CA PHE J 132 -55.25 -16.29 -11.83
C PHE J 132 -53.85 -16.81 -11.60
N TRP J 133 -53.14 -17.04 -12.70
CA TRP J 133 -51.71 -17.30 -12.64
C TRP J 133 -51.01 -16.49 -13.72
N LEU J 134 -49.89 -15.88 -13.34
CA LEU J 134 -49.17 -14.96 -14.20
C LEU J 134 -48.10 -15.73 -14.95
N GLY J 135 -48.29 -15.96 -16.25
CA GLY J 135 -47.30 -16.61 -17.06
C GLY J 135 -46.46 -15.60 -17.83
N ILE J 136 -45.13 -15.70 -17.69
CA ILE J 136 -44.19 -14.76 -18.28
C ILE J 136 -43.11 -15.53 -19.05
N GLY J 137 -42.42 -14.81 -19.94
CA GLY J 137 -41.39 -15.40 -20.78
C GLY J 137 -40.59 -14.30 -21.49
N ALA J 138 -39.64 -14.71 -22.32
CA ALA J 138 -38.64 -13.82 -22.88
C ALA J 138 -39.12 -13.07 -24.12
N GLY J 139 -40.33 -13.42 -24.64
CA GLY J 139 -40.95 -12.64 -25.69
C GLY J 139 -40.44 -12.98 -27.08
N GLU J 140 -41.20 -12.56 -28.12
CA GLU J 140 -40.77 -12.73 -29.50
C GLU J 140 -40.87 -11.39 -30.24
N ALA J 141 -40.05 -11.21 -31.26
CA ALA J 141 -39.95 -9.96 -32.00
C ALA J 141 -41.26 -9.65 -32.71
N LEU J 142 -41.98 -10.68 -33.14
CA LEU J 142 -43.29 -10.52 -33.76
C LEU J 142 -44.11 -9.46 -33.03
N ASN J 143 -44.05 -9.52 -31.69
CA ASN J 143 -44.87 -8.67 -30.85
C ASN J 143 -44.09 -7.44 -30.35
N GLU J 144 -42.81 -7.61 -29.98
CA GLU J 144 -42.08 -6.58 -29.25
C GLU J 144 -41.42 -5.58 -30.20
N HIS J 145 -41.26 -5.92 -31.47
CA HIS J 145 -40.53 -5.06 -32.40
C HIS J 145 -41.28 -3.77 -32.69
N ILE J 146 -42.56 -3.67 -32.30
CA ILE J 146 -43.36 -2.53 -32.72
C ILE J 146 -42.86 -1.24 -32.05
N VAL J 147 -42.16 -1.35 -30.91
CA VAL J 147 -41.74 -0.16 -30.19
C VAL J 147 -40.37 0.30 -30.66
N GLY J 148 -39.74 -0.45 -31.56
CA GLY J 148 -38.56 0.00 -32.29
C GLY J 148 -37.32 0.15 -31.43
N ARG J 149 -37.07 -0.82 -30.52
CA ARG J 149 -35.87 -0.84 -29.69
C ARG J 149 -34.97 -2.02 -30.05
N TYR J 150 -33.70 -1.97 -29.65
CA TYR J 150 -32.75 -3.06 -29.83
C TYR J 150 -33.33 -4.35 -29.27
N TRP J 151 -33.28 -5.40 -30.10
CA TRP J 151 -33.82 -6.69 -29.72
C TRP J 151 -32.65 -7.59 -29.37
N PRO J 152 -32.42 -7.89 -28.06
CA PRO J 152 -31.28 -8.69 -27.62
C PRO J 152 -31.42 -10.16 -27.96
N GLU J 153 -30.29 -10.88 -27.89
CA GLU J 153 -30.27 -12.29 -28.14
C GLU J 153 -30.99 -13.02 -27.03
N PRO J 154 -31.46 -14.27 -27.24
CA PRO J 154 -32.15 -15.02 -26.19
C PRO J 154 -31.49 -14.96 -24.80
N ALA J 155 -30.19 -15.27 -24.73
CA ALA J 155 -29.49 -15.29 -23.44
C ALA J 155 -29.65 -13.96 -22.69
N GLU J 156 -29.50 -12.84 -23.40
CA GLU J 156 -29.63 -11.53 -22.80
C GLU J 156 -31.08 -11.29 -22.37
N ARG J 157 -32.06 -11.76 -23.15
CA ARG J 157 -33.45 -11.56 -22.79
C ARG J 157 -33.81 -12.35 -21.53
N ILE J 158 -33.12 -13.48 -21.32
CA ILE J 158 -33.23 -14.23 -20.08
C ILE J 158 -32.76 -13.36 -18.91
N ARG J 159 -31.62 -12.65 -19.08
CA ARG J 159 -31.12 -11.80 -18.02
C ARG J 159 -32.15 -10.71 -17.71
N MET J 160 -32.79 -10.17 -18.75
CA MET J 160 -33.83 -9.16 -18.57
C MET J 160 -35.02 -9.75 -17.82
N LEU J 161 -35.39 -11.01 -18.15
CA LEU J 161 -36.52 -11.67 -17.51
C LEU J 161 -36.27 -11.89 -16.03
N ILE J 162 -35.05 -12.29 -15.69
CA ILE J 162 -34.70 -12.55 -14.29
C ILE J 162 -34.81 -11.25 -13.49
N GLU J 163 -34.44 -10.12 -14.10
CA GLU J 163 -34.53 -8.85 -13.40
C GLU J 163 -36.01 -8.47 -13.25
N ALA J 164 -36.81 -8.71 -14.29
CA ALA J 164 -38.22 -8.41 -14.23
C ALA J 164 -38.89 -9.22 -13.12
N ILE J 165 -38.47 -10.48 -12.96
CA ILE J 165 -39.02 -11.33 -11.92
C ILE J 165 -38.73 -10.73 -10.57
N GLU J 166 -37.55 -10.15 -10.40
CA GLU J 166 -37.19 -9.54 -9.14
C GLU J 166 -38.11 -8.36 -8.86
N VAL J 167 -38.45 -7.60 -9.90
CA VAL J 167 -39.29 -6.42 -9.75
C VAL J 167 -40.71 -6.81 -9.36
N ILE J 168 -41.26 -7.81 -10.06
CA ILE J 168 -42.62 -8.25 -9.80
C ILE J 168 -42.72 -8.77 -8.37
N GLN J 169 -41.69 -9.49 -7.93
CA GLN J 169 -41.74 -10.08 -6.61
C GLN J 169 -41.63 -9.02 -5.53
N LYS J 170 -40.85 -7.97 -5.78
CA LYS J 170 -40.76 -6.91 -4.79
C LYS J 170 -42.11 -6.23 -4.67
N LEU J 171 -42.74 -5.94 -5.81
CA LEU J 171 -44.05 -5.31 -5.80
C LEU J 171 -45.10 -6.19 -5.12
N PHE J 172 -44.96 -7.52 -5.27
CA PHE J 172 -45.92 -8.45 -4.70
C PHE J 172 -45.84 -8.47 -3.17
N THR J 173 -44.75 -7.97 -2.59
CA THR J 173 -44.62 -7.88 -1.13
C THR J 173 -45.62 -6.87 -0.56
N GLY J 174 -46.10 -5.93 -1.38
CA GLY J 174 -47.11 -4.99 -0.92
C GLY J 174 -46.53 -3.81 -0.15
N LYS J 175 -45.19 -3.71 -0.08
CA LYS J 175 -44.51 -2.59 0.55
C LYS J 175 -44.09 -1.60 -0.52
N VAL J 176 -43.62 -0.43 -0.09
CA VAL J 176 -43.05 0.54 -1.01
C VAL J 176 -41.65 0.07 -1.38
N ILE J 177 -41.38 -0.05 -2.68
CA ILE J 177 -40.12 -0.64 -3.11
C ILE J 177 -39.47 0.23 -4.18
N ARG J 178 -38.16 0.07 -4.30
CA ARG J 178 -37.34 0.74 -5.29
C ARG J 178 -36.52 -0.35 -5.97
N HIS J 179 -36.05 -0.11 -7.19
CA HIS J 179 -35.21 -1.07 -7.87
C HIS J 179 -34.30 -0.31 -8.82
N GLU J 180 -33.05 -0.75 -8.88
CA GLU J 180 -32.11 -0.22 -9.83
C GLU J 180 -31.19 -1.36 -10.25
N GLY J 181 -31.42 -1.91 -11.43
CA GLY J 181 -30.54 -2.91 -12.00
C GLY J 181 -30.07 -2.50 -13.40
N VAL J 182 -29.55 -3.45 -14.16
CA VAL J 182 -29.04 -3.15 -15.49
C VAL J 182 -30.17 -2.69 -16.42
N TYR J 183 -31.36 -3.28 -16.35
CA TYR J 183 -32.37 -3.08 -17.39
C TYR J 183 -33.51 -2.19 -16.90
N PHE J 184 -33.86 -2.20 -15.60
CA PHE J 184 -35.04 -1.51 -15.13
C PHE J 184 -34.70 -0.60 -13.95
N LYS J 185 -35.44 0.51 -13.88
CA LYS J 185 -35.42 1.42 -12.75
C LYS J 185 -36.86 1.58 -12.27
N VAL J 186 -37.05 1.34 -10.99
CA VAL J 186 -38.35 1.53 -10.39
C VAL J 186 -38.20 2.50 -9.23
N GLU J 187 -38.85 3.67 -9.35
CA GLU J 187 -38.95 4.62 -8.27
C GLU J 187 -40.02 4.16 -7.28
N SER J 188 -40.02 4.80 -6.11
CA SER J 188 -40.91 4.44 -5.00
C SER J 188 -42.28 4.04 -5.51
N ALA J 189 -42.58 2.74 -5.42
CA ALA J 189 -43.80 2.15 -5.96
C ALA J 189 -44.36 1.10 -5.01
N LYS J 190 -45.70 0.99 -5.01
CA LYS J 190 -46.42 0.05 -4.17
C LYS J 190 -47.72 -0.37 -4.83
N LEU J 191 -48.07 -1.65 -4.70
CA LEU J 191 -49.38 -2.13 -5.12
C LEU J 191 -50.35 -2.01 -3.95
N TYR J 192 -51.27 -1.05 -4.03
CA TYR J 192 -52.27 -0.84 -2.99
C TYR J 192 -53.41 -1.86 -3.12
N THR J 193 -53.68 -2.30 -4.36
CA THR J 193 -54.72 -3.28 -4.61
C THR J 193 -54.08 -4.64 -4.81
N MET J 194 -54.17 -5.49 -3.76
CA MET J 194 -53.54 -6.81 -3.74
C MET J 194 -54.55 -7.86 -3.27
N PRO J 195 -54.39 -9.14 -3.64
CA PRO J 195 -55.07 -10.23 -2.94
C PRO J 195 -54.33 -10.56 -1.64
N ASP J 196 -54.99 -11.31 -0.76
CA ASP J 196 -54.38 -11.76 0.48
C ASP J 196 -53.13 -12.57 0.17
N VAL J 197 -53.20 -13.36 -0.91
CA VAL J 197 -52.06 -14.13 -1.36
C VAL J 197 -51.79 -13.86 -2.82
N PRO J 198 -50.55 -13.53 -3.21
CA PRO J 198 -50.25 -13.12 -4.58
C PRO J 198 -50.42 -14.28 -5.54
N PRO J 199 -50.63 -14.01 -6.84
CA PRO J 199 -50.78 -15.08 -7.81
C PRO J 199 -49.39 -15.69 -8.03
N PRO J 200 -49.37 -16.97 -8.44
CA PRO J 200 -48.14 -17.61 -8.81
C PRO J 200 -47.57 -17.03 -10.08
N ILE J 201 -46.26 -16.95 -10.16
CA ILE J 201 -45.52 -16.60 -11.35
C ILE J 201 -45.06 -17.88 -12.02
N ILE J 202 -45.53 -18.08 -13.24
CA ILE J 202 -45.18 -19.24 -14.03
C ILE J 202 -44.27 -18.80 -15.17
N VAL J 203 -43.14 -19.45 -15.36
CA VAL J 203 -42.24 -19.07 -16.45
C VAL J 203 -42.44 -20.04 -17.59
N GLY J 204 -42.69 -19.48 -18.78
CA GLY J 204 -42.76 -20.24 -20.00
C GLY J 204 -41.41 -20.28 -20.69
N THR J 205 -40.77 -21.46 -20.77
CA THR J 205 -39.47 -21.59 -21.37
C THR J 205 -39.24 -23.03 -21.83
N ALA J 206 -38.36 -23.18 -22.84
CA ALA J 206 -37.93 -24.52 -23.23
C ALA J 206 -36.45 -24.70 -22.99
N GLY J 207 -35.84 -23.82 -22.19
CA GLY J 207 -34.39 -23.81 -21.96
C GLY J 207 -34.00 -24.43 -20.63
N PRO J 208 -33.07 -25.40 -20.58
CA PRO J 208 -32.65 -26.00 -19.31
C PRO J 208 -32.19 -25.01 -18.23
N TYR J 209 -31.48 -23.96 -18.65
CA TYR J 209 -30.97 -22.96 -17.74
C TYR J 209 -32.15 -22.24 -17.11
N MET J 210 -33.09 -21.75 -17.94
CA MET J 210 -34.17 -20.93 -17.42
C MET J 210 -35.15 -21.78 -16.59
N ALA J 211 -35.25 -23.09 -16.91
CA ALA J 211 -36.07 -23.99 -16.11
C ALA J 211 -35.55 -24.05 -14.68
N LYS J 212 -34.23 -24.17 -14.50
CA LYS J 212 -33.63 -24.20 -13.18
C LYS J 212 -33.90 -22.87 -12.46
N LYS J 213 -33.79 -21.76 -13.18
CA LYS J 213 -33.97 -20.46 -12.58
C LYS J 213 -35.43 -20.28 -12.19
N THR J 214 -36.34 -20.93 -12.96
CA THR J 214 -37.76 -20.81 -12.67
C THR J 214 -38.05 -21.47 -11.33
N GLY J 215 -37.45 -22.64 -11.08
CA GLY J 215 -37.66 -23.34 -9.84
C GLY J 215 -37.08 -22.56 -8.68
N GLN J 216 -35.96 -21.88 -8.95
CA GLN J 216 -35.26 -21.14 -7.92
C GLN J 216 -36.00 -19.86 -7.54
N LEU J 217 -36.62 -19.17 -8.52
CA LEU J 217 -37.09 -17.80 -8.34
C LEU J 217 -38.61 -17.68 -8.33
N CYS J 218 -39.33 -18.62 -8.94
CA CYS J 218 -40.75 -18.46 -9.23
C CYS J 218 -41.54 -19.63 -8.68
N ASP J 219 -42.78 -19.81 -9.17
CA ASP J 219 -43.71 -20.72 -8.55
C ASP J 219 -44.00 -21.95 -9.40
N GLY J 220 -43.83 -21.88 -10.71
CA GLY J 220 -44.17 -22.99 -11.59
C GLY J 220 -43.58 -22.83 -12.98
N LEU J 221 -43.59 -23.94 -13.72
CA LEU J 221 -42.99 -24.01 -15.04
C LEU J 221 -44.07 -24.30 -16.09
N LEU J 222 -43.95 -23.63 -17.24
CA LEU J 222 -44.77 -23.90 -18.40
C LEU J 222 -43.86 -24.11 -19.59
N THR J 223 -44.05 -25.22 -20.30
CA THR J 223 -43.17 -25.57 -21.39
C THR J 223 -44.02 -25.98 -22.59
N PRO J 224 -43.52 -25.83 -23.82
CA PRO J 224 -44.18 -26.40 -25.00
C PRO J 224 -43.88 -27.89 -25.14
N GLY J 225 -44.65 -28.56 -26.02
CA GLY J 225 -44.39 -29.96 -26.36
C GLY J 225 -43.01 -30.13 -26.97
N ALA J 226 -42.40 -31.27 -26.73
CA ALA J 226 -41.09 -31.63 -27.23
C ALA J 226 -40.88 -33.11 -26.95
N ASN J 227 -39.78 -33.72 -27.43
CA ASN J 227 -39.63 -35.15 -27.18
C ASN J 227 -39.50 -35.42 -25.67
N ASP J 228 -39.64 -36.68 -25.28
CA ASP J 228 -39.63 -37.09 -23.90
C ASP J 228 -38.34 -36.68 -23.20
N GLU J 229 -37.19 -36.91 -23.86
CA GLU J 229 -35.88 -36.69 -23.27
C GLU J 229 -35.74 -35.24 -22.83
N LYS J 230 -36.22 -34.32 -23.67
CA LYS J 230 -36.05 -32.90 -23.45
C LYS J 230 -37.05 -32.39 -22.40
N LEU J 231 -38.25 -32.97 -22.36
CA LEU J 231 -39.24 -32.64 -21.35
C LEU J 231 -38.77 -33.12 -19.98
N ARG J 232 -38.17 -34.31 -19.96
CA ARG J 232 -37.78 -34.91 -18.70
C ARG J 232 -36.63 -34.10 -18.11
N LEU J 233 -35.80 -33.53 -18.98
CA LEU J 233 -34.67 -32.70 -18.57
C LEU J 233 -35.17 -31.37 -17.98
N LEU J 234 -36.16 -30.76 -18.63
CA LEU J 234 -36.73 -29.49 -18.17
C LEU J 234 -37.39 -29.68 -16.79
N LEU J 235 -38.19 -30.75 -16.63
CA LEU J 235 -38.86 -30.98 -15.36
C LEU J 235 -37.81 -31.17 -14.25
N SER J 236 -36.79 -31.92 -14.61
CA SER J 236 -35.74 -32.31 -13.70
C SER J 236 -34.96 -31.08 -13.22
N ARG J 237 -34.62 -30.19 -14.16
CA ARG J 237 -33.91 -28.96 -13.85
C ARG J 237 -34.73 -28.00 -13.00
N PHE J 238 -36.03 -27.89 -13.30
CA PHE J 238 -36.95 -27.08 -12.53
C PHE J 238 -36.98 -27.58 -11.09
N GLU J 239 -37.05 -28.92 -10.93
CA GLU J 239 -37.20 -29.47 -9.60
C GLU J 239 -35.92 -29.20 -8.81
N GLU J 240 -34.74 -29.40 -9.41
CA GLU J 240 -33.52 -29.28 -8.65
C GLU J 240 -33.19 -27.81 -8.40
N GLY J 241 -33.67 -26.92 -9.25
CA GLY J 241 -33.56 -25.48 -8.97
C GLY J 241 -34.33 -25.08 -7.72
N ALA J 242 -35.53 -25.65 -7.56
CA ALA J 242 -36.40 -25.34 -6.45
C ALA J 242 -35.80 -25.86 -5.14
N ARG J 243 -35.33 -27.12 -5.17
CA ARG J 243 -34.72 -27.71 -4.00
C ARG J 243 -33.48 -26.92 -3.60
N ALA J 244 -32.63 -26.56 -4.57
CA ALA J 244 -31.41 -25.82 -4.29
C ALA J 244 -31.74 -24.54 -3.53
N ALA J 245 -32.91 -23.97 -3.75
CA ALA J 245 -33.30 -22.72 -3.11
C ALA J 245 -34.21 -22.97 -1.90
N GLY J 246 -34.34 -24.22 -1.46
CA GLY J 246 -35.03 -24.52 -0.22
C GLY J 246 -36.54 -24.69 -0.36
N LYS J 247 -37.08 -24.72 -1.59
CA LYS J 247 -38.51 -24.85 -1.81
C LYS J 247 -38.90 -26.31 -2.04
N ASP J 248 -40.22 -26.58 -1.98
CA ASP J 248 -40.77 -27.93 -2.11
C ASP J 248 -41.40 -28.11 -3.48
N PRO J 249 -40.72 -28.78 -4.43
CA PRO J 249 -41.22 -28.87 -5.81
C PRO J 249 -42.43 -29.78 -6.00
N ARG J 250 -42.76 -30.54 -4.95
CA ARG J 250 -43.90 -31.43 -4.96
C ARG J 250 -45.20 -30.59 -4.91
N ARG J 251 -45.10 -29.34 -4.41
CA ARG J 251 -46.25 -28.44 -4.37
C ARG J 251 -46.18 -27.38 -5.48
N MET J 252 -45.30 -27.53 -6.47
CA MET J 252 -45.14 -26.51 -7.50
C MET J 252 -45.59 -27.04 -8.87
N PRO J 253 -46.50 -26.33 -9.56
CA PRO J 253 -47.06 -26.82 -10.82
C PRO J 253 -46.07 -26.96 -11.97
N ARG J 254 -46.30 -28.02 -12.75
CA ARG J 254 -45.52 -28.35 -13.93
C ARG J 254 -46.46 -28.48 -15.12
N MET J 255 -46.46 -27.46 -15.99
CA MET J 255 -47.52 -27.26 -16.96
C MET J 255 -46.93 -27.38 -18.35
N ILE J 256 -47.73 -27.92 -19.29
CA ILE J 256 -47.31 -28.05 -20.67
C ILE J 256 -48.43 -27.54 -21.58
N GLN J 257 -48.04 -26.87 -22.67
CA GLN J 257 -48.96 -26.42 -23.69
C GLN J 257 -48.67 -27.19 -24.97
N VAL J 258 -49.70 -27.85 -25.53
CA VAL J 258 -49.52 -28.64 -26.74
C VAL J 258 -50.45 -28.14 -27.85
N HIS J 259 -50.01 -28.38 -29.08
CA HIS J 259 -50.83 -28.08 -30.25
C HIS J 259 -51.26 -29.39 -30.88
N VAL J 260 -52.57 -29.53 -31.07
CA VAL J 260 -53.13 -30.70 -31.75
C VAL J 260 -54.05 -30.22 -32.87
N SER J 261 -54.33 -31.13 -33.79
CA SER J 261 -55.35 -30.91 -34.80
C SER J 261 -56.31 -32.09 -34.74
N TRP J 262 -57.52 -31.83 -34.22
CA TRP J 262 -58.62 -32.76 -34.34
C TRP J 262 -59.60 -32.24 -35.39
N ALA J 263 -60.12 -33.19 -36.17
CA ALA J 263 -61.21 -32.93 -37.09
C ALA J 263 -61.94 -34.24 -37.38
N GLU J 264 -62.90 -34.17 -38.29
CA GLU J 264 -63.77 -35.27 -38.62
C GLU J 264 -62.99 -36.39 -39.29
N THR J 265 -62.01 -36.06 -40.13
CA THR J 265 -61.13 -37.06 -40.73
C THR J 265 -59.68 -36.64 -40.59
N ASP J 266 -58.77 -37.58 -40.78
CA ASP J 266 -57.35 -37.32 -40.75
C ASP J 266 -57.01 -36.29 -41.82
N GLU J 267 -57.67 -36.35 -42.97
CA GLU J 267 -57.40 -35.40 -44.04
C GLU J 267 -57.66 -33.97 -43.59
N GLN J 268 -58.85 -33.68 -43.02
CA GLN J 268 -59.14 -32.32 -42.63
C GLN J 268 -58.22 -31.89 -41.48
N ALA J 269 -57.79 -32.84 -40.63
CA ALA J 269 -56.92 -32.55 -39.51
C ALA J 269 -55.55 -32.06 -39.99
N ILE J 270 -55.02 -32.72 -41.02
CA ILE J 270 -53.75 -32.35 -41.63
C ILE J 270 -53.86 -30.99 -42.32
N GLU J 271 -54.89 -30.77 -43.15
CA GLU J 271 -55.03 -29.51 -43.87
C GLU J 271 -55.27 -28.36 -42.90
N ASN J 272 -56.03 -28.60 -41.82
CA ASN J 272 -56.28 -27.58 -40.83
C ASN J 272 -54.96 -27.06 -40.27
N ALA J 273 -54.04 -27.98 -39.93
CA ALA J 273 -52.76 -27.63 -39.35
C ALA J 273 -51.94 -26.85 -40.36
N LEU J 274 -51.99 -27.29 -41.62
CA LEU J 274 -51.15 -26.74 -42.66
C LEU J 274 -51.58 -25.32 -42.98
N ARG J 275 -52.89 -25.04 -42.98
CA ARG J 275 -53.40 -23.74 -43.38
C ARG J 275 -53.44 -22.78 -42.21
N GLU J 276 -53.74 -23.26 -41.00
CA GLU J 276 -54.04 -22.38 -39.87
C GLU J 276 -52.84 -22.16 -38.95
N TRP J 277 -51.89 -23.11 -38.94
CA TRP J 277 -50.80 -23.13 -37.96
C TRP J 277 -49.53 -23.63 -38.63
N PRO J 278 -49.09 -23.02 -39.77
CA PRO J 278 -47.87 -23.47 -40.44
C PRO J 278 -46.65 -23.26 -39.56
N ASN J 279 -46.70 -22.29 -38.63
CA ASN J 279 -45.61 -22.06 -37.69
C ASN J 279 -45.33 -23.32 -36.86
N GLY J 280 -46.32 -24.18 -36.70
CA GLY J 280 -46.13 -25.46 -36.05
C GLY J 280 -45.20 -26.41 -36.82
N GLY J 281 -44.94 -26.16 -38.11
CA GLY J 281 -44.05 -27.00 -38.91
C GLY J 281 -42.69 -26.34 -39.13
N MET J 282 -42.48 -25.25 -38.40
CA MET J 282 -41.25 -24.49 -38.48
C MET J 282 -40.40 -24.88 -37.27
N ALA J 283 -39.62 -25.94 -37.46
CA ALA J 283 -38.79 -26.53 -36.40
C ALA J 283 -37.49 -25.74 -36.27
N PHE J 284 -37.61 -24.49 -35.79
CA PHE J 284 -36.47 -23.59 -35.78
C PHE J 284 -36.85 -22.38 -34.95
N PRO J 285 -35.87 -21.62 -34.41
CA PRO J 285 -36.20 -20.54 -33.48
C PRO J 285 -36.87 -19.39 -34.25
N LYS J 286 -37.98 -18.86 -33.70
CA LYS J 286 -38.80 -17.92 -34.45
C LYS J 286 -38.87 -16.55 -33.80
N GLY J 287 -38.05 -16.31 -32.78
CA GLY J 287 -38.20 -15.13 -31.95
C GLY J 287 -37.55 -13.86 -32.52
N ASP J 288 -36.91 -13.93 -33.70
CA ASP J 288 -36.26 -12.80 -34.32
C ASP J 288 -37.05 -12.24 -35.51
N ILE J 289 -38.04 -13.00 -35.99
CA ILE J 289 -38.81 -12.66 -37.18
C ILE J 289 -39.90 -11.64 -36.81
N ARG J 290 -39.93 -10.51 -37.54
CA ARG J 290 -40.68 -9.34 -37.11
C ARG J 290 -42.14 -9.34 -37.57
N ASN J 291 -42.41 -9.81 -38.79
CA ASN J 291 -43.70 -9.52 -39.40
C ASN J 291 -44.53 -10.75 -39.69
N PRO J 292 -45.86 -10.64 -39.58
CA PRO J 292 -46.75 -11.70 -40.04
C PRO J 292 -46.49 -12.08 -41.50
N GLU J 293 -46.18 -11.07 -42.32
CA GLU J 293 -45.97 -11.26 -43.75
C GLU J 293 -44.73 -12.13 -43.97
N ASP J 294 -43.76 -12.05 -43.07
CA ASP J 294 -42.57 -12.90 -43.12
C ASP J 294 -42.93 -14.37 -42.86
N PHE J 295 -43.69 -14.64 -41.79
CA PHE J 295 -44.10 -16.00 -41.49
C PHE J 295 -44.94 -16.57 -42.63
N GLN J 296 -45.84 -15.75 -43.16
CA GLN J 296 -46.73 -16.16 -44.23
C GLN J 296 -45.94 -16.60 -45.45
N ALA J 297 -44.86 -15.86 -45.79
CA ALA J 297 -44.03 -16.23 -46.92
C ALA J 297 -43.25 -17.53 -46.62
N MET J 298 -42.79 -17.70 -45.37
CA MET J 298 -42.07 -18.91 -44.97
C MET J 298 -42.98 -20.12 -44.96
N ALA J 299 -44.28 -19.89 -44.74
CA ALA J 299 -45.27 -20.96 -44.63
C ALA J 299 -45.39 -21.72 -45.95
N ARG J 300 -45.11 -21.03 -47.07
CA ARG J 300 -45.20 -21.64 -48.39
C ARG J 300 -44.26 -22.86 -48.47
N LEU J 301 -43.26 -22.98 -47.61
CA LEU J 301 -42.33 -24.10 -47.61
C LEU J 301 -42.86 -25.31 -46.82
N VAL J 302 -43.80 -25.08 -45.90
CA VAL J 302 -44.16 -26.06 -44.90
C VAL J 302 -44.98 -27.17 -45.55
N ARG J 303 -44.74 -28.42 -45.15
CA ARG J 303 -45.40 -29.60 -45.70
CA ARG J 303 -45.40 -29.60 -45.70
C ARG J 303 -45.90 -30.48 -44.55
N PRO J 304 -46.84 -31.43 -44.78
CA PRO J 304 -47.35 -32.26 -43.68
C PRO J 304 -46.31 -33.02 -42.86
N GLU J 305 -45.21 -33.45 -43.52
CA GLU J 305 -44.13 -34.20 -42.90
CA GLU J 305 -44.13 -34.21 -42.88
C GLU J 305 -43.48 -33.41 -41.75
N HIS J 306 -43.40 -32.06 -41.87
CA HIS J 306 -42.67 -31.21 -40.94
C HIS J 306 -43.36 -31.09 -39.58
N PHE J 307 -44.53 -31.73 -39.43
CA PHE J 307 -45.32 -31.63 -38.21
C PHE J 307 -45.16 -32.86 -37.32
N GLN J 308 -44.60 -33.97 -37.84
CA GLN J 308 -44.52 -35.19 -37.04
C GLN J 308 -43.68 -34.93 -35.78
N GLY J 309 -44.10 -35.51 -34.64
CA GLY J 309 -43.47 -35.27 -33.36
C GLY J 309 -43.96 -33.96 -32.72
N ARG J 310 -44.41 -33.01 -33.57
CA ARG J 310 -44.55 -31.63 -33.13
C ARG J 310 -46.02 -31.24 -32.99
N VAL J 311 -46.91 -31.77 -33.86
CA VAL J 311 -48.35 -31.50 -33.75
C VAL J 311 -49.07 -32.79 -34.12
N LEU J 312 -49.90 -33.26 -33.18
CA LEU J 312 -50.68 -34.47 -33.40
C LEU J 312 -51.85 -34.14 -34.33
N MET J 313 -51.94 -34.85 -35.46
CA MET J 313 -52.93 -34.56 -36.49
C MET J 313 -53.72 -35.85 -36.76
N THR J 314 -54.90 -36.00 -36.13
CA THR J 314 -55.69 -37.21 -36.30
C THR J 314 -57.11 -36.98 -35.80
N SER J 315 -58.05 -37.75 -36.36
CA SER J 315 -59.44 -37.74 -35.94
C SER J 315 -59.71 -38.78 -34.86
N ASP J 316 -58.74 -39.63 -34.58
CA ASP J 316 -58.87 -40.71 -33.61
C ASP J 316 -58.70 -40.13 -32.20
N LEU J 317 -59.82 -40.01 -31.46
CA LEU J 317 -59.83 -39.35 -30.16
C LEU J 317 -59.17 -40.24 -29.09
N ASP J 318 -59.12 -41.55 -29.32
CA ASP J 318 -58.34 -42.45 -28.48
C ASP J 318 -56.88 -42.03 -28.50
N ARG J 319 -56.39 -41.70 -29.69
CA ARG J 319 -54.98 -41.42 -29.89
C ARG J 319 -54.65 -40.07 -29.25
N HIS J 320 -55.59 -39.12 -29.32
CA HIS J 320 -55.52 -37.89 -28.55
C HIS J 320 -55.38 -38.18 -27.06
N GLY J 321 -56.22 -39.07 -26.52
CA GLY J 321 -56.20 -39.38 -25.10
C GLY J 321 -54.87 -40.00 -24.66
N GLU J 322 -54.32 -40.90 -25.49
CA GLU J 322 -53.07 -41.59 -25.17
C GLU J 322 -51.92 -40.59 -25.17
N PHE J 323 -51.93 -39.67 -26.12
CA PHE J 323 -50.93 -38.63 -26.21
C PHE J 323 -50.91 -37.79 -24.93
N LEU J 324 -52.10 -37.39 -24.47
CA LEU J 324 -52.23 -36.54 -23.31
C LEU J 324 -51.88 -37.31 -22.03
N GLN J 325 -52.30 -38.56 -21.92
CA GLN J 325 -52.04 -39.38 -20.75
C GLN J 325 -50.52 -39.56 -20.55
N HIS J 326 -49.82 -39.72 -21.67
CA HIS J 326 -48.37 -39.90 -21.68
C HIS J 326 -47.70 -38.70 -21.00
N LEU J 327 -48.19 -37.49 -21.28
CA LEU J 327 -47.64 -36.27 -20.72
C LEU J 327 -47.91 -36.24 -19.21
N ILE J 328 -49.07 -36.73 -18.78
CA ILE J 328 -49.37 -36.76 -17.36
C ILE J 328 -48.35 -37.65 -16.66
N ASP J 329 -48.05 -38.77 -17.34
CA ASP J 329 -47.17 -39.82 -16.82
C ASP J 329 -45.73 -39.30 -16.74
N LEU J 330 -45.33 -38.40 -17.65
CA LEU J 330 -44.01 -37.79 -17.57
C LEU J 330 -43.87 -36.93 -16.30
N GLY J 331 -44.99 -36.43 -15.77
CA GLY J 331 -45.01 -35.68 -14.51
C GLY J 331 -45.59 -34.27 -14.65
N PHE J 332 -46.26 -33.99 -15.77
CA PHE J 332 -46.98 -32.75 -15.89
C PHE J 332 -48.27 -32.84 -15.08
N THR J 333 -48.57 -31.75 -14.36
CA THR J 333 -49.73 -31.65 -13.50
C THR J 333 -50.84 -30.84 -14.16
N GLU J 334 -50.53 -30.16 -15.26
CA GLU J 334 -51.54 -29.43 -16.02
C GLU J 334 -51.18 -29.52 -17.50
N ILE J 335 -52.20 -29.69 -18.34
CA ILE J 335 -51.99 -29.64 -19.78
C ILE J 335 -52.98 -28.65 -20.37
N TYR J 336 -52.49 -27.79 -21.26
CA TYR J 336 -53.32 -26.85 -21.98
C TYR J 336 -53.28 -27.23 -23.46
N VAL J 337 -54.47 -27.41 -24.03
CA VAL J 337 -54.57 -27.94 -25.39
C VAL J 337 -55.06 -26.85 -26.34
N HIS J 338 -54.28 -26.64 -27.41
CA HIS J 338 -54.65 -25.77 -28.50
C HIS J 338 -55.00 -26.64 -29.70
N ASN J 339 -56.28 -26.65 -30.08
CA ASN J 339 -56.68 -27.21 -31.36
C ASN J 339 -56.43 -26.13 -32.42
N VAL J 340 -55.73 -26.50 -33.50
CA VAL J 340 -55.29 -25.50 -34.45
C VAL J 340 -56.38 -25.18 -35.48
N GLY J 341 -57.33 -26.09 -35.67
CA GLY J 341 -58.41 -25.86 -36.61
C GLY J 341 -59.40 -24.82 -36.11
N ARG J 342 -60.23 -24.30 -37.03
CA ARG J 342 -61.24 -23.32 -36.69
C ARG J 342 -62.49 -23.99 -36.15
N ASN J 343 -62.49 -25.32 -36.10
CA ASN J 343 -63.61 -26.11 -35.60
C ASN J 343 -63.54 -26.20 -34.07
N GLN J 344 -63.56 -25.04 -33.41
CA GLN J 344 -63.29 -24.95 -31.99
C GLN J 344 -64.43 -25.57 -31.17
N GLU J 345 -65.68 -25.28 -31.57
CA GLU J 345 -66.82 -25.76 -30.81
C GLU J 345 -66.91 -27.28 -30.86
N GLU J 346 -66.71 -27.86 -32.04
CA GLU J 346 -66.82 -29.31 -32.23
CA GLU J 346 -66.82 -29.30 -32.21
C GLU J 346 -65.70 -29.98 -31.43
N PHE J 347 -64.52 -29.36 -31.45
CA PHE J 347 -63.36 -29.86 -30.74
C PHE J 347 -63.60 -29.91 -29.23
N ILE J 348 -64.13 -28.83 -28.68
CA ILE J 348 -64.41 -28.76 -27.24
C ILE J 348 -65.42 -29.83 -26.85
N ARG J 349 -66.49 -30.01 -27.64
CA ARG J 349 -67.50 -31.01 -27.33
C ARG J 349 -66.93 -32.41 -27.45
N ALA J 350 -66.07 -32.63 -28.46
CA ALA J 350 -65.49 -33.94 -28.71
C ALA J 350 -64.56 -34.35 -27.56
N TYR J 351 -63.70 -33.43 -27.11
CA TYR J 351 -62.80 -33.69 -25.99
C TYR J 351 -63.63 -33.89 -24.71
N GLY J 352 -64.70 -33.10 -24.53
CA GLY J 352 -65.54 -33.21 -23.35
C GLY J 352 -66.17 -34.60 -23.19
N ARG J 353 -66.57 -35.22 -24.30
CA ARG J 353 -67.23 -36.51 -24.30
C ARG J 353 -66.18 -37.63 -24.25
N ALA J 354 -65.17 -37.59 -25.12
CA ALA J 354 -64.33 -38.75 -25.41
C ALA J 354 -62.97 -38.71 -24.70
N VAL J 355 -62.46 -37.54 -24.30
CA VAL J 355 -61.08 -37.43 -23.83
C VAL J 355 -61.02 -37.11 -22.34
N ILE J 356 -61.54 -35.95 -21.95
CA ILE J 356 -61.37 -35.43 -20.59
C ILE J 356 -61.81 -36.48 -19.55
N PRO J 357 -62.96 -37.15 -19.72
CA PRO J 357 -63.39 -38.12 -18.72
C PRO J 357 -62.48 -39.34 -18.57
N HIS J 358 -61.61 -39.61 -19.54
CA HIS J 358 -60.79 -40.82 -19.51
C HIS J 358 -59.35 -40.52 -19.07
N LEU J 359 -59.01 -39.25 -18.78
CA LEU J 359 -57.66 -38.90 -18.35
C LEU J 359 -57.50 -39.15 -16.85
N ARG J 360 -56.44 -39.87 -16.47
CA ARG J 360 -56.17 -40.19 -15.08
C ARG J 360 -55.12 -39.19 -14.53
N TRP J 361 -55.58 -38.24 -13.70
CA TRP J 361 -54.71 -37.30 -13.01
C TRP J 361 -54.38 -37.79 -11.61
N PRO J 362 -53.12 -37.72 -11.14
CA PRO J 362 -52.82 -38.00 -9.72
C PRO J 362 -53.61 -37.04 -8.83
N ALA J 363 -54.18 -37.56 -7.74
CA ALA J 363 -54.94 -36.75 -6.81
C ALA J 363 -54.03 -35.74 -6.12
N ASP J 364 -54.59 -34.55 -5.79
CA ASP J 364 -53.86 -33.49 -5.10
C ASP J 364 -52.59 -33.11 -5.86
N ALA J 365 -52.62 -33.16 -7.20
CA ALA J 365 -51.49 -32.67 -7.97
C ALA J 365 -51.51 -31.15 -7.90
N PRO J 366 -50.36 -30.48 -7.79
CA PRO J 366 -50.33 -29.01 -7.73
C PRO J 366 -50.72 -28.34 -9.04
N VAL J 367 -51.39 -27.20 -8.91
CA VAL J 367 -52.04 -26.53 -10.00
C VAL J 367 -51.81 -25.03 -9.79
N ALA J 368 -51.80 -24.26 -10.89
CA ALA J 368 -51.43 -22.84 -10.82
C ALA J 368 -52.54 -22.04 -10.15
N GLN J 369 -52.27 -21.64 -8.90
CA GLN J 369 -53.28 -21.13 -7.98
C GLN J 369 -52.63 -20.70 -6.67
N ALA J 370 -53.24 -19.76 -5.95
CA ALA J 370 -52.56 -19.10 -4.85
C ALA J 370 -52.33 -20.06 -3.67
N MET K 30 -90.17 15.70 -17.15
CA MET K 30 -88.86 15.89 -16.47
C MET K 30 -87.71 15.69 -17.48
N GLY K 31 -87.86 16.08 -18.77
CA GLY K 31 -86.72 16.10 -19.69
C GLY K 31 -87.06 15.70 -21.14
N ARG K 32 -86.47 16.42 -22.11
CA ARG K 32 -86.68 16.19 -23.54
C ARG K 32 -86.06 14.85 -23.94
N GLY K 33 -84.86 14.54 -23.43
CA GLY K 33 -84.21 13.25 -23.69
C GLY K 33 -84.35 12.28 -22.51
N SER K 34 -83.99 11.00 -22.73
CA SER K 34 -84.01 9.95 -21.72
C SER K 34 -83.23 10.33 -20.46
N SER K 35 -83.71 9.85 -19.30
CA SER K 35 -83.01 9.99 -18.04
C SER K 35 -81.66 9.24 -18.06
N ARG K 36 -80.60 9.92 -17.62
CA ARG K 36 -79.28 9.32 -17.62
C ARG K 36 -78.32 10.14 -16.76
N LEU K 37 -77.20 9.51 -16.37
CA LEU K 37 -76.10 10.18 -15.69
C LEU K 37 -74.90 9.24 -15.69
N GLY K 38 -73.71 9.83 -15.50
CA GLY K 38 -72.49 9.05 -15.44
C GLY K 38 -72.02 8.81 -14.00
N TYR K 39 -71.45 7.63 -13.77
CA TYR K 39 -70.86 7.27 -12.49
C TYR K 39 -69.35 7.21 -12.66
N SER K 40 -68.63 7.93 -11.78
CA SER K 40 -67.19 7.84 -11.68
C SER K 40 -66.80 6.72 -10.75
N ALA K 41 -66.04 5.75 -11.29
CA ALA K 41 -65.42 4.68 -10.53
C ALA K 41 -64.04 5.13 -10.06
N SER K 42 -63.93 5.35 -8.75
CA SER K 42 -62.70 5.85 -8.15
C SER K 42 -61.81 4.68 -7.74
N PHE K 43 -60.87 4.32 -8.61
CA PHE K 43 -59.94 3.21 -8.36
C PHE K 43 -58.97 3.57 -7.24
N GLU K 44 -58.79 4.88 -7.01
CA GLU K 44 -57.94 5.39 -5.95
C GLU K 44 -58.43 4.90 -4.59
N GLN K 45 -59.76 4.73 -4.44
CA GLN K 45 -60.40 4.54 -3.15
C GLN K 45 -60.98 3.15 -2.93
N PHE K 46 -61.45 2.47 -3.98
CA PHE K 46 -62.29 1.29 -3.79
C PHE K 46 -61.71 0.06 -4.47
N HIS K 47 -61.84 -1.07 -3.78
CA HIS K 47 -61.49 -2.38 -4.31
C HIS K 47 -62.25 -2.58 -5.61
N PRO K 48 -61.58 -3.08 -6.67
CA PRO K 48 -62.27 -3.28 -7.97
C PRO K 48 -63.48 -4.22 -7.95
N SER K 49 -63.49 -5.18 -7.03
CA SER K 49 -64.67 -6.04 -6.89
C SER K 49 -65.87 -5.24 -6.44
N ASP K 50 -65.65 -4.29 -5.52
CA ASP K 50 -66.72 -3.41 -5.05
C ASP K 50 -67.22 -2.53 -6.20
N LEU K 51 -66.29 -1.99 -6.99
CA LEU K 51 -66.63 -1.06 -8.05
C LEU K 51 -67.49 -1.76 -9.10
N LEU K 52 -67.18 -3.03 -9.38
CA LEU K 52 -67.95 -3.81 -10.33
C LEU K 52 -69.39 -3.97 -9.85
N ARG K 53 -69.56 -4.30 -8.57
CA ARG K 53 -70.88 -4.52 -7.99
C ARG K 53 -71.66 -3.21 -8.01
N TRP K 54 -70.98 -2.10 -7.69
CA TRP K 54 -71.63 -0.80 -7.61
C TRP K 54 -72.04 -0.31 -9.00
N CYS K 55 -71.22 -0.59 -10.02
CA CYS K 55 -71.58 -0.22 -11.38
C CYS K 55 -72.82 -1.00 -11.84
N GLN K 56 -72.89 -2.29 -11.48
CA GLN K 56 -74.05 -3.11 -11.80
C GLN K 56 -75.32 -2.54 -11.16
N LEU K 57 -75.18 -2.07 -9.92
CA LEU K 57 -76.27 -1.40 -9.22
C LEU K 57 -76.60 -0.07 -9.88
N ALA K 58 -75.57 0.72 -10.22
CA ALA K 58 -75.77 2.02 -10.85
C ALA K 58 -76.56 1.88 -12.15
N GLU K 59 -76.27 0.83 -12.92
CA GLU K 59 -77.05 0.55 -14.13
C GLU K 59 -78.53 0.41 -13.76
N GLN K 60 -78.81 -0.39 -12.73
CA GLN K 60 -80.17 -0.65 -12.28
C GLN K 60 -80.86 0.66 -11.88
N GLU K 61 -80.10 1.67 -11.45
CA GLU K 61 -80.66 2.87 -10.85
C GLU K 61 -80.72 4.06 -11.81
N GLY K 62 -80.34 3.87 -13.07
CA GLY K 62 -80.57 4.88 -14.09
C GLY K 62 -79.30 5.51 -14.64
N PHE K 63 -78.13 5.18 -14.09
CA PHE K 63 -76.86 5.62 -14.66
C PHE K 63 -76.67 4.87 -15.98
N ASP K 64 -76.04 5.52 -16.98
CA ASP K 64 -75.92 4.96 -18.32
C ASP K 64 -74.46 4.71 -18.72
N SER K 65 -73.50 5.27 -17.95
CA SER K 65 -72.10 5.22 -18.37
C SER K 65 -71.18 5.30 -17.16
N VAL K 66 -69.97 4.75 -17.33
CA VAL K 66 -68.97 4.70 -16.28
C VAL K 66 -67.68 5.34 -16.80
N LEU K 67 -67.14 6.26 -15.98
CA LEU K 67 -65.79 6.80 -16.16
C LEU K 67 -64.92 6.13 -15.13
N ALA K 68 -63.79 5.59 -15.58
CA ALA K 68 -62.91 4.77 -14.76
C ALA K 68 -61.50 5.34 -14.79
N ALA K 69 -61.02 5.71 -13.60
CA ALA K 69 -59.67 6.26 -13.45
C ALA K 69 -58.61 5.23 -13.86
N ASP K 70 -57.51 5.72 -14.43
CA ASP K 70 -56.39 4.88 -14.81
C ASP K 70 -55.19 5.24 -13.93
N HIS K 71 -55.14 4.67 -12.74
CA HIS K 71 -54.10 5.00 -11.78
C HIS K 71 -53.20 3.78 -11.57
N PHE K 72 -51.99 4.06 -11.08
CA PHE K 72 -51.12 3.04 -10.50
C PHE K 72 -51.10 3.22 -8.98
N HIS K 73 -51.10 4.49 -8.54
CA HIS K 73 -51.10 4.85 -7.13
C HIS K 73 -52.34 5.67 -6.78
N PRO K 74 -52.86 5.54 -5.56
CA PRO K 74 -53.86 6.48 -5.05
C PRO K 74 -53.18 7.79 -4.67
N TRP K 75 -53.98 8.84 -4.47
CA TRP K 75 -53.44 10.11 -4.03
C TRP K 75 -52.85 9.97 -2.62
N THR K 76 -53.60 9.30 -1.74
CA THR K 76 -53.15 9.16 -0.35
C THR K 76 -53.24 7.69 0.04
N PRO K 77 -52.43 7.21 1.01
CA PRO K 77 -52.61 5.87 1.56
C PRO K 77 -54.01 5.60 2.11
N GLU K 78 -54.64 6.63 2.68
CA GLU K 78 -55.99 6.56 3.24
C GLU K 78 -57.01 6.18 2.16
N GLN K 79 -56.73 6.50 0.90
CA GLN K 79 -57.63 6.09 -0.18
C GLN K 79 -57.39 4.61 -0.47
N GLY K 80 -56.14 4.24 -0.69
CA GLY K 80 -55.64 2.90 -0.38
C GLY K 80 -55.85 1.86 -1.47
N GLN K 81 -56.14 2.26 -2.72
CA GLN K 81 -56.35 1.32 -3.82
C GLN K 81 -55.77 1.87 -5.13
N SER K 82 -55.64 0.99 -6.15
CA SER K 82 -55.36 1.36 -7.54
C SER K 82 -55.32 0.12 -8.42
N GLY K 83 -56.50 -0.38 -8.80
CA GLY K 83 -56.59 -1.50 -9.70
C GLY K 83 -56.16 -1.14 -11.13
N PHE K 84 -55.73 -2.17 -11.86
CA PHE K 84 -55.42 -2.04 -13.27
C PHE K 84 -56.73 -1.98 -14.05
N VAL K 85 -57.00 -0.81 -14.62
CA VAL K 85 -58.34 -0.48 -15.08
C VAL K 85 -58.69 -1.35 -16.29
N TRP K 86 -57.69 -1.70 -17.11
CA TRP K 86 -57.97 -2.33 -18.40
C TRP K 86 -58.55 -3.73 -18.21
N ALA K 87 -58.06 -4.46 -17.21
CA ALA K 87 -58.64 -5.75 -16.90
C ALA K 87 -60.04 -5.56 -16.34
N TRP K 88 -60.22 -4.59 -15.45
CA TRP K 88 -61.52 -4.36 -14.84
C TRP K 88 -62.59 -4.04 -15.89
N LEU K 89 -62.20 -3.30 -16.94
CA LEU K 89 -63.18 -2.84 -17.93
C LEU K 89 -63.76 -4.02 -18.71
N GLY K 90 -62.98 -5.08 -18.86
CA GLY K 90 -63.45 -6.29 -19.50
C GLY K 90 -64.59 -6.92 -18.67
N ALA K 91 -64.43 -6.92 -17.35
CA ALA K 91 -65.45 -7.43 -16.46
C ALA K 91 -66.73 -6.57 -16.52
N LEU K 92 -66.55 -5.24 -16.55
CA LEU K 92 -67.68 -4.34 -16.62
C LEU K 92 -68.44 -4.59 -17.93
N GLY K 93 -67.69 -4.69 -19.03
CA GLY K 93 -68.27 -4.85 -20.36
C GLY K 93 -69.12 -6.13 -20.43
N ALA K 94 -68.63 -7.20 -19.81
CA ALA K 94 -69.25 -8.51 -19.93
C ALA K 94 -70.39 -8.70 -18.93
N THR K 95 -70.62 -7.79 -17.98
CA THR K 95 -71.65 -8.00 -16.99
C THR K 95 -72.66 -6.84 -16.95
N THR K 96 -72.51 -5.80 -17.76
CA THR K 96 -73.49 -4.73 -17.80
C THR K 96 -73.75 -4.38 -19.26
N ARG K 97 -74.66 -3.44 -19.49
CA ARG K 97 -74.84 -2.87 -20.83
C ARG K 97 -74.44 -1.39 -20.84
N LEU K 98 -73.72 -0.94 -19.81
CA LEU K 98 -73.30 0.45 -19.68
C LEU K 98 -72.29 0.80 -20.77
N ARG K 99 -72.24 2.10 -21.12
CA ARG K 99 -71.08 2.66 -21.80
C ARG K 99 -69.99 2.85 -20.74
N PHE K 100 -68.73 2.92 -21.19
CA PHE K 100 -67.64 3.10 -20.25
C PHE K 100 -66.42 3.67 -20.97
N GLY K 101 -65.58 4.36 -20.19
CA GLY K 101 -64.35 4.92 -20.72
C GLY K 101 -63.29 5.12 -19.65
N THR K 102 -62.04 5.21 -20.10
CA THR K 102 -60.93 5.61 -19.26
C THR K 102 -61.03 7.11 -19.01
N GLY K 103 -60.77 7.53 -17.79
CA GLY K 103 -60.73 8.96 -17.52
C GLY K 103 -59.63 9.31 -16.54
N VAL K 104 -58.38 9.46 -17.02
CA VAL K 104 -57.98 9.24 -18.39
C VAL K 104 -56.68 8.44 -18.42
N THR K 105 -56.40 7.80 -19.56
CA THR K 105 -55.16 7.10 -19.77
C THR K 105 -54.14 8.06 -20.36
N PRO K 106 -52.91 8.14 -19.81
CA PRO K 106 -51.79 8.78 -20.51
C PRO K 106 -50.98 7.91 -21.46
N PRO K 107 -51.18 7.99 -22.80
CA PRO K 107 -50.56 7.06 -23.74
C PRO K 107 -49.22 7.53 -24.31
N ILE K 108 -48.34 7.98 -23.42
CA ILE K 108 -47.17 8.78 -23.82
C ILE K 108 -45.87 8.06 -23.44
N GLY K 109 -45.96 6.78 -23.09
CA GLY K 109 -44.80 5.90 -23.09
C GLY K 109 -44.12 5.81 -21.73
N PHE K 110 -44.81 6.14 -20.64
CA PHE K 110 -44.28 5.87 -19.31
C PHE K 110 -44.82 4.50 -18.93
N ARG K 111 -45.96 4.47 -18.24
CA ARG K 111 -46.68 3.23 -18.01
C ARG K 111 -47.11 2.55 -19.30
N TYR K 112 -47.50 3.34 -20.30
CA TYR K 112 -48.21 2.81 -21.45
C TYR K 112 -47.70 3.38 -22.77
N HIS K 113 -47.35 2.50 -23.69
CA HIS K 113 -46.96 2.88 -25.04
C HIS K 113 -48.23 3.08 -25.85
N PRO K 114 -48.31 4.12 -26.71
CA PRO K 114 -49.53 4.39 -27.45
C PRO K 114 -50.03 3.24 -28.32
N ALA K 115 -49.11 2.43 -28.86
CA ALA K 115 -49.51 1.31 -29.69
C ALA K 115 -50.39 0.35 -28.90
N ILE K 116 -50.04 0.14 -27.62
CA ILE K 116 -50.73 -0.80 -26.76
C ILE K 116 -52.09 -0.24 -26.37
N VAL K 117 -52.14 1.05 -26.02
CA VAL K 117 -53.41 1.70 -25.72
C VAL K 117 -54.37 1.51 -26.90
N ALA K 118 -53.86 1.65 -28.13
CA ALA K 118 -54.70 1.50 -29.30
C ALA K 118 -55.28 0.09 -29.38
N GLN K 119 -54.42 -0.91 -29.14
CA GLN K 119 -54.85 -2.29 -29.18
C GLN K 119 -55.90 -2.55 -28.11
N ALA K 120 -55.69 -2.00 -26.92
CA ALA K 120 -56.61 -2.19 -25.81
C ALA K 120 -57.97 -1.60 -26.16
N ALA K 121 -57.96 -0.40 -26.71
CA ALA K 121 -59.17 0.31 -27.07
C ALA K 121 -59.92 -0.47 -28.16
N ALA K 122 -59.18 -0.94 -29.16
CA ALA K 122 -59.74 -1.64 -30.28
C ALA K 122 -60.35 -2.97 -29.83
N THR K 123 -59.71 -3.63 -28.87
CA THR K 123 -60.20 -4.91 -28.38
C THR K 123 -61.50 -4.69 -27.60
N LEU K 124 -61.52 -3.70 -26.71
CA LEU K 124 -62.70 -3.43 -25.91
C LEU K 124 -63.90 -3.11 -26.80
N GLU K 125 -63.70 -2.26 -27.82
CA GLU K 125 -64.80 -1.83 -28.66
C GLU K 125 -65.22 -2.98 -29.58
N ALA K 126 -64.27 -3.86 -29.93
CA ALA K 126 -64.62 -5.01 -30.75
C ALA K 126 -65.57 -5.93 -29.98
N MET K 127 -65.32 -6.11 -28.67
CA MET K 127 -66.07 -7.03 -27.81
C MET K 127 -67.38 -6.40 -27.33
N PHE K 128 -67.41 -5.07 -27.22
CA PHE K 128 -68.54 -4.35 -26.65
C PHE K 128 -68.88 -3.18 -27.57
N PRO K 129 -69.25 -3.45 -28.84
CA PRO K 129 -69.40 -2.39 -29.85
C PRO K 129 -70.40 -1.30 -29.43
N GLY K 130 -70.03 -0.04 -29.65
CA GLY K 130 -70.90 1.08 -29.34
C GLY K 130 -70.86 1.46 -27.86
N ARG K 131 -69.95 0.87 -27.08
CA ARG K 131 -70.00 1.07 -25.63
C ARG K 131 -68.73 1.73 -25.09
N PHE K 132 -67.59 1.60 -25.79
CA PHE K 132 -66.32 2.08 -25.24
C PHE K 132 -65.96 3.44 -25.81
N TRP K 133 -65.35 4.27 -24.97
CA TRP K 133 -64.73 5.50 -25.43
C TRP K 133 -63.37 5.63 -24.76
N LEU K 134 -62.37 6.03 -25.56
CA LEU K 134 -61.00 6.08 -25.09
C LEU K 134 -60.69 7.49 -24.60
N GLY K 135 -60.58 7.65 -23.28
CA GLY K 135 -60.22 8.94 -22.71
C GLY K 135 -58.73 8.99 -22.39
N ILE K 136 -58.04 10.02 -22.93
CA ILE K 136 -56.61 10.16 -22.81
C ILE K 136 -56.28 11.57 -22.29
N GLY K 137 -55.05 11.72 -21.75
CA GLY K 137 -54.58 12.95 -21.13
C GLY K 137 -53.08 12.90 -20.92
N ALA K 138 -52.50 13.98 -20.39
CA ALA K 138 -51.06 14.16 -20.34
C ALA K 138 -50.39 13.49 -19.14
N GLY K 139 -51.21 12.94 -18.22
CA GLY K 139 -50.72 12.10 -17.14
C GLY K 139 -50.20 12.91 -15.94
N GLU K 140 -50.02 12.24 -14.80
CA GLU K 140 -49.46 12.84 -13.59
C GLU K 140 -48.32 11.97 -13.07
N ALA K 141 -47.36 12.61 -12.39
CA ALA K 141 -46.15 11.92 -11.93
C ALA K 141 -46.48 10.85 -10.91
N LEU K 142 -47.54 11.07 -10.13
CA LEU K 142 -48.00 10.09 -9.15
C LEU K 142 -47.96 8.69 -9.75
N ASN K 143 -48.38 8.58 -11.01
CA ASN K 143 -48.53 7.30 -11.67
C ASN K 143 -47.33 6.99 -12.56
N GLU K 144 -46.80 7.99 -13.29
CA GLU K 144 -45.84 7.73 -14.35
C GLU K 144 -44.40 7.66 -13.83
N HIS K 145 -44.15 8.19 -12.64
CA HIS K 145 -42.78 8.32 -12.16
C HIS K 145 -42.16 6.95 -11.85
N ILE K 146 -42.98 5.88 -11.79
CA ILE K 146 -42.48 4.62 -11.27
C ILE K 146 -41.47 4.02 -12.25
N VAL K 147 -41.49 4.41 -13.53
CA VAL K 147 -40.62 3.79 -14.51
C VAL K 147 -39.28 4.52 -14.60
N GLY K 148 -39.15 5.63 -13.84
CA GLY K 148 -37.85 6.24 -13.57
C GLY K 148 -37.25 6.92 -14.81
N ARG K 149 -38.09 7.64 -15.58
CA ARG K 149 -37.67 8.43 -16.72
C ARG K 149 -37.87 9.92 -16.44
N TYR K 150 -37.22 10.75 -17.26
CA TYR K 150 -37.39 12.20 -17.24
C TYR K 150 -38.87 12.56 -17.36
N TRP K 151 -39.32 13.42 -16.45
CA TRP K 151 -40.71 13.85 -16.45
C TRP K 151 -40.76 15.26 -17.02
N PRO K 152 -41.25 15.44 -18.27
CA PRO K 152 -41.30 16.76 -18.93
C PRO K 152 -42.35 17.67 -18.34
N GLU K 153 -42.22 18.96 -18.67
CA GLU K 153 -43.17 19.95 -18.16
C GLU K 153 -44.49 19.79 -18.90
N PRO K 154 -45.62 20.30 -18.34
CA PRO K 154 -46.93 20.16 -19.00
C PRO K 154 -46.96 20.40 -20.51
N ALA K 155 -46.44 21.54 -20.96
CA ALA K 155 -46.48 21.89 -22.37
C ALA K 155 -45.82 20.81 -23.22
N GLU K 156 -44.68 20.29 -22.77
CA GLU K 156 -43.98 19.23 -23.51
C GLU K 156 -44.81 17.95 -23.52
N ARG K 157 -45.48 17.63 -22.42
CA ARG K 157 -46.28 16.42 -22.36
C ARG K 157 -47.49 16.52 -23.28
N ILE K 158 -47.99 17.76 -23.51
CA ILE K 158 -49.01 18.00 -24.51
C ILE K 158 -48.47 17.62 -25.88
N ARG K 159 -47.23 18.01 -26.21
CA ARG K 159 -46.64 17.69 -27.50
C ARG K 159 -46.55 16.17 -27.64
N MET K 160 -46.20 15.47 -26.55
CA MET K 160 -46.14 14.01 -26.55
C MET K 160 -47.54 13.43 -26.79
N LEU K 161 -48.57 14.03 -26.17
CA LEU K 161 -49.95 13.56 -26.30
C LEU K 161 -50.43 13.69 -27.74
N ILE K 162 -50.10 14.80 -28.38
CA ILE K 162 -50.53 15.04 -29.74
C ILE K 162 -49.92 14.00 -30.68
N GLU K 163 -48.66 13.63 -30.42
CA GLU K 163 -48.02 12.63 -31.24
C GLU K 163 -48.66 11.26 -30.97
N ALA K 164 -48.98 10.97 -29.71
CA ALA K 164 -49.61 9.72 -29.36
C ALA K 164 -50.96 9.60 -30.06
N ILE K 165 -51.69 10.71 -30.16
CA ILE K 165 -52.99 10.72 -30.83
C ILE K 165 -52.79 10.32 -32.29
N GLU K 166 -51.71 10.80 -32.89
CA GLU K 166 -51.46 10.48 -34.28
C GLU K 166 -51.19 8.98 -34.43
N VAL K 167 -50.50 8.38 -33.45
CA VAL K 167 -50.17 6.97 -33.51
C VAL K 167 -51.42 6.11 -33.36
N ILE K 168 -52.27 6.45 -32.41
CA ILE K 168 -53.49 5.69 -32.16
C ILE K 168 -54.37 5.75 -33.41
N GLN K 169 -54.43 6.92 -34.04
CA GLN K 169 -55.30 7.09 -35.17
C GLN K 169 -54.77 6.31 -36.38
N LYS K 170 -53.45 6.24 -36.55
CA LYS K 170 -52.91 5.46 -37.65
C LYS K 170 -53.26 3.99 -37.44
N LEU K 171 -53.08 3.51 -36.21
CA LEU K 171 -53.37 2.12 -35.92
C LEU K 171 -54.87 1.82 -36.12
N PHE K 172 -55.73 2.80 -35.82
CA PHE K 172 -57.16 2.63 -35.92
C PHE K 172 -57.60 2.49 -37.39
N THR K 173 -56.77 2.87 -38.35
CA THR K 173 -57.06 2.69 -39.77
C THR K 173 -57.11 1.22 -40.14
N GLY K 174 -56.45 0.35 -39.36
CA GLY K 174 -56.50 -1.07 -39.64
C GLY K 174 -55.52 -1.53 -40.72
N LYS K 175 -54.67 -0.63 -41.20
CA LYS K 175 -53.62 -0.95 -42.14
C LYS K 175 -52.30 -1.13 -41.38
N VAL K 176 -51.29 -1.62 -42.10
CA VAL K 176 -49.94 -1.71 -41.57
C VAL K 176 -49.35 -0.31 -41.58
N ILE K 177 -48.87 0.16 -40.43
CA ILE K 177 -48.40 1.54 -40.32
C ILE K 177 -47.02 1.56 -39.67
N ARG K 178 -46.30 2.64 -39.97
CA ARG K 178 -45.00 2.94 -39.37
C ARG K 178 -45.11 4.36 -38.85
N HIS K 179 -44.34 4.72 -37.83
CA HIS K 179 -44.35 6.07 -37.33
C HIS K 179 -42.95 6.40 -36.81
N GLU K 180 -42.52 7.61 -37.12
CA GLU K 180 -41.26 8.10 -36.60
C GLU K 180 -41.42 9.59 -36.36
N GLY K 181 -41.61 9.98 -35.10
CA GLY K 181 -41.68 11.38 -34.74
C GLY K 181 -40.68 11.70 -33.64
N VAL K 182 -40.85 12.84 -32.98
CA VAL K 182 -39.91 13.24 -31.93
C VAL K 182 -39.91 12.24 -30.77
N TYR K 183 -41.08 11.74 -30.36
CA TYR K 183 -41.19 11.02 -29.11
C TYR K 183 -41.37 9.52 -29.30
N PHE K 184 -41.98 9.07 -30.41
CA PHE K 184 -42.32 7.67 -30.56
C PHE K 184 -41.81 7.12 -31.88
N LYS K 185 -41.45 5.83 -31.83
CA LYS K 185 -41.06 5.07 -33.00
C LYS K 185 -41.93 3.81 -33.02
N VAL K 186 -42.61 3.60 -34.15
CA VAL K 186 -43.44 2.42 -34.33
C VAL K 186 -42.99 1.74 -35.60
N GLU K 187 -42.49 0.51 -35.46
CA GLU K 187 -42.17 -0.36 -36.59
C GLU K 187 -43.46 -0.97 -37.14
N SER K 188 -43.37 -1.56 -38.33
CA SER K 188 -44.52 -2.14 -39.03
C SER K 188 -45.49 -2.81 -38.05
N ALA K 189 -46.64 -2.16 -37.86
CA ALA K 189 -47.65 -2.61 -36.90
C ALA K 189 -49.06 -2.48 -37.47
N LYS K 190 -49.92 -3.42 -37.07
CA LYS K 190 -51.31 -3.44 -37.50
C LYS K 190 -52.21 -4.04 -36.43
N LEU K 191 -53.40 -3.46 -36.25
CA LEU K 191 -54.41 -4.05 -35.39
C LEU K 191 -55.27 -5.01 -36.21
N TYR K 192 -55.10 -6.31 -35.96
CA TYR K 192 -55.87 -7.34 -36.65
C TYR K 192 -57.26 -7.47 -36.01
N THR K 193 -57.36 -7.21 -34.70
CA THR K 193 -58.64 -7.24 -33.99
C THR K 193 -59.17 -5.80 -33.85
N MET K 194 -60.16 -5.44 -34.67
CA MET K 194 -60.76 -4.12 -34.70
C MET K 194 -62.28 -4.22 -34.68
N PRO K 195 -63.01 -3.18 -34.21
CA PRO K 195 -64.44 -3.08 -34.49
C PRO K 195 -64.65 -2.52 -35.90
N ASP K 196 -65.89 -2.62 -36.38
CA ASP K 196 -66.23 -2.08 -37.68
C ASP K 196 -65.98 -0.57 -37.69
N VAL K 197 -66.27 0.07 -36.55
CA VAL K 197 -66.02 1.49 -36.41
C VAL K 197 -65.23 1.73 -35.12
N PRO K 198 -64.11 2.49 -35.19
CA PRO K 198 -63.23 2.67 -34.04
C PRO K 198 -63.90 3.47 -32.92
N PRO K 199 -63.46 3.31 -31.66
CA PRO K 199 -64.06 4.06 -30.56
C PRO K 199 -63.60 5.52 -30.67
N PRO K 200 -64.41 6.44 -30.16
CA PRO K 200 -64.04 7.86 -30.16
C PRO K 200 -62.90 8.10 -29.18
N ILE K 201 -62.04 9.05 -29.54
CA ILE K 201 -60.97 9.50 -28.67
C ILE K 201 -61.41 10.78 -27.97
N ILE K 202 -61.46 10.72 -26.65
CA ILE K 202 -61.87 11.84 -25.82
C ILE K 202 -60.62 12.37 -25.09
N VAL K 203 -60.36 13.67 -25.15
CA VAL K 203 -59.21 14.20 -24.44
C VAL K 203 -59.68 14.84 -23.14
N GLY K 204 -59.05 14.43 -22.05
CA GLY K 204 -59.28 15.04 -20.74
C GLY K 204 -58.26 16.13 -20.48
N THR K 205 -58.73 17.39 -20.39
CA THR K 205 -57.84 18.53 -20.20
C THR K 205 -58.61 19.69 -19.59
N ALA K 206 -57.87 20.55 -18.88
CA ALA K 206 -58.43 21.80 -18.39
C ALA K 206 -57.72 22.99 -19.01
N GLY K 207 -56.96 22.76 -20.08
CA GLY K 207 -56.14 23.79 -20.71
C GLY K 207 -56.75 24.30 -22.01
N PRO K 208 -56.93 25.63 -22.17
CA PRO K 208 -57.50 26.18 -23.42
C PRO K 208 -56.81 25.74 -24.70
N TYR K 209 -55.48 25.60 -24.66
CA TYR K 209 -54.74 25.21 -25.86
C TYR K 209 -55.15 23.79 -26.25
N MET K 210 -55.12 22.87 -25.28
CA MET K 210 -55.37 21.47 -25.60
C MET K 210 -56.84 21.25 -25.93
N ALA K 211 -57.73 22.08 -25.38
CA ALA K 211 -59.14 22.01 -25.72
C ALA K 211 -59.34 22.27 -27.22
N LYS K 212 -58.66 23.29 -27.76
CA LYS K 212 -58.75 23.60 -29.18
C LYS K 212 -58.21 22.42 -29.99
N LYS K 213 -57.11 21.84 -29.55
CA LYS K 213 -56.48 20.76 -30.28
C LYS K 213 -57.37 19.52 -30.22
N THR K 214 -58.14 19.38 -29.13
CA THR K 214 -59.03 18.25 -28.98
C THR K 214 -60.13 18.32 -30.04
N GLY K 215 -60.68 19.52 -30.24
CA GLY K 215 -61.72 19.72 -31.23
C GLY K 215 -61.18 19.47 -32.63
N GLN K 216 -59.94 19.86 -32.83
CA GLN K 216 -59.30 19.76 -34.13
C GLN K 216 -58.97 18.32 -34.49
N LEU K 217 -58.52 17.52 -33.52
CA LEU K 217 -57.84 16.25 -33.80
C LEU K 217 -58.67 15.04 -33.38
N CYS K 218 -59.57 15.20 -32.40
CA CYS K 218 -60.20 14.07 -31.74
C CYS K 218 -61.72 14.22 -31.81
N ASP K 219 -62.43 13.47 -30.96
CA ASP K 219 -63.87 13.28 -31.13
C ASP K 219 -64.68 13.98 -30.04
N GLY K 220 -64.09 14.20 -28.86
CA GLY K 220 -64.81 14.83 -27.78
C GLY K 220 -63.89 15.29 -26.65
N LEU K 221 -64.47 16.10 -25.77
CA LEU K 221 -63.76 16.75 -24.68
C LEU K 221 -64.29 16.27 -23.34
N LEU K 222 -63.35 16.04 -22.40
CA LEU K 222 -63.69 15.77 -21.02
C LEU K 222 -62.91 16.72 -20.13
N THR K 223 -63.60 17.41 -19.23
CA THR K 223 -62.98 18.44 -18.42
C THR K 223 -63.44 18.28 -16.98
N PRO K 224 -62.65 18.72 -15.98
CA PRO K 224 -63.13 18.74 -14.60
C PRO K 224 -63.98 19.96 -14.32
N GLY K 225 -64.66 19.96 -13.16
CA GLY K 225 -65.46 21.08 -12.71
C GLY K 225 -64.58 22.32 -12.53
N ALA K 226 -65.18 23.48 -12.76
CA ALA K 226 -64.53 24.76 -12.61
C ALA K 226 -65.61 25.82 -12.67
N ASN K 227 -65.28 27.09 -12.44
CA ASN K 227 -66.30 28.13 -12.51
C ASN K 227 -66.84 28.22 -13.94
N ASP K 228 -67.97 28.91 -14.09
CA ASP K 228 -68.68 29.02 -15.34
C ASP K 228 -67.78 29.61 -16.43
N GLU K 229 -67.08 30.69 -16.10
CA GLU K 229 -66.29 31.44 -17.05
C GLU K 229 -65.23 30.55 -17.70
N LYS K 230 -64.60 29.71 -16.90
CA LYS K 230 -63.49 28.89 -17.35
C LYS K 230 -64.00 27.67 -18.12
N LEU K 231 -65.18 27.15 -17.75
CA LEU K 231 -65.82 26.07 -18.50
C LEU K 231 -66.26 26.59 -19.86
N ARG K 232 -66.79 27.79 -19.88
CA ARG K 232 -67.35 28.33 -21.10
C ARG K 232 -66.22 28.62 -22.06
N LEU K 233 -65.02 28.94 -21.55
CA LEU K 233 -63.85 29.18 -22.37
C LEU K 233 -63.35 27.87 -22.99
N LEU K 234 -63.32 26.79 -22.20
CA LEU K 234 -62.90 25.49 -22.70
C LEU K 234 -63.87 24.99 -23.77
N LEU K 235 -65.17 25.09 -23.55
CA LEU K 235 -66.17 24.65 -24.52
C LEU K 235 -65.99 25.43 -25.81
N SER K 236 -65.77 26.74 -25.65
CA SER K 236 -65.66 27.67 -26.74
C SER K 236 -64.44 27.33 -27.60
N ARG K 237 -63.31 27.06 -26.96
CA ARG K 237 -62.08 26.68 -27.65
C ARG K 237 -62.20 25.35 -28.37
N PHE K 238 -62.84 24.38 -27.72
CA PHE K 238 -63.10 23.07 -28.32
C PHE K 238 -63.94 23.25 -29.57
N GLU K 239 -64.97 24.10 -29.48
CA GLU K 239 -65.88 24.31 -30.59
C GLU K 239 -65.13 24.93 -31.76
N GLU K 240 -64.32 25.96 -31.51
CA GLU K 240 -63.71 26.67 -32.62
C GLU K 240 -62.56 25.85 -33.20
N GLY K 241 -61.96 24.96 -32.40
CA GLY K 241 -60.98 24.03 -32.92
C GLY K 241 -61.60 23.07 -33.95
N ALA K 242 -62.80 22.58 -33.62
CA ALA K 242 -63.51 21.62 -34.46
C ALA K 242 -63.95 22.27 -35.76
N ARG K 243 -64.53 23.49 -35.66
CA ARG K 243 -64.95 24.21 -36.85
C ARG K 243 -63.75 24.49 -37.74
N ALA K 244 -62.64 24.94 -37.17
CA ALA K 244 -61.45 25.25 -37.95
C ALA K 244 -61.01 24.03 -38.77
N ALA K 245 -61.29 22.82 -38.27
CA ALA K 245 -60.90 21.61 -38.95
C ALA K 245 -62.05 21.00 -39.75
N GLY K 246 -63.16 21.73 -39.92
CA GLY K 246 -64.23 21.33 -40.81
C GLY K 246 -65.25 20.38 -40.19
N LYS K 247 -65.20 20.17 -38.87
CA LYS K 247 -66.12 19.27 -38.18
C LYS K 247 -67.31 20.05 -37.63
N ASP K 248 -68.39 19.34 -37.28
CA ASP K 248 -69.60 19.92 -36.69
C ASP K 248 -69.60 19.68 -35.18
N PRO K 249 -69.27 20.69 -34.36
CA PRO K 249 -69.09 20.48 -32.93
C PRO K 249 -70.38 20.23 -32.15
N ARG K 250 -71.51 20.45 -32.81
CA ARG K 250 -72.81 20.23 -32.19
C ARG K 250 -73.08 18.74 -32.11
N ARG K 251 -72.38 17.93 -32.90
CA ARG K 251 -72.50 16.48 -32.85
C ARG K 251 -71.29 15.84 -32.15
N MET K 252 -70.50 16.60 -31.41
CA MET K 252 -69.32 16.07 -30.71
C MET K 252 -69.54 16.19 -29.20
N PRO K 253 -69.32 15.11 -28.43
CA PRO K 253 -69.63 15.13 -26.99
C PRO K 253 -68.75 16.09 -26.18
N ARG K 254 -69.41 16.69 -25.18
CA ARG K 254 -68.82 17.64 -24.26
C ARG K 254 -69.09 17.17 -22.84
N MET K 255 -68.05 16.62 -22.20
CA MET K 255 -68.25 15.82 -21.00
C MET K 255 -67.54 16.50 -19.85
N ILE K 256 -68.11 16.38 -18.65
CA ILE K 256 -67.53 16.96 -17.45
C ILE K 256 -67.54 15.91 -16.33
N GLN K 257 -66.47 15.92 -15.53
CA GLN K 257 -66.36 15.09 -14.35
C GLN K 257 -66.38 15.98 -13.13
N VAL K 258 -67.29 15.70 -12.18
CA VAL K 258 -67.40 16.48 -10.96
C VAL K 258 -67.22 15.60 -9.73
N HIS K 259 -66.73 16.22 -8.66
CA HIS K 259 -66.59 15.54 -7.38
C HIS K 259 -67.61 16.18 -6.42
N VAL K 260 -68.44 15.32 -5.82
CA VAL K 260 -69.43 15.76 -4.86
C VAL K 260 -69.32 14.90 -3.60
N SER K 261 -69.86 15.39 -2.50
CA SER K 261 -69.99 14.61 -1.28
C SER K 261 -71.45 14.66 -0.85
N TRP K 262 -72.13 13.52 -1.00
CA TRP K 262 -73.44 13.32 -0.43
C TRP K 262 -73.33 12.39 0.76
N ALA K 263 -74.11 12.71 1.79
CA ALA K 263 -74.27 11.84 2.95
C ALA K 263 -75.59 12.18 3.63
N GLU K 264 -75.83 11.51 4.75
CA GLU K 264 -77.08 11.62 5.49
C GLU K 264 -77.23 13.03 6.07
N THR K 265 -76.13 13.64 6.52
CA THR K 265 -76.16 15.03 6.99
C THR K 265 -75.02 15.84 6.36
N ASP K 266 -75.16 17.15 6.43
CA ASP K 266 -74.14 18.06 5.94
C ASP K 266 -72.83 17.79 6.67
N GLU K 267 -72.91 17.47 7.97
CA GLU K 267 -71.71 17.22 8.75
C GLU K 267 -70.92 16.04 8.18
N GLN K 268 -71.56 14.88 7.95
CA GLN K 268 -70.83 13.73 7.46
C GLN K 268 -70.33 13.99 6.03
N ALA K 269 -71.07 14.81 5.26
CA ALA K 269 -70.69 15.12 3.90
C ALA K 269 -69.36 15.90 3.86
N ILE K 270 -69.23 16.88 4.77
CA ILE K 270 -68.02 17.67 4.88
C ILE K 270 -66.85 16.81 5.35
N GLU K 271 -67.04 16.01 6.41
CA GLU K 271 -65.94 15.20 6.94
C GLU K 271 -65.52 14.13 5.94
N ASN K 272 -66.48 13.58 5.19
CA ASN K 272 -66.18 12.59 4.18
C ASN K 272 -65.20 13.17 3.15
N ALA K 273 -65.46 14.39 2.70
CA ALA K 273 -64.62 15.05 1.71
C ALA K 273 -63.24 15.30 2.28
N LEU K 274 -63.20 15.73 3.54
CA LEU K 274 -61.96 16.13 4.18
C LEU K 274 -61.06 14.92 4.37
N ARG K 275 -61.63 13.77 4.75
CA ARG K 275 -60.84 12.59 5.07
C ARG K 275 -60.52 11.77 3.82
N GLU K 276 -61.44 11.70 2.85
CA GLU K 276 -61.32 10.76 1.75
C GLU K 276 -60.73 11.38 0.48
N TRP K 277 -60.88 12.70 0.31
CA TRP K 277 -60.54 13.39 -0.93
C TRP K 277 -59.92 14.75 -0.63
N PRO K 278 -58.86 14.82 0.22
CA PRO K 278 -58.22 16.09 0.52
C PRO K 278 -57.61 16.76 -0.72
N ASN K 279 -57.23 15.94 -1.70
CA ASN K 279 -56.70 16.47 -2.96
C ASN K 279 -57.72 17.39 -3.65
N GLY K 280 -59.00 17.21 -3.34
CA GLY K 280 -60.03 18.12 -3.83
C GLY K 280 -59.93 19.53 -3.25
N GLY K 281 -59.16 19.72 -2.16
CA GLY K 281 -58.98 21.03 -1.56
C GLY K 281 -57.63 21.65 -1.92
N MET K 282 -56.92 20.98 -2.83
CA MET K 282 -55.59 21.39 -3.22
C MET K 282 -55.70 22.09 -4.57
N ALA K 283 -55.98 23.40 -4.51
CA ALA K 283 -56.21 24.22 -5.68
C ALA K 283 -54.88 24.63 -6.31
N PHE K 284 -54.16 23.67 -6.88
CA PHE K 284 -52.80 23.93 -7.35
C PHE K 284 -52.34 22.78 -8.21
N PRO K 285 -51.32 22.95 -9.07
CA PRO K 285 -50.92 21.90 -10.00
C PRO K 285 -50.37 20.68 -9.25
N LYS K 286 -50.85 19.48 -9.60
CA LYS K 286 -50.52 18.29 -8.82
C LYS K 286 -49.72 17.27 -9.63
N GLY K 287 -49.34 17.61 -10.86
CA GLY K 287 -48.81 16.65 -11.79
C GLY K 287 -47.33 16.38 -11.65
N ASP K 288 -46.63 17.07 -10.72
CA ASP K 288 -45.20 16.84 -10.51
C ASP K 288 -44.91 16.04 -9.23
N ILE K 289 -45.91 15.90 -8.35
CA ILE K 289 -45.76 15.26 -7.05
C ILE K 289 -45.79 13.74 -7.22
N ARG K 290 -44.74 13.07 -6.69
CA ARG K 290 -44.48 11.68 -7.03
C ARG K 290 -45.20 10.68 -6.13
N ASN K 291 -45.30 10.97 -4.83
CA ASN K 291 -45.66 9.91 -3.90
C ASN K 291 -46.99 10.17 -3.19
N PRO K 292 -47.73 9.08 -2.89
CA PRO K 292 -48.91 9.20 -2.03
C PRO K 292 -48.57 9.85 -0.68
N GLU K 293 -47.38 9.52 -0.16
CA GLU K 293 -46.95 10.00 1.15
C GLU K 293 -46.78 11.53 1.12
N ASP K 294 -46.42 12.06 -0.06
CA ASP K 294 -46.31 13.50 -0.26
C ASP K 294 -47.69 14.17 -0.16
N PHE K 295 -48.68 13.64 -0.89
CA PHE K 295 -50.02 14.20 -0.85
C PHE K 295 -50.58 14.11 0.57
N GLN K 296 -50.35 12.98 1.23
CA GLN K 296 -50.85 12.75 2.57
C GLN K 296 -50.32 13.81 3.53
N ALA K 297 -49.03 14.15 3.41
CA ALA K 297 -48.45 15.20 4.24
C ALA K 297 -49.03 16.58 3.90
N MET K 298 -49.28 16.85 2.61
CA MET K 298 -49.88 18.11 2.17
C MET K 298 -51.32 18.22 2.66
N ALA K 299 -51.99 17.08 2.83
CA ALA K 299 -53.39 17.02 3.22
C ALA K 299 -53.58 17.59 4.61
N ARG K 300 -52.56 17.52 5.46
CA ARG K 300 -52.61 18.06 6.81
C ARG K 300 -52.93 19.56 6.78
N LEU K 301 -52.71 20.26 5.67
CA LEU K 301 -53.02 21.68 5.55
C LEU K 301 -54.48 21.94 5.19
N VAL K 302 -55.16 20.95 4.57
CA VAL K 302 -56.44 21.16 3.93
C VAL K 302 -57.53 21.34 4.97
N ARG K 303 -58.45 22.28 4.72
CA ARG K 303 -59.54 22.59 5.62
C ARG K 303 -60.86 22.63 4.83
N PRO K 304 -62.04 22.55 5.49
CA PRO K 304 -63.32 22.61 4.77
C PRO K 304 -63.52 23.79 3.82
N GLU K 305 -62.98 24.95 4.17
CA GLU K 305 -63.07 26.19 3.38
C GLU K 305 -62.47 26.01 1.97
N HIS K 306 -61.40 25.21 1.84
CA HIS K 306 -60.65 25.08 0.60
C HIS K 306 -61.41 24.30 -0.48
N PHE K 307 -62.61 23.83 -0.16
CA PHE K 307 -63.43 23.03 -1.06
C PHE K 307 -64.52 23.86 -1.73
N GLN K 308 -64.83 25.07 -1.25
CA GLN K 308 -65.93 25.84 -1.82
C GLN K 308 -65.65 26.13 -3.29
N GLY K 309 -66.69 26.06 -4.14
CA GLY K 309 -66.54 26.16 -5.58
C GLY K 309 -66.06 24.86 -6.22
N ARG K 310 -65.35 24.03 -5.45
CA ARG K 310 -64.54 22.95 -5.99
C ARG K 310 -65.19 21.57 -5.73
N VAL K 311 -65.83 21.37 -4.57
CA VAL K 311 -66.53 20.11 -4.27
C VAL K 311 -67.80 20.45 -3.49
N LEU K 312 -68.94 20.02 -4.04
CA LEU K 312 -70.24 20.26 -3.43
C LEU K 312 -70.41 19.29 -2.26
N MET K 313 -70.66 19.84 -1.06
CA MET K 313 -70.74 19.05 0.16
C MET K 313 -72.08 19.30 0.85
N THR K 314 -73.08 18.45 0.62
CA THR K 314 -74.40 18.66 1.20
C THR K 314 -75.23 17.38 1.11
N SER K 315 -76.19 17.26 2.04
CA SER K 315 -77.14 16.15 2.07
C SER K 315 -78.41 16.49 1.29
N ASP K 316 -78.55 17.76 0.88
CA ASP K 316 -79.73 18.23 0.19
C ASP K 316 -79.64 17.80 -1.28
N LEU K 317 -80.46 16.80 -1.68
CA LEU K 317 -80.38 16.21 -3.00
C LEU K 317 -80.96 17.14 -4.06
N ASP K 318 -81.84 18.07 -3.65
CA ASP K 318 -82.30 19.13 -4.53
C ASP K 318 -81.11 19.94 -5.02
N ARG K 319 -80.19 20.25 -4.10
CA ARG K 319 -79.07 21.12 -4.37
C ARG K 319 -78.09 20.40 -5.29
N HIS K 320 -77.92 19.08 -5.07
CA HIS K 320 -77.21 18.23 -6.01
C HIS K 320 -77.81 18.34 -7.42
N GLY K 321 -79.13 18.24 -7.54
CA GLY K 321 -79.79 18.30 -8.82
C GLY K 321 -79.58 19.62 -9.53
N GLU K 322 -79.67 20.73 -8.78
CA GLU K 322 -79.53 22.07 -9.34
C GLU K 322 -78.11 22.27 -9.84
N PHE K 323 -77.14 21.77 -9.08
CA PHE K 323 -75.74 21.86 -9.46
C PHE K 323 -75.51 21.18 -10.81
N LEU K 324 -76.06 19.96 -10.95
CA LEU K 324 -75.86 19.17 -12.15
C LEU K 324 -76.60 19.78 -13.33
N GLN K 325 -77.83 20.24 -13.12
CA GLN K 325 -78.66 20.83 -14.17
C GLN K 325 -77.96 22.05 -14.76
N HIS K 326 -77.31 22.84 -13.90
CA HIS K 326 -76.60 24.03 -14.31
C HIS K 326 -75.53 23.70 -15.35
N LEU K 327 -74.83 22.58 -15.12
CA LEU K 327 -73.78 22.13 -16.02
C LEU K 327 -74.38 21.72 -17.35
N ILE K 328 -75.57 21.09 -17.32
CA ILE K 328 -76.23 20.70 -18.56
C ILE K 328 -76.52 21.94 -19.37
N ASP K 329 -76.97 22.99 -18.66
CA ASP K 329 -77.39 24.26 -19.24
C ASP K 329 -76.20 25.00 -19.84
N LEU K 330 -75.00 24.83 -19.27
CA LEU K 330 -73.79 25.42 -19.84
C LEU K 330 -73.48 24.80 -21.21
N GLY K 331 -73.93 23.56 -21.45
CA GLY K 331 -73.76 22.89 -22.73
C GLY K 331 -73.02 21.56 -22.63
N PHE K 332 -72.85 21.03 -21.41
CA PHE K 332 -72.30 19.69 -21.29
C PHE K 332 -73.40 18.69 -21.64
N THR K 333 -72.99 17.66 -22.40
CA THR K 333 -73.90 16.63 -22.87
C THR K 333 -73.74 15.35 -22.07
N GLU K 334 -72.69 15.27 -21.23
CA GLU K 334 -72.52 14.13 -20.34
C GLU K 334 -71.91 14.63 -19.04
N ILE K 335 -72.36 14.07 -17.92
CA ILE K 335 -71.77 14.37 -16.63
C ILE K 335 -71.44 13.06 -15.94
N TYR K 336 -70.21 12.98 -15.41
CA TYR K 336 -69.79 11.84 -14.62
C TYR K 336 -69.60 12.31 -13.19
N VAL K 337 -70.27 11.64 -12.24
CA VAL K 337 -70.28 12.09 -10.86
C VAL K 337 -69.49 11.13 -9.97
N HIS K 338 -68.54 11.72 -9.24
CA HIS K 338 -67.76 11.01 -8.24
C HIS K 338 -68.22 11.46 -6.86
N ASN K 339 -68.89 10.56 -6.12
CA ASN K 339 -69.13 10.79 -4.71
C ASN K 339 -67.86 10.41 -3.95
N VAL K 340 -67.37 11.31 -3.08
CA VAL K 340 -66.06 11.12 -2.48
C VAL K 340 -66.18 10.25 -1.23
N GLY K 341 -67.36 10.17 -0.62
CA GLY K 341 -67.55 9.33 0.57
C GLY K 341 -67.51 7.85 0.22
N ARG K 342 -67.33 7.02 1.26
CA ARG K 342 -67.28 5.57 1.09
C ARG K 342 -68.70 4.98 1.04
N ASN K 343 -69.71 5.84 1.21
CA ASN K 343 -71.11 5.43 1.18
C ASN K 343 -71.61 5.34 -0.26
N GLN K 344 -70.97 4.49 -1.07
CA GLN K 344 -71.20 4.46 -2.51
C GLN K 344 -72.58 3.88 -2.85
N GLU K 345 -72.98 2.82 -2.14
CA GLU K 345 -74.24 2.18 -2.42
C GLU K 345 -75.41 3.11 -2.13
N GLU K 346 -75.37 3.81 -0.98
CA GLU K 346 -76.44 4.69 -0.55
C GLU K 346 -76.52 5.86 -1.51
N PHE K 347 -75.35 6.34 -1.96
CA PHE K 347 -75.25 7.45 -2.88
C PHE K 347 -75.91 7.09 -4.22
N ILE K 348 -75.59 5.92 -4.76
CA ILE K 348 -76.16 5.48 -6.02
C ILE K 348 -77.69 5.38 -5.93
N ARG K 349 -78.21 4.81 -4.84
CA ARG K 349 -79.64 4.68 -4.67
C ARG K 349 -80.29 6.05 -4.51
N ALA K 350 -79.62 6.96 -3.79
CA ALA K 350 -80.16 8.29 -3.52
C ALA K 350 -80.27 9.11 -4.79
N TYR K 351 -79.22 9.07 -5.63
CA TYR K 351 -79.24 9.76 -6.92
C TYR K 351 -80.29 9.12 -7.84
N GLY K 352 -80.40 7.79 -7.80
CA GLY K 352 -81.37 7.07 -8.63
C GLY K 352 -82.81 7.50 -8.36
N ARG K 353 -83.15 7.74 -7.09
CA ARG K 353 -84.49 8.10 -6.67
C ARG K 353 -84.72 9.61 -6.87
N ALA K 354 -83.80 10.45 -6.38
CA ALA K 354 -84.07 11.87 -6.19
C ALA K 354 -83.47 12.77 -7.28
N VAL K 355 -82.43 12.32 -7.99
CA VAL K 355 -81.67 13.22 -8.86
C VAL K 355 -81.86 12.87 -10.34
N ILE K 356 -81.44 11.67 -10.74
CA ILE K 356 -81.38 11.29 -12.14
C ILE K 356 -82.74 11.51 -12.83
N PRO K 357 -83.87 11.11 -12.20
CA PRO K 357 -85.17 11.28 -12.85
C PRO K 357 -85.57 12.74 -13.10
N HIS K 358 -84.96 13.70 -12.39
CA HIS K 358 -85.38 15.09 -12.47
C HIS K 358 -84.46 15.91 -13.38
N LEU K 359 -83.41 15.32 -13.95
CA LEU K 359 -82.48 16.04 -14.81
C LEU K 359 -83.04 16.13 -16.23
N ARG K 360 -83.04 17.36 -16.79
CA ARG K 360 -83.53 17.61 -18.13
C ARG K 360 -82.33 17.66 -19.10
N TRP K 361 -82.17 16.60 -19.89
CA TRP K 361 -81.16 16.53 -20.95
C TRP K 361 -81.79 16.95 -22.28
N PRO K 362 -81.11 17.78 -23.11
CA PRO K 362 -81.58 18.05 -24.46
C PRO K 362 -81.66 16.73 -25.23
N ALA K 363 -82.75 16.55 -26.01
CA ALA K 363 -82.87 15.38 -26.85
C ALA K 363 -81.81 15.41 -27.96
N ASP K 364 -81.36 14.21 -28.37
CA ASP K 364 -80.36 14.06 -29.43
C ASP K 364 -79.08 14.81 -29.06
N ALA K 365 -78.73 14.88 -27.77
CA ALA K 365 -77.43 15.40 -27.38
C ALA K 365 -76.39 14.33 -27.72
N PRO K 366 -75.22 14.71 -28.25
CA PRO K 366 -74.17 13.74 -28.54
C PRO K 366 -73.53 13.14 -27.29
N VAL K 367 -73.13 11.88 -27.42
CA VAL K 367 -72.63 11.09 -26.31
C VAL K 367 -71.44 10.27 -26.83
N ALA K 368 -70.51 9.92 -25.93
CA ALA K 368 -69.27 9.27 -26.34
C ALA K 368 -69.54 7.83 -26.77
N GLN K 369 -69.47 7.60 -28.09
CA GLN K 369 -69.97 6.39 -28.73
C GLN K 369 -69.67 6.41 -30.23
N ALA K 370 -69.58 5.26 -30.91
CA ALA K 370 -68.77 5.15 -32.11
C ALA K 370 -69.29 5.98 -33.28
N MET L 30 -22.99 37.71 30.32
CA MET L 30 -23.71 36.64 29.58
C MET L 30 -22.85 35.78 28.63
N GLY L 31 -21.96 34.89 29.14
CA GLY L 31 -21.47 33.75 28.34
C GLY L 31 -20.00 33.39 28.62
N ARG L 32 -19.67 32.10 28.63
CA ARG L 32 -18.30 31.57 28.74
C ARG L 32 -17.50 31.98 27.49
N GLY L 33 -18.09 31.87 26.30
CA GLY L 33 -17.44 32.30 25.06
C GLY L 33 -17.95 33.66 24.58
N SER L 34 -17.19 34.31 23.68
CA SER L 34 -17.52 35.58 23.06
C SER L 34 -18.92 35.57 22.46
N SER L 35 -19.56 36.75 22.51
CA SER L 35 -20.85 36.99 21.87
C SER L 35 -20.75 36.84 20.36
N ARG L 36 -21.69 36.10 19.78
CA ARG L 36 -21.70 35.84 18.33
C ARG L 36 -23.06 35.30 17.92
N LEU L 37 -23.34 35.41 16.61
CA LEU L 37 -24.52 34.79 15.99
C LEU L 37 -24.35 34.82 14.49
N GLY L 38 -25.08 33.95 13.79
CA GLY L 38 -25.04 33.90 12.33
C GLY L 38 -26.23 34.65 11.70
N TYR L 39 -25.98 35.27 10.57
CA TYR L 39 -26.99 35.96 9.78
C TYR L 39 -27.21 35.16 8.49
N SER L 40 -28.47 34.82 8.22
CA SER L 40 -28.88 34.22 6.95
C SER L 40 -29.18 35.32 5.93
N ALA L 41 -28.42 35.30 4.83
CA ALA L 41 -28.68 36.13 3.66
C ALA L 41 -29.63 35.42 2.70
N SER L 42 -30.86 35.90 2.64
CA SER L 42 -31.93 35.28 1.85
C SER L 42 -31.93 35.84 0.44
N PHE L 43 -31.25 35.14 -0.48
CA PHE L 43 -31.15 35.56 -1.88
C PHE L 43 -32.50 35.44 -2.57
N GLU L 44 -33.38 34.62 -2.01
CA GLU L 44 -34.73 34.42 -2.52
C GLU L 44 -35.50 35.74 -2.48
N GLN L 45 -35.21 36.59 -1.47
CA GLN L 45 -36.04 37.75 -1.15
C GLN L 45 -35.38 39.11 -1.46
N PHE L 46 -34.05 39.21 -1.36
CA PHE L 46 -33.41 40.52 -1.32
C PHE L 46 -32.36 40.70 -2.41
N HIS L 47 -32.36 41.91 -2.98
CA HIS L 47 -31.36 42.34 -3.94
C HIS L 47 -29.99 42.13 -3.32
N PRO L 48 -29.02 41.55 -4.06
CA PRO L 48 -27.70 41.31 -3.48
C PRO L 48 -26.94 42.55 -3.00
N SER L 49 -27.20 43.72 -3.58
CA SER L 49 -26.59 44.95 -3.09
C SER L 49 -27.09 45.25 -1.70
N ASP L 50 -28.38 45.04 -1.43
CA ASP L 50 -28.93 45.23 -0.10
C ASP L 50 -28.30 44.23 0.90
N LEU L 51 -28.15 42.97 0.47
CA LEU L 51 -27.65 41.92 1.36
C LEU L 51 -26.21 42.24 1.77
N LEU L 52 -25.42 42.78 0.84
CA LEU L 52 -24.06 43.16 1.14
C LEU L 52 -24.03 44.23 2.22
N ARG L 53 -24.88 45.26 2.07
CA ARG L 53 -24.95 46.37 3.02
C ARG L 53 -25.38 45.85 4.39
N TRP L 54 -26.36 44.94 4.40
CA TRP L 54 -26.91 44.42 5.64
C TRP L 54 -25.89 43.53 6.36
N CYS L 55 -25.11 42.76 5.61
CA CYS L 55 -24.08 41.93 6.21
C CYS L 55 -23.00 42.82 6.84
N GLN L 56 -22.64 43.93 6.18
CA GLN L 56 -21.68 44.88 6.71
C GLN L 56 -22.18 45.47 8.02
N LEU L 57 -23.48 45.76 8.09
CA LEU L 57 -24.12 46.23 9.30
C LEU L 57 -24.14 45.14 10.36
N ALA L 58 -24.51 43.91 9.95
CA ALA L 58 -24.57 42.80 10.89
C ALA L 58 -23.23 42.58 11.58
N GLU L 59 -22.13 42.72 10.81
CA GLU L 59 -20.80 42.62 11.39
C GLU L 59 -20.65 43.64 12.51
N GLN L 60 -21.04 44.88 12.24
CA GLN L 60 -20.91 45.97 13.20
C GLN L 60 -21.72 45.66 14.45
N GLU L 61 -22.78 44.85 14.34
CA GLU L 61 -23.73 44.67 15.43
C GLU L 61 -23.50 43.37 16.22
N GLY L 62 -22.44 42.60 15.89
CA GLY L 62 -22.03 41.47 16.70
C GLY L 62 -22.25 40.10 16.03
N PHE L 63 -22.85 40.06 14.84
CA PHE L 63 -22.92 38.82 14.08
C PHE L 63 -21.52 38.49 13.57
N ASP L 64 -21.16 37.20 13.48
CA ASP L 64 -19.80 36.77 13.18
C ASP L 64 -19.71 36.00 11.86
N SER L 65 -20.84 35.54 11.31
CA SER L 65 -20.82 34.66 10.15
C SER L 65 -22.09 34.82 9.32
N VAL L 66 -21.98 34.53 8.02
CA VAL L 66 -23.09 34.64 7.09
C VAL L 66 -23.29 33.29 6.40
N LEU L 67 -24.56 32.86 6.38
CA LEU L 67 -25.02 31.75 5.56
C LEU L 67 -25.77 32.34 4.38
N ALA L 68 -25.40 31.93 3.18
CA ALA L 68 -25.87 32.49 1.93
C ALA L 68 -26.47 31.40 1.05
N ALA L 69 -27.76 31.54 0.76
CA ALA L 69 -28.50 30.59 -0.06
C ALA L 69 -27.92 30.51 -1.48
N ASP L 70 -27.95 29.30 -2.08
CA ASP L 70 -27.50 29.11 -3.44
C ASP L 70 -28.71 28.76 -4.32
N HIS L 71 -29.44 29.77 -4.75
CA HIS L 71 -30.67 29.56 -5.50
C HIS L 71 -30.48 30.05 -6.93
N PHE L 72 -31.34 29.55 -7.81
CA PHE L 72 -31.55 30.12 -9.14
C PHE L 72 -32.90 30.83 -9.16
N HIS L 73 -33.88 30.22 -8.48
CA HIS L 73 -35.23 30.74 -8.37
C HIS L 73 -35.59 30.99 -6.90
N PRO L 74 -36.42 32.00 -6.62
CA PRO L 74 -37.05 32.13 -5.32
C PRO L 74 -38.16 31.11 -5.18
N TRP L 75 -38.65 30.94 -3.96
CA TRP L 75 -39.77 30.05 -3.73
C TRP L 75 -41.02 30.61 -4.37
N THR L 76 -41.25 31.92 -4.21
CA THR L 76 -42.45 32.54 -4.74
C THR L 76 -42.03 33.77 -5.54
N PRO L 77 -42.85 34.20 -6.54
CA PRO L 77 -42.62 35.49 -7.20
C PRO L 77 -42.56 36.69 -6.24
N GLU L 78 -43.38 36.64 -5.17
CA GLU L 78 -43.45 37.67 -4.16
C GLU L 78 -42.12 37.87 -3.45
N GLN L 79 -41.29 36.83 -3.39
CA GLN L 79 -39.97 36.97 -2.80
C GLN L 79 -39.05 37.70 -3.80
N GLY L 80 -39.00 37.19 -5.03
CA GLY L 80 -38.73 38.03 -6.19
C GLY L 80 -37.24 38.24 -6.50
N GLN L 81 -36.35 37.41 -5.96
CA GLN L 81 -34.91 37.55 -6.22
C GLN L 81 -34.24 36.17 -6.33
N SER L 82 -33.00 36.14 -6.85
CA SER L 82 -32.09 34.99 -6.77
C SER L 82 -30.75 35.32 -7.42
N GLY L 83 -29.90 36.02 -6.67
CA GLY L 83 -28.56 36.31 -7.16
C GLY L 83 -27.67 35.08 -7.21
N PHE L 84 -26.67 35.13 -8.09
CA PHE L 84 -25.63 34.12 -8.15
C PHE L 84 -24.69 34.31 -6.97
N VAL L 85 -24.73 33.35 -6.05
CA VAL L 85 -24.15 33.54 -4.73
C VAL L 85 -22.62 33.65 -4.84
N TRP L 86 -22.02 32.94 -5.79
CA TRP L 86 -20.58 32.81 -5.85
C TRP L 86 -19.90 34.14 -6.13
N ALA L 87 -20.50 34.95 -7.00
CA ALA L 87 -19.99 36.28 -7.26
C ALA L 87 -20.18 37.15 -6.02
N TRP L 88 -21.36 37.06 -5.40
CA TRP L 88 -21.66 37.88 -4.24
C TRP L 88 -20.67 37.60 -3.09
N LEU L 89 -20.24 36.34 -2.94
CA LEU L 89 -19.41 35.96 -1.80
C LEU L 89 -18.04 36.62 -1.92
N GLY L 90 -17.59 36.88 -3.14
CA GLY L 90 -16.34 37.60 -3.35
C GLY L 90 -16.43 39.03 -2.81
N ALA L 91 -17.57 39.67 -3.03
CA ALA L 91 -17.83 41.01 -2.53
C ALA L 91 -17.87 41.02 -0.99
N LEU L 92 -18.56 40.02 -0.41
CA LEU L 92 -18.66 39.92 1.04
C LEU L 92 -17.26 39.74 1.63
N GLY L 93 -16.49 38.84 1.03
CA GLY L 93 -15.16 38.51 1.51
C GLY L 93 -14.26 39.75 1.53
N ALA L 94 -14.36 40.57 0.49
CA ALA L 94 -13.47 41.69 0.31
C ALA L 94 -13.90 42.92 1.10
N THR L 95 -15.09 42.94 1.70
CA THR L 95 -15.56 44.14 2.39
C THR L 95 -15.91 43.86 3.84
N THR L 96 -15.81 42.63 4.34
CA THR L 96 -16.06 42.36 5.75
C THR L 96 -14.94 41.48 6.28
N ARG L 97 -14.97 41.17 7.57
CA ARG L 97 -14.08 40.14 8.12
C ARG L 97 -14.90 38.94 8.60
N LEU L 98 -16.18 38.84 8.17
CA LEU L 98 -17.07 37.77 8.59
C LEU L 98 -16.60 36.44 8.03
N ARG L 99 -16.97 35.35 8.73
CA ARG L 99 -16.97 34.02 8.12
C ARG L 99 -18.21 33.93 7.23
N PHE L 100 -18.19 33.03 6.25
CA PHE L 100 -19.33 32.90 5.37
C PHE L 100 -19.32 31.53 4.69
N GLY L 101 -20.51 31.09 4.30
CA GLY L 101 -20.65 29.81 3.61
C GLY L 101 -21.91 29.74 2.76
N THR L 102 -21.88 28.82 1.78
CA THR L 102 -23.05 28.45 1.01
C THR L 102 -23.97 27.61 1.90
N GLY L 103 -25.26 27.88 1.84
CA GLY L 103 -26.20 27.06 2.58
C GLY L 103 -27.46 26.80 1.77
N VAL L 104 -27.45 25.81 0.86
CA VAL L 104 -26.29 25.01 0.51
C VAL L 104 -26.19 24.86 -1.01
N THR L 105 -24.99 24.54 -1.50
CA THR L 105 -24.78 24.27 -2.91
C THR L 105 -25.03 22.80 -3.17
N PRO L 106 -25.86 22.42 -4.18
CA PRO L 106 -25.86 21.05 -4.71
C PRO L 106 -24.84 20.74 -5.81
N PRO L 107 -23.72 20.05 -5.50
CA PRO L 107 -22.63 19.88 -6.47
C PRO L 107 -22.72 18.58 -7.27
N ILE L 108 -23.91 18.32 -7.81
CA ILE L 108 -24.25 17.00 -8.32
C ILE L 108 -24.57 17.05 -9.82
N GLY L 109 -24.21 18.15 -10.49
CA GLY L 109 -24.05 18.16 -11.93
C GLY L 109 -25.31 18.60 -12.66
N PHE L 110 -26.22 19.33 -11.98
CA PHE L 110 -27.31 20.00 -12.67
C PHE L 110 -26.80 21.39 -12.99
N ARG L 111 -27.05 22.35 -12.09
CA ARG L 111 -26.49 23.69 -12.21
C ARG L 111 -24.96 23.66 -12.12
N TYR L 112 -24.42 22.75 -11.30
CA TYR L 112 -23.02 22.82 -10.92
C TYR L 112 -22.36 21.46 -10.97
N HIS L 113 -21.25 21.36 -11.71
CA HIS L 113 -20.40 20.18 -11.70
C HIS L 113 -19.51 20.24 -10.46
N PRO L 114 -19.28 19.12 -9.77
CA PRO L 114 -18.49 19.14 -8.54
C PRO L 114 -17.08 19.67 -8.69
N ALA L 115 -16.45 19.46 -9.85
CA ALA L 115 -15.10 19.94 -10.08
C ALA L 115 -15.07 21.46 -9.96
N ILE L 116 -16.12 22.12 -10.47
CA ILE L 116 -16.19 23.58 -10.48
C ILE L 116 -16.46 24.08 -9.06
N VAL L 117 -17.38 23.44 -8.34
CA VAL L 117 -17.62 23.80 -6.95
C VAL L 117 -16.31 23.74 -6.17
N ALA L 118 -15.48 22.74 -6.43
CA ALA L 118 -14.22 22.60 -5.71
C ALA L 118 -13.31 23.80 -6.02
N GLN L 119 -13.23 24.18 -7.30
CA GLN L 119 -12.41 25.31 -7.70
C GLN L 119 -12.92 26.59 -7.03
N ALA L 120 -14.24 26.78 -7.00
CA ALA L 120 -14.84 27.96 -6.43
C ALA L 120 -14.51 28.04 -4.95
N ALA L 121 -14.67 26.91 -4.25
CA ALA L 121 -14.42 26.84 -2.81
C ALA L 121 -12.95 27.14 -2.54
N ALA L 122 -12.06 26.54 -3.34
CA ALA L 122 -10.62 26.69 -3.16
C ALA L 122 -10.21 28.14 -3.41
N THR L 123 -10.85 28.80 -4.38
CA THR L 123 -10.51 30.18 -4.68
C THR L 123 -10.93 31.09 -3.53
N LEU L 124 -12.16 30.92 -3.06
CA LEU L 124 -12.67 31.75 -1.98
C LEU L 124 -11.80 31.63 -0.73
N GLU L 125 -11.43 30.40 -0.36
CA GLU L 125 -10.66 30.19 0.85
C GLU L 125 -9.22 30.67 0.65
N ALA L 126 -8.72 30.61 -0.59
CA ALA L 126 -7.39 31.10 -0.88
C ALA L 126 -7.34 32.62 -0.67
N MET L 127 -8.40 33.34 -1.06
CA MET L 127 -8.47 34.78 -0.99
C MET L 127 -8.84 35.26 0.42
N PHE L 128 -9.60 34.44 1.15
CA PHE L 128 -10.13 34.83 2.45
C PHE L 128 -9.85 33.70 3.43
N PRO L 129 -8.57 33.38 3.70
CA PRO L 129 -8.23 32.19 4.49
C PRO L 129 -8.86 32.18 5.88
N GLY L 130 -9.38 31.04 6.30
CA GLY L 130 -9.96 30.90 7.62
C GLY L 130 -11.40 31.43 7.69
N ARG L 131 -11.99 31.79 6.54
CA ARG L 131 -13.27 32.47 6.57
C ARG L 131 -14.35 31.70 5.84
N PHE L 132 -13.99 30.85 4.86
CA PHE L 132 -15.00 30.21 4.03
C PHE L 132 -15.28 28.79 4.50
N TRP L 133 -16.56 28.40 4.40
CA TRP L 133 -16.92 27.01 4.58
C TRP L 133 -17.88 26.62 3.47
N LEU L 134 -17.65 25.44 2.92
CA LEU L 134 -18.41 24.97 1.77
C LEU L 134 -19.57 24.14 2.26
N GLY L 135 -20.78 24.68 2.16
CA GLY L 135 -21.98 23.96 2.53
C GLY L 135 -22.64 23.36 1.29
N ILE L 136 -22.89 22.03 1.33
CA ILE L 136 -23.42 21.28 0.21
C ILE L 136 -24.61 20.46 0.68
N GLY L 137 -25.43 20.03 -0.30
CA GLY L 137 -26.65 19.27 -0.03
C GLY L 137 -27.18 18.66 -1.33
N ALA L 138 -28.30 17.93 -1.23
CA ALA L 138 -28.79 17.13 -2.34
C ALA L 138 -29.64 17.93 -3.35
N GLY L 139 -29.93 19.20 -3.02
CA GLY L 139 -30.54 20.14 -3.94
C GLY L 139 -32.05 19.99 -4.04
N GLU L 140 -32.70 20.99 -4.64
CA GLU L 140 -34.14 20.98 -4.87
C GLU L 140 -34.44 21.28 -6.33
N ALA L 141 -35.57 20.74 -6.83
CA ALA L 141 -35.94 20.86 -8.23
C ALA L 141 -36.18 22.30 -8.62
N LEU L 142 -36.67 23.11 -7.67
CA LEU L 142 -36.89 24.53 -7.88
C LEU L 142 -35.72 25.13 -8.66
N ASN L 143 -34.51 24.74 -8.31
CA ASN L 143 -33.31 25.32 -8.84
C ASN L 143 -32.71 24.45 -9.95
N GLU L 144 -32.73 23.12 -9.79
CA GLU L 144 -31.95 22.25 -10.66
C GLU L 144 -32.71 21.88 -11.93
N HIS L 145 -34.04 22.04 -11.93
CA HIS L 145 -34.84 21.54 -13.04
C HIS L 145 -34.59 22.35 -14.33
N ILE L 146 -33.92 23.49 -14.23
CA ILE L 146 -33.82 24.39 -15.37
C ILE L 146 -32.98 23.76 -16.48
N VAL L 147 -32.13 22.79 -16.16
CA VAL L 147 -31.23 22.24 -17.18
C VAL L 147 -31.88 21.04 -17.86
N GLY L 148 -33.09 20.66 -17.43
CA GLY L 148 -33.95 19.75 -18.16
C GLY L 148 -33.43 18.31 -18.18
N ARG L 149 -32.95 17.82 -17.03
CA ARG L 149 -32.49 16.45 -16.89
C ARG L 149 -33.39 15.71 -15.89
N TYR L 150 -33.30 14.36 -15.93
CA TYR L 150 -34.00 13.49 -14.99
C TYR L 150 -33.66 13.89 -13.55
N TRP L 151 -34.71 14.05 -12.75
CA TRP L 151 -34.57 14.40 -11.37
C TRP L 151 -34.77 13.16 -10.51
N PRO L 152 -33.69 12.58 -9.93
CA PRO L 152 -33.77 11.35 -9.13
C PRO L 152 -34.42 11.57 -7.78
N GLU L 153 -34.82 10.47 -7.15
CA GLU L 153 -35.46 10.54 -5.85
C GLU L 153 -34.42 10.91 -4.80
N PRO L 154 -34.82 11.41 -3.61
CA PRO L 154 -33.86 11.76 -2.56
C PRO L 154 -32.73 10.76 -2.32
N ALA L 155 -33.05 9.49 -2.10
CA ALA L 155 -32.04 8.49 -1.80
C ALA L 155 -30.98 8.42 -2.90
N GLU L 156 -31.39 8.50 -4.16
CA GLU L 156 -30.46 8.47 -5.28
C GLU L 156 -29.60 9.74 -5.28
N ARG L 157 -30.19 10.88 -4.96
CA ARG L 157 -29.45 12.13 -4.95
C ARG L 157 -28.41 12.12 -3.84
N ILE L 158 -28.69 11.40 -2.74
CA ILE L 158 -27.70 11.19 -1.69
C ILE L 158 -26.51 10.44 -2.28
N ARG L 159 -26.75 9.39 -3.07
CA ARG L 159 -25.66 8.63 -3.66
C ARG L 159 -24.84 9.55 -4.56
N MET L 160 -25.50 10.45 -5.30
CA MET L 160 -24.82 11.41 -6.15
C MET L 160 -23.98 12.37 -5.29
N LEU L 161 -24.52 12.80 -4.13
CA LEU L 161 -23.83 13.72 -3.24
C LEU L 161 -22.56 13.09 -2.68
N ILE L 162 -22.65 11.82 -2.31
CA ILE L 162 -21.50 11.11 -1.75
C ILE L 162 -20.39 11.01 -2.79
N GLU L 163 -20.74 10.82 -4.05
CA GLU L 163 -19.75 10.75 -5.11
C GLU L 163 -19.14 12.13 -5.32
N ALA L 164 -19.98 13.18 -5.28
CA ALA L 164 -19.49 14.54 -5.45
C ALA L 164 -18.50 14.88 -4.36
N ILE L 165 -18.77 14.42 -3.12
CA ILE L 165 -17.89 14.67 -1.99
C ILE L 165 -16.54 14.04 -2.27
N GLU L 166 -16.53 12.87 -2.87
CA GLU L 166 -15.30 12.18 -3.17
C GLU L 166 -14.50 12.99 -4.19
N VAL L 167 -15.18 13.59 -5.17
CA VAL L 167 -14.51 14.34 -6.21
C VAL L 167 -13.88 15.63 -5.64
N ILE L 168 -14.65 16.34 -4.80
CA ILE L 168 -14.20 17.58 -4.22
C ILE L 168 -12.95 17.29 -3.37
N GLN L 169 -12.99 16.18 -2.63
CA GLN L 169 -11.91 15.87 -1.74
C GLN L 169 -10.65 15.48 -2.50
N LYS L 170 -10.81 14.79 -3.62
CA LYS L 170 -9.64 14.45 -4.43
C LYS L 170 -9.01 15.73 -4.98
N LEU L 171 -9.84 16.65 -5.47
CA LEU L 171 -9.32 17.89 -6.01
C LEU L 171 -8.67 18.73 -4.93
N PHE L 172 -9.18 18.64 -3.69
CA PHE L 172 -8.64 19.42 -2.59
C PHE L 172 -7.23 18.94 -2.20
N THR L 173 -6.83 17.73 -2.62
CA THR L 173 -5.48 17.23 -2.37
C THR L 173 -4.45 18.05 -3.14
N GLY L 174 -4.86 18.72 -4.23
CA GLY L 174 -3.93 19.58 -4.95
C GLY L 174 -3.04 18.81 -5.94
N LYS L 175 -3.31 17.51 -6.12
CA LYS L 175 -2.61 16.71 -7.09
C LYS L 175 -3.46 16.61 -8.35
N VAL L 176 -2.88 16.06 -9.42
CA VAL L 176 -3.61 15.75 -10.63
C VAL L 176 -4.45 14.49 -10.36
N ILE L 177 -5.75 14.57 -10.58
CA ILE L 177 -6.62 13.48 -10.20
C ILE L 177 -7.54 13.14 -11.39
N ARG L 178 -7.98 11.87 -11.37
CA ARG L 178 -8.95 11.34 -12.32
C ARG L 178 -10.07 10.74 -11.49
N HIS L 179 -11.27 10.66 -12.04
CA HIS L 179 -12.36 10.00 -11.34
C HIS L 179 -13.30 9.39 -12.36
N GLU L 180 -13.78 8.19 -12.05
CA GLU L 180 -14.79 7.57 -12.89
C GLU L 180 -15.68 6.78 -11.95
N GLY L 181 -16.87 7.30 -11.62
CA GLY L 181 -17.85 6.58 -10.84
C GLY L 181 -19.18 6.51 -11.60
N VAL L 182 -20.25 6.18 -10.89
CA VAL L 182 -21.55 6.03 -11.52
C VAL L 182 -22.04 7.34 -12.12
N TYR L 183 -21.82 8.49 -11.44
CA TYR L 183 -22.47 9.72 -11.81
C TYR L 183 -21.53 10.70 -12.49
N PHE L 184 -20.24 10.70 -12.16
CA PHE L 184 -19.33 11.75 -12.65
C PHE L 184 -18.07 11.14 -13.24
N LYS L 185 -17.54 11.85 -14.23
CA LYS L 185 -16.28 11.54 -14.87
C LYS L 185 -15.41 12.79 -14.82
N VAL L 186 -14.19 12.63 -14.28
CA VAL L 186 -13.25 13.73 -14.24
C VAL L 186 -11.97 13.29 -14.91
N GLU L 187 -11.62 13.94 -16.02
CA GLU L 187 -10.34 13.72 -16.68
C GLU L 187 -9.24 14.50 -15.91
N SER L 188 -7.96 14.21 -16.24
CA SER L 188 -6.83 14.79 -15.54
C SER L 188 -7.07 16.25 -15.16
N ALA L 189 -7.26 16.48 -13.87
CA ALA L 189 -7.58 17.79 -13.33
C ALA L 189 -6.82 18.09 -12.04
N LYS L 190 -6.45 19.36 -11.87
CA LYS L 190 -5.76 19.84 -10.70
C LYS L 190 -6.16 21.27 -10.36
N LEU L 191 -6.27 21.55 -9.05
CA LEU L 191 -6.46 22.91 -8.58
C LEU L 191 -5.09 23.53 -8.32
N TYR L 192 -4.71 24.48 -9.19
CA TYR L 192 -3.46 25.20 -9.03
C TYR L 192 -3.60 26.31 -7.97
N THR L 193 -4.80 26.86 -7.81
CA THR L 193 -5.06 27.92 -6.86
C THR L 193 -5.72 27.35 -5.61
N MET L 194 -4.94 27.13 -4.53
CA MET L 194 -5.44 26.47 -3.30
C MET L 194 -5.04 27.28 -2.07
N PRO L 195 -5.79 27.20 -0.96
CA PRO L 195 -5.26 27.66 0.33
C PRO L 195 -4.33 26.60 0.93
N ASP L 196 -3.58 26.99 1.94
CA ASP L 196 -2.66 26.11 2.62
C ASP L 196 -3.44 24.97 3.23
N VAL L 197 -4.64 25.28 3.72
CA VAL L 197 -5.53 24.28 4.29
C VAL L 197 -6.90 24.45 3.66
N PRO L 198 -7.50 23.33 3.15
CA PRO L 198 -8.76 23.40 2.42
C PRO L 198 -9.92 23.81 3.33
N PRO L 199 -11.00 24.39 2.78
CA PRO L 199 -12.12 24.80 3.62
C PRO L 199 -12.86 23.54 4.04
N PRO L 200 -13.54 23.61 5.19
CA PRO L 200 -14.36 22.52 5.66
C PRO L 200 -15.57 22.32 4.76
N ILE L 201 -15.95 21.05 4.61
CA ILE L 201 -17.14 20.68 3.89
C ILE L 201 -18.25 20.42 4.91
N ILE L 202 -19.31 21.20 4.83
CA ILE L 202 -20.45 21.11 5.72
C ILE L 202 -21.62 20.54 4.93
N VAL L 203 -22.28 19.50 5.45
CA VAL L 203 -23.41 18.95 4.74
C VAL L 203 -24.69 19.48 5.37
N GLY L 204 -25.57 20.05 4.53
CA GLY L 204 -26.88 20.47 4.96
C GLY L 204 -27.89 19.38 4.68
N THR L 205 -28.48 18.80 5.73
CA THR L 205 -29.42 17.70 5.60
C THR L 205 -30.30 17.64 6.84
N ALA L 206 -31.50 17.08 6.65
CA ALA L 206 -32.40 16.80 7.76
C ALA L 206 -32.63 15.30 7.87
N GLY L 207 -31.81 14.48 7.17
CA GLY L 207 -32.00 13.04 7.11
C GLY L 207 -31.02 12.30 8.01
N PRO L 208 -31.50 11.40 8.91
CA PRO L 208 -30.61 10.64 9.77
C PRO L 208 -29.48 9.89 9.06
N TYR L 209 -29.77 9.35 7.88
CA TYR L 209 -28.77 8.59 7.13
C TYR L 209 -27.65 9.54 6.71
N MET L 210 -28.01 10.67 6.10
CA MET L 210 -27.00 11.57 5.56
C MET L 210 -26.24 12.26 6.69
N ALA L 211 -26.88 12.44 7.85
CA ALA L 211 -26.20 12.99 9.02
C ALA L 211 -25.04 12.09 9.44
N LYS L 212 -25.27 10.78 9.46
CA LYS L 212 -24.23 9.81 9.81
C LYS L 212 -23.10 9.90 8.78
N LYS L 213 -23.46 10.00 7.51
CA LYS L 213 -22.47 10.02 6.46
C LYS L 213 -21.68 11.32 6.53
N THR L 214 -22.33 12.38 7.00
CA THR L 214 -21.67 13.67 7.12
C THR L 214 -20.54 13.58 8.15
N GLY L 215 -20.83 12.92 9.27
CA GLY L 215 -19.85 12.76 10.33
C GLY L 215 -18.70 11.89 9.85
N GLN L 216 -19.04 10.90 9.03
CA GLN L 216 -18.06 9.95 8.54
C GLN L 216 -17.13 10.57 7.49
N LEU L 217 -17.65 11.43 6.61
CA LEU L 217 -16.96 11.80 5.39
C LEU L 217 -16.52 13.27 5.37
N CYS L 218 -17.20 14.13 6.13
CA CYS L 218 -17.05 15.56 5.99
C CYS L 218 -16.66 16.18 7.34
N ASP L 219 -16.83 17.50 7.46
CA ASP L 219 -16.24 18.24 8.57
C ASP L 219 -17.29 18.77 9.55
N GLY L 220 -18.51 18.96 9.09
CA GLY L 220 -19.55 19.47 9.98
C GLY L 220 -20.95 19.32 9.39
N LEU L 221 -21.96 19.53 10.24
CA LEU L 221 -23.35 19.33 9.92
C LEU L 221 -24.11 20.66 10.00
N LEU L 222 -25.01 20.87 9.03
CA LEU L 222 -25.94 21.98 9.04
C LEU L 222 -27.35 21.43 8.84
N THR L 223 -28.27 21.82 9.73
CA THR L 223 -29.60 21.26 9.73
C THR L 223 -30.61 22.39 9.90
N PRO L 224 -31.85 22.26 9.43
CA PRO L 224 -32.91 23.23 9.72
C PRO L 224 -33.51 22.99 11.10
N GLY L 225 -34.27 23.99 11.59
CA GLY L 225 -34.99 23.89 12.85
C GLY L 225 -35.98 22.75 12.80
N ALA L 226 -36.22 22.13 13.94
CA ALA L 226 -37.18 21.03 14.04
C ALA L 226 -37.41 20.77 15.52
N ASN L 227 -38.32 19.84 15.87
CA ASN L 227 -38.54 19.58 17.29
C ASN L 227 -37.26 18.99 17.91
N ASP L 228 -37.23 18.99 19.24
CA ASP L 228 -36.04 18.62 19.99
C ASP L 228 -35.62 17.17 19.67
N GLU L 229 -36.62 16.27 19.63
CA GLU L 229 -36.38 14.85 19.47
C GLU L 229 -35.64 14.59 18.15
N LYS L 230 -36.04 15.29 17.10
CA LYS L 230 -35.52 15.07 15.77
C LYS L 230 -34.15 15.71 15.61
N LEU L 231 -33.91 16.85 16.29
CA LEU L 231 -32.61 17.49 16.29
C LEU L 231 -31.61 16.64 17.06
N ARG L 232 -32.07 16.05 18.15
CA ARG L 232 -31.18 15.29 19.00
C ARG L 232 -30.78 14.01 18.27
N LEU L 233 -31.67 13.49 17.42
CA LEU L 233 -31.40 12.31 16.60
C LEU L 233 -30.36 12.62 15.53
N LEU L 234 -30.49 13.78 14.86
CA LEU L 234 -29.54 14.19 13.85
C LEU L 234 -28.16 14.39 14.46
N LEU L 235 -28.07 15.08 15.61
CA LEU L 235 -26.80 15.32 16.26
C LEU L 235 -26.16 13.98 16.62
N SER L 236 -26.99 13.10 17.13
CA SER L 236 -26.58 11.80 17.62
C SER L 236 -26.00 10.96 16.48
N ARG L 237 -26.68 10.94 15.34
CA ARG L 237 -26.24 10.21 14.16
C ARG L 237 -24.93 10.78 13.59
N PHE L 238 -24.84 12.11 13.54
CA PHE L 238 -23.63 12.78 13.09
C PHE L 238 -22.46 12.38 13.99
N GLU L 239 -22.69 12.36 15.30
CA GLU L 239 -21.65 12.06 16.25
C GLU L 239 -21.17 10.62 16.06
N GLU L 240 -22.08 9.67 15.94
CA GLU L 240 -21.68 8.27 15.89
C GLU L 240 -21.09 7.95 14.52
N GLY L 241 -21.45 8.70 13.48
CA GLY L 241 -20.79 8.57 12.19
C GLY L 241 -19.32 8.95 12.26
N ALA L 242 -19.05 10.05 12.97
CA ALA L 242 -17.71 10.59 13.11
C ALA L 242 -16.83 9.64 13.94
N ARG L 243 -17.37 9.16 15.07
CA ARG L 243 -16.65 8.23 15.91
C ARG L 243 -16.33 6.96 15.13
N ALA L 244 -17.32 6.42 14.40
CA ALA L 244 -17.11 5.20 13.63
C ALA L 244 -15.93 5.36 12.67
N ALA L 245 -15.67 6.59 12.21
CA ALA L 245 -14.60 6.85 11.27
C ALA L 245 -13.35 7.38 11.96
N GLY L 246 -13.31 7.35 13.30
CA GLY L 246 -12.10 7.66 14.04
C GLY L 246 -11.89 9.14 14.30
N LYS L 247 -12.90 9.98 14.03
CA LYS L 247 -12.80 11.41 14.25
C LYS L 247 -13.35 11.77 15.62
N ASP L 248 -13.03 12.97 16.10
CA ASP L 248 -13.48 13.49 17.39
C ASP L 248 -14.61 14.48 17.15
N PRO L 249 -15.88 14.09 17.38
CA PRO L 249 -17.02 14.94 17.01
C PRO L 249 -17.20 16.17 17.89
N ARG L 250 -16.46 16.21 19.00
CA ARG L 250 -16.52 17.33 19.92
C ARG L 250 -15.79 18.52 19.30
N ARG L 251 -14.93 18.29 18.31
CA ARG L 251 -14.22 19.35 17.63
C ARG L 251 -14.79 19.59 16.22
N MET L 252 -16.00 19.08 15.92
CA MET L 252 -16.62 19.25 14.61
C MET L 252 -17.89 20.10 14.75
N PRO L 253 -18.06 21.15 13.92
CA PRO L 253 -19.20 22.05 14.06
C PRO L 253 -20.56 21.43 13.82
N ARG L 254 -21.52 21.88 14.63
CA ARG L 254 -22.90 21.46 14.60
C ARG L 254 -23.78 22.70 14.45
N MET L 255 -24.29 22.92 13.24
CA MET L 255 -24.83 24.21 12.86
C MET L 255 -26.30 24.05 12.56
N ILE L 256 -27.10 25.07 12.89
CA ILE L 256 -28.53 25.05 12.63
C ILE L 256 -28.94 26.37 11.98
N GLN L 257 -29.88 26.28 11.03
CA GLN L 257 -30.45 27.45 10.39
C GLN L 257 -31.91 27.54 10.78
N VAL L 258 -32.34 28.68 11.32
CA VAL L 258 -33.71 28.87 11.76
C VAL L 258 -34.32 30.10 11.09
N HIS L 259 -35.65 30.05 10.95
CA HIS L 259 -36.41 31.13 10.38
C HIS L 259 -37.25 31.76 11.48
N VAL L 260 -37.12 33.08 11.66
CA VAL L 260 -37.89 33.81 12.65
C VAL L 260 -38.55 35.01 11.98
N SER L 261 -39.59 35.55 12.62
CA SER L 261 -40.18 36.81 12.20
C SER L 261 -40.20 37.74 13.41
N TRP L 262 -39.33 38.76 13.35
CA TRP L 262 -39.39 39.85 14.30
C TRP L 262 -39.94 41.08 13.59
N ALA L 263 -40.77 41.82 14.34
CA ALA L 263 -41.25 43.11 13.90
C ALA L 263 -41.66 43.92 15.13
N GLU L 264 -42.17 45.12 14.88
CA GLU L 264 -42.50 46.07 15.94
C GLU L 264 -43.68 45.52 16.78
N THR L 265 -44.63 44.83 16.14
CA THR L 265 -45.72 44.19 16.88
C THR L 265 -45.90 42.74 16.42
N ASP L 266 -46.62 41.97 17.26
CA ASP L 266 -46.93 40.60 16.92
C ASP L 266 -47.71 40.56 15.61
N GLU L 267 -48.59 41.54 15.39
CA GLU L 267 -49.39 41.57 14.19
C GLU L 267 -48.51 41.62 12.93
N GLN L 268 -47.57 42.56 12.86
CA GLN L 268 -46.74 42.68 11.66
C GLN L 268 -45.83 41.46 11.53
N ALA L 269 -45.45 40.86 12.65
CA ALA L 269 -44.58 39.68 12.63
C ALA L 269 -45.28 38.50 11.97
N ILE L 270 -46.57 38.31 12.31
CA ILE L 270 -47.38 37.25 11.73
C ILE L 270 -47.58 37.49 10.23
N GLU L 271 -48.00 38.70 9.84
CA GLU L 271 -48.27 39.00 8.44
C GLU L 271 -47.01 38.89 7.61
N ASN L 272 -45.88 39.33 8.17
CA ASN L 272 -44.61 39.24 7.47
C ASN L 272 -44.32 37.79 7.09
N ALA L 273 -44.52 36.86 8.02
CA ALA L 273 -44.24 35.45 7.81
C ALA L 273 -45.18 34.90 6.75
N LEU L 274 -46.44 35.32 6.83
CA LEU L 274 -47.50 34.79 5.99
C LEU L 274 -47.28 35.23 4.54
N ARG L 275 -46.85 36.46 4.34
CA ARG L 275 -46.75 37.03 3.00
C ARG L 275 -45.37 36.74 2.41
N GLU L 276 -44.30 36.71 3.22
CA GLU L 276 -42.94 36.68 2.68
C GLU L 276 -42.37 35.26 2.64
N TRP L 277 -42.86 34.37 3.52
CA TRP L 277 -42.23 33.07 3.72
C TRP L 277 -43.29 32.00 3.97
N PRO L 278 -44.31 31.88 3.07
CA PRO L 278 -45.34 30.85 3.26
C PRO L 278 -44.76 29.43 3.20
N ASN L 279 -43.63 29.26 2.51
CA ASN L 279 -42.95 27.98 2.45
C ASN L 279 -42.56 27.48 3.85
N GLY L 280 -42.40 28.42 4.78
CA GLY L 280 -42.16 28.05 6.18
C GLY L 280 -43.36 27.37 6.84
N GLY L 281 -44.56 27.42 6.25
CA GLY L 281 -45.71 26.73 6.82
C GLY L 281 -46.04 25.44 6.06
N MET L 282 -45.13 25.05 5.17
CA MET L 282 -45.32 23.87 4.36
C MET L 282 -44.52 22.72 4.96
N ALA L 283 -45.16 22.02 5.92
CA ALA L 283 -44.52 20.96 6.67
C ALA L 283 -44.56 19.67 5.86
N PHE L 284 -43.78 19.64 4.77
CA PHE L 284 -43.83 18.53 3.84
C PHE L 284 -42.67 18.68 2.88
N PRO L 285 -42.22 17.59 2.23
CA PRO L 285 -41.02 17.64 1.40
C PRO L 285 -41.27 18.48 0.15
N LYS L 286 -40.33 19.37 -0.18
CA LYS L 286 -40.53 20.37 -1.20
C LYS L 286 -39.57 20.21 -2.38
N GLY L 287 -38.81 19.13 -2.44
CA GLY L 287 -37.68 19.05 -3.33
C GLY L 287 -38.01 18.61 -4.75
N ASP L 288 -39.29 18.29 -5.03
CA ASP L 288 -39.73 17.85 -6.35
C ASP L 288 -40.50 18.93 -7.11
N ILE L 289 -40.88 20.00 -6.42
CA ILE L 289 -41.71 21.07 -6.99
C ILE L 289 -40.83 22.03 -7.80
N ARG L 290 -41.23 22.25 -9.07
CA ARG L 290 -40.33 22.87 -10.03
C ARG L 290 -40.41 24.39 -10.06
N ASN L 291 -41.60 24.98 -9.89
CA ASN L 291 -41.77 26.37 -10.23
C ASN L 291 -42.15 27.23 -9.05
N PRO L 292 -41.71 28.51 -9.06
CA PRO L 292 -42.18 29.48 -8.07
C PRO L 292 -43.70 29.59 -8.06
N GLU L 293 -44.30 29.51 -9.26
CA GLU L 293 -45.75 29.66 -9.42
C GLU L 293 -46.48 28.53 -8.69
N ASP L 294 -45.83 27.35 -8.63
CA ASP L 294 -46.36 26.21 -7.91
C ASP L 294 -46.40 26.47 -6.40
N PHE L 295 -45.28 26.94 -5.84
CA PHE L 295 -45.23 27.25 -4.42
C PHE L 295 -46.25 28.32 -4.07
N GLN L 296 -46.33 29.34 -4.93
CA GLN L 296 -47.23 30.45 -4.70
C GLN L 296 -48.68 29.95 -4.62
N ALA L 297 -49.07 29.02 -5.50
CA ALA L 297 -50.40 28.43 -5.47
C ALA L 297 -50.61 27.59 -4.20
N MET L 298 -49.58 26.85 -3.77
CA MET L 298 -49.67 26.04 -2.56
C MET L 298 -49.77 26.91 -1.31
N ALA L 299 -49.22 28.14 -1.41
CA ALA L 299 -49.20 29.06 -0.29
C ALA L 299 -50.61 29.48 0.11
N ARG L 300 -51.56 29.44 -0.83
CA ARG L 300 -52.94 29.78 -0.57
C ARG L 300 -53.52 28.88 0.54
N LEU L 301 -52.92 27.71 0.81
CA LEU L 301 -53.40 26.82 1.86
C LEU L 301 -52.86 27.18 3.24
N VAL L 302 -51.73 27.89 3.29
CA VAL L 302 -50.97 28.08 4.51
C VAL L 302 -51.72 29.06 5.41
N ARG L 303 -51.74 28.78 6.72
CA ARG L 303 -52.41 29.59 7.72
CA ARG L 303 -52.38 29.66 7.68
C ARG L 303 -51.45 29.86 8.88
N PRO L 304 -51.69 30.87 9.75
CA PRO L 304 -50.75 31.16 10.84
C PRO L 304 -50.42 29.98 11.78
N GLU L 305 -51.40 29.10 12.01
CA GLU L 305 -51.25 27.92 12.86
CA GLU L 305 -51.23 27.94 12.86
C GLU L 305 -50.14 26.99 12.35
N HIS L 306 -49.94 26.88 11.03
CA HIS L 306 -49.01 25.92 10.42
C HIS L 306 -47.54 26.30 10.63
N PHE L 307 -47.30 27.43 11.32
CA PHE L 307 -45.95 27.90 11.56
C PHE L 307 -45.45 27.52 12.95
N GLN L 308 -46.32 27.11 13.89
CA GLN L 308 -45.87 26.79 15.24
C GLN L 308 -44.83 25.67 15.20
N GLY L 309 -43.81 25.78 16.05
CA GLY L 309 -42.67 24.87 16.04
C GLY L 309 -41.65 25.27 14.96
N ARG L 310 -42.12 25.88 13.88
CA ARG L 310 -41.37 25.94 12.62
C ARG L 310 -40.85 27.36 12.34
N VAL L 311 -41.59 28.41 12.70
CA VAL L 311 -41.15 29.79 12.57
C VAL L 311 -41.69 30.59 13.75
N LEU L 312 -40.75 31.15 14.53
CA LEU L 312 -41.11 31.95 15.68
C LEU L 312 -41.55 33.33 15.21
N MET L 313 -42.76 33.73 15.60
CA MET L 313 -43.37 34.97 15.14
C MET L 313 -43.74 35.83 16.34
N THR L 314 -42.89 36.79 16.72
CA THR L 314 -43.15 37.63 17.89
C THR L 314 -42.24 38.85 17.89
N SER L 315 -42.72 39.91 18.53
CA SER L 315 -41.97 41.14 18.73
C SER L 315 -41.17 41.12 20.03
N ASP L 316 -41.44 40.12 20.88
CA ASP L 316 -40.80 39.98 22.18
C ASP L 316 -39.38 39.42 21.99
N LEU L 317 -38.36 40.29 22.17
CA LEU L 317 -36.99 39.91 21.88
C LEU L 317 -36.42 38.98 22.95
N ASP L 318 -37.00 39.01 24.14
CA ASP L 318 -36.69 38.02 25.17
C ASP L 318 -36.98 36.62 24.65
N ARG L 319 -38.13 36.47 23.97
CA ARG L 319 -38.62 35.18 23.53
C ARG L 319 -37.74 34.69 22.39
N HIS L 320 -37.29 35.61 21.53
CA HIS L 320 -36.25 35.32 20.54
C HIS L 320 -35.00 34.76 21.21
N GLY L 321 -34.52 35.40 22.28
CA GLY L 321 -33.33 34.96 22.96
C GLY L 321 -33.47 33.56 23.56
N GLU L 322 -34.63 33.28 24.17
CA GLU L 322 -34.89 32.00 24.81
C GLU L 322 -34.92 30.88 23.78
N PHE L 323 -35.53 31.18 22.63
CA PHE L 323 -35.62 30.21 21.54
C PHE L 323 -34.21 29.82 21.09
N LEU L 324 -33.35 30.83 20.91
CA LEU L 324 -32.02 30.59 20.41
C LEU L 324 -31.15 29.88 21.45
N GLN L 325 -31.27 30.28 22.72
CA GLN L 325 -30.49 29.69 23.80
C GLN L 325 -30.78 28.20 23.91
N HIS L 326 -32.05 27.84 23.73
CA HIS L 326 -32.48 26.45 23.80
C HIS L 326 -31.71 25.58 22.80
N LEU L 327 -31.50 26.13 21.60
CA LEU L 327 -30.80 25.41 20.54
C LEU L 327 -29.33 25.26 20.92
N ILE L 328 -28.75 26.27 21.59
CA ILE L 328 -27.35 26.18 22.02
C ILE L 328 -27.25 25.03 23.01
N ASP L 329 -28.26 24.93 23.88
CA ASP L 329 -28.31 23.95 24.96
C ASP L 329 -28.47 22.54 24.41
N LEU L 330 -29.15 22.39 23.26
CA LEU L 330 -29.25 21.09 22.61
C LEU L 330 -27.87 20.61 22.13
N GLY L 331 -26.94 21.53 21.87
CA GLY L 331 -25.57 21.18 21.49
C GLY L 331 -25.16 21.79 20.13
N PHE L 332 -25.96 22.73 19.60
CA PHE L 332 -25.52 23.43 18.41
C PHE L 332 -24.45 24.45 18.80
N THR L 333 -23.40 24.53 17.96
CA THR L 333 -22.28 25.41 18.19
C THR L 333 -22.34 26.64 17.28
N GLU L 334 -23.26 26.65 16.32
CA GLU L 334 -23.47 27.82 15.48
C GLU L 334 -24.95 27.90 15.15
N ILE L 335 -25.50 29.11 15.16
CA ILE L 335 -26.88 29.32 14.72
C ILE L 335 -26.89 30.41 13.68
N TYR L 336 -27.59 30.17 12.57
CA TYR L 336 -27.78 31.17 11.54
C TYR L 336 -29.25 31.56 11.52
N VAL L 337 -29.52 32.87 11.63
CA VAL L 337 -30.88 33.36 11.79
C VAL L 337 -31.34 34.10 10.54
N HIS L 338 -32.47 33.65 10.03
CA HIS L 338 -33.16 34.29 8.92
C HIS L 338 -34.41 34.98 9.45
N ASN L 339 -34.41 36.31 9.43
CA ASN L 339 -35.64 37.06 9.65
C ASN L 339 -36.40 37.08 8.33
N VAL L 340 -37.68 36.71 8.35
CA VAL L 340 -38.42 36.54 7.11
C VAL L 340 -39.01 37.86 6.62
N GLY L 341 -39.17 38.84 7.51
CA GLY L 341 -39.66 40.15 7.11
C GLY L 341 -38.65 40.94 6.30
N ARG L 342 -39.14 41.98 5.62
CA ARG L 342 -38.29 42.85 4.82
C ARG L 342 -37.60 43.91 5.67
N ASN L 343 -37.93 43.93 6.97
CA ASN L 343 -37.38 44.88 7.92
C ASN L 343 -36.02 44.40 8.42
N GLN L 344 -35.07 44.22 7.48
CA GLN L 344 -33.82 43.54 7.79
C GLN L 344 -32.91 44.43 8.64
N GLU L 345 -32.87 45.73 8.34
CA GLU L 345 -32.01 46.65 9.06
C GLU L 345 -32.44 46.75 10.53
N GLU L 346 -33.75 46.90 10.77
CA GLU L 346 -34.27 47.07 12.11
C GLU L 346 -34.04 45.80 12.90
N PHE L 347 -34.19 44.65 12.22
CA PHE L 347 -33.99 43.33 12.81
C PHE L 347 -32.55 43.16 13.28
N ILE L 348 -31.59 43.51 12.42
CA ILE L 348 -30.18 43.39 12.76
C ILE L 348 -29.85 44.26 13.96
N ARG L 349 -30.34 45.51 14.00
CA ARG L 349 -30.05 46.40 15.12
C ARG L 349 -30.70 45.88 16.39
N ALA L 350 -31.92 45.33 16.28
CA ALA L 350 -32.67 44.85 17.43
C ALA L 350 -31.98 43.64 18.06
N TYR L 351 -31.54 42.69 17.23
CA TYR L 351 -30.80 41.53 17.71
C TYR L 351 -29.45 41.95 18.30
N GLY L 352 -28.79 42.93 17.66
CA GLY L 352 -27.50 43.41 18.14
C GLY L 352 -27.56 43.96 19.57
N ARG L 353 -28.65 44.67 19.88
CA ARG L 353 -28.82 45.33 21.18
C ARG L 353 -29.37 44.33 22.20
N ALA L 354 -30.44 43.59 21.85
CA ALA L 354 -31.25 42.88 22.84
C ALA L 354 -30.94 41.38 22.91
N VAL L 355 -30.39 40.76 21.85
CA VAL L 355 -30.34 39.31 21.77
C VAL L 355 -28.90 38.80 21.85
N ILE L 356 -28.06 39.16 20.87
CA ILE L 356 -26.73 38.60 20.73
C ILE L 356 -25.94 38.73 22.04
N PRO L 357 -25.95 39.90 22.72
CA PRO L 357 -25.20 40.06 23.97
C PRO L 357 -25.63 39.14 25.11
N HIS L 358 -26.84 38.58 25.05
CA HIS L 358 -27.36 37.79 26.17
C HIS L 358 -27.23 36.28 25.92
N LEU L 359 -26.73 35.87 24.75
CA LEU L 359 -26.62 34.45 24.44
C LEU L 359 -25.34 33.86 25.03
N ARG L 360 -25.48 32.73 25.75
CA ARG L 360 -24.36 32.08 26.41
C ARG L 360 -23.88 30.92 25.53
N TRP L 361 -22.71 31.11 24.89
CA TRP L 361 -22.06 30.07 24.12
C TRP L 361 -21.01 29.36 24.99
N PRO L 362 -20.90 28.01 24.99
CA PRO L 362 -19.75 27.35 25.62
C PRO L 362 -18.45 27.82 24.97
N ALA L 363 -17.42 28.07 25.79
CA ALA L 363 -16.13 28.49 25.26
C ALA L 363 -15.48 27.40 24.42
N ASP L 364 -14.71 27.81 23.41
CA ASP L 364 -14.01 26.90 22.51
C ASP L 364 -14.97 25.89 21.86
N ALA L 365 -16.19 26.34 21.56
CA ALA L 365 -17.07 25.52 20.77
C ALA L 365 -16.58 25.56 19.32
N PRO L 366 -16.60 24.42 18.59
CA PRO L 366 -16.09 24.38 17.22
C PRO L 366 -17.00 25.12 16.23
N VAL L 367 -16.36 25.71 15.23
CA VAL L 367 -17.00 26.62 14.31
C VAL L 367 -16.47 26.33 12.90
N ALA L 368 -17.26 26.60 11.87
CA ALA L 368 -16.91 26.20 10.50
C ALA L 368 -15.78 27.07 9.97
N GLN L 369 -14.57 26.47 9.90
CA GLN L 369 -13.34 27.23 9.69
C GLN L 369 -12.15 26.29 9.50
N ALA L 370 -11.11 26.71 8.80
CA ALA L 370 -10.12 25.75 8.31
C ALA L 370 -9.30 25.15 9.46
S SO4 M . 22.12 39.79 50.05
O1 SO4 M . 21.19 39.45 49.01
O2 SO4 M . 23.48 39.48 49.62
O3 SO4 M . 21.98 41.20 50.35
O4 SO4 M . 21.79 39.05 51.23
S SO4 N . 38.26 17.36 27.23
O1 SO4 N . 39.11 16.28 26.74
O2 SO4 N . 39.10 18.51 27.51
O3 SO4 N . 37.25 17.67 26.24
O4 SO4 N . 37.57 16.99 28.44
S SO4 O . 12.46 7.17 30.63
O1 SO4 O . 12.63 5.74 30.75
O2 SO4 O . 13.22 7.62 29.48
O3 SO4 O . 12.93 7.88 31.83
O4 SO4 O . 11.08 7.47 30.44
CL CL P . 29.95 33.50 46.51
CL CL Q . 38.92 39.43 27.56
S SO4 R . 39.43 -2.58 77.81
O1 SO4 R . 38.04 -2.21 78.05
O2 SO4 R . 39.63 -2.68 76.38
O3 SO4 R . 40.29 -1.58 78.38
O4 SO4 R . 39.74 -3.87 78.41
S SO4 S . 19.83 -14.58 49.66
O1 SO4 S . 18.65 -14.40 48.84
O2 SO4 S . 20.94 -13.79 49.15
O3 SO4 S . 19.55 -14.19 51.04
O4 SO4 S . 20.19 -15.96 49.61
S SO4 T . 45.29 -9.32 40.12
O1 SO4 T . 44.24 -10.27 39.92
O2 SO4 T . 46.07 -9.23 38.90
O3 SO4 T . 44.70 -8.05 40.44
O4 SO4 T . 46.15 -9.72 41.23
CL CL U . 30.89 -2.82 71.25
S SO4 V . -23.51 -23.98 23.01
O1 SO4 V . -22.94 -23.99 21.68
O2 SO4 V . -22.89 -22.94 23.79
O3 SO4 V . -24.92 -23.70 22.95
O4 SO4 V . -23.25 -25.25 23.67
S SO4 W . 4.88 -10.86 38.58
O1 SO4 W . 4.26 -10.07 37.53
O2 SO4 W . 6.31 -10.62 38.54
O3 SO4 W . 4.32 -10.49 39.88
O4 SO4 W . 4.59 -12.24 38.33
S SO4 X . 10.05 -6.62 11.73
O1 SO4 X . 10.19 -7.43 10.54
O2 SO4 X . 11.35 -6.46 12.33
O3 SO4 X . 9.56 -5.32 11.35
O4 SO4 X . 9.13 -7.26 12.65
CL CL Y . -15.23 -24.43 29.58
CL CL Z . -15.66 -8.68 45.66
S SO4 AA . 16.82 -60.74 20.98
O1 SO4 AA . 17.10 -62.17 21.04
O2 SO4 AA . 17.89 -60.12 20.23
O3 SO4 AA . 15.57 -60.48 20.30
O4 SO4 AA . 16.77 -60.19 22.30
S SO4 BA . 28.83 -30.12 8.69
O1 SO4 BA . 28.38 -31.44 8.25
O2 SO4 BA . 27.84 -29.53 9.53
O3 SO4 BA . 30.07 -30.25 9.43
O4 SO4 BA . 29.05 -29.30 7.53
S SO4 CA . 29.94 -27.55 36.24
O1 SO4 CA . 30.93 -28.27 35.47
O2 SO4 CA . 30.42 -27.31 37.57
O3 SO4 CA . 29.66 -26.26 35.63
O4 SO4 CA . 28.71 -28.35 36.23
CL CL DA . 16.14 -51.80 14.91
CL CL EA . 32.36 -49.42 0.38
S SO4 FA . 37.12 8.27 -25.73
O1 SO4 FA . 38.24 9.17 -25.64
O2 SO4 FA . 37.59 6.97 -26.18
O3 SO4 FA . 36.46 8.15 -24.45
O4 SO4 FA . 36.15 8.81 -26.68
S SO4 GA . 24.55 -14.58 -1.25
O1 SO4 GA . 25.41 -14.77 -2.42
O2 SO4 GA . 24.88 -13.34 -0.58
O3 SO4 GA . 23.18 -14.55 -1.71
O4 SO4 GA . 24.73 -15.67 -0.31
S SO4 HA . 25.95 10.51 10.88
O1 SO4 HA . 27.12 10.43 10.00
O2 SO4 HA . 25.45 11.87 10.96
O3 SO4 HA . 24.89 9.70 10.33
O4 SO4 HA . 26.26 10.10 12.25
CL CL IA . 37.39 -0.95 -20.58
CL CL JA . 21.01 -14.39 -22.96
S SO4 KA . 78.11 -5.87 4.29
O1 SO4 KA . 77.24 -7.01 4.47
O2 SO4 KA . 78.54 -5.85 2.92
O3 SO4 KA . 77.37 -4.64 4.58
O4 SO4 KA . 79.25 -6.00 5.17
S SO4 LA . 52.13 4.47 25.08
O1 SO4 LA . 50.77 3.99 25.03
O2 SO4 LA . 52.56 4.87 23.76
O3 SO4 LA . 52.19 5.60 25.99
O4 SO4 LA . 53.00 3.41 25.58
S SO4 MA . 45.19 -21.04 19.59
O1 SO4 MA . 45.84 -20.62 18.35
O2 SO4 MA . 46.17 -21.18 20.63
O3 SO4 MA . 44.20 -20.05 19.98
O4 SO4 MA . 44.52 -22.31 19.41
CL CL NA . 70.98 0.34 8.27
S SO4 OA . -14.28 60.03 -23.62
O1 SO4 OA . -14.49 58.84 -24.44
O2 SO4 OA . -15.37 60.22 -22.70
O3 SO4 OA . -14.15 61.19 -24.48
O4 SO4 OA . -13.06 59.86 -22.87
S SO4 PA . -9.08 26.22 -31.89
O1 SO4 PA . -9.99 27.23 -32.39
O2 SO4 PA . -8.17 26.81 -30.92
O3 SO4 PA . -9.85 25.14 -31.29
O4 SO4 PA . -8.29 25.70 -32.98
S SO4 QA . -36.14 27.64 -28.72
O1 SO4 QA . -35.09 27.26 -29.64
O2 SO4 QA . -35.63 28.65 -27.82
O3 SO4 QA . -37.27 28.18 -29.45
O4 SO4 QA . -36.58 26.47 -27.97
CL CL RA . -9.71 50.50 -22.67
CL CL SA . 0.95 43.73 -41.07
S SO4 TA . 17.56 -18.03 -39.52
O1 SO4 TA . 17.77 -19.04 -40.53
O2 SO4 TA . 17.94 -16.74 -40.04
O3 SO4 TA . 16.16 -18.01 -39.17
O4 SO4 TA . 18.35 -18.34 -38.35
S SO4 UA . -0.85 10.01 -26.81
O1 SO4 UA . -2.30 9.98 -26.71
O2 SO4 UA . -0.40 9.17 -27.90
O3 SO4 UA . -0.39 11.36 -27.04
O4 SO4 UA . -0.30 9.53 -25.57
S SO4 VA . -16.73 -11.97 -21.92
O1 SO4 VA . -17.97 -12.58 -21.50
O2 SO4 VA . -16.37 -12.37 -23.25
O3 SO4 VA . -16.91 -10.54 -21.90
O4 SO4 VA . -15.64 -12.36 -21.02
CL CL WA . 13.64 -8.57 -39.49
CL CL XA . 21.04 7.06 -26.32
S SO4 YA . -34.89 -8.05 -46.13
O1 SO4 YA . -35.31 -9.21 -46.91
O2 SO4 YA . -33.51 -7.79 -46.43
O3 SO4 YA . -35.72 -6.91 -46.47
O4 SO4 YA . -35.04 -8.34 -44.73
S SO4 ZA . -23.47 17.75 -44.75
O1 SO4 ZA . -22.63 16.75 -45.39
O2 SO4 ZA . -22.71 18.92 -44.37
O3 SO4 ZA . -24.50 18.16 -45.67
O4 SO4 ZA . -24.09 17.17 -43.57
CL CL AB . -20.28 -9.21 -67.63
S SO4 BB . -57.96 -33.25 -7.28
O1 SO4 BB . -58.52 -32.92 -8.58
O2 SO4 BB . -56.60 -32.76 -7.21
O3 SO4 BB . -58.76 -32.68 -6.22
O4 SO4 BB . -57.93 -34.68 -7.08
S SO4 CB . -36.20 -17.58 -30.06
O1 SO4 CB . -35.64 -17.15 -31.32
O2 SO4 CB . -36.55 -16.40 -29.30
O3 SO4 CB . -37.40 -18.40 -30.29
O4 SO4 CB . -35.19 -18.34 -29.36
S SO4 DB . -32.68 -4.05 -6.66
O1 SO4 DB . -31.83 -5.22 -6.82
O2 SO4 DB . -32.61 -3.24 -7.85
O3 SO4 DB . -34.04 -4.50 -6.44
O4 SO4 DB . -32.21 -3.26 -5.53
CL CL EB . -55.63 -28.79 -16.39
CL CL FB . -39.35 -39.30 -27.51
S SO4 GB . -81.93 10.36 -26.28
O1 SO4 GB . -82.80 9.54 -27.06
O2 SO4 GB . -80.65 10.44 -26.93
O3 SO4 GB . -82.56 11.68 -26.17
O4 SO4 GB . -81.79 9.75 -24.97
S SO4 HB . -49.94 19.58 -13.80
O1 SO4 HB . -50.29 18.37 -14.50
O2 SO4 HB . -48.63 19.40 -13.19
O3 SO4 HB . -49.91 20.69 -14.72
O4 SO4 HB . -50.93 19.83 -12.78
S SO4 IB . -45.44 9.22 -39.15
O1 SO4 IB . -44.41 8.35 -39.67
O2 SO4 IB . -44.87 9.99 -38.06
O3 SO4 IB . -45.85 10.12 -40.20
O4 SO4 IB . -46.58 8.48 -38.64
CL CL JB . -74.39 10.85 -18.86
S SO4 KB . -14.62 31.27 22.41
O1 SO4 KB . -15.54 30.18 22.33
O2 SO4 KB . -13.39 30.89 21.72
O3 SO4 KB . -15.20 32.43 21.80
O4 SO4 KB . -14.36 31.51 23.82
S SO4 LB . -11.87 7.33 -8.38
O1 SO4 LB . -12.26 7.10 -9.76
O2 SO4 LB . -11.58 8.75 -8.17
O3 SO4 LB . -12.95 6.93 -7.50
O4 SO4 LB . -10.72 6.52 -8.10
S SO4 MB . -37.16 16.41 -0.33
O1 SO4 MB . -38.10 16.57 -1.43
O2 SO4 MB . -35.84 16.33 -0.88
O3 SO4 MB . -37.29 17.54 0.60
O4 SO4 MB . -37.43 15.18 0.37
CL CL NB . -22.65 31.77 15.01
#